data_9JMO
#
_entry.id   9JMO
#
_cell.length_a   1.00
_cell.length_b   1.00
_cell.length_c   1.00
_cell.angle_alpha   90.00
_cell.angle_beta   90.00
_cell.angle_gamma   90.00
#
_symmetry.space_group_name_H-M   'P 1'
#
loop_
_entity.id
_entity.type
_entity.pdbx_description
1 polymer 'Spike glycoprotein,Fibritin'
2 branched 2-acetamido-2-deoxy-beta-D-glucopyranose-(1-4)-2-acetamido-2-deoxy-beta-D-glucopyranose
3 branched beta-D-mannopyranose-(1-4)-2-acetamido-2-deoxy-beta-D-glucopyranose-(1-4)-2-acetamido-2-deoxy-beta-D-glucopyranose
4 non-polymer 2-acetamido-2-deoxy-beta-D-glucopyranose
5 non-polymer 'LINOLEIC ACID'
#
_entity_poly.entity_id   1
_entity_poly.type   'polypeptide(L)'
_entity_poly.pdbx_seq_one_letter_code
;MTHLMFLLMFLLTPIRGDVDLGPDSTRDTCDEVVVQVSAFQKDWPQPINPLFADGIIYPTGRSYSNISLSYQGLFPRQGD
LGRQYIYSVTHAGDSTLYPPQGIGKHFISNYSAETLPFGNGFVVRIGFSANKTGSLVISPTTSKVIKKIYPAFMLGTAVT
SFAHGHAGRYLNHTLVILPESCGTSLTVFYCILEPRNGTRCPNHQDYTSYVIWETPHLDCGSSVNRNATLNSFKVSFNLR
QCKFMRTYNISDDENQEWFGITQNAQGVHLYSSRKGDLYGGNMFLFDTLPVYETLKYYTVIPRSLRSRLNERQAWAAFYV
YSLHKLTYLLDFSVDGYVRRAIDCGYDDVAQLFCSYESFDVDSGVYSVSSFEAQPRGYFVEQPHSSECDFSAMFSSQPPQ
VYNFSRLVFTNCNYNLTRLLSLFQVSEFSCHQVSPSALASGCYSSLTVDYFAYPLSMASYLRQGSTGPIAQFNYKQDFTN
PTCRILAAVPSNVTIPLPQSYMWLTQCYTNSPSNSHYVEAGSYTPCLGLASRGFNTFNSMHYDPATGLTATGSYQYISEE
ALEMAFIISVQYGTDSNSVCPLQAVHNDTKVDDKLGRCIEYSLYGVTGRGVFQNCTPVGLKQQRFVYDGFDNLVGYHSDN
GNYYCVRPCVSVPVSVIYDKATNNHATLFGSVACEHVDTMMSQFSRMTQSRLRVRNIDDAGPMQTSVGCVVGLVNTSLIV
DNCQLPLGQSLCAVPATTIRAATGTTSSLQLATINFTEPHMLTPINSSRFIVEIPTNFSFGVTQEFIQTTIQKVTVDCKQ
YVCNGFEKCEQLLREYGQFCAKINQALHGANLRQDESVSNLFSNIKTQATQPLDAGLTGDFNLTLLQVPKVVTSQYSYRS
AIEDLLFNKVTIADPGYMQGYDECMKQGPPSARDLICAQFVAGYKVLPPLYDPNMESMYTTSLTGAILGAAWTAGASSFA
AIPFAQSVFYRMNGIGITQQVLSENQKQIANKFNQALGAMQTGFTTTNLAFAKVQEAVNANAQALSKLASELSNTFGAIS
SSISDILKRLDAVEQEAQIDRLINGRLTSLNAFVAQQLVRSETAARSSQLAVDKVNECVKSQSKRNGFCGSGNHIVSFVS
NAPNGLYFFHVGYVPTAHINATAAYGLCNTELPPRCIAPIDGYFVTNSSATRDADPEWYYTGSAFYNPEPITLANTRYVS
KDTKYQELNNKLPPPLLSNQTDESFRDELEEFFKNVSSQGPNFQEISKINATLLDLSDEMKVLNEVVKQLNESYIDLKEL
GNYTYYQKWPGSGYIPEAPRDGQAYVRKDGEWVLLSTFLLEVLFQGPGHHHHHHHHSAWSHPQFEKGGGSGGGGSGGSAW
SHPQFEKSA
;
_entity_poly.pdbx_strand_id   A,B,C
#
loop_
_chem_comp.id
_chem_comp.type
_chem_comp.name
_chem_comp.formula
BMA D-saccharide, beta linking beta-D-mannopyranose 'C6 H12 O6'
EIC non-polymer 'LINOLEIC ACID' 'C18 H32 O2'
NAG D-saccharide, beta linking 2-acetamido-2-deoxy-beta-D-glucopyranose 'C8 H15 N O6'
#
# COMPACT_ATOMS: atom_id res chain seq x y z
N ASP A 18 -51.83 30.16 -11.62
CA ASP A 18 -51.38 30.82 -12.84
C ASP A 18 -51.36 32.34 -12.67
N VAL A 19 -50.19 32.94 -12.89
CA VAL A 19 -50.05 34.38 -12.78
C VAL A 19 -50.78 35.05 -13.94
N ASP A 20 -51.45 36.16 -13.65
CA ASP A 20 -52.16 36.92 -14.67
C ASP A 20 -51.17 37.79 -15.41
N LEU A 21 -51.10 37.64 -16.73
CA LEU A 21 -50.24 38.44 -17.58
C LEU A 21 -51.04 39.36 -18.50
N GLY A 22 -52.08 39.99 -17.95
CA GLY A 22 -52.71 41.12 -18.60
C GLY A 22 -53.70 40.77 -19.69
N PRO A 23 -54.33 41.80 -20.26
CA PRO A 23 -55.34 41.58 -21.29
C PRO A 23 -54.73 41.07 -22.59
N ASP A 24 -55.55 40.36 -23.35
CA ASP A 24 -55.16 39.95 -24.70
C ASP A 24 -55.17 41.16 -25.62
N SER A 25 -54.34 41.09 -26.67
CA SER A 25 -54.23 42.20 -27.61
C SER A 25 -55.52 42.39 -28.38
N THR A 26 -56.07 43.61 -28.32
CA THR A 26 -57.32 43.92 -28.99
C THR A 26 -57.16 44.12 -30.49
N ARG A 27 -55.92 44.18 -30.99
CA ARG A 27 -55.69 44.37 -32.41
C ARG A 27 -56.14 43.17 -33.21
N ASP A 28 -56.58 43.43 -34.45
CA ASP A 28 -56.98 42.37 -35.38
C ASP A 28 -55.96 42.15 -36.48
N THR A 29 -54.95 43.01 -36.61
CA THR A 29 -53.95 42.91 -37.66
C THR A 29 -52.56 42.93 -37.03
N CYS A 30 -51.76 41.89 -37.32
CA CYS A 30 -50.36 41.92 -36.96
C CYS A 30 -49.59 42.83 -37.91
N ASP A 31 -48.42 43.28 -37.47
CA ASP A 31 -47.64 44.22 -38.26
C ASP A 31 -47.06 43.56 -39.50
N GLU A 32 -46.58 44.40 -40.41
CA GLU A 32 -46.00 43.96 -41.68
C GLU A 32 -44.50 44.12 -41.62
N VAL A 33 -43.77 43.09 -42.02
CA VAL A 33 -42.33 43.02 -41.82
C VAL A 33 -41.64 42.68 -43.13
N VAL A 34 -40.42 43.21 -43.28
CA VAL A 34 -39.54 42.87 -44.40
C VAL A 34 -38.52 41.87 -43.91
N VAL A 35 -38.45 40.71 -44.53
CA VAL A 35 -37.48 39.68 -44.19
C VAL A 35 -36.40 39.72 -45.26
N GLN A 36 -35.33 40.47 -44.97
CA GLN A 36 -34.15 40.54 -45.81
C GLN A 36 -32.99 39.92 -45.04
N VAL A 37 -32.31 38.95 -45.66
CA VAL A 37 -31.21 38.27 -45.00
C VAL A 37 -29.85 38.72 -45.54
N SER A 38 -29.76 39.10 -46.81
CA SER A 38 -28.48 39.51 -47.39
C SER A 38 -27.95 40.78 -46.75
N ALA A 39 -28.85 41.66 -46.29
CA ALA A 39 -28.40 42.87 -45.61
C ALA A 39 -27.79 42.55 -44.25
N PHE A 40 -28.31 41.54 -43.55
CA PHE A 40 -27.81 41.19 -42.23
C PHE A 40 -26.58 40.29 -42.29
N GLN A 41 -26.25 39.71 -43.45
CA GLN A 41 -25.04 38.91 -43.56
C GLN A 41 -23.85 39.85 -43.60
N LYS A 42 -23.23 40.04 -42.43
CA LYS A 42 -22.02 40.83 -42.28
C LYS A 42 -21.27 40.22 -41.12
N ASP A 43 -19.94 40.27 -41.18
CA ASP A 43 -19.12 39.55 -40.24
C ASP A 43 -18.19 40.50 -39.50
N TRP A 44 -18.23 40.43 -38.17
CA TRP A 44 -17.21 41.01 -37.31
C TRP A 44 -16.78 39.93 -36.34
N PRO A 45 -15.92 38.98 -36.79
CA PRO A 45 -15.60 37.79 -35.99
C PRO A 45 -15.17 38.07 -34.56
N GLN A 46 -15.72 37.31 -33.62
CA GLN A 46 -15.39 37.43 -32.20
C GLN A 46 -15.23 36.04 -31.61
N PRO A 47 -14.11 35.39 -31.89
CA PRO A 47 -13.89 34.05 -31.33
C PRO A 47 -13.67 34.09 -29.83
N ILE A 48 -13.95 32.96 -29.19
CA ILE A 48 -13.74 32.86 -27.74
C ILE A 48 -12.23 32.73 -27.49
N ASN A 49 -11.64 33.76 -26.89
CA ASN A 49 -10.25 33.70 -26.49
C ASN A 49 -10.17 33.55 -24.98
N PRO A 50 -9.66 32.43 -24.46
CA PRO A 50 -9.57 32.27 -23.01
C PRO A 50 -8.65 33.27 -22.32
N LEU A 51 -7.75 33.94 -23.05
CA LEU A 51 -6.78 34.82 -22.41
C LEU A 51 -7.44 36.04 -21.77
N PHE A 52 -8.54 36.54 -22.34
CA PHE A 52 -9.33 37.58 -21.69
C PHE A 52 -10.49 37.01 -20.90
N ALA A 53 -10.54 35.68 -20.72
CA ALA A 53 -11.59 34.98 -19.99
C ALA A 53 -12.97 35.29 -20.59
N ASP A 54 -13.14 34.89 -21.84
CA ASP A 54 -14.37 35.13 -22.56
C ASP A 54 -15.41 34.09 -22.17
N GLY A 55 -16.55 34.54 -21.65
CA GLY A 55 -17.63 33.66 -21.28
C GLY A 55 -17.34 32.71 -20.15
N ILE A 56 -16.66 33.18 -19.10
CA ILE A 56 -16.31 32.35 -17.96
C ILE A 56 -17.38 32.54 -16.88
N ILE A 57 -18.06 31.45 -16.54
CA ILE A 57 -19.06 31.46 -15.48
C ILE A 57 -18.36 31.23 -14.15
N TYR A 58 -18.50 32.20 -13.24
CA TYR A 58 -17.82 32.11 -11.95
C TYR A 58 -18.45 31.01 -11.08
N PRO A 59 -17.63 30.33 -10.28
CA PRO A 59 -18.19 29.37 -9.32
C PRO A 59 -19.11 30.06 -8.32
N THR A 60 -20.17 29.34 -7.94
CA THR A 60 -21.22 29.92 -7.11
C THR A 60 -20.93 29.68 -5.63
N GLY A 61 -21.11 30.72 -4.82
CA GLY A 61 -21.02 30.59 -3.38
C GLY A 61 -19.61 30.52 -2.82
N ARG A 62 -18.59 30.84 -3.61
CA ARG A 62 -17.23 30.80 -3.11
C ARG A 62 -16.37 31.73 -3.97
N SER A 63 -15.17 32.01 -3.46
CA SER A 63 -14.19 32.80 -4.18
C SER A 63 -12.82 32.15 -4.03
N TYR A 64 -11.93 32.48 -4.96
CA TYR A 64 -10.54 32.09 -4.90
C TYR A 64 -9.68 33.32 -5.13
N SER A 65 -8.58 33.42 -4.39
CA SER A 65 -7.70 34.58 -4.48
C SER A 65 -6.28 34.13 -4.75
N ASN A 66 -5.69 34.64 -5.84
CA ASN A 66 -4.27 34.51 -6.14
C ASN A 66 -3.84 33.05 -6.27
N ILE A 67 -4.66 32.23 -6.93
CA ILE A 67 -4.32 30.85 -7.25
C ILE A 67 -4.78 30.55 -8.67
N SER A 68 -4.30 29.41 -9.19
CA SER A 68 -4.74 28.88 -10.47
C SER A 68 -5.15 27.44 -10.28
N LEU A 69 -6.36 27.09 -10.69
CA LEU A 69 -6.89 25.76 -10.46
C LEU A 69 -7.63 25.27 -11.69
N SER A 70 -7.71 23.95 -11.82
CA SER A 70 -8.43 23.31 -12.91
C SER A 70 -9.86 23.07 -12.45
N TYR A 71 -10.80 23.77 -13.09
CA TYR A 71 -12.21 23.72 -12.73
C TYR A 71 -12.98 23.11 -13.88
N GLN A 72 -13.76 22.07 -13.60
CA GLN A 72 -14.59 21.43 -14.61
C GLN A 72 -16.01 21.98 -14.53
N GLY A 73 -16.52 22.46 -15.66
CA GLY A 73 -17.84 23.04 -15.70
C GLY A 73 -18.36 23.21 -17.11
N LEU A 74 -19.14 24.27 -17.33
CA LEU A 74 -19.71 24.58 -18.64
C LEU A 74 -19.01 25.80 -19.18
N PHE A 75 -18.18 25.61 -20.20
CA PHE A 75 -17.38 26.67 -20.78
C PHE A 75 -17.50 26.63 -22.30
N PRO A 76 -17.38 27.78 -22.96
CA PRO A 76 -17.33 27.77 -24.43
C PRO A 76 -15.99 27.26 -24.93
N ARG A 77 -16.02 26.64 -26.11
CA ARG A 77 -14.80 26.13 -26.71
C ARG A 77 -13.90 27.27 -27.16
N GLN A 78 -12.59 27.04 -27.06
CA GLN A 78 -11.61 28.04 -27.49
C GLN A 78 -11.63 28.17 -29.01
N GLY A 79 -11.66 29.41 -29.49
CA GLY A 79 -11.70 29.66 -30.91
C GLY A 79 -13.05 29.48 -31.57
N ASP A 80 -14.11 29.30 -30.80
CA ASP A 80 -15.45 29.14 -31.35
C ASP A 80 -15.97 30.50 -31.82
N LEU A 81 -16.39 30.57 -33.09
CA LEU A 81 -16.92 31.81 -33.61
C LEU A 81 -18.33 32.08 -33.11
N GLY A 82 -19.11 31.04 -32.85
CA GLY A 82 -20.47 31.24 -32.43
C GLY A 82 -21.36 31.70 -33.57
N ARG A 83 -22.47 32.35 -33.19
CA ARG A 83 -23.43 32.88 -34.14
C ARG A 83 -23.61 34.37 -33.89
N GLN A 84 -23.63 35.15 -34.96
CA GLN A 84 -23.73 36.61 -34.90
C GLN A 84 -25.13 37.03 -35.31
N TYR A 85 -25.74 37.91 -34.52
CA TYR A 85 -27.09 38.39 -34.78
C TYR A 85 -27.09 39.92 -34.78
N ILE A 86 -27.83 40.48 -35.73
CA ILE A 86 -27.89 41.93 -35.93
C ILE A 86 -29.35 42.36 -35.83
N TYR A 87 -29.60 43.38 -35.01
CA TYR A 87 -30.91 44.03 -34.95
C TYR A 87 -30.82 45.36 -35.70
N SER A 88 -31.75 45.58 -36.62
CA SER A 88 -31.74 46.77 -37.46
C SER A 88 -32.96 47.64 -37.16
N VAL A 89 -32.88 48.89 -37.62
CA VAL A 89 -33.94 49.87 -37.44
C VAL A 89 -34.94 49.71 -38.58
N THR A 90 -36.12 50.29 -38.44
CA THR A 90 -37.16 50.16 -39.46
C THR A 90 -36.81 50.99 -40.69
N HIS A 91 -37.67 50.90 -41.71
CA HIS A 91 -37.43 51.59 -42.97
C HIS A 91 -37.48 53.11 -42.80
N ALA A 92 -38.45 53.59 -42.02
CA ALA A 92 -38.64 55.03 -41.74
C ALA A 92 -38.75 55.87 -43.02
N ILE A 103 -42.96 56.15 -40.41
CA ILE A 103 -42.28 54.92 -40.06
C ILE A 103 -42.74 53.78 -40.94
N GLY A 104 -41.81 53.05 -41.53
CA GLY A 104 -42.09 52.01 -42.49
C GLY A 104 -42.16 50.63 -41.86
N LYS A 105 -42.05 49.62 -42.74
CA LYS A 105 -42.13 48.24 -42.32
C LYS A 105 -40.86 47.81 -41.59
N HIS A 106 -41.00 46.83 -40.70
CA HIS A 106 -39.87 46.39 -39.88
C HIS A 106 -38.84 45.66 -40.75
N PHE A 107 -37.57 45.98 -40.55
CA PHE A 107 -36.47 45.40 -41.30
C PHE A 107 -35.80 44.36 -40.42
N ILE A 108 -36.11 43.09 -40.66
CA ILE A 108 -35.64 41.98 -39.83
C ILE A 108 -35.00 40.92 -40.72
N SER A 109 -34.25 40.02 -40.09
CA SER A 109 -33.72 38.84 -40.73
C SER A 109 -34.62 37.65 -40.43
N ASN A 110 -34.22 36.47 -40.89
CA ASN A 110 -35.01 35.27 -40.64
C ASN A 110 -34.55 34.55 -39.37
N TYR A 111 -34.45 35.32 -38.28
CA TYR A 111 -34.03 34.75 -37.00
C TYR A 111 -35.08 33.83 -36.41
N SER A 112 -36.35 34.05 -36.75
CA SER A 112 -37.38 33.08 -36.42
C SER A 112 -37.24 31.86 -37.33
N ALA A 113 -37.94 30.78 -36.96
CA ALA A 113 -37.91 29.49 -37.63
C ALA A 113 -36.52 28.85 -37.62
N GLU A 114 -35.61 29.36 -36.79
CA GLU A 114 -34.26 28.83 -36.66
C GLU A 114 -34.12 28.27 -35.25
N THR A 115 -34.54 27.02 -35.08
CA THR A 115 -34.61 26.40 -33.76
C THR A 115 -33.31 25.64 -33.51
N LEU A 116 -32.34 26.34 -32.93
CA LEU A 116 -31.05 25.74 -32.60
C LEU A 116 -31.19 24.85 -31.37
N PRO A 117 -30.39 23.79 -31.29
CA PRO A 117 -30.44 22.92 -30.10
C PRO A 117 -29.89 23.64 -28.87
N PHE A 118 -30.62 23.51 -27.76
CA PHE A 118 -30.20 24.16 -26.52
C PHE A 118 -28.92 23.53 -25.97
N GLY A 119 -28.86 22.21 -25.95
CA GLY A 119 -27.67 21.52 -25.46
C GLY A 119 -27.46 21.74 -23.98
N ASN A 120 -26.28 22.25 -23.62
CA ASN A 120 -25.92 22.54 -22.25
C ASN A 120 -26.13 24.01 -21.89
N GLY A 121 -26.78 24.77 -22.76
CA GLY A 121 -26.93 26.20 -22.57
C GLY A 121 -25.97 26.99 -23.43
N PHE A 122 -26.05 28.31 -23.32
CA PHE A 122 -25.23 29.17 -24.14
C PHE A 122 -24.87 30.43 -23.38
N VAL A 123 -23.81 31.09 -23.84
CA VAL A 123 -23.38 32.38 -23.31
C VAL A 123 -23.48 33.41 -24.43
N VAL A 124 -23.82 34.64 -24.07
CA VAL A 124 -24.04 35.71 -25.05
C VAL A 124 -23.08 36.86 -24.75
N ARG A 125 -22.36 37.28 -25.78
CA ARG A 125 -21.48 38.46 -25.69
C ARG A 125 -22.27 39.68 -26.16
N ILE A 126 -22.54 40.60 -25.25
CA ILE A 126 -23.43 41.74 -25.51
C ILE A 126 -22.62 43.03 -25.40
N GLY A 127 -22.78 43.91 -26.38
CA GLY A 127 -22.21 45.23 -26.30
C GLY A 127 -20.81 45.38 -26.86
N PHE A 128 -20.33 44.42 -27.64
CA PHE A 128 -19.04 44.61 -28.28
C PHE A 128 -19.14 45.69 -29.35
N SER A 129 -18.13 46.57 -29.39
CA SER A 129 -18.11 47.73 -30.27
C SER A 129 -19.34 48.62 -30.03
N ALA A 130 -19.55 48.99 -28.78
CA ALA A 130 -20.66 49.84 -28.39
C ALA A 130 -20.31 51.32 -28.36
N ASN A 131 -19.10 51.69 -28.76
CA ASN A 131 -18.71 53.08 -28.85
C ASN A 131 -18.12 53.48 -30.19
N LYS A 132 -17.92 52.53 -31.10
CA LYS A 132 -17.32 52.81 -32.40
C LYS A 132 -18.40 53.25 -33.38
N THR A 133 -18.04 53.36 -34.66
CA THR A 133 -18.96 53.80 -35.69
C THR A 133 -19.10 52.70 -36.75
N GLY A 134 -20.33 52.46 -37.17
CA GLY A 134 -20.60 51.43 -38.15
C GLY A 134 -21.79 51.80 -39.01
N SER A 135 -21.82 51.22 -40.21
CA SER A 135 -22.87 51.55 -41.16
C SER A 135 -24.20 50.93 -40.76
N LEU A 136 -25.27 51.64 -41.08
CA LEU A 136 -26.61 51.11 -40.87
C LEU A 136 -26.88 49.95 -41.82
N VAL A 137 -27.61 48.94 -41.32
CA VAL A 137 -27.92 47.79 -42.15
C VAL A 137 -28.93 48.16 -43.24
N ILE A 138 -29.96 48.92 -42.86
CA ILE A 138 -30.96 49.35 -43.84
C ILE A 138 -30.38 50.36 -44.82
N SER A 139 -29.43 51.17 -44.38
CA SER A 139 -28.79 52.19 -45.22
C SER A 139 -27.28 52.00 -45.16
N PRO A 140 -26.72 51.05 -45.93
CA PRO A 140 -25.29 50.77 -45.91
C PRO A 140 -24.44 51.92 -46.47
N SER A 143 -24.11 55.75 -41.46
CA SER A 143 -23.18 55.27 -40.43
C SER A 143 -23.22 56.17 -39.20
N LYS A 144 -23.24 55.57 -38.01
CA LYS A 144 -23.40 56.33 -36.78
C LYS A 144 -22.73 55.59 -35.64
N VAL A 145 -22.76 56.23 -34.46
CA VAL A 145 -22.14 55.67 -33.26
C VAL A 145 -22.97 54.47 -32.82
N ILE A 146 -22.36 53.28 -32.88
CA ILE A 146 -23.06 52.05 -32.52
C ILE A 146 -23.41 52.06 -31.04
N LYS A 147 -24.55 51.46 -30.69
CA LYS A 147 -25.00 51.34 -29.31
C LYS A 147 -25.30 49.88 -29.01
N LYS A 148 -25.38 49.57 -27.72
CA LYS A 148 -25.58 48.21 -27.25
C LYS A 148 -27.07 47.88 -27.21
N ILE A 149 -27.44 46.76 -27.82
CA ILE A 149 -28.82 46.27 -27.79
C ILE A 149 -28.83 44.93 -27.06
N TYR A 150 -29.98 44.61 -26.46
CA TYR A 150 -30.06 43.37 -25.71
C TYR A 150 -30.83 42.31 -26.48
N PRO A 151 -30.38 41.06 -26.42
CA PRO A 151 -31.09 39.98 -27.13
C PRO A 151 -32.41 39.63 -26.46
N ALA A 152 -33.29 39.04 -27.26
CA ALA A 152 -34.55 38.47 -26.77
C ALA A 152 -34.62 37.02 -27.23
N PHE A 153 -34.91 36.12 -26.31
CA PHE A 153 -34.84 34.69 -26.57
C PHE A 153 -36.20 34.02 -26.38
N MET A 154 -36.25 32.75 -26.77
CA MET A 154 -37.49 31.98 -26.73
C MET A 154 -37.09 30.51 -26.63
N LEU A 155 -37.28 29.92 -25.46
CA LEU A 155 -36.79 28.58 -25.17
C LEU A 155 -37.94 27.64 -24.84
N GLY A 156 -37.84 26.41 -25.31
CA GLY A 156 -38.89 25.43 -25.09
C GLY A 156 -38.36 24.03 -25.25
N THR A 157 -39.29 23.06 -25.17
CA THR A 157 -38.95 21.66 -25.26
C THR A 157 -39.41 21.00 -26.56
N ALA A 158 -40.47 21.49 -27.19
CA ALA A 158 -40.98 20.92 -28.42
C ALA A 158 -41.21 22.03 -29.44
N VAL A 159 -40.94 21.74 -30.71
CA VAL A 159 -41.13 22.68 -31.79
C VAL A 159 -41.92 22.02 -32.91
N THR A 160 -42.60 22.84 -33.70
CA THR A 160 -43.36 22.36 -34.86
C THR A 160 -43.51 23.52 -35.83
N SER A 161 -44.20 23.27 -36.93
CA SER A 161 -44.50 24.30 -37.90
C SER A 161 -45.77 25.05 -37.50
N PHE A 162 -46.00 26.19 -38.14
CA PHE A 162 -47.21 26.96 -37.92
C PHE A 162 -48.36 26.38 -38.73
N ALA A 163 -49.46 27.12 -38.81
CA ALA A 163 -50.68 26.60 -39.43
C ALA A 163 -50.54 26.39 -40.94
N HIS A 164 -49.57 27.03 -41.58
CA HIS A 164 -49.42 26.93 -43.03
C HIS A 164 -47.99 26.57 -43.39
N GLY A 165 -47.36 25.69 -42.60
CA GLY A 165 -46.08 25.12 -42.95
C GLY A 165 -44.87 25.94 -42.55
N HIS A 166 -45.05 27.14 -42.01
CA HIS A 166 -43.92 27.96 -41.57
C HIS A 166 -43.36 27.41 -40.27
N ALA A 167 -42.06 27.21 -40.23
CA ALA A 167 -41.42 26.64 -39.05
C ALA A 167 -41.28 27.69 -37.95
N GLY A 168 -40.96 27.22 -36.75
CA GLY A 168 -40.70 28.09 -35.63
C GLY A 168 -41.84 28.26 -34.64
N ARG A 169 -42.65 27.23 -34.43
CA ARG A 169 -43.72 27.28 -33.44
C ARG A 169 -43.33 26.45 -32.22
N TYR A 170 -43.37 27.08 -31.05
CA TYR A 170 -43.04 26.42 -29.80
C TYR A 170 -44.31 25.91 -29.12
N LEU A 171 -44.33 24.62 -28.82
CA LEU A 171 -45.47 23.98 -28.19
C LEU A 171 -45.27 23.93 -26.68
N ASN A 172 -46.39 23.73 -25.98
CA ASN A 172 -46.45 23.57 -24.51
C ASN A 172 -45.91 24.84 -23.86
N HIS A 173 -45.35 24.71 -22.66
CA HIS A 173 -44.84 25.87 -21.94
C HIS A 173 -43.53 26.33 -22.55
N THR A 174 -43.42 27.63 -22.80
CA THR A 174 -42.28 28.23 -23.47
C THR A 174 -41.67 29.30 -22.57
N LEU A 175 -40.35 29.24 -22.40
CA LEU A 175 -39.63 30.24 -21.62
C LEU A 175 -39.25 31.39 -22.54
N VAL A 176 -39.74 32.59 -22.23
CA VAL A 176 -39.52 33.76 -23.05
C VAL A 176 -38.78 34.81 -22.23
N ILE A 177 -37.68 35.31 -22.78
CA ILE A 177 -36.85 36.33 -22.13
C ILE A 177 -36.90 37.58 -22.99
N LEU A 178 -37.34 38.69 -22.41
CA LEU A 178 -37.60 39.91 -23.18
C LEU A 178 -37.01 41.13 -22.47
N PRO A 179 -36.20 41.93 -23.15
CA PRO A 179 -35.82 43.24 -22.60
C PRO A 179 -37.01 44.18 -22.62
N GLU A 180 -37.01 45.12 -21.68
CA GLU A 180 -38.15 46.02 -21.52
C GLU A 180 -37.65 47.40 -21.12
N SER A 181 -38.56 48.37 -21.23
CA SER A 181 -38.31 49.77 -20.87
C SER A 181 -37.11 50.35 -21.62
N CYS A 182 -37.02 50.02 -22.92
CA CYS A 182 -35.93 50.45 -23.79
C CYS A 182 -34.57 50.07 -23.25
N GLY A 183 -34.41 48.79 -22.94
CA GLY A 183 -33.15 48.28 -22.43
C GLY A 183 -32.86 48.58 -20.98
N THR A 184 -33.88 48.91 -20.19
CA THR A 184 -33.72 49.20 -18.77
C THR A 184 -34.13 48.03 -17.89
N SER A 185 -35.21 47.34 -18.22
CA SER A 185 -35.71 46.22 -17.44
C SER A 185 -35.66 44.94 -18.27
N LEU A 186 -35.58 43.82 -17.57
CA LEU A 186 -35.63 42.49 -18.19
C LEU A 186 -36.76 41.71 -17.54
N THR A 187 -37.65 41.16 -18.36
CA THR A 187 -38.78 40.38 -17.88
C THR A 187 -38.69 38.97 -18.45
N VAL A 188 -38.88 37.97 -17.59
CA VAL A 188 -38.86 36.56 -17.95
C VAL A 188 -40.19 35.95 -17.54
N PHE A 189 -40.83 35.23 -18.46
CA PHE A 189 -42.10 34.58 -18.16
C PHE A 189 -42.16 33.22 -18.82
N TYR A 190 -43.05 32.37 -18.31
CA TYR A 190 -43.15 30.96 -18.68
C TYR A 190 -44.62 30.65 -18.97
N CYS A 191 -45.00 30.69 -20.25
CA CYS A 191 -46.39 30.54 -20.65
C CYS A 191 -46.50 29.57 -21.83
N ILE A 192 -47.74 29.26 -22.19
CA ILE A 192 -48.06 28.53 -23.40
C ILE A 192 -48.55 29.54 -24.43
N LEU A 193 -47.89 29.59 -25.58
CA LEU A 193 -48.17 30.61 -26.59
C LEU A 193 -49.23 30.09 -27.56
N GLU A 194 -50.32 30.84 -27.68
CA GLU A 194 -51.38 30.51 -28.63
C GLU A 194 -51.28 31.46 -29.81
N PRO A 195 -50.97 30.97 -31.02
CA PRO A 195 -50.88 31.87 -32.18
C PRO A 195 -52.24 32.47 -32.52
N ARG A 196 -52.21 33.70 -33.01
CA ARG A 196 -53.41 34.44 -33.36
C ARG A 196 -53.66 34.37 -34.86
N ASN A 197 -54.91 34.65 -35.25
CA ASN A 197 -55.38 34.48 -36.62
C ASN A 197 -55.76 35.81 -37.27
N GLY A 198 -54.94 36.84 -37.07
CA GLY A 198 -55.15 38.10 -37.73
C GLY A 198 -54.75 38.06 -39.19
N THR A 199 -54.70 39.25 -39.80
CA THR A 199 -54.36 39.33 -41.22
C THR A 199 -52.92 38.92 -41.47
N ARG A 200 -52.00 39.31 -40.58
CA ARG A 200 -50.58 39.00 -40.73
C ARG A 200 -50.04 38.18 -39.56
N CYS A 201 -50.91 37.70 -38.68
CA CYS A 201 -50.53 36.95 -37.49
C CYS A 201 -50.17 35.51 -37.87
N PRO A 202 -49.46 34.78 -36.98
CA PRO A 202 -48.93 33.47 -37.37
C PRO A 202 -49.95 32.45 -37.88
N ASN A 203 -51.17 32.44 -37.34
CA ASN A 203 -52.19 31.50 -37.83
C ASN A 203 -52.98 32.11 -38.98
N HIS A 204 -52.26 32.49 -40.03
CA HIS A 204 -52.86 33.13 -41.18
C HIS A 204 -51.92 33.04 -42.36
N GLN A 205 -52.46 33.02 -43.56
CA GLN A 205 -51.65 32.82 -44.74
C GLN A 205 -50.60 33.88 -44.97
N ASP A 206 -50.96 35.12 -44.71
CA ASP A 206 -50.03 36.20 -44.88
C ASP A 206 -49.20 36.26 -43.66
N TYR A 207 -48.28 35.32 -43.51
CA TYR A 207 -47.42 35.31 -42.36
C TYR A 207 -46.03 34.94 -42.79
N THR A 208 -45.05 35.75 -42.46
CA THR A 208 -43.66 35.42 -42.71
C THR A 208 -42.82 35.32 -41.44
N SER A 209 -42.99 36.23 -40.48
CA SER A 209 -42.24 36.18 -39.23
C SER A 209 -42.99 36.99 -38.18
N TYR A 210 -42.67 36.71 -36.92
CA TYR A 210 -43.11 37.53 -35.80
C TYR A 210 -41.96 38.40 -35.33
N VAL A 211 -42.31 39.56 -34.77
CA VAL A 211 -41.31 40.52 -34.34
C VAL A 211 -41.83 41.23 -33.09
N ILE A 212 -40.91 41.66 -32.24
CA ILE A 212 -41.19 42.55 -31.12
C ILE A 212 -40.54 43.89 -31.43
N TRP A 213 -41.12 44.96 -30.89
CA TRP A 213 -40.65 46.31 -31.23
C TRP A 213 -40.89 47.24 -30.05
N GLU A 214 -40.14 48.35 -30.05
CA GLU A 214 -40.29 49.41 -29.07
C GLU A 214 -40.31 50.75 -29.79
N THR A 215 -41.30 51.57 -29.47
CA THR A 215 -41.34 52.93 -29.99
C THR A 215 -40.56 53.85 -29.06
N PRO A 216 -39.46 54.46 -29.51
CA PRO A 216 -38.71 55.36 -28.61
C PRO A 216 -39.51 56.57 -28.17
N HIS A 217 -40.43 57.06 -29.00
CA HIS A 217 -41.29 58.17 -28.63
C HIS A 217 -42.73 57.70 -28.42
N SER A 223 -41.84 59.65 -18.76
CA SER A 223 -42.67 58.55 -18.28
C SER A 223 -42.62 57.37 -19.24
N VAL A 224 -41.81 56.37 -18.90
CA VAL A 224 -41.68 55.17 -19.72
C VAL A 224 -42.87 54.25 -19.47
N ASN A 225 -43.40 53.69 -20.55
CA ASN A 225 -44.52 52.75 -20.43
C ASN A 225 -44.11 51.48 -19.69
N ARG A 226 -42.88 51.02 -19.93
CA ARG A 226 -42.31 49.81 -19.34
C ARG A 226 -43.08 48.54 -19.68
N ASN A 227 -43.93 48.60 -20.71
CA ASN A 227 -44.70 47.44 -21.14
C ASN A 227 -44.81 47.35 -22.65
N ALA A 228 -44.03 48.13 -23.41
CA ALA A 228 -44.19 48.19 -24.85
C ALA A 228 -43.75 46.89 -25.52
N THR A 229 -42.64 46.31 -25.06
CA THR A 229 -42.16 45.06 -25.64
C THR A 229 -43.15 43.93 -25.40
N LEU A 230 -43.73 43.87 -24.19
CA LEU A 230 -44.71 42.83 -23.90
C LEU A 230 -45.98 43.00 -24.72
N ASN A 231 -46.41 44.25 -24.94
CA ASN A 231 -47.56 44.48 -25.79
C ASN A 231 -47.29 44.10 -27.24
N SER A 232 -46.09 44.41 -27.74
CA SER A 232 -45.72 44.01 -29.09
C SER A 232 -45.67 42.49 -29.22
N PHE A 233 -45.23 41.80 -28.16
CA PHE A 233 -45.25 40.34 -28.17
C PHE A 233 -46.68 39.81 -28.14
N LYS A 234 -47.55 40.42 -27.34
CA LYS A 234 -48.94 39.99 -27.24
C LYS A 234 -49.71 40.24 -28.53
N VAL A 235 -49.24 41.17 -29.37
CA VAL A 235 -49.84 41.39 -30.68
C VAL A 235 -49.78 40.10 -31.51
N SER A 236 -48.67 39.37 -31.41
CA SER A 236 -48.47 38.17 -32.22
C SER A 236 -48.95 36.89 -31.54
N PHE A 237 -48.85 36.80 -30.21
CA PHE A 237 -49.15 35.57 -29.49
C PHE A 237 -50.13 35.83 -28.37
N ASN A 238 -50.85 34.79 -27.97
CA ASN A 238 -51.69 34.81 -26.79
C ASN A 238 -50.99 34.05 -25.66
N LEU A 239 -51.10 34.59 -24.46
CA LEU A 239 -50.36 34.10 -23.29
C LEU A 239 -51.34 33.44 -22.34
N ARG A 240 -51.22 32.12 -22.19
CA ARG A 240 -52.17 31.33 -21.42
C ARG A 240 -51.43 30.43 -20.43
N GLN A 241 -52.01 30.27 -19.24
CA GLN A 241 -51.51 29.37 -18.19
C GLN A 241 -50.07 29.70 -17.81
N CYS A 242 -49.82 30.99 -17.56
CA CYS A 242 -48.48 31.44 -17.22
C CYS A 242 -48.12 31.02 -15.80
N LYS A 243 -46.96 30.39 -15.63
CA LYS A 243 -46.57 29.91 -14.31
C LYS A 243 -45.95 31.02 -13.48
N PHE A 244 -44.93 31.69 -14.00
CA PHE A 244 -44.26 32.76 -13.27
C PHE A 244 -43.92 33.90 -14.23
N MET A 245 -43.74 35.09 -13.66
CA MET A 245 -43.18 36.23 -14.35
C MET A 245 -42.29 36.98 -13.38
N ARG A 246 -41.05 37.26 -13.79
CA ARG A 246 -40.07 37.90 -12.95
C ARG A 246 -39.47 39.08 -13.70
N THR A 247 -39.02 40.07 -12.95
CA THR A 247 -38.50 41.31 -13.51
C THR A 247 -37.16 41.65 -12.86
N TYR A 248 -36.27 42.24 -13.64
CA TYR A 248 -34.96 42.64 -13.15
C TYR A 248 -34.61 44.01 -13.69
N ASN A 249 -33.91 44.80 -12.88
CA ASN A 249 -33.45 46.11 -13.29
C ASN A 249 -32.06 46.03 -13.91
N ILE A 250 -31.85 46.80 -14.97
CA ILE A 250 -30.55 46.92 -15.61
C ILE A 250 -30.23 48.41 -15.72
N SER A 251 -29.12 48.82 -15.13
CA SER A 251 -28.67 50.20 -15.29
C SER A 251 -28.09 50.37 -16.68
N ASP A 252 -28.60 51.36 -17.42
CA ASP A 252 -28.21 51.54 -18.82
C ASP A 252 -26.84 52.20 -18.91
N ASP A 253 -25.94 51.56 -19.63
CA ASP A 253 -24.61 52.08 -19.88
C ASP A 253 -24.19 51.59 -21.27
N GLU A 254 -22.90 51.68 -21.57
CA GLU A 254 -22.39 51.27 -22.87
C GLU A 254 -21.22 50.30 -22.72
N ASN A 255 -21.16 49.57 -21.61
CA ASN A 255 -20.09 48.61 -21.38
C ASN A 255 -20.43 47.26 -22.01
N GLN A 256 -19.39 46.52 -22.38
CA GLN A 256 -19.57 45.18 -22.91
C GLN A 256 -20.00 44.23 -21.80
N GLU A 257 -21.06 43.47 -22.04
CA GLU A 257 -21.65 42.61 -21.03
C GLU A 257 -21.64 41.17 -21.51
N TRP A 258 -21.95 40.26 -20.58
CA TRP A 258 -22.06 38.84 -20.88
C TRP A 258 -23.29 38.29 -20.17
N PHE A 259 -24.08 37.50 -20.90
CA PHE A 259 -25.27 36.86 -20.35
C PHE A 259 -25.27 35.39 -20.76
N GLY A 260 -25.72 34.54 -19.84
CA GLY A 260 -25.72 33.11 -20.10
C GLY A 260 -26.90 32.42 -19.44
N ILE A 261 -27.22 31.24 -19.96
CA ILE A 261 -28.29 30.41 -19.45
C ILE A 261 -27.83 28.96 -19.43
N THR A 262 -28.14 28.25 -18.35
CA THR A 262 -27.91 26.81 -18.24
C THR A 262 -29.14 26.19 -17.58
N GLN A 263 -29.37 24.92 -17.86
CA GLN A 263 -30.43 24.16 -17.22
C GLN A 263 -29.84 23.00 -16.44
N ASN A 264 -30.50 22.64 -15.35
CA ASN A 264 -29.99 21.69 -14.38
C ASN A 264 -31.19 21.06 -13.69
N ALA A 265 -30.93 20.09 -12.81
CA ALA A 265 -32.02 19.49 -12.03
C ALA A 265 -32.68 20.48 -11.09
N GLN A 266 -31.99 21.56 -10.73
CA GLN A 266 -32.55 22.60 -9.87
C GLN A 266 -33.26 23.69 -10.65
N GLY A 267 -33.32 23.58 -11.98
CA GLY A 267 -34.02 24.56 -12.78
C GLY A 267 -33.14 25.27 -13.79
N VAL A 268 -33.59 26.43 -14.25
CA VAL A 268 -32.86 27.22 -15.24
C VAL A 268 -32.10 28.31 -14.49
N HIS A 269 -30.79 28.38 -14.73
CA HIS A 269 -29.92 29.33 -14.06
C HIS A 269 -29.52 30.43 -15.04
N LEU A 270 -29.65 31.68 -14.59
CA LEU A 270 -29.33 32.85 -15.41
C LEU A 270 -28.08 33.52 -14.86
N TYR A 271 -27.09 33.70 -15.72
CA TYR A 271 -25.82 34.30 -15.33
C TYR A 271 -25.62 35.61 -16.05
N SER A 272 -25.18 36.62 -15.32
CA SER A 272 -24.90 37.94 -15.89
C SER A 272 -23.58 38.46 -15.35
N SER A 273 -22.89 39.24 -16.16
CA SER A 273 -21.66 39.87 -15.72
C SER A 273 -21.92 41.06 -14.82
N ARG A 274 -23.11 41.68 -14.91
CA ARG A 274 -23.40 42.90 -14.16
C ARG A 274 -23.48 42.66 -12.66
N LYS A 275 -23.61 41.41 -12.22
CA LYS A 275 -23.72 41.13 -10.79
C LYS A 275 -22.41 41.39 -10.07
N GLY A 276 -21.30 40.86 -10.59
CA GLY A 276 -20.04 40.99 -9.90
C GLY A 276 -18.95 41.73 -10.65
N ASP A 277 -18.94 41.63 -11.98
CA ASP A 277 -17.89 42.22 -12.81
C ASP A 277 -18.55 43.09 -13.88
N LEU A 278 -18.85 44.34 -13.51
CA LEU A 278 -19.44 45.26 -14.47
C LEU A 278 -18.45 45.65 -15.55
N TYR A 279 -17.17 45.76 -15.18
CA TYR A 279 -16.11 46.13 -16.11
C TYR A 279 -15.27 44.94 -16.54
N GLY A 280 -15.66 43.72 -16.15
CA GLY A 280 -14.98 42.52 -16.58
C GLY A 280 -15.96 41.52 -17.18
N GLY A 281 -15.42 40.39 -17.59
CA GLY A 281 -16.20 39.37 -18.27
C GLY A 281 -16.69 38.24 -17.42
N ASN A 282 -16.40 38.23 -16.13
CA ASN A 282 -16.84 37.14 -15.26
C ASN A 282 -18.34 37.20 -15.05
N MET A 283 -18.96 36.03 -15.00
CA MET A 283 -20.41 35.89 -15.08
C MET A 283 -20.92 35.29 -13.78
N PHE A 284 -21.95 35.91 -13.21
CA PHE A 284 -22.45 35.51 -11.89
C PHE A 284 -23.95 35.24 -11.96
N LEU A 285 -24.39 34.24 -11.21
CA LEU A 285 -25.80 33.87 -11.18
C LEU A 285 -26.61 34.94 -10.46
N PHE A 286 -27.75 35.32 -11.03
CA PHE A 286 -28.65 36.27 -10.38
C PHE A 286 -30.06 35.77 -10.18
N ASP A 287 -30.47 34.67 -10.83
CA ASP A 287 -31.78 34.09 -10.55
C ASP A 287 -31.78 32.63 -10.98
N THR A 288 -32.70 31.88 -10.38
CA THR A 288 -32.95 30.49 -10.76
C THR A 288 -34.44 30.33 -11.05
N LEU A 289 -34.75 29.79 -12.23
CA LEU A 289 -36.15 29.68 -12.63
C LEU A 289 -36.66 28.26 -12.42
N PRO A 290 -37.94 28.11 -12.05
CA PRO A 290 -38.50 26.77 -11.82
C PRO A 290 -38.98 26.10 -13.10
N VAL A 291 -38.05 25.93 -14.04
CA VAL A 291 -38.31 25.24 -15.30
C VAL A 291 -37.55 23.92 -15.24
N TYR A 292 -38.27 22.82 -15.03
CA TYR A 292 -37.65 21.53 -14.80
C TYR A 292 -37.77 20.56 -15.96
N GLU A 293 -38.67 20.82 -16.91
CA GLU A 293 -38.66 20.08 -18.16
C GLU A 293 -37.44 20.49 -18.98
N THR A 294 -36.82 19.50 -19.61
CA THR A 294 -35.53 19.72 -20.27
C THR A 294 -35.70 20.57 -21.52
N LEU A 295 -35.10 21.76 -21.52
CA LEU A 295 -35.15 22.62 -22.69
C LEU A 295 -34.29 22.03 -23.80
N LYS A 296 -34.84 22.00 -25.02
CA LYS A 296 -34.15 21.42 -26.15
C LYS A 296 -33.91 22.39 -27.30
N TYR A 297 -34.63 23.51 -27.36
CA TYR A 297 -34.54 24.43 -28.47
C TYR A 297 -34.55 25.86 -27.96
N TYR A 298 -33.89 26.75 -28.71
CA TYR A 298 -33.95 28.17 -28.44
C TYR A 298 -33.92 28.93 -29.76
N THR A 299 -34.62 30.06 -29.79
CA THR A 299 -34.62 30.96 -30.93
C THR A 299 -34.36 32.38 -30.47
N VAL A 300 -33.73 33.16 -31.32
CA VAL A 300 -33.52 34.58 -31.08
C VAL A 300 -34.67 35.34 -31.70
N ILE A 301 -35.46 36.01 -30.87
CA ILE A 301 -36.63 36.72 -31.37
C ILE A 301 -36.17 37.97 -32.13
N PRO A 302 -36.64 38.19 -33.35
CA PRO A 302 -36.28 39.42 -34.07
C PRO A 302 -36.79 40.66 -33.34
N ARG A 303 -36.00 41.71 -33.37
CA ARG A 303 -36.31 42.95 -32.67
C ARG A 303 -36.11 44.13 -33.62
N SER A 304 -37.02 45.08 -33.56
CA SER A 304 -36.94 46.28 -34.39
C SER A 304 -37.23 47.50 -33.55
N LEU A 305 -36.71 48.64 -34.00
CA LEU A 305 -36.96 49.93 -33.37
C LEU A 305 -37.62 50.85 -34.40
N ARG A 306 -38.77 51.40 -34.05
CA ARG A 306 -39.51 52.29 -34.95
C ARG A 306 -39.20 53.75 -34.64
N SER A 307 -37.94 54.10 -34.84
CA SER A 307 -37.48 55.47 -34.65
C SER A 307 -37.42 56.19 -36.00
N ARG A 308 -37.60 57.51 -35.95
CA ARG A 308 -37.63 58.31 -37.16
C ARG A 308 -36.21 58.49 -37.72
N LEU A 309 -36.13 59.18 -38.86
CA LEU A 309 -34.84 59.39 -39.51
C LEU A 309 -33.93 60.28 -38.67
N ASN A 310 -34.50 61.18 -37.88
CA ASN A 310 -33.71 62.00 -36.96
C ASN A 310 -33.34 61.26 -35.70
N GLU A 311 -33.94 60.10 -35.43
CA GLU A 311 -33.68 59.33 -34.22
C GLU A 311 -33.11 57.95 -34.52
N ARG A 312 -32.73 57.67 -35.76
CA ARG A 312 -32.18 56.38 -36.10
C ARG A 312 -30.79 56.21 -35.49
N GLN A 313 -30.42 54.96 -35.24
CA GLN A 313 -29.13 54.63 -34.64
C GLN A 313 -28.67 53.28 -35.14
N ALA A 314 -27.44 52.94 -34.80
CA ALA A 314 -26.86 51.64 -35.10
C ALA A 314 -26.71 50.84 -33.82
N TRP A 315 -27.06 49.56 -33.87
CA TRP A 315 -27.09 48.70 -32.69
C TRP A 315 -26.06 47.61 -32.81
N ALA A 316 -25.35 47.34 -31.71
CA ALA A 316 -24.24 46.40 -31.72
C ALA A 316 -24.74 44.97 -31.86
N ALA A 317 -23.96 44.15 -32.56
CA ALA A 317 -24.26 42.73 -32.68
C ALA A 317 -23.93 41.99 -31.39
N PHE A 318 -24.70 40.95 -31.12
CA PHE A 318 -24.40 40.05 -30.01
C PHE A 318 -24.11 38.66 -30.56
N TYR A 319 -23.27 37.93 -29.85
CA TYR A 319 -22.76 36.64 -30.29
C TYR A 319 -23.18 35.57 -29.29
N VAL A 320 -23.70 34.46 -29.80
CA VAL A 320 -24.17 33.35 -28.97
C VAL A 320 -23.24 32.18 -29.17
N TYR A 321 -22.64 31.70 -28.08
CA TYR A 321 -21.71 30.58 -28.11
C TYR A 321 -22.28 29.44 -27.28
N SER A 322 -22.23 28.22 -27.81
CA SER A 322 -22.70 27.07 -27.07
C SER A 322 -21.78 26.74 -25.91
N LEU A 323 -22.33 26.05 -24.92
CA LEU A 323 -21.60 25.67 -23.72
C LEU A 323 -21.39 24.15 -23.72
N HIS A 324 -20.21 23.74 -23.27
CA HIS A 324 -19.83 22.33 -23.26
C HIS A 324 -19.19 21.97 -21.93
N LYS A 325 -19.27 20.69 -21.58
CA LYS A 325 -18.65 20.17 -20.37
C LYS A 325 -17.15 20.05 -20.62
N LEU A 326 -16.39 21.05 -20.18
CA LEU A 326 -14.96 21.11 -20.41
C LEU A 326 -14.24 21.40 -19.11
N THR A 327 -12.94 21.10 -19.10
CA THR A 327 -12.05 21.47 -18.01
C THR A 327 -11.29 22.73 -18.41
N TYR A 328 -11.28 23.73 -17.53
CA TYR A 328 -10.58 24.97 -17.76
C TYR A 328 -9.59 25.22 -16.63
N LEU A 329 -8.52 25.95 -16.95
CA LEU A 329 -7.55 26.40 -15.96
C LEU A 329 -7.74 27.89 -15.78
N LEU A 330 -8.39 28.28 -14.68
CA LEU A 330 -8.72 29.67 -14.41
C LEU A 330 -7.67 30.29 -13.50
N ASP A 331 -7.24 31.50 -13.85
CA ASP A 331 -6.29 32.27 -13.06
C ASP A 331 -7.06 33.29 -12.23
N PHE A 332 -7.08 33.10 -10.92
CA PHE A 332 -7.78 33.99 -10.03
C PHE A 332 -6.83 35.07 -9.54
N SER A 333 -7.25 36.33 -9.65
CA SER A 333 -6.42 37.44 -9.22
C SER A 333 -6.50 37.59 -7.71
N VAL A 334 -5.87 38.65 -7.19
CA VAL A 334 -5.89 38.90 -5.75
C VAL A 334 -7.29 39.29 -5.29
N ASP A 335 -8.00 40.06 -6.12
CA ASP A 335 -9.36 40.49 -5.77
C ASP A 335 -10.41 39.43 -6.11
N GLY A 336 -10.00 38.28 -6.66
CA GLY A 336 -10.90 37.18 -6.90
C GLY A 336 -11.49 37.09 -8.28
N TYR A 337 -11.13 38.00 -9.19
CA TYR A 337 -11.65 37.96 -10.54
C TYR A 337 -10.78 37.08 -11.42
N VAL A 338 -11.39 36.49 -12.44
CA VAL A 338 -10.69 35.65 -13.41
C VAL A 338 -10.35 36.50 -14.61
N ARG A 339 -9.05 36.70 -14.86
CA ARG A 339 -8.59 37.49 -15.98
C ARG A 339 -7.81 36.70 -17.01
N ARG A 340 -7.66 35.38 -16.82
CA ARG A 340 -6.91 34.55 -17.74
C ARG A 340 -7.35 33.11 -17.57
N ALA A 341 -7.55 32.41 -18.69
CA ALA A 341 -8.03 31.05 -18.68
C ALA A 341 -7.30 30.23 -19.74
N ILE A 342 -7.40 28.91 -19.60
CA ILE A 342 -6.82 27.97 -20.56
C ILE A 342 -7.84 26.86 -20.81
N ASP A 343 -8.15 26.61 -22.09
CA ASP A 343 -8.99 25.48 -22.48
C ASP A 343 -8.10 24.25 -22.61
N CYS A 344 -8.27 23.29 -21.69
CA CYS A 344 -7.38 22.14 -21.66
C CYS A 344 -7.57 21.22 -22.87
N GLY A 345 -8.75 21.23 -23.47
CA GLY A 345 -9.01 20.38 -24.61
C GLY A 345 -8.65 20.96 -25.96
N TYR A 346 -8.09 22.18 -25.99
CA TYR A 346 -7.77 22.81 -27.27
C TYR A 346 -6.62 22.10 -27.97
N ASP A 347 -5.53 21.86 -27.26
CA ASP A 347 -4.37 21.17 -27.83
C ASP A 347 -3.58 20.55 -26.68
N ASP A 348 -2.45 19.93 -27.03
CA ASP A 348 -1.69 19.17 -26.05
C ASP A 348 -0.90 20.05 -25.09
N VAL A 349 -0.42 21.21 -25.54
CA VAL A 349 0.31 22.10 -24.65
C VAL A 349 -0.60 22.70 -23.59
N ALA A 350 -1.86 22.97 -23.94
CA ALA A 350 -2.80 23.46 -22.95
C ALA A 350 -3.18 22.35 -21.96
N GLN A 351 -3.23 21.10 -22.43
CA GLN A 351 -3.41 20.00 -21.50
C GLN A 351 -2.21 19.85 -20.58
N LEU A 352 -1.00 20.11 -21.08
CA LEU A 352 0.18 20.10 -20.22
C LEU A 352 0.08 21.18 -19.15
N PHE A 353 -0.33 22.39 -19.54
CA PHE A 353 -0.50 23.48 -18.60
C PHE A 353 -1.56 23.16 -17.55
N CYS A 354 -2.65 22.52 -17.97
CA CYS A 354 -3.71 22.14 -17.03
C CYS A 354 -3.24 21.03 -16.09
N SER A 355 -2.46 20.07 -16.61
CA SER A 355 -1.95 18.99 -15.77
C SER A 355 -1.00 19.53 -14.71
N TYR A 356 -0.17 20.50 -15.07
CA TYR A 356 0.68 21.13 -14.07
C TYR A 356 -0.05 22.17 -13.23
N GLU A 357 -1.28 22.53 -13.62
CA GLU A 357 -2.11 23.48 -12.88
C GLU A 357 -1.41 24.82 -12.68
N SER A 358 -0.68 25.26 -13.70
CA SER A 358 -0.01 26.55 -13.67
C SER A 358 0.10 27.07 -15.10
N PHE A 359 0.17 28.39 -15.22
CA PHE A 359 0.26 29.02 -16.54
C PHE A 359 1.68 29.02 -17.08
N ASP A 360 2.66 28.62 -16.30
CA ASP A 360 4.03 28.47 -16.77
C ASP A 360 4.59 27.13 -16.31
N VAL A 361 5.19 26.40 -17.24
CA VAL A 361 5.90 25.17 -16.94
C VAL A 361 7.29 25.28 -17.55
N ASP A 362 8.22 24.50 -17.00
CA ASP A 362 9.57 24.52 -17.52
C ASP A 362 9.64 23.79 -18.86
N SER A 363 10.67 24.12 -19.64
CA SER A 363 10.88 23.48 -20.93
C SER A 363 11.27 22.01 -20.74
N GLY A 364 10.82 21.18 -21.66
CA GLY A 364 11.10 19.77 -21.61
C GLY A 364 10.19 19.01 -22.54
N VAL A 365 10.35 17.69 -22.51
CA VAL A 365 9.50 16.77 -23.26
C VAL A 365 8.60 16.07 -22.25
N TYR A 366 7.31 16.36 -22.32
CA TYR A 366 6.34 15.89 -21.33
C TYR A 366 5.39 14.90 -21.98
N SER A 367 5.15 13.78 -21.30
CA SER A 367 4.11 12.86 -21.72
C SER A 367 2.76 13.39 -21.31
N VAL A 368 1.77 13.23 -22.17
CA VAL A 368 0.41 13.67 -21.89
C VAL A 368 -0.55 12.53 -22.13
N SER A 369 -1.85 12.81 -22.03
CA SER A 369 -2.87 11.78 -22.21
C SER A 369 -2.85 11.26 -23.63
N SER A 370 -3.02 9.95 -23.76
CA SER A 370 -2.97 9.29 -25.06
C SER A 370 -4.22 9.61 -25.87
N PHE A 371 -4.11 9.37 -27.18
CA PHE A 371 -5.24 9.55 -28.10
C PHE A 371 -6.15 8.33 -27.98
N GLU A 372 -7.08 8.38 -27.03
CA GLU A 372 -8.00 7.28 -26.83
C GLU A 372 -9.00 7.19 -27.98
N ALA A 373 -9.20 5.98 -28.49
CA ALA A 373 -10.15 5.72 -29.56
C ALA A 373 -11.36 5.02 -28.94
N GLN A 374 -12.44 5.75 -28.74
CA GLN A 374 -13.65 5.15 -28.19
C GLN A 374 -14.30 4.24 -29.23
N PRO A 375 -14.95 3.16 -28.79
CA PRO A 375 -15.50 2.19 -29.74
C PRO A 375 -16.69 2.77 -30.51
N ARG A 376 -16.62 2.69 -31.83
CA ARG A 376 -17.72 3.08 -32.70
C ARG A 376 -18.04 1.92 -33.63
N GLY A 377 -19.32 1.64 -33.82
CA GLY A 377 -19.71 0.48 -34.59
C GLY A 377 -19.95 -0.72 -33.71
N TYR A 378 -20.81 -1.62 -34.17
CA TYR A 378 -21.20 -2.81 -33.41
C TYR A 378 -21.10 -4.05 -34.28
N PHE A 379 -20.53 -5.11 -33.72
CA PHE A 379 -20.58 -6.44 -34.31
C PHE A 379 -21.46 -7.30 -33.39
N VAL A 380 -22.61 -7.69 -33.90
CA VAL A 380 -23.58 -8.44 -33.10
C VAL A 380 -23.84 -9.77 -33.82
N GLU A 381 -23.60 -10.87 -33.13
CA GLU A 381 -23.81 -12.20 -33.68
C GLU A 381 -24.54 -13.03 -32.65
N GLN A 382 -25.74 -13.49 -33.00
CA GLN A 382 -26.59 -14.24 -32.09
C GLN A 382 -27.30 -15.33 -32.88
N PRO A 383 -27.67 -16.44 -32.23
CA PRO A 383 -28.40 -17.49 -32.92
C PRO A 383 -29.89 -17.19 -32.96
N HIS A 384 -30.62 -18.00 -33.75
CA HIS A 384 -32.06 -17.84 -33.85
C HIS A 384 -32.74 -18.17 -32.53
N SER A 385 -32.19 -19.15 -31.79
CA SER A 385 -32.64 -19.53 -30.45
C SER A 385 -34.10 -19.97 -30.42
N SER A 386 -34.66 -20.04 -29.22
CA SER A 386 -36.05 -20.45 -29.04
C SER A 386 -36.56 -19.81 -27.76
N GLU A 387 -37.83 -20.05 -27.45
CA GLU A 387 -38.45 -19.52 -26.25
C GLU A 387 -38.20 -20.44 -25.08
N CYS A 388 -37.74 -19.88 -23.96
CA CYS A 388 -37.57 -20.66 -22.74
C CYS A 388 -38.92 -21.13 -22.22
N ASP A 389 -39.01 -22.40 -21.85
CA ASP A 389 -40.28 -23.02 -21.49
C ASP A 389 -40.56 -22.78 -20.01
N PHE A 390 -41.37 -21.78 -19.71
CA PHE A 390 -41.81 -21.49 -18.35
C PHE A 390 -43.17 -22.10 -18.03
N SER A 391 -43.75 -22.87 -18.96
CA SER A 391 -45.12 -23.36 -18.78
C SER A 391 -45.24 -24.39 -17.67
N ALA A 392 -44.13 -25.02 -17.26
CA ALA A 392 -44.19 -25.95 -16.13
C ALA A 392 -44.53 -25.24 -14.84
N MET A 393 -44.12 -23.98 -14.69
CA MET A 393 -44.43 -23.21 -13.49
C MET A 393 -45.92 -22.88 -13.42
N PHE A 394 -46.54 -22.61 -14.56
CA PHE A 394 -47.92 -22.16 -14.59
C PHE A 394 -48.94 -23.29 -14.79
N SER A 395 -48.50 -24.44 -15.29
CA SER A 395 -49.45 -25.50 -15.62
C SER A 395 -49.98 -26.24 -14.40
N SER A 396 -49.28 -26.20 -13.28
CA SER A 396 -49.63 -27.02 -12.12
C SER A 396 -49.56 -26.19 -10.84
N GLN A 397 -49.97 -26.81 -9.74
CA GLN A 397 -49.93 -26.17 -8.43
C GLN A 397 -48.48 -25.92 -8.01
N PRO A 398 -48.19 -24.78 -7.40
CA PRO A 398 -46.84 -24.56 -6.88
C PRO A 398 -46.57 -25.48 -5.71
N PRO A 399 -45.32 -25.89 -5.51
CA PRO A 399 -45.01 -26.76 -4.38
C PRO A 399 -44.70 -25.99 -3.11
N GLN A 400 -44.41 -26.69 -2.02
CA GLN A 400 -44.09 -26.04 -0.77
C GLN A 400 -42.59 -25.69 -0.74
N VAL A 401 -42.18 -25.01 0.34
CA VAL A 401 -40.81 -24.52 0.43
C VAL A 401 -39.82 -25.67 0.58
N TYR A 402 -40.18 -26.71 1.33
CA TYR A 402 -39.31 -27.86 1.49
C TYR A 402 -39.26 -28.74 0.24
N ASN A 403 -40.18 -28.54 -0.71
CA ASN A 403 -40.25 -29.35 -1.92
C ASN A 403 -40.16 -28.42 -3.13
N PHE A 404 -39.21 -27.49 -3.11
CA PHE A 404 -39.14 -26.46 -4.14
C PHE A 404 -38.82 -27.06 -5.49
N SER A 405 -39.42 -26.50 -6.54
CA SER A 405 -39.17 -26.93 -7.90
C SER A 405 -38.11 -26.05 -8.54
N ARG A 406 -37.32 -26.66 -9.43
CA ARG A 406 -36.20 -25.99 -10.06
C ARG A 406 -36.36 -26.03 -11.57
N LEU A 407 -36.09 -24.89 -12.21
CA LEU A 407 -36.07 -24.79 -13.67
C LEU A 407 -34.74 -24.19 -14.10
N VAL A 408 -34.04 -24.86 -14.99
CA VAL A 408 -32.76 -24.41 -15.50
C VAL A 408 -32.91 -24.14 -17.00
N PHE A 409 -32.48 -22.96 -17.43
CA PHE A 409 -32.63 -22.53 -18.82
C PHE A 409 -31.27 -22.27 -19.43
N THR A 410 -31.09 -22.74 -20.66
CA THR A 410 -29.82 -22.63 -21.36
C THR A 410 -30.10 -22.57 -22.86
N ASN A 411 -29.48 -21.60 -23.54
CA ASN A 411 -29.58 -21.42 -24.98
C ASN A 411 -31.03 -21.17 -25.40
N CYS A 412 -31.61 -20.10 -24.86
CA CYS A 412 -32.97 -19.72 -25.17
C CYS A 412 -33.17 -18.25 -24.86
N ASN A 413 -34.23 -17.69 -25.43
CA ASN A 413 -34.64 -16.32 -25.18
C ASN A 413 -35.98 -16.32 -24.48
N TYR A 414 -36.17 -15.42 -23.51
CA TYR A 414 -37.41 -15.37 -22.75
C TYR A 414 -37.91 -13.92 -22.66
N ASN A 415 -39.22 -13.78 -22.61
CA ASN A 415 -39.87 -12.48 -22.50
C ASN A 415 -39.98 -12.15 -21.02
N LEU A 416 -39.02 -11.37 -20.52
CA LEU A 416 -38.99 -11.05 -19.09
C LEU A 416 -40.12 -10.10 -18.69
N THR A 417 -40.50 -9.19 -19.59
CA THR A 417 -41.56 -8.24 -19.27
C THR A 417 -42.89 -8.96 -19.08
N ARG A 418 -43.19 -9.93 -19.93
CA ARG A 418 -44.42 -10.70 -19.79
C ARG A 418 -44.45 -11.50 -18.50
N LEU A 419 -43.31 -12.08 -18.12
CA LEU A 419 -43.24 -12.83 -16.87
C LEU A 419 -43.40 -11.91 -15.66
N LEU A 420 -42.77 -10.73 -15.69
CA LEU A 420 -42.86 -9.82 -14.56
C LEU A 420 -44.24 -9.17 -14.47
N SER A 421 -44.96 -9.06 -15.59
CA SER A 421 -46.27 -8.44 -15.57
C SER A 421 -47.33 -9.33 -14.93
N LEU A 422 -47.04 -10.62 -14.74
CA LEU A 422 -47.98 -11.55 -14.14
C LEU A 422 -47.87 -11.60 -12.63
N PHE A 423 -46.93 -10.89 -12.02
CA PHE A 423 -46.70 -10.93 -10.59
C PHE A 423 -46.63 -9.52 -10.04
N GLN A 424 -47.10 -9.36 -8.81
CA GLN A 424 -46.99 -8.11 -8.08
C GLN A 424 -45.86 -8.29 -7.07
N VAL A 425 -44.68 -7.78 -7.42
CA VAL A 425 -43.50 -7.99 -6.58
C VAL A 425 -43.61 -7.15 -5.32
N SER A 426 -43.46 -7.80 -4.17
CA SER A 426 -43.49 -7.11 -2.89
C SER A 426 -42.11 -6.67 -2.44
N GLU A 427 -41.11 -7.53 -2.63
CA GLU A 427 -39.73 -7.17 -2.28
C GLU A 427 -38.78 -8.02 -3.10
N PHE A 428 -37.53 -7.59 -3.16
CA PHE A 428 -36.49 -8.34 -3.83
C PHE A 428 -35.15 -8.01 -3.19
N SER A 429 -34.29 -9.03 -3.09
CA SER A 429 -32.93 -8.86 -2.60
C SER A 429 -31.99 -9.53 -3.58
N CYS A 430 -30.99 -8.78 -4.04
CA CYS A 430 -30.07 -9.24 -5.06
C CYS A 430 -28.64 -9.18 -4.57
N HIS A 431 -27.83 -10.14 -5.03
CA HIS A 431 -26.44 -10.27 -4.60
C HIS A 431 -25.55 -10.30 -5.84
N GLN A 432 -24.63 -9.35 -5.92
CA GLN A 432 -23.62 -9.24 -6.98
C GLN A 432 -24.22 -9.07 -8.37
N VAL A 433 -25.50 -8.68 -8.44
CA VAL A 433 -26.18 -8.42 -9.69
C VAL A 433 -27.37 -7.54 -9.38
N SER A 434 -27.91 -6.89 -10.40
CA SER A 434 -29.11 -6.07 -10.23
C SER A 434 -30.17 -6.53 -11.22
N PRO A 435 -31.46 -6.36 -10.88
CA PRO A 435 -32.52 -6.73 -11.82
C PRO A 435 -32.46 -5.99 -13.14
N SER A 436 -32.02 -4.73 -13.13
CA SER A 436 -31.88 -3.99 -14.38
C SER A 436 -30.80 -4.61 -15.27
N ALA A 437 -29.70 -5.06 -14.65
CA ALA A 437 -28.67 -5.75 -15.41
C ALA A 437 -29.14 -7.12 -15.89
N LEU A 438 -30.05 -7.76 -15.14
CA LEU A 438 -30.64 -9.01 -15.58
C LEU A 438 -31.52 -8.80 -16.81
N ALA A 439 -32.27 -7.69 -16.83
CA ALA A 439 -33.11 -7.37 -17.98
C ALA A 439 -32.32 -6.76 -19.13
N SER A 440 -31.10 -6.30 -18.89
CA SER A 440 -30.29 -5.65 -19.91
C SER A 440 -29.28 -6.56 -20.57
N GLY A 441 -28.73 -7.53 -19.84
CA GLY A 441 -27.65 -8.34 -20.38
C GLY A 441 -27.99 -9.80 -20.58
N CYS A 442 -26.99 -10.59 -20.96
CA CYS A 442 -27.15 -12.02 -21.20
C CYS A 442 -26.32 -12.80 -20.21
N TYR A 443 -26.66 -14.07 -20.03
CA TYR A 443 -25.96 -14.92 -19.07
C TYR A 443 -25.89 -16.34 -19.63
N SER A 444 -24.92 -17.11 -19.12
CA SER A 444 -24.71 -18.45 -19.62
C SER A 444 -25.85 -19.39 -19.22
N SER A 445 -26.34 -19.27 -17.99
CA SER A 445 -27.43 -20.11 -17.53
C SER A 445 -28.31 -19.32 -16.57
N LEU A 446 -29.57 -19.72 -16.49
CA LEU A 446 -30.53 -19.12 -15.57
C LEU A 446 -31.25 -20.24 -14.82
N THR A 447 -31.21 -20.19 -13.50
CA THR A 447 -31.83 -21.18 -12.63
C THR A 447 -32.86 -20.50 -11.75
N VAL A 448 -34.08 -21.06 -11.71
CA VAL A 448 -35.17 -20.49 -10.93
C VAL A 448 -35.64 -21.54 -9.93
N ASP A 449 -35.69 -21.16 -8.66
CA ASP A 449 -36.26 -21.97 -7.60
C ASP A 449 -37.54 -21.29 -7.12
N TYR A 450 -38.68 -21.90 -7.38
CA TYR A 450 -39.96 -21.31 -7.06
C TYR A 450 -40.77 -22.24 -6.17
N PHE A 451 -41.52 -21.66 -5.24
CA PHE A 451 -42.38 -22.41 -4.33
C PHE A 451 -43.43 -21.47 -3.79
N ALA A 452 -44.51 -22.05 -3.29
CA ALA A 452 -45.56 -21.26 -2.65
C ALA A 452 -45.10 -20.86 -1.25
N TYR A 453 -45.13 -19.56 -0.96
CA TYR A 453 -44.59 -19.04 0.28
C TYR A 453 -45.42 -17.86 0.76
N PRO A 454 -45.89 -17.87 2.00
CA PRO A 454 -46.68 -16.74 2.49
C PRO A 454 -45.82 -15.51 2.73
N LEU A 455 -46.39 -14.34 2.48
CA LEU A 455 -45.67 -13.08 2.62
C LEU A 455 -45.52 -12.65 4.06
N SER A 456 -46.28 -13.24 4.99
CA SER A 456 -46.13 -12.92 6.40
C SER A 456 -44.83 -13.48 6.97
N MET A 457 -44.23 -14.47 6.31
CA MET A 457 -42.98 -15.08 6.75
C MET A 457 -41.80 -14.62 5.90
N ALA A 458 -41.85 -13.39 5.39
CA ALA A 458 -40.81 -12.91 4.48
C ALA A 458 -39.46 -12.75 5.16
N SER A 459 -39.46 -12.44 6.47
CA SER A 459 -38.20 -12.27 7.18
C SER A 459 -37.47 -13.59 7.40
N TYR A 460 -38.17 -14.72 7.28
CA TYR A 460 -37.56 -16.02 7.46
C TYR A 460 -36.79 -16.48 6.24
N LEU A 461 -36.93 -15.79 5.11
CA LEU A 461 -36.20 -16.11 3.88
C LEU A 461 -35.01 -15.20 3.65
N ARG A 462 -34.65 -14.37 4.63
CA ARG A 462 -33.59 -13.40 4.44
C ARG A 462 -32.24 -14.00 4.84
N GLN A 463 -31.19 -13.19 4.74
CA GLN A 463 -29.82 -13.70 4.69
C GLN A 463 -29.40 -14.37 5.99
N GLY A 464 -29.58 -13.69 7.12
CA GLY A 464 -29.10 -14.21 8.37
C GLY A 464 -30.09 -14.99 9.20
N SER A 465 -31.28 -15.26 8.66
CA SER A 465 -32.37 -15.82 9.46
C SER A 465 -32.02 -17.18 10.02
N THR A 466 -32.48 -17.45 11.24
CA THR A 466 -32.24 -18.72 11.93
C THR A 466 -33.53 -19.43 12.30
N GLY A 467 -34.65 -19.07 11.67
CA GLY A 467 -35.91 -19.70 11.97
C GLY A 467 -36.02 -21.06 11.32
N PRO A 468 -37.22 -21.66 11.39
CA PRO A 468 -37.40 -22.99 10.80
C PRO A 468 -37.21 -23.04 9.30
N ILE A 469 -37.51 -21.95 8.58
CA ILE A 469 -37.41 -21.95 7.12
C ILE A 469 -35.96 -22.07 6.68
N ALA A 470 -35.07 -21.30 7.30
CA ALA A 470 -33.66 -21.34 6.93
C ALA A 470 -32.94 -22.56 7.49
N GLN A 471 -33.52 -23.21 8.49
CA GLN A 471 -32.87 -24.36 9.13
C GLN A 471 -33.29 -25.70 8.56
N PHE A 472 -34.55 -25.84 8.12
CA PHE A 472 -35.04 -27.14 7.68
C PHE A 472 -35.77 -27.13 6.35
N ASN A 473 -35.99 -25.97 5.73
CA ASN A 473 -36.78 -25.90 4.51
C ASN A 473 -35.96 -25.45 3.31
N TYR A 474 -35.32 -24.29 3.39
CA TYR A 474 -34.59 -23.75 2.24
C TYR A 474 -33.56 -22.73 2.74
N LYS A 475 -32.31 -22.93 2.34
CA LYS A 475 -31.25 -21.96 2.57
C LYS A 475 -30.72 -21.51 1.21
N GLN A 476 -30.68 -20.21 0.99
CA GLN A 476 -30.25 -19.68 -0.30
C GLN A 476 -28.75 -19.87 -0.48
N ASP A 477 -28.36 -20.22 -1.70
CA ASP A 477 -26.96 -20.42 -2.05
C ASP A 477 -26.41 -19.15 -2.68
N PHE A 478 -25.25 -18.71 -2.18
CA PHE A 478 -24.65 -17.44 -2.59
C PHE A 478 -23.34 -17.62 -3.35
N THR A 479 -23.12 -18.79 -3.96
CA THR A 479 -21.93 -18.99 -4.77
C THR A 479 -22.03 -18.35 -6.15
N ASN A 480 -23.21 -17.90 -6.54
CA ASN A 480 -23.47 -17.29 -7.83
C ASN A 480 -24.23 -15.99 -7.61
N PRO A 481 -24.21 -15.08 -8.59
CA PRO A 481 -25.10 -13.91 -8.52
C PRO A 481 -26.56 -14.33 -8.43
N THR A 482 -27.22 -13.92 -7.34
CA THR A 482 -28.55 -14.39 -7.00
C THR A 482 -29.49 -13.23 -6.77
N CYS A 483 -30.78 -13.48 -7.01
CA CYS A 483 -31.85 -12.55 -6.67
C CYS A 483 -33.00 -13.35 -6.09
N ARG A 484 -33.42 -13.00 -4.88
CA ARG A 484 -34.61 -13.60 -4.27
C ARG A 484 -35.78 -12.63 -4.47
N ILE A 485 -36.84 -13.12 -5.10
CA ILE A 485 -38.01 -12.33 -5.42
C ILE A 485 -39.22 -12.93 -4.71
N LEU A 486 -39.91 -12.11 -3.94
CA LEU A 486 -41.17 -12.49 -3.31
C LEU A 486 -42.28 -11.66 -3.93
N ALA A 487 -43.29 -12.32 -4.48
CA ALA A 487 -44.33 -11.65 -5.22
C ALA A 487 -45.68 -12.28 -4.92
N ALA A 488 -46.74 -11.59 -5.33
CA ALA A 488 -48.10 -12.08 -5.23
C ALA A 488 -48.67 -12.23 -6.63
N VAL A 489 -49.56 -13.22 -6.80
CA VAL A 489 -50.17 -13.51 -8.08
C VAL A 489 -51.58 -12.91 -8.07
N PRO A 490 -51.84 -11.85 -8.84
CA PRO A 490 -53.16 -11.21 -8.75
C PRO A 490 -54.29 -12.04 -9.33
N SER A 491 -54.07 -12.70 -10.47
CA SER A 491 -55.11 -13.43 -11.16
C SER A 491 -55.00 -14.92 -10.82
N ASN A 492 -56.11 -15.51 -10.38
CA ASN A 492 -56.11 -16.91 -9.98
C ASN A 492 -56.07 -17.88 -11.15
N VAL A 493 -56.21 -17.38 -12.39
CA VAL A 493 -56.12 -18.25 -13.55
C VAL A 493 -54.69 -18.41 -14.07
N THR A 494 -53.73 -17.65 -13.50
CA THR A 494 -52.34 -17.78 -13.94
C THR A 494 -51.72 -19.07 -13.43
N ILE A 495 -51.69 -19.23 -12.11
CA ILE A 495 -51.17 -20.44 -11.46
C ILE A 495 -52.29 -21.03 -10.61
N PRO A 496 -52.55 -22.33 -10.69
CA PRO A 496 -53.60 -22.92 -9.84
C PRO A 496 -53.28 -22.78 -8.36
N LEU A 497 -54.31 -22.52 -7.58
CA LEU A 497 -54.15 -22.25 -6.16
C LEU A 497 -53.91 -23.56 -5.41
N PRO A 498 -52.82 -23.68 -4.64
CA PRO A 498 -52.67 -24.83 -3.75
C PRO A 498 -53.62 -24.73 -2.57
N GLN A 499 -53.75 -25.85 -1.86
CA GLN A 499 -54.67 -25.89 -0.73
C GLN A 499 -54.22 -24.99 0.42
N SER A 500 -52.93 -25.00 0.74
CA SER A 500 -52.44 -24.30 1.91
C SER A 500 -50.94 -24.09 1.79
N TYR A 501 -50.42 -23.21 2.64
CA TYR A 501 -48.98 -23.04 2.82
C TYR A 501 -48.49 -24.00 3.90
N MET A 502 -47.43 -24.74 3.61
CA MET A 502 -46.92 -25.73 4.55
C MET A 502 -45.39 -25.63 4.61
N TRP A 503 -44.84 -25.90 5.78
CA TRP A 503 -43.40 -25.86 5.98
C TRP A 503 -43.04 -26.74 7.17
N LEU A 504 -41.75 -26.98 7.33
CA LEU A 504 -41.22 -27.79 8.41
C LEU A 504 -40.73 -26.89 9.54
N THR A 505 -41.02 -27.27 10.77
CA THR A 505 -40.52 -26.54 11.94
C THR A 505 -39.28 -27.17 12.55
N GLN A 506 -39.20 -28.51 12.57
CA GLN A 506 -37.99 -29.18 13.02
C GLN A 506 -37.92 -30.56 12.39
N CYS A 507 -36.70 -31.07 12.24
CA CYS A 507 -36.45 -32.37 11.63
C CYS A 507 -35.26 -32.99 12.34
N TYR A 508 -35.49 -34.07 13.08
CA TYR A 508 -34.46 -34.68 13.91
C TYR A 508 -34.61 -36.19 13.89
N THR A 509 -33.56 -36.88 14.31
CA THR A 509 -33.58 -38.34 14.34
C THR A 509 -34.26 -38.86 15.60
N ASN A 510 -33.66 -38.62 16.77
CA ASN A 510 -34.18 -39.15 18.01
C ASN A 510 -34.63 -38.06 18.97
N SER A 511 -33.81 -37.04 19.16
CA SER A 511 -34.10 -35.89 20.00
C SER A 511 -33.80 -34.63 19.21
N PRO A 512 -34.40 -33.50 19.59
CA PRO A 512 -34.08 -32.23 18.92
C PRO A 512 -32.60 -31.85 18.96
N SER A 513 -31.82 -32.44 19.87
CA SER A 513 -30.37 -32.23 19.88
C SER A 513 -29.67 -32.89 18.70
N ASN A 514 -30.37 -33.71 17.92
CA ASN A 514 -29.79 -34.33 16.73
C ASN A 514 -30.53 -33.90 15.48
N SER A 515 -30.80 -32.60 15.36
CA SER A 515 -31.52 -32.07 14.21
C SER A 515 -30.68 -32.15 12.94
N HIS A 516 -31.37 -32.33 11.82
CA HIS A 516 -30.73 -32.39 10.51
C HIS A 516 -31.03 -31.09 9.78
N TYR A 517 -30.00 -30.26 9.60
CA TYR A 517 -30.16 -28.97 8.96
C TYR A 517 -30.01 -29.08 7.46
N VAL A 518 -30.79 -28.27 6.73
CA VAL A 518 -30.72 -28.29 5.28
C VAL A 518 -29.45 -27.59 4.80
N GLU A 519 -29.02 -27.96 3.61
CA GLU A 519 -27.85 -27.35 2.98
C GLU A 519 -28.30 -26.22 2.06
N ALA A 520 -27.33 -25.41 1.65
CA ALA A 520 -27.62 -24.27 0.78
C ALA A 520 -27.93 -24.78 -0.63
N GLY A 521 -29.17 -24.57 -1.07
CA GLY A 521 -29.59 -25.01 -2.39
C GLY A 521 -29.92 -26.47 -2.52
N SER A 522 -30.09 -27.19 -1.42
CA SER A 522 -30.40 -28.61 -1.45
C SER A 522 -31.70 -28.89 -0.71
N TYR A 523 -32.19 -30.11 -0.86
CA TYR A 523 -33.43 -30.54 -0.25
C TYR A 523 -33.19 -31.05 1.16
N THR A 524 -34.25 -31.03 1.97
CA THR A 524 -34.19 -31.43 3.37
C THR A 524 -34.10 -32.95 3.49
N PRO A 525 -33.42 -33.45 4.54
CA PRO A 525 -33.46 -34.91 4.79
C PRO A 525 -34.85 -35.43 5.12
N CYS A 526 -35.74 -34.58 5.65
CA CYS A 526 -37.08 -34.98 6.04
C CYS A 526 -38.10 -34.77 4.93
N LEU A 527 -37.68 -34.84 3.67
CA LEU A 527 -38.58 -34.58 2.55
C LEU A 527 -39.67 -35.65 2.44
N GLY A 528 -39.29 -36.91 2.62
CA GLY A 528 -40.27 -37.98 2.54
C GLY A 528 -41.30 -37.92 3.64
N LEU A 529 -40.89 -37.53 4.84
CA LEU A 529 -41.83 -37.35 5.94
C LEU A 529 -42.72 -36.13 5.72
N ALA A 530 -42.15 -35.04 5.21
CA ALA A 530 -42.91 -33.82 4.98
C ALA A 530 -43.82 -33.92 3.76
N SER A 531 -43.63 -34.92 2.90
CA SER A 531 -44.54 -35.12 1.78
C SER A 531 -45.94 -35.53 2.23
N ARG A 532 -46.08 -36.04 3.45
CA ARG A 532 -47.39 -36.44 3.95
C ARG A 532 -48.27 -35.25 4.29
N GLY A 533 -47.70 -34.07 4.44
CA GLY A 533 -48.48 -32.87 4.65
C GLY A 533 -48.73 -32.55 6.11
N PHE A 534 -49.08 -31.30 6.36
CA PHE A 534 -49.38 -30.82 7.70
C PHE A 534 -50.72 -30.07 7.66
N ASN A 535 -51.63 -30.46 8.53
CA ASN A 535 -52.96 -29.87 8.60
C ASN A 535 -53.35 -29.75 10.07
N THR A 536 -54.63 -29.55 10.33
CA THR A 536 -55.10 -29.46 11.72
C THR A 536 -54.86 -30.77 12.46
N PHE A 537 -55.12 -31.90 11.80
CA PHE A 537 -54.96 -33.19 12.45
C PHE A 537 -53.51 -33.63 12.48
N ASN A 538 -52.79 -33.49 11.36
CA ASN A 538 -51.42 -33.94 11.24
C ASN A 538 -50.46 -32.76 11.45
N SER A 539 -49.61 -32.88 12.48
CA SER A 539 -48.58 -31.89 12.72
C SER A 539 -47.21 -32.49 12.98
N MET A 540 -47.09 -33.82 13.04
CA MET A 540 -45.81 -34.49 13.17
C MET A 540 -45.89 -35.80 12.40
N HIS A 541 -44.77 -36.21 11.81
CA HIS A 541 -44.70 -37.47 11.11
C HIS A 541 -43.44 -38.20 11.53
N TYR A 542 -43.56 -39.51 11.73
CA TYR A 542 -42.48 -40.31 12.28
C TYR A 542 -42.30 -41.56 11.44
N ASP A 543 -41.05 -41.99 11.30
CA ASP A 543 -40.72 -43.22 10.61
C ASP A 543 -40.07 -44.18 11.59
N PRO A 544 -40.54 -45.43 11.68
CA PRO A 544 -39.98 -46.36 12.67
C PRO A 544 -38.66 -46.98 12.23
N ALA A 545 -38.45 -47.08 10.91
CA ALA A 545 -37.30 -47.81 10.40
C ALA A 545 -36.00 -47.06 10.66
N THR A 546 -35.86 -45.86 10.11
CA THR A 546 -34.68 -45.05 10.37
C THR A 546 -34.79 -44.22 11.63
N GLY A 547 -35.97 -44.14 12.23
CA GLY A 547 -36.17 -43.34 13.43
C GLY A 547 -36.51 -41.89 13.18
N LEU A 548 -36.46 -41.42 11.92
CA LEU A 548 -36.54 -40.01 11.62
C LEU A 548 -37.89 -39.42 12.00
N THR A 549 -37.88 -38.16 12.45
CA THR A 549 -39.07 -37.44 12.85
C THR A 549 -39.08 -36.07 12.18
N ALA A 550 -40.27 -35.62 11.78
CA ALA A 550 -40.44 -34.32 11.16
C ALA A 550 -41.69 -33.65 11.71
N THR A 551 -41.56 -32.40 12.12
CA THR A 551 -42.66 -31.61 12.65
C THR A 551 -42.82 -30.35 11.80
N GLY A 552 -44.06 -30.01 11.48
CA GLY A 552 -44.31 -28.86 10.62
C GLY A 552 -45.57 -28.12 10.98
N SER A 553 -45.70 -26.93 10.43
CA SER A 553 -46.85 -26.06 10.62
C SER A 553 -47.53 -25.80 9.28
N TYR A 554 -48.58 -24.98 9.31
CA TYR A 554 -49.35 -24.72 8.10
C TYR A 554 -50.08 -23.39 8.22
N GLN A 555 -50.47 -22.87 7.07
CA GLN A 555 -51.39 -21.75 6.95
C GLN A 555 -52.59 -22.22 6.14
N TYR A 556 -53.47 -21.30 5.77
CA TYR A 556 -54.59 -21.63 4.90
C TYR A 556 -54.74 -20.58 3.83
N ILE A 557 -55.10 -21.02 2.63
CA ILE A 557 -55.39 -20.13 1.51
C ILE A 557 -56.90 -20.19 1.27
N SER A 558 -57.60 -19.09 1.55
CA SER A 558 -59.03 -19.00 1.33
C SER A 558 -59.36 -17.63 0.77
N GLU A 559 -59.63 -17.58 -0.54
CA GLU A 559 -60.11 -16.39 -1.24
C GLU A 559 -59.13 -15.22 -1.13
N GLU A 560 -57.84 -15.49 -1.09
CA GLU A 560 -56.82 -14.46 -1.21
C GLU A 560 -55.88 -14.83 -2.34
N ALA A 561 -55.10 -13.83 -2.79
CA ALA A 561 -54.15 -14.03 -3.86
C ALA A 561 -53.03 -14.97 -3.43
N LEU A 562 -52.47 -15.68 -4.40
CA LEU A 562 -51.36 -16.58 -4.14
C LEU A 562 -50.07 -15.78 -3.98
N GLU A 563 -49.27 -16.13 -2.98
CA GLU A 563 -47.98 -15.52 -2.73
C GLU A 563 -46.89 -16.54 -3.00
N MET A 564 -45.91 -16.14 -3.80
CA MET A 564 -44.84 -17.04 -4.24
C MET A 564 -43.49 -16.45 -3.89
N ALA A 565 -42.48 -17.31 -3.87
CA ALA A 565 -41.10 -16.91 -3.68
C ALA A 565 -40.27 -17.47 -4.83
N PHE A 566 -39.44 -16.62 -5.42
CA PHE A 566 -38.57 -17.01 -6.52
C PHE A 566 -37.14 -16.69 -6.12
N ILE A 567 -36.29 -17.72 -6.10
CA ILE A 567 -34.86 -17.53 -5.89
C ILE A 567 -34.18 -17.87 -7.21
N ILE A 568 -33.58 -16.88 -7.84
CA ILE A 568 -32.96 -17.05 -9.15
C ILE A 568 -31.46 -16.89 -9.02
N SER A 569 -30.75 -17.44 -10.00
CA SER A 569 -29.30 -17.37 -10.03
C SER A 569 -28.84 -17.45 -11.48
N VAL A 570 -27.75 -16.76 -11.79
CA VAL A 570 -27.20 -16.70 -13.14
C VAL A 570 -25.72 -17.04 -13.09
N GLN A 571 -25.20 -17.45 -14.24
CA GLN A 571 -23.78 -17.75 -14.40
C GLN A 571 -23.26 -17.05 -15.63
N TYR A 572 -21.97 -16.70 -15.61
CA TYR A 572 -21.34 -15.95 -16.68
C TYR A 572 -20.11 -16.70 -17.19
N GLY A 573 -19.99 -16.79 -18.52
CA GLY A 573 -18.79 -17.34 -19.11
C GLY A 573 -18.62 -18.83 -18.99
N THR A 574 -19.70 -19.57 -18.74
CA THR A 574 -19.63 -21.02 -18.55
C THR A 574 -20.27 -21.79 -19.71
N ASP A 575 -20.59 -21.12 -20.81
CA ASP A 575 -21.20 -21.80 -21.94
C ASP A 575 -20.95 -20.97 -23.19
N SER A 576 -21.02 -21.65 -24.34
CA SER A 576 -20.88 -20.96 -25.62
C SER A 576 -22.14 -20.20 -25.99
N ASN A 577 -23.31 -20.72 -25.64
CA ASN A 577 -24.57 -20.05 -25.86
C ASN A 577 -24.98 -19.28 -24.61
N SER A 578 -25.97 -18.41 -24.76
CA SER A 578 -26.39 -17.55 -23.67
C SER A 578 -27.91 -17.52 -23.56
N VAL A 579 -28.38 -17.19 -22.36
CA VAL A 579 -29.79 -16.92 -22.10
C VAL A 579 -29.98 -15.40 -22.13
N CYS A 580 -30.86 -14.92 -22.99
CA CYS A 580 -31.02 -13.49 -23.19
C CYS A 580 -32.48 -13.11 -23.09
N PRO A 581 -32.83 -12.08 -22.32
CA PRO A 581 -34.18 -11.51 -22.40
C PRO A 581 -34.41 -10.90 -23.78
N LEU A 582 -35.67 -10.90 -24.21
CA LEU A 582 -35.99 -10.46 -25.56
C LEU A 582 -35.73 -8.96 -25.76
N GLN A 583 -35.68 -8.17 -24.69
CA GLN A 583 -35.30 -6.78 -24.81
C GLN A 583 -33.80 -6.57 -24.96
N ALA A 584 -33.00 -7.62 -24.77
CA ALA A 584 -31.56 -7.55 -24.94
C ALA A 584 -31.09 -8.10 -26.27
N VAL A 585 -32.01 -8.41 -27.18
CA VAL A 585 -31.68 -8.98 -28.48
C VAL A 585 -31.72 -7.88 -29.53
N HIS A 586 -30.58 -7.62 -30.16
CA HIS A 586 -30.45 -6.56 -31.15
C HIS A 586 -30.30 -7.18 -32.54
N ASN A 587 -30.23 -6.30 -33.55
CA ASN A 587 -30.07 -6.74 -34.92
C ASN A 587 -28.63 -7.15 -35.18
N ASP A 588 -28.46 -8.21 -35.98
CA ASP A 588 -27.13 -8.71 -36.31
C ASP A 588 -26.46 -7.78 -37.31
N THR A 589 -25.20 -7.43 -37.04
CA THR A 589 -24.37 -6.69 -37.97
C THR A 589 -23.21 -7.57 -38.41
N LYS A 590 -22.30 -6.99 -39.18
CA LYS A 590 -21.16 -7.72 -39.71
C LYS A 590 -19.85 -7.03 -39.34
N VAL A 591 -18.82 -7.86 -39.12
CA VAL A 591 -17.50 -7.36 -38.76
C VAL A 591 -16.62 -7.07 -39.97
N ASP A 592 -17.02 -7.56 -41.15
CA ASP A 592 -16.22 -7.44 -42.37
C ASP A 592 -15.95 -6.00 -42.80
N ASP A 593 -16.63 -5.03 -42.19
CA ASP A 593 -16.40 -3.63 -42.48
C ASP A 593 -15.83 -2.86 -41.29
N LYS A 594 -15.73 -3.47 -40.11
CA LYS A 594 -15.21 -2.81 -38.92
C LYS A 594 -13.87 -3.39 -38.46
N LEU A 595 -13.15 -4.05 -39.35
CA LEU A 595 -11.87 -4.64 -38.96
C LEU A 595 -10.83 -3.56 -38.69
N GLY A 596 -9.95 -3.84 -37.73
CA GLY A 596 -8.80 -2.99 -37.46
C GLY A 596 -9.07 -1.80 -36.57
N ARG A 597 -10.29 -1.61 -36.10
CA ARG A 597 -10.62 -0.48 -35.24
C ARG A 597 -11.36 -0.97 -34.01
N CYS A 598 -11.29 -0.15 -32.96
CA CYS A 598 -11.96 -0.47 -31.70
C CYS A 598 -13.48 -0.41 -31.89
N ILE A 599 -14.15 -1.55 -31.76
CA ILE A 599 -15.59 -1.64 -31.88
C ILE A 599 -16.13 -2.41 -30.68
N GLU A 600 -17.40 -2.18 -30.39
CA GLU A 600 -18.12 -2.93 -29.36
C GLU A 600 -18.76 -4.15 -29.98
N TYR A 601 -18.71 -5.28 -29.27
CA TYR A 601 -19.22 -6.53 -29.81
C TYR A 601 -20.19 -7.17 -28.81
N SER A 602 -21.10 -7.98 -29.35
CA SER A 602 -22.03 -8.80 -28.58
C SER A 602 -22.13 -10.14 -29.30
N LEU A 603 -21.28 -11.09 -28.92
CA LEU A 603 -21.12 -12.35 -29.63
C LEU A 603 -21.75 -13.48 -28.83
N TYR A 604 -22.96 -13.88 -29.24
CA TYR A 604 -23.72 -14.95 -28.58
C TYR A 604 -23.89 -14.66 -27.09
N GLY A 605 -24.17 -13.40 -26.77
CA GLY A 605 -24.37 -12.97 -25.41
C GLY A 605 -23.13 -12.46 -24.70
N VAL A 606 -21.94 -12.71 -25.24
CA VAL A 606 -20.70 -12.22 -24.66
C VAL A 606 -20.45 -10.81 -25.19
N THR A 607 -20.35 -9.85 -24.28
CA THR A 607 -20.27 -8.44 -24.64
C THR A 607 -18.92 -7.87 -24.25
N GLY A 608 -18.53 -6.82 -24.96
CA GLY A 608 -17.27 -6.16 -24.69
C GLY A 608 -16.91 -5.25 -25.85
N ARG A 609 -15.68 -4.74 -25.79
CA ARG A 609 -15.13 -3.92 -26.86
C ARG A 609 -13.73 -4.42 -27.20
N GLY A 610 -13.35 -4.26 -28.46
CA GLY A 610 -12.04 -4.73 -28.89
C GLY A 610 -11.80 -4.43 -30.34
N VAL A 611 -10.69 -4.96 -30.85
CA VAL A 611 -10.27 -4.80 -32.24
C VAL A 611 -10.25 -6.17 -32.89
N PHE A 612 -10.90 -6.29 -34.04
CA PHE A 612 -11.07 -7.56 -34.72
C PHE A 612 -10.21 -7.61 -35.98
N GLN A 613 -9.48 -8.72 -36.15
CA GLN A 613 -8.69 -8.97 -37.34
C GLN A 613 -8.94 -10.39 -37.82
N ASN A 614 -8.88 -10.57 -39.14
CA ASN A 614 -8.98 -11.90 -39.74
C ASN A 614 -7.70 -12.66 -39.45
N CYS A 615 -7.73 -13.51 -38.43
CA CYS A 615 -6.54 -14.21 -37.94
C CYS A 615 -6.59 -15.68 -38.31
N THR A 616 -5.46 -16.35 -38.10
CA THR A 616 -5.34 -17.77 -38.40
C THR A 616 -6.14 -18.59 -37.39
N PRO A 617 -6.97 -19.54 -37.84
CA PRO A 617 -7.82 -20.29 -36.89
C PRO A 617 -7.01 -21.15 -35.93
N VAL A 618 -7.23 -20.91 -34.64
CA VAL A 618 -6.63 -21.70 -33.57
C VAL A 618 -7.72 -22.04 -32.57
N GLY A 619 -7.41 -22.98 -31.69
CA GLY A 619 -8.38 -23.41 -30.69
C GLY A 619 -9.41 -24.34 -31.29
N LEU A 620 -10.54 -24.46 -30.59
CA LEU A 620 -11.61 -25.35 -30.99
C LEU A 620 -12.75 -24.56 -31.62
N LYS A 621 -13.23 -25.03 -32.77
CA LYS A 621 -14.34 -24.38 -33.45
C LYS A 621 -15.63 -24.51 -32.64
N GLN A 622 -15.85 -25.67 -32.02
CA GLN A 622 -17.13 -25.94 -31.36
C GLN A 622 -17.33 -25.09 -30.12
N GLN A 623 -16.24 -24.68 -29.45
CA GLN A 623 -16.38 -23.90 -28.23
C GLN A 623 -16.58 -22.41 -28.50
N ARG A 624 -16.26 -21.95 -29.71
CA ARG A 624 -16.60 -20.64 -30.26
C ARG A 624 -15.80 -19.49 -29.63
N PHE A 625 -15.10 -19.76 -28.53
CA PHE A 625 -14.40 -18.71 -27.81
C PHE A 625 -13.01 -19.19 -27.42
N VAL A 626 -12.01 -18.34 -27.66
CA VAL A 626 -10.64 -18.62 -27.29
C VAL A 626 -10.22 -17.61 -26.24
N TYR A 627 -9.65 -18.10 -25.14
CA TYR A 627 -9.25 -17.27 -24.03
C TYR A 627 -7.76 -17.44 -23.75
N ASP A 628 -7.17 -16.43 -23.12
CA ASP A 628 -5.79 -16.49 -22.68
C ASP A 628 -5.74 -16.95 -21.23
N GLY A 629 -4.56 -16.86 -20.62
CA GLY A 629 -4.41 -17.26 -19.23
C GLY A 629 -4.99 -16.30 -18.22
N PHE A 630 -5.47 -15.14 -18.64
CA PHE A 630 -6.03 -14.13 -17.75
C PHE A 630 -7.53 -13.97 -17.94
N ASP A 631 -8.19 -14.97 -18.53
CA ASP A 631 -9.65 -14.99 -18.73
C ASP A 631 -10.11 -13.79 -19.56
N ASN A 632 -9.41 -13.55 -20.68
CA ASN A 632 -9.78 -12.51 -21.62
C ASN A 632 -10.00 -13.14 -22.99
N LEU A 633 -11.02 -12.65 -23.70
CA LEU A 633 -11.30 -13.15 -25.04
C LEU A 633 -10.23 -12.67 -26.01
N VAL A 634 -9.58 -13.61 -26.69
CA VAL A 634 -8.55 -13.29 -27.68
C VAL A 634 -8.90 -13.78 -29.07
N GLY A 635 -9.98 -14.54 -29.24
CA GLY A 635 -10.35 -15.04 -30.54
C GLY A 635 -11.82 -15.39 -30.56
N TYR A 636 -12.32 -15.62 -31.77
CA TYR A 636 -13.74 -15.90 -31.95
C TYR A 636 -13.94 -16.68 -33.24
N HIS A 637 -14.60 -17.83 -33.13
CA HIS A 637 -14.96 -18.63 -34.31
C HIS A 637 -16.35 -18.21 -34.73
N SER A 638 -16.42 -17.43 -35.81
CA SER A 638 -17.68 -16.85 -36.24
C SER A 638 -18.50 -17.84 -37.05
N ASP A 639 -19.75 -17.47 -37.33
CA ASP A 639 -20.65 -18.31 -38.09
C ASP A 639 -20.46 -18.17 -39.60
N ASN A 640 -19.65 -17.22 -40.05
CA ASN A 640 -19.38 -17.07 -41.47
C ASN A 640 -18.22 -17.94 -41.94
N GLY A 641 -17.65 -18.74 -41.05
CA GLY A 641 -16.55 -19.62 -41.38
C GLY A 641 -15.18 -19.05 -41.09
N ASN A 642 -15.09 -17.77 -40.74
CA ASN A 642 -13.82 -17.12 -40.47
C ASN A 642 -13.54 -17.07 -38.98
N TYR A 643 -12.26 -17.10 -38.64
CA TYR A 643 -11.80 -16.94 -37.26
C TYR A 643 -11.27 -15.52 -37.11
N TYR A 644 -11.83 -14.79 -36.16
CA TYR A 644 -11.42 -13.42 -35.88
C TYR A 644 -10.73 -13.37 -34.54
N CYS A 645 -9.51 -12.84 -34.52
CA CYS A 645 -8.77 -12.68 -33.28
C CYS A 645 -9.09 -11.33 -32.65
N VAL A 646 -9.47 -11.35 -31.39
CA VAL A 646 -9.93 -10.16 -30.68
C VAL A 646 -8.75 -9.57 -29.93
N ARG A 647 -8.56 -8.26 -30.08
CA ARG A 647 -7.45 -7.54 -29.47
C ARG A 647 -7.99 -6.38 -28.66
N PRO A 648 -7.32 -6.01 -27.56
CA PRO A 648 -7.79 -4.87 -26.78
C PRO A 648 -7.64 -3.56 -27.54
N CYS A 649 -8.47 -2.59 -27.19
CA CYS A 649 -8.40 -1.28 -27.80
C CYS A 649 -7.17 -0.54 -27.28
N VAL A 650 -6.38 0.02 -28.20
CA VAL A 650 -5.10 0.62 -27.86
C VAL A 650 -5.17 2.12 -28.11
N SER A 651 -4.29 2.85 -27.43
CA SER A 651 -4.20 4.30 -27.54
C SER A 651 -2.80 4.71 -27.94
N VAL A 652 -2.71 5.68 -28.84
CA VAL A 652 -1.41 6.16 -29.32
C VAL A 652 -0.77 7.05 -28.26
N PRO A 653 0.46 6.77 -27.83
CA PRO A 653 1.12 7.66 -26.86
C PRO A 653 1.47 9.00 -27.48
N VAL A 654 1.26 10.06 -26.71
CA VAL A 654 1.46 11.43 -27.17
C VAL A 654 2.41 12.13 -26.20
N SER A 655 3.41 12.82 -26.74
CA SER A 655 4.33 13.62 -25.95
C SER A 655 4.39 15.03 -26.53
N VAL A 656 4.66 16.00 -25.66
CA VAL A 656 4.74 17.41 -26.04
C VAL A 656 6.17 17.87 -25.85
N ILE A 657 6.75 18.46 -26.89
CA ILE A 657 8.07 19.09 -26.82
C ILE A 657 7.83 20.58 -26.65
N TYR A 658 7.97 21.07 -25.42
CA TYR A 658 7.67 22.44 -25.08
C TYR A 658 8.95 23.22 -24.79
N ASP A 659 9.06 24.41 -25.37
CA ASP A 659 10.12 25.35 -25.05
C ASP A 659 9.48 26.60 -24.46
N LYS A 660 9.89 26.97 -23.25
CA LYS A 660 9.23 28.05 -22.54
C LYS A 660 9.62 29.41 -23.11
N ALA A 661 10.90 29.60 -23.45
CA ALA A 661 11.39 30.91 -23.84
C ALA A 661 10.78 31.37 -25.16
N THR A 662 10.75 30.50 -26.17
CA THR A 662 10.18 30.86 -27.46
C THR A 662 8.69 30.60 -27.53
N ASN A 663 8.10 29.97 -26.51
CA ASN A 663 6.67 29.62 -26.47
C ASN A 663 6.25 28.81 -27.68
N ASN A 664 7.10 27.87 -28.09
CA ASN A 664 6.82 26.98 -29.21
C ASN A 664 6.68 25.56 -28.71
N HIS A 665 5.75 24.82 -29.28
CA HIS A 665 5.50 23.44 -28.87
C HIS A 665 5.43 22.54 -30.09
N ALA A 666 5.84 21.29 -29.90
CA ALA A 666 5.77 20.26 -30.93
C ALA A 666 5.22 18.98 -30.30
N THR A 667 4.61 18.14 -31.12
CA THR A 667 3.97 16.93 -30.67
C THR A 667 4.75 15.72 -31.16
N LEU A 668 5.14 14.85 -30.24
CA LEU A 668 5.82 13.60 -30.56
C LEU A 668 4.86 12.45 -30.31
N PHE A 669 4.58 11.68 -31.35
CA PHE A 669 3.79 10.47 -31.25
C PHE A 669 4.74 9.29 -31.16
N GLY A 670 4.81 8.68 -29.98
CA GLY A 670 5.86 7.71 -29.70
C GLY A 670 5.65 6.41 -30.45
N SER A 671 6.61 6.06 -31.30
CA SER A 671 6.72 4.74 -31.95
C SER A 671 5.48 4.42 -32.79
N VAL A 672 5.19 5.30 -33.75
CA VAL A 672 4.09 5.09 -34.67
C VAL A 672 4.40 5.82 -35.97
N ALA A 673 4.05 5.19 -37.10
CA ALA A 673 4.26 5.81 -38.40
C ALA A 673 3.28 6.95 -38.61
N CYS A 674 3.66 7.87 -39.49
CA CYS A 674 2.87 9.08 -39.71
C CYS A 674 1.58 8.81 -40.46
N GLU A 675 1.45 7.66 -41.11
CA GLU A 675 0.20 7.33 -41.78
C GLU A 675 -0.92 7.06 -40.77
N HIS A 676 -0.58 6.43 -39.64
CA HIS A 676 -1.57 6.20 -38.60
C HIS A 676 -2.04 7.50 -37.96
N VAL A 677 -1.16 8.51 -37.91
CA VAL A 677 -1.56 9.81 -37.40
C VAL A 677 -2.57 10.47 -38.33
N ASP A 678 -2.43 10.25 -39.63
CA ASP A 678 -3.35 10.80 -40.62
C ASP A 678 -4.74 10.18 -40.50
N ALA A 700 6.79 22.52 -39.07
CA ALA A 700 6.40 21.93 -40.34
C ALA A 700 5.42 20.78 -40.12
N GLY A 701 5.22 19.97 -41.16
CA GLY A 701 4.28 18.88 -41.09
C GLY A 701 4.87 17.65 -40.44
N PRO A 702 4.09 16.56 -40.45
CA PRO A 702 4.57 15.30 -39.87
C PRO A 702 5.76 14.73 -40.64
N MET A 703 6.65 14.09 -39.90
CA MET A 703 7.80 13.40 -40.50
C MET A 703 8.18 12.24 -39.60
N GLN A 704 8.85 11.26 -40.19
CA GLN A 704 9.22 10.03 -39.50
C GLN A 704 10.64 10.17 -38.95
N THR A 705 10.78 10.03 -37.63
CA THR A 705 12.06 10.02 -36.96
C THR A 705 12.34 8.64 -36.39
N SER A 706 13.47 8.50 -35.71
CA SER A 706 13.80 7.23 -35.08
C SER A 706 12.94 6.95 -33.85
N VAL A 707 12.31 7.98 -33.29
CA VAL A 707 11.55 7.85 -32.06
C VAL A 707 10.05 7.99 -32.31
N GLY A 708 9.62 7.90 -33.58
CA GLY A 708 8.22 8.01 -33.90
C GLY A 708 7.93 9.11 -34.90
N CYS A 709 6.69 9.58 -34.94
CA CYS A 709 6.27 10.63 -35.86
C CYS A 709 6.14 11.94 -35.07
N VAL A 710 6.87 12.96 -35.49
CA VAL A 710 6.84 14.26 -34.84
C VAL A 710 6.08 15.24 -35.72
N VAL A 711 5.40 16.18 -35.08
CA VAL A 711 4.68 17.25 -35.76
C VAL A 711 5.11 18.57 -35.14
N GLY A 712 5.47 19.52 -36.00
CA GLY A 712 5.89 20.84 -35.54
C GLY A 712 7.37 21.09 -35.56
N LEU A 713 8.17 20.12 -36.01
CA LEU A 713 9.60 20.31 -36.15
C LEU A 713 9.96 20.55 -37.61
N VAL A 714 11.07 21.23 -37.83
CA VAL A 714 11.62 21.45 -39.17
C VAL A 714 12.97 20.77 -39.23
N ASN A 715 13.16 19.95 -40.27
CA ASN A 715 14.39 19.18 -40.43
C ASN A 715 15.34 19.94 -41.35
N THR A 716 16.54 20.23 -40.84
CA THR A 716 17.52 20.97 -41.62
C THR A 716 18.92 20.37 -41.50
N SER A 717 19.02 19.11 -41.06
CA SER A 717 20.31 18.41 -40.88
C SER A 717 21.23 19.17 -39.94
N LEU A 718 20.66 19.79 -38.91
CA LEU A 718 21.44 20.55 -37.94
C LEU A 718 22.08 19.61 -36.93
N ILE A 719 23.33 19.90 -36.59
CA ILE A 719 24.08 19.14 -35.60
C ILE A 719 24.43 20.08 -34.44
N VAL A 720 24.12 19.66 -33.23
CA VAL A 720 24.37 20.46 -32.03
C VAL A 720 25.20 19.65 -31.05
N ASP A 721 25.98 20.37 -30.23
CA ASP A 721 26.80 19.70 -29.23
C ASP A 721 25.97 19.29 -28.02
N ASN A 722 25.33 20.25 -27.37
CA ASN A 722 24.43 19.98 -26.26
C ASN A 722 23.11 20.68 -26.50
N CYS A 723 22.03 20.06 -26.02
CA CYS A 723 20.69 20.62 -26.18
C CYS A 723 19.82 20.16 -25.02
N GLN A 724 18.75 20.92 -24.78
CA GLN A 724 17.96 20.77 -23.57
C GLN A 724 16.63 20.07 -23.80
N LEU A 725 16.34 19.63 -25.03
CA LEU A 725 15.08 18.94 -25.34
C LEU A 725 15.39 17.64 -26.06
N PRO A 726 15.91 16.64 -25.36
CA PRO A 726 16.30 15.38 -26.02
C PRO A 726 15.08 14.51 -26.30
N LEU A 727 14.95 14.07 -27.55
CA LEU A 727 13.87 13.20 -27.97
C LEU A 727 14.23 11.73 -27.89
N GLY A 728 15.50 11.40 -27.63
CA GLY A 728 15.96 10.03 -27.65
C GLY A 728 16.58 9.65 -28.99
N GLN A 729 17.37 8.58 -28.96
CA GLN A 729 18.11 8.07 -30.12
C GLN A 729 18.98 9.16 -30.75
N SER A 730 19.66 9.92 -29.90
CA SER A 730 20.59 10.99 -30.27
C SER A 730 19.91 12.10 -31.07
N LEU A 731 18.59 12.24 -30.94
CA LEU A 731 17.84 13.29 -31.60
C LEU A 731 17.31 14.25 -30.55
N CYS A 732 17.27 15.54 -30.90
CA CYS A 732 16.76 16.52 -29.95
C CYS A 732 16.22 17.72 -30.70
N ALA A 733 15.34 18.47 -30.04
CA ALA A 733 14.72 19.66 -30.60
C ALA A 733 15.46 20.89 -30.12
N VAL A 734 15.81 21.76 -31.06
CA VAL A 734 16.60 22.96 -30.77
C VAL A 734 15.74 24.16 -31.11
N PRO A 735 15.54 25.11 -30.19
CA PRO A 735 14.77 26.31 -30.51
C PRO A 735 15.55 27.23 -31.42
N ALA A 736 14.84 27.84 -32.36
CA ALA A 736 15.42 28.80 -33.30
C ALA A 736 14.78 30.17 -33.07
N THR A 737 15.61 31.21 -33.05
CA THR A 737 15.12 32.56 -32.82
C THR A 737 14.45 33.13 -34.06
N SER A 747 9.21 31.36 -36.21
CA SER A 747 10.12 30.67 -35.30
C SER A 747 9.52 29.36 -34.82
N SER A 748 10.22 28.26 -35.10
CA SER A 748 9.78 26.93 -34.70
C SER A 748 11.00 26.11 -34.31
N LEU A 749 10.75 25.07 -33.52
CA LEU A 749 11.82 24.18 -33.08
C LEU A 749 12.35 23.37 -34.26
N GLN A 750 13.65 23.07 -34.21
CA GLN A 750 14.35 22.35 -35.28
C GLN A 750 14.73 20.96 -34.80
N LEU A 751 14.56 19.98 -35.69
CA LEU A 751 15.01 18.62 -35.41
C LEU A 751 16.50 18.55 -35.64
N ALA A 752 17.26 18.31 -34.57
CA ALA A 752 18.71 18.28 -34.63
C ALA A 752 19.23 16.94 -34.11
N THR A 753 20.54 16.74 -34.25
CA THR A 753 21.20 15.52 -33.85
C THR A 753 22.34 15.86 -32.89
N ILE A 754 22.58 14.98 -31.92
CA ILE A 754 23.64 15.21 -30.95
C ILE A 754 24.99 14.92 -31.59
N ASN A 755 25.92 15.87 -31.46
CA ASN A 755 27.23 15.76 -32.07
C ASN A 755 28.15 14.88 -31.25
N PHE A 756 28.88 14.00 -31.94
CA PHE A 756 29.95 13.22 -31.34
C PHE A 756 31.27 13.83 -31.83
N THR A 757 31.97 14.53 -30.94
CA THR A 757 33.26 15.08 -31.30
C THR A 757 34.28 13.97 -31.49
N GLU A 758 35.18 14.16 -32.44
CA GLU A 758 36.14 13.10 -32.69
C GLU A 758 37.47 13.39 -32.01
N PRO A 759 38.08 12.40 -31.38
CA PRO A 759 39.40 12.61 -30.78
C PRO A 759 40.46 12.88 -31.82
N HIS A 760 41.48 13.63 -31.42
CA HIS A 760 42.58 13.96 -32.32
C HIS A 760 43.38 12.70 -32.61
N MET A 761 43.42 12.31 -33.89
CA MET A 761 44.08 11.07 -34.27
C MET A 761 45.59 11.27 -34.38
N LEU A 762 46.35 10.41 -33.71
CA LEU A 762 47.80 10.44 -33.73
C LEU A 762 48.33 9.13 -34.27
N THR A 763 49.23 9.21 -35.25
CA THR A 763 49.78 8.02 -35.89
C THR A 763 51.22 7.83 -35.44
N PRO A 764 51.55 6.69 -34.82
CA PRO A 764 52.95 6.44 -34.45
C PRO A 764 53.84 6.31 -35.67
N ILE A 765 55.10 6.72 -35.50
CA ILE A 765 56.07 6.68 -36.58
C ILE A 765 56.81 5.34 -36.52
N ASN A 766 57.39 4.96 -37.66
CA ASN A 766 58.06 3.67 -37.80
C ASN A 766 59.57 3.86 -37.61
N SER A 767 59.97 3.92 -36.34
CA SER A 767 61.38 4.03 -35.96
C SER A 767 61.50 3.61 -34.49
N SER A 768 62.67 3.83 -33.92
CA SER A 768 62.89 3.61 -32.50
C SER A 768 62.48 4.82 -31.66
N ARG A 769 62.01 5.88 -32.29
CA ARG A 769 61.55 7.08 -31.62
C ARG A 769 60.04 7.19 -31.75
N PHE A 770 59.45 8.03 -30.90
CA PHE A 770 58.00 8.23 -30.91
C PHE A 770 57.70 9.71 -30.74
N ILE A 771 56.53 10.11 -31.23
CA ILE A 771 56.06 11.50 -31.15
C ILE A 771 55.16 11.61 -29.93
N VAL A 772 55.40 12.66 -29.12
CA VAL A 772 54.61 12.91 -27.93
C VAL A 772 54.14 14.36 -27.96
N GLU A 773 52.87 14.59 -27.65
CA GLU A 773 52.31 15.93 -27.56
C GLU A 773 52.50 16.43 -26.13
N ILE A 774 53.36 17.42 -25.96
CA ILE A 774 53.72 17.96 -24.65
C ILE A 774 53.16 19.38 -24.56
N PRO A 775 52.52 19.74 -23.46
CA PRO A 775 51.92 21.08 -23.36
C PRO A 775 52.96 22.20 -23.38
N THR A 776 52.56 23.32 -23.97
CA THR A 776 53.34 24.56 -23.92
C THR A 776 52.59 25.70 -23.26
N ASN A 777 51.27 25.60 -23.11
CA ASN A 777 50.47 26.57 -22.38
C ASN A 777 49.46 25.82 -21.54
N PHE A 778 48.99 26.46 -20.48
CA PHE A 778 48.11 25.79 -19.55
C PHE A 778 47.19 26.79 -18.88
N SER A 779 46.13 26.27 -18.27
CA SER A 779 45.22 27.04 -17.43
C SER A 779 44.90 26.20 -16.20
N PHE A 780 44.09 26.76 -15.31
CA PHE A 780 43.64 26.06 -14.12
C PHE A 780 42.13 25.90 -14.20
N GLY A 781 41.68 24.64 -14.21
CA GLY A 781 40.26 24.33 -14.28
C GLY A 781 39.73 23.93 -12.91
N VAL A 782 38.56 24.44 -12.57
CA VAL A 782 37.93 24.18 -11.29
C VAL A 782 36.75 23.25 -11.53
N THR A 783 36.81 22.05 -10.94
CA THR A 783 35.74 21.08 -11.05
C THR A 783 34.92 21.12 -9.77
N GLN A 784 33.63 21.43 -9.91
CA GLN A 784 32.74 21.56 -8.76
C GLN A 784 31.96 20.27 -8.58
N GLU A 785 31.97 19.75 -7.35
CA GLU A 785 31.29 18.50 -7.03
C GLU A 785 30.52 18.67 -5.73
N PHE A 786 29.28 18.20 -5.71
CA PHE A 786 28.45 18.20 -4.52
C PHE A 786 28.20 16.78 -4.07
N ILE A 787 28.52 16.49 -2.81
CA ILE A 787 28.25 15.19 -2.22
C ILE A 787 27.29 15.41 -1.05
N GLN A 788 26.12 14.79 -1.13
CA GLN A 788 25.15 14.87 -0.06
C GLN A 788 25.61 14.06 1.15
N THR A 789 25.44 14.62 2.33
CA THR A 789 25.80 13.91 3.55
C THR A 789 24.63 13.61 4.46
N THR A 790 23.48 14.25 4.25
CA THR A 790 22.36 14.11 5.17
C THR A 790 21.06 14.42 4.44
N ILE A 791 19.95 14.03 5.06
CA ILE A 791 18.62 14.38 4.61
C ILE A 791 17.90 15.11 5.74
N GLN A 792 16.73 15.63 5.43
CA GLN A 792 15.93 16.31 6.44
C GLN A 792 15.36 15.29 7.42
N LYS A 793 15.48 15.58 8.71
CA LYS A 793 14.97 14.70 9.75
C LYS A 793 13.51 15.05 10.03
N VAL A 794 12.63 14.08 9.81
CA VAL A 794 11.19 14.27 9.95
C VAL A 794 10.66 13.23 10.93
N THR A 795 9.90 13.69 11.93
CA THR A 795 9.14 12.82 12.80
C THR A 795 7.67 13.13 12.64
N VAL A 796 6.83 12.11 12.81
CA VAL A 796 5.40 12.21 12.57
C VAL A 796 4.66 11.78 13.83
N ASP A 797 3.68 12.59 14.24
CA ASP A 797 2.75 12.18 15.29
C ASP A 797 1.63 11.40 14.63
N CYS A 798 1.65 10.07 14.81
CA CYS A 798 0.76 9.19 14.05
C CYS A 798 -0.71 9.44 14.38
N LYS A 799 -1.03 9.62 15.66
CA LYS A 799 -2.41 9.82 16.07
C LYS A 799 -2.96 11.16 15.56
N GLN A 800 -2.17 12.22 15.69
CA GLN A 800 -2.59 13.54 15.20
C GLN A 800 -2.70 13.55 13.68
N TYR A 801 -1.77 12.89 12.99
CA TYR A 801 -1.83 12.83 11.53
C TYR A 801 -3.06 12.07 11.06
N VAL A 802 -3.36 10.94 11.70
CA VAL A 802 -4.46 10.10 11.22
C VAL A 802 -5.81 10.71 11.58
N CYS A 803 -5.97 11.21 12.81
CA CYS A 803 -7.30 11.57 13.30
C CYS A 803 -7.55 13.06 13.41
N ASN A 804 -6.50 13.90 13.40
CA ASN A 804 -6.64 15.36 13.49
C ASN A 804 -7.41 15.79 14.73
N GLY A 805 -7.17 15.09 15.84
CA GLY A 805 -7.77 15.45 17.12
C GLY A 805 -9.29 15.31 17.18
N PHE A 806 -9.81 14.18 16.70
CA PHE A 806 -11.23 13.89 16.78
C PHE A 806 -11.45 12.68 17.68
N GLU A 807 -12.40 12.81 18.62
CA GLU A 807 -12.59 11.78 19.63
C GLU A 807 -13.09 10.46 19.03
N LYS A 808 -13.97 10.54 18.03
CA LYS A 808 -14.48 9.32 17.39
C LYS A 808 -13.36 8.58 16.66
N CYS A 809 -12.54 9.30 15.90
CA CYS A 809 -11.42 8.67 15.23
C CYS A 809 -10.40 8.13 16.22
N GLU A 810 -10.17 8.86 17.32
CA GLU A 810 -9.22 8.40 18.33
C GLU A 810 -9.71 7.13 19.00
N GLN A 811 -11.02 7.04 19.26
CA GLN A 811 -11.60 5.81 19.79
C GLN A 811 -11.48 4.67 18.78
N LEU A 812 -11.67 4.96 17.51
CA LEU A 812 -11.56 3.92 16.48
C LEU A 812 -10.11 3.54 16.19
N LEU A 813 -9.15 4.36 16.59
CA LEU A 813 -7.73 4.12 16.33
C LEU A 813 -7.06 3.27 17.40
N ARG A 814 -7.75 3.00 18.52
CA ARG A 814 -7.16 2.20 19.58
C ARG A 814 -6.89 0.76 19.15
N GLU A 815 -7.54 0.30 18.08
CA GLU A 815 -7.22 -0.98 17.48
C GLU A 815 -5.95 -0.93 16.63
N TYR A 816 -5.41 0.26 16.37
CA TYR A 816 -4.22 0.42 15.55
C TYR A 816 -3.12 1.16 16.30
N GLY A 817 -3.10 1.05 17.63
CA GLY A 817 -2.08 1.74 18.41
C GLY A 817 -0.69 1.19 18.17
N GLN A 818 -0.57 -0.12 17.97
CA GLN A 818 0.74 -0.75 17.79
C GLN A 818 1.38 -0.29 16.49
N PHE A 819 0.59 -0.09 15.44
CA PHE A 819 1.15 0.35 14.16
C PHE A 819 1.64 1.79 14.24
N CYS A 820 0.91 2.65 14.94
CA CYS A 820 1.37 4.01 15.18
C CYS A 820 2.65 4.03 16.00
N ALA A 821 2.72 3.18 17.03
CA ALA A 821 3.94 3.08 17.83
C ALA A 821 5.12 2.60 17.00
N LYS A 822 4.89 1.62 16.11
CA LYS A 822 5.94 1.14 15.25
C LYS A 822 6.43 2.22 14.29
N ILE A 823 5.51 3.01 13.75
CA ILE A 823 5.89 4.12 12.86
C ILE A 823 6.76 5.12 13.60
N ASN A 824 6.34 5.51 14.81
CA ASN A 824 7.11 6.47 15.59
C ASN A 824 8.49 5.92 15.96
N GLN A 825 8.56 4.65 16.35
CA GLN A 825 9.84 4.06 16.74
C GLN A 825 10.78 3.93 15.55
N ALA A 826 10.26 3.57 14.39
CA ALA A 826 11.10 3.48 13.19
C ALA A 826 11.65 4.85 12.81
N LEU A 827 10.81 5.89 12.87
CA LEU A 827 11.30 7.23 12.56
C LEU A 827 12.33 7.70 13.57
N HIS A 828 12.13 7.38 14.86
CA HIS A 828 13.10 7.74 15.89
C HIS A 828 14.44 7.07 15.64
N GLY A 829 14.42 5.78 15.28
CA GLY A 829 15.66 5.08 14.98
C GLY A 829 16.38 5.64 13.78
N ALA A 830 15.64 5.97 12.72
CA ALA A 830 16.25 6.58 11.54
C ALA A 830 16.89 7.92 11.86
N ASN A 831 16.21 8.74 12.66
CA ASN A 831 16.77 10.04 13.04
C ASN A 831 18.02 9.88 13.91
N LEU A 832 18.01 8.89 14.82
CA LEU A 832 19.21 8.62 15.62
C LEU A 832 20.39 8.22 14.74
N ARG A 833 20.14 7.32 13.79
CA ARG A 833 21.23 6.91 12.90
C ARG A 833 21.74 8.06 12.05
N GLN A 834 20.84 8.97 11.65
CA GLN A 834 21.28 10.16 10.92
C GLN A 834 22.18 11.05 11.79
N ASP A 835 21.81 11.24 13.06
CA ASP A 835 22.63 12.05 13.96
C ASP A 835 24.01 11.45 14.16
N GLU A 836 24.08 10.13 14.37
CA GLU A 836 25.37 9.45 14.48
C GLU A 836 26.19 9.56 13.21
N SER A 837 25.54 9.45 12.04
CA SER A 837 26.28 9.58 10.78
C SER A 837 26.85 10.99 10.62
N VAL A 838 26.09 12.02 10.98
CA VAL A 838 26.59 13.39 10.90
C VAL A 838 27.75 13.60 11.85
N SER A 839 27.65 13.06 13.07
CA SER A 839 28.73 13.16 14.03
C SER A 839 29.99 12.46 13.52
N ASN A 840 29.84 11.29 12.90
CA ASN A 840 30.98 10.60 12.32
C ASN A 840 31.60 11.40 11.17
N LEU A 841 30.76 12.02 10.34
CA LEU A 841 31.27 12.84 9.24
C LEU A 841 32.13 13.98 9.74
N PHE A 842 31.64 14.72 10.73
CA PHE A 842 32.42 15.85 11.21
C PHE A 842 33.56 15.44 12.14
N SER A 843 33.53 14.21 12.66
CA SER A 843 34.69 13.70 13.38
C SER A 843 35.81 13.25 12.44
N ASN A 844 35.46 12.72 11.27
CA ASN A 844 36.47 12.17 10.36
C ASN A 844 37.18 13.25 9.54
N ILE A 845 36.61 14.44 9.41
CA ILE A 845 37.24 15.51 8.66
C ILE A 845 37.91 16.54 9.57
N LYS A 846 38.10 16.21 10.84
CA LYS A 846 38.72 17.13 11.78
C LYS A 846 40.19 17.33 11.43
N THR A 847 40.69 18.55 11.67
CA THR A 847 42.05 18.94 11.33
C THR A 847 42.89 19.00 12.59
N GLN A 848 44.06 18.36 12.55
CA GLN A 848 44.95 18.36 13.70
C GLN A 848 45.65 19.68 13.89
N ALA A 849 46.08 20.33 12.80
CA ALA A 849 46.82 21.57 12.88
C ALA A 849 46.57 22.39 11.62
N THR A 850 46.40 23.70 11.80
CA THR A 850 46.13 24.62 10.69
C THR A 850 47.23 25.67 10.58
N GLN A 851 46.98 26.64 9.70
CA GLN A 851 47.88 27.72 9.33
C GLN A 851 47.03 28.97 9.18
N PRO A 852 47.45 30.10 9.74
CA PRO A 852 46.67 31.33 9.54
C PRO A 852 46.83 31.86 8.13
N LEU A 853 45.71 32.21 7.52
CA LEU A 853 45.66 32.63 6.11
C LEU A 853 45.22 34.09 6.06
N ASP A 854 46.13 34.95 5.61
CA ASP A 854 45.81 36.35 5.36
C ASP A 854 46.34 36.72 3.98
N ALA A 855 45.97 37.91 3.51
CA ALA A 855 46.33 38.33 2.16
C ALA A 855 47.83 38.41 1.96
N GLY A 856 48.55 38.94 2.96
CA GLY A 856 50.00 38.94 2.90
C GLY A 856 50.61 37.56 3.03
N LEU A 857 49.97 36.68 3.80
CA LEU A 857 50.58 35.39 4.11
C LEU A 857 50.50 34.42 2.93
N THR A 858 49.47 34.54 2.08
CA THR A 858 49.29 33.59 0.99
C THR A 858 50.09 33.96 -0.26
N GLY A 859 50.92 34.99 -0.21
CA GLY A 859 51.73 35.31 -1.38
C GLY A 859 50.91 35.99 -2.45
N ASP A 860 51.12 35.56 -3.70
CA ASP A 860 50.43 36.13 -4.84
C ASP A 860 49.15 35.39 -5.18
N PHE A 861 48.63 34.60 -4.25
CA PHE A 861 47.40 33.84 -4.46
C PHE A 861 46.28 34.47 -3.65
N ASN A 862 45.18 34.79 -4.32
CA ASN A 862 44.00 35.36 -3.66
C ASN A 862 43.15 34.22 -3.10
N LEU A 863 43.19 34.03 -1.79
CA LEU A 863 42.43 32.98 -1.13
C LEU A 863 41.32 33.53 -0.24
N THR A 864 40.98 34.82 -0.38
CA THR A 864 39.94 35.41 0.46
C THR A 864 38.56 34.85 0.17
N LEU A 865 38.36 34.20 -0.98
CA LEU A 865 37.07 33.61 -1.27
C LEU A 865 36.78 32.41 -0.37
N LEU A 866 37.82 31.72 0.09
CA LEU A 866 37.67 30.59 0.98
C LEU A 866 37.75 30.97 2.45
N GLN A 867 37.92 32.24 2.76
CA GLN A 867 38.11 32.73 4.12
C GLN A 867 36.85 33.43 4.61
N VAL A 868 36.74 33.55 5.92
CA VAL A 868 35.68 34.39 6.50
C VAL A 868 35.97 35.84 6.19
N PRO A 869 34.97 36.66 5.87
CA PRO A 869 35.23 38.07 5.59
C PRO A 869 35.62 38.83 6.85
N LYS A 870 36.42 39.89 6.65
CA LYS A 870 36.81 40.75 7.76
C LYS A 870 35.64 41.60 8.25
N VAL A 871 34.66 41.86 7.40
CA VAL A 871 33.42 42.53 7.79
C VAL A 871 32.31 41.49 7.79
N VAL A 872 31.69 41.28 8.94
CA VAL A 872 30.64 40.28 9.05
C VAL A 872 29.38 40.81 8.37
N THR A 873 28.86 40.04 7.42
CA THR A 873 27.67 40.40 6.66
C THR A 873 26.50 39.47 6.94
N SER A 874 26.70 38.17 6.76
CA SER A 874 25.66 37.20 7.06
C SER A 874 25.49 37.04 8.56
N GLN A 875 24.43 36.35 8.95
CA GLN A 875 24.13 36.13 10.36
C GLN A 875 25.08 35.14 11.01
N TYR A 876 25.91 34.45 10.24
CA TYR A 876 26.90 33.52 10.77
C TYR A 876 28.27 34.15 10.68
N SER A 877 28.90 34.38 11.84
CA SER A 877 30.23 34.99 11.87
C SER A 877 31.27 34.09 11.22
N TYR A 878 31.21 32.79 11.52
CA TYR A 878 32.07 31.80 10.88
C TYR A 878 31.37 31.31 9.62
N ARG A 879 31.71 31.91 8.48
CA ARG A 879 31.20 31.46 7.19
C ARG A 879 32.05 32.13 6.11
N SER A 880 32.60 31.32 5.21
CA SER A 880 33.37 31.87 4.11
C SER A 880 32.46 32.56 3.11
N ALA A 881 33.06 33.40 2.27
CA ALA A 881 32.29 34.10 1.24
C ALA A 881 31.69 33.13 0.25
N ILE A 882 32.46 32.12 -0.17
CA ILE A 882 31.97 31.15 -1.13
C ILE A 882 30.82 30.34 -0.55
N GLU A 883 30.83 30.09 0.77
CA GLU A 883 29.69 29.46 1.42
C GLU A 883 28.47 30.38 1.40
N ASP A 884 28.68 31.69 1.52
CA ASP A 884 27.57 32.63 1.43
C ASP A 884 26.94 32.61 0.04
N LEU A 885 27.76 32.63 -1.02
CA LEU A 885 27.20 32.54 -2.36
C LEU A 885 26.56 31.18 -2.61
N LEU A 886 27.09 30.12 -1.99
CA LEU A 886 26.49 28.80 -2.12
C LEU A 886 25.11 28.76 -1.51
N PHE A 887 24.97 29.26 -0.28
CA PHE A 887 23.71 29.16 0.45
C PHE A 887 22.67 30.16 -0.05
N ASN A 888 23.09 31.35 -0.47
CA ASN A 888 22.13 32.38 -0.83
C ASN A 888 21.47 32.13 -2.18
N LYS A 889 22.08 31.32 -3.05
CA LYS A 889 21.55 31.08 -4.38
C LYS A 889 20.72 29.81 -4.47
N VAL A 890 20.47 29.15 -3.34
CA VAL A 890 19.55 28.03 -3.29
C VAL A 890 18.24 28.51 -2.68
N THR A 891 17.14 27.96 -3.15
CA THR A 891 15.82 28.28 -2.61
C THR A 891 15.42 27.22 -1.60
N ILE A 892 15.40 27.60 -0.33
CA ILE A 892 15.06 26.71 0.78
C ILE A 892 14.09 27.44 1.70
N ALA A 893 12.94 26.83 1.96
CA ALA A 893 12.04 27.35 2.97
C ALA A 893 12.70 27.29 4.34
N ASP A 894 12.61 28.39 5.09
CA ASP A 894 13.17 28.42 6.43
C ASP A 894 12.33 27.57 7.35
N PRO A 895 12.90 26.53 7.98
CA PRO A 895 12.09 25.67 8.85
C PRO A 895 11.63 26.34 10.13
N GLY A 896 12.33 27.38 10.60
CA GLY A 896 11.96 28.05 11.82
C GLY A 896 12.11 27.15 13.03
N TYR A 897 13.35 26.78 13.35
CA TYR A 897 13.60 25.89 14.48
C TYR A 897 13.35 26.57 15.82
N MET A 898 13.27 27.90 15.84
CA MET A 898 13.13 28.65 17.09
C MET A 898 11.73 29.18 17.31
N GLN A 899 11.12 29.80 16.30
CA GLN A 899 9.81 30.44 16.45
C GLN A 899 8.91 30.11 15.27
N GLY A 900 9.01 28.88 14.74
CA GLY A 900 8.21 28.51 13.60
C GLY A 900 6.71 28.51 13.89
N TYR A 901 6.33 28.01 15.07
CA TYR A 901 4.93 28.03 15.48
C TYR A 901 4.42 29.46 15.61
N ASP A 902 5.20 30.33 16.25
CA ASP A 902 4.78 31.71 16.44
C ASP A 902 4.69 32.46 15.11
N GLU A 903 5.67 32.23 14.22
CA GLU A 903 5.62 32.87 12.91
C GLU A 903 4.44 32.37 12.08
N CYS A 904 4.12 31.08 12.20
CA CYS A 904 2.96 30.55 11.49
C CYS A 904 1.65 31.12 12.03
N MET A 905 1.57 31.32 13.36
CA MET A 905 0.36 31.91 13.93
C MET A 905 0.23 33.38 13.57
N LYS A 906 1.34 34.12 13.52
CA LYS A 906 1.26 35.53 13.16
C LYS A 906 0.84 35.72 11.71
N GLN A 907 1.36 34.88 10.82
CA GLN A 907 1.00 34.95 9.40
C GLN A 907 -0.39 34.40 9.15
N ASP A 914 2.80 26.10 1.84
CA ASP A 914 3.75 26.32 2.92
C ASP A 914 3.91 25.05 3.75
N LEU A 915 4.93 24.26 3.40
CA LEU A 915 5.16 23.00 4.09
C LEU A 915 5.74 23.20 5.48
N ILE A 916 6.37 24.36 5.74
CA ILE A 916 6.85 24.64 7.09
C ILE A 916 5.69 24.92 8.03
N CYS A 917 4.72 25.71 7.59
CA CYS A 917 3.53 25.96 8.39
C CYS A 917 2.59 24.76 8.45
N ALA A 918 2.76 23.78 7.56
CA ALA A 918 1.94 22.58 7.57
C ALA A 918 2.40 21.56 8.60
N GLN A 919 3.52 21.81 9.28
CA GLN A 919 3.99 20.91 10.33
C GLN A 919 2.97 20.81 11.45
N PHE A 920 2.45 21.95 11.88
CA PHE A 920 1.53 22.01 13.01
C PHE A 920 0.09 21.72 12.62
N VAL A 921 -0.19 21.56 11.34
CA VAL A 921 -1.51 21.20 10.85
C VAL A 921 -1.59 19.71 10.53
N ALA A 922 -0.68 19.23 9.68
CA ALA A 922 -0.70 17.83 9.27
C ALA A 922 -0.35 16.90 10.43
N GLY A 923 0.67 17.25 11.22
CA GLY A 923 1.03 16.44 12.36
C GLY A 923 2.44 15.86 12.26
N TYR A 924 3.33 16.54 11.56
CA TYR A 924 4.73 16.15 11.53
C TYR A 924 5.60 17.30 12.02
N LYS A 925 6.89 17.00 12.22
CA LYS A 925 7.83 17.99 12.75
C LYS A 925 9.18 17.79 12.08
N VAL A 926 9.79 18.88 11.67
CA VAL A 926 11.12 18.86 11.07
C VAL A 926 12.14 19.04 12.20
N LEU A 927 12.98 18.03 12.41
CA LEU A 927 13.95 18.10 13.49
C LEU A 927 15.17 18.91 13.06
N PRO A 928 15.69 19.76 13.95
CA PRO A 928 16.87 20.54 13.60
C PRO A 928 18.10 19.66 13.48
N PRO A 929 19.10 20.07 12.69
CA PRO A 929 20.31 19.27 12.57
C PRO A 929 21.12 19.25 13.85
N LEU A 930 22.03 18.28 13.94
CA LEU A 930 22.83 18.07 15.14
C LEU A 930 23.73 19.27 15.42
N TYR A 931 24.36 19.83 14.39
CA TYR A 931 25.24 20.98 14.53
C TYR A 931 24.59 22.20 13.89
N ASP A 932 24.68 23.32 14.59
CA ASP A 932 24.28 24.59 14.00
C ASP A 932 25.26 24.96 12.88
N PRO A 933 24.83 25.75 11.90
CA PRO A 933 25.68 25.99 10.72
C PRO A 933 27.01 26.64 11.03
N ASN A 934 27.13 27.37 12.14
CA ASN A 934 28.41 27.97 12.51
C ASN A 934 29.47 26.91 12.78
N MET A 935 29.10 25.84 13.48
CA MET A 935 30.05 24.77 13.77
C MET A 935 30.48 24.03 12.50
N GLU A 936 29.53 23.77 11.61
CA GLU A 936 29.85 23.11 10.35
C GLU A 936 30.76 23.97 9.49
N SER A 937 30.50 25.27 9.45
CA SER A 937 31.37 26.17 8.69
C SER A 937 32.74 26.30 9.33
N MET A 938 32.81 26.23 10.66
CA MET A 938 34.11 26.19 11.33
C MET A 938 34.90 24.94 10.94
N TYR A 939 34.22 23.79 10.90
CA TYR A 939 34.87 22.55 10.49
C TYR A 939 35.38 22.63 9.06
N THR A 940 34.58 23.18 8.14
CA THR A 940 35.00 23.26 6.75
C THR A 940 36.03 24.37 6.52
N THR A 941 36.02 25.42 7.34
CA THR A 941 36.99 26.49 7.20
C THR A 941 38.37 26.07 7.72
N SER A 942 38.40 25.29 8.80
CA SER A 942 39.68 24.84 9.33
C SER A 942 40.43 23.92 8.39
N LEU A 943 39.74 23.32 7.41
CA LEU A 943 40.40 22.45 6.45
C LEU A 943 41.15 23.20 5.37
N THR A 944 40.83 24.48 5.14
CA THR A 944 41.48 25.22 4.08
C THR A 944 42.93 25.52 4.43
N GLY A 945 43.21 25.87 5.68
CA GLY A 945 44.55 26.20 6.09
C GLY A 945 45.27 25.05 6.78
N ALA A 946 44.81 23.83 6.56
CA ALA A 946 45.41 22.67 7.19
C ALA A 946 46.84 22.48 6.72
N ILE A 947 47.75 22.31 7.68
CA ILE A 947 49.13 21.96 7.40
C ILE A 947 49.27 20.44 7.44
N LEU A 948 50.06 19.90 6.52
CA LEU A 948 50.18 18.48 6.31
C LEU A 948 51.65 18.11 6.19
N GLY A 949 51.91 16.82 6.06
CA GLY A 949 53.27 16.39 5.75
C GLY A 949 53.71 16.93 4.40
N ALA A 950 55.03 17.05 4.25
CA ALA A 950 55.59 17.61 3.03
C ALA A 950 55.31 16.70 1.83
N ALA A 951 55.47 17.26 0.63
CA ALA A 951 55.14 16.53 -0.58
C ALA A 951 56.01 15.29 -0.76
N TRP A 952 57.30 15.39 -0.43
CA TRP A 952 58.21 14.27 -0.57
C TRP A 952 58.08 13.26 0.56
N THR A 953 57.44 13.64 1.67
CA THR A 953 57.23 12.74 2.80
C THR A 953 55.81 12.20 2.72
N ALA A 954 55.67 10.97 2.23
CA ALA A 954 54.37 10.33 2.13
C ALA A 954 53.91 9.92 3.52
N GLY A 955 52.95 10.63 4.07
CA GLY A 955 52.44 10.31 5.39
C GLY A 955 51.66 11.46 5.99
N ALA A 956 51.16 11.21 7.20
CA ALA A 956 50.36 12.17 7.94
C ALA A 956 50.81 12.28 9.38
N SER A 957 52.09 11.98 9.63
CA SER A 957 52.61 11.99 10.99
C SER A 957 53.31 13.31 11.34
N SER A 958 53.70 14.10 10.35
CA SER A 958 54.40 15.35 10.58
C SER A 958 53.59 16.52 10.04
N PHE A 959 53.75 17.67 10.66
CA PHE A 959 53.04 18.89 10.28
C PHE A 959 54.08 19.91 9.81
N ALA A 960 54.22 20.06 8.49
CA ALA A 960 55.18 20.98 7.91
C ALA A 960 54.52 22.34 7.70
N ALA A 961 55.03 23.35 8.39
CA ALA A 961 54.51 24.72 8.27
C ALA A 961 55.11 25.36 7.02
N ILE A 962 54.54 25.01 5.88
CA ILE A 962 55.00 25.45 4.57
C ILE A 962 53.95 26.40 4.00
N PRO A 963 54.34 27.56 3.48
CA PRO A 963 53.36 28.51 2.95
C PRO A 963 52.61 27.96 1.75
N PHE A 964 51.47 28.61 1.46
CA PHE A 964 50.60 28.12 0.39
C PHE A 964 51.26 28.17 -0.97
N ALA A 965 52.06 29.22 -1.22
CA ALA A 965 52.75 29.34 -2.50
C ALA A 965 53.74 28.20 -2.71
N GLN A 966 54.50 27.85 -1.66
CA GLN A 966 55.46 26.76 -1.78
C GLN A 966 54.76 25.40 -1.91
N SER A 967 53.63 25.24 -1.21
CA SER A 967 52.87 24.00 -1.34
C SER A 967 52.31 23.84 -2.75
N VAL A 968 51.82 24.94 -3.34
CA VAL A 968 51.34 24.90 -4.71
C VAL A 968 52.50 24.61 -5.67
N PHE A 969 53.68 25.18 -5.40
CA PHE A 969 54.87 24.92 -6.20
C PHE A 969 55.22 23.43 -6.17
N TYR A 970 55.19 22.83 -4.99
CA TYR A 970 55.52 21.41 -4.87
C TYR A 970 54.43 20.51 -5.43
N ARG A 971 53.18 20.95 -5.40
CA ARG A 971 52.10 20.17 -6.00
C ARG A 971 52.18 20.21 -7.51
N MET A 972 52.56 21.35 -8.08
CA MET A 972 52.77 21.44 -9.53
C MET A 972 54.06 20.75 -9.95
N ASN A 973 55.03 20.60 -9.06
CA ASN A 973 56.24 19.87 -9.39
C ASN A 973 55.97 18.38 -9.54
N GLY A 974 55.02 17.84 -8.77
CA GLY A 974 54.78 16.41 -8.76
C GLY A 974 53.96 15.87 -9.91
N ILE A 975 53.42 16.73 -10.76
CA ILE A 975 52.63 16.29 -11.91
C ILE A 975 53.42 16.30 -13.21
N GLY A 976 54.64 16.82 -13.22
CA GLY A 976 55.47 16.75 -14.41
C GLY A 976 55.96 18.08 -14.95
N ILE A 977 55.96 19.11 -14.10
CA ILE A 977 56.49 20.42 -14.46
C ILE A 977 57.82 20.59 -13.73
N THR A 978 58.86 20.95 -14.47
CA THR A 978 60.19 21.06 -13.89
C THR A 978 60.28 22.30 -13.00
N GLN A 979 61.33 22.32 -12.18
CA GLN A 979 61.54 23.42 -11.23
C GLN A 979 61.84 24.73 -11.94
N GLN A 980 62.56 24.67 -13.07
CA GLN A 980 62.89 25.89 -13.81
C GLN A 980 61.64 26.58 -14.34
N VAL A 981 60.69 25.81 -14.87
CA VAL A 981 59.45 26.38 -15.38
C VAL A 981 58.67 27.03 -14.25
N LEU A 982 58.60 26.36 -13.10
CA LEU A 982 57.86 26.90 -11.96
C LEU A 982 58.53 28.15 -11.40
N SER A 983 59.86 28.22 -11.46
CA SER A 983 60.56 29.41 -10.99
C SER A 983 60.43 30.57 -11.98
N GLU A 984 60.28 30.27 -13.26
CA GLU A 984 60.18 31.30 -14.29
C GLU A 984 58.74 31.69 -14.61
N ASN A 985 57.75 31.11 -13.95
CA ASN A 985 56.35 31.37 -14.27
C ASN A 985 55.53 31.56 -12.99
N GLN A 986 56.13 32.17 -11.97
CA GLN A 986 55.43 32.34 -10.70
C GLN A 986 54.23 33.27 -10.83
N LYS A 987 54.45 34.45 -11.43
CA LYS A 987 53.38 35.44 -11.56
C LYS A 987 52.26 34.94 -12.46
N GLN A 988 52.61 34.28 -13.56
CA GLN A 988 51.59 33.75 -14.46
C GLN A 988 50.77 32.65 -13.79
N ILE A 989 51.43 31.77 -13.03
CA ILE A 989 50.73 30.71 -12.30
C ILE A 989 49.77 31.32 -11.28
N ALA A 990 50.24 32.32 -10.54
CA ALA A 990 49.38 32.98 -9.55
C ALA A 990 48.19 33.68 -10.22
N ASN A 991 48.44 34.35 -11.35
CA ASN A 991 47.36 35.03 -12.06
C ASN A 991 46.32 34.04 -12.56
N LYS A 992 46.77 32.90 -13.11
CA LYS A 992 45.82 31.91 -13.61
C LYS A 992 45.05 31.24 -12.48
N PHE A 993 45.70 31.03 -11.33
CA PHE A 993 45.00 30.52 -10.16
C PHE A 993 43.93 31.50 -9.69
N ASN A 994 44.26 32.80 -9.65
CA ASN A 994 43.28 33.81 -9.24
C ASN A 994 42.14 33.90 -10.23
N GLN A 995 42.43 33.78 -11.53
CA GLN A 995 41.37 33.79 -12.53
C GLN A 995 40.46 32.59 -12.39
N ALA A 996 41.03 31.42 -12.11
CA ALA A 996 40.21 30.22 -11.88
C ALA A 996 39.32 30.39 -10.66
N LEU A 997 39.85 30.96 -9.58
CA LEU A 997 39.04 31.19 -8.39
C LEU A 997 37.93 32.21 -8.64
N GLY A 998 38.22 33.26 -9.41
CA GLY A 998 37.18 34.23 -9.73
C GLY A 998 36.07 33.64 -10.59
N ALA A 999 36.43 32.85 -11.59
CA ALA A 999 35.42 32.17 -12.40
C ALA A 999 34.63 31.17 -11.58
N MET A 1000 35.28 30.53 -10.60
CA MET A 1000 34.56 29.66 -9.66
C MET A 1000 33.56 30.45 -8.85
N GLN A 1001 33.93 31.67 -8.43
CA GLN A 1001 33.00 32.54 -7.71
C GLN A 1001 31.79 32.90 -8.57
N THR A 1002 32.03 33.25 -9.83
CA THR A 1002 30.95 33.67 -10.72
C THR A 1002 30.30 32.52 -11.48
N GLY A 1003 30.37 31.30 -10.94
CA GLY A 1003 29.90 30.13 -11.66
C GLY A 1003 28.70 29.42 -11.08
N PHE A 1004 27.92 30.10 -10.25
CA PHE A 1004 26.70 29.51 -9.66
C PHE A 1004 25.51 29.97 -10.48
N THR A 1005 25.30 29.30 -11.62
CA THR A 1005 24.19 29.63 -12.50
C THR A 1005 23.35 28.39 -12.77
N THR A 1006 22.39 28.51 -13.70
CA THR A 1006 21.50 27.40 -14.01
C THR A 1006 22.23 26.27 -14.73
N THR A 1007 23.24 26.60 -15.54
CA THR A 1007 23.99 25.60 -16.28
C THR A 1007 24.95 24.80 -15.42
N ASN A 1008 25.17 25.20 -14.17
CA ASN A 1008 26.06 24.45 -13.29
C ASN A 1008 25.37 23.17 -12.85
N LEU A 1009 26.01 22.03 -13.11
CA LEU A 1009 25.40 20.74 -12.82
C LEU A 1009 25.45 20.38 -11.34
N ALA A 1010 26.54 20.72 -10.65
CA ALA A 1010 26.63 20.41 -9.22
C ALA A 1010 25.66 21.27 -8.42
N PHE A 1011 25.46 22.53 -8.84
CA PHE A 1011 24.43 23.35 -8.22
C PHE A 1011 23.05 22.77 -8.47
N ALA A 1012 22.84 22.18 -9.65
CA ALA A 1012 21.60 21.47 -9.91
C ALA A 1012 21.44 20.28 -8.98
N LYS A 1013 22.56 19.61 -8.64
CA LYS A 1013 22.50 18.52 -7.66
C LYS A 1013 22.08 19.02 -6.29
N VAL A 1014 22.62 20.18 -5.87
CA VAL A 1014 22.24 20.76 -4.58
C VAL A 1014 20.75 21.07 -4.56
N GLN A 1015 20.26 21.71 -5.62
CA GLN A 1015 18.84 22.03 -5.70
C GLN A 1015 17.99 20.77 -5.79
N GLU A 1016 18.52 19.69 -6.38
CA GLU A 1016 17.77 18.44 -6.45
C GLU A 1016 17.64 17.79 -5.09
N ALA A 1017 18.70 17.88 -4.25
CA ALA A 1017 18.58 17.38 -2.89
C ALA A 1017 17.55 18.18 -2.09
N VAL A 1018 17.58 19.52 -2.22
CA VAL A 1018 16.59 20.35 -1.54
C VAL A 1018 15.18 20.00 -2.02
N ASN A 1019 15.04 19.80 -3.34
CA ASN A 1019 13.74 19.46 -3.91
C ASN A 1019 13.26 18.08 -3.47
N ALA A 1020 14.19 17.15 -3.25
CA ALA A 1020 13.80 15.83 -2.74
C ALA A 1020 13.26 15.92 -1.32
N ASN A 1021 13.91 16.71 -0.48
CA ASN A 1021 13.38 16.94 0.87
C ASN A 1021 12.00 17.58 0.82
N ALA A 1022 11.86 18.62 -0.01
CA ALA A 1022 10.57 19.30 -0.13
C ALA A 1022 9.50 18.39 -0.71
N GLN A 1023 9.87 17.48 -1.61
CA GLN A 1023 8.91 16.57 -2.20
C GLN A 1023 8.44 15.53 -1.19
N ALA A 1024 9.34 15.06 -0.33
CA ALA A 1024 8.91 14.16 0.74
C ALA A 1024 7.93 14.86 1.68
N LEU A 1025 8.23 16.09 2.07
CA LEU A 1025 7.31 16.83 2.94
C LEU A 1025 5.98 17.10 2.23
N SER A 1026 6.02 17.44 0.95
CA SER A 1026 4.81 17.73 0.19
C SER A 1026 3.94 16.50 0.04
N LYS A 1027 4.55 15.34 -0.23
CA LYS A 1027 3.77 14.10 -0.32
C LYS A 1027 3.12 13.76 1.02
N LEU A 1028 3.87 13.91 2.11
CA LEU A 1028 3.31 13.65 3.43
C LEU A 1028 2.15 14.59 3.75
N ALA A 1029 2.27 15.86 3.37
CA ALA A 1029 1.22 16.82 3.68
C ALA A 1029 0.00 16.62 2.78
N SER A 1030 0.21 16.29 1.51
CA SER A 1030 -0.86 16.21 0.54
C SER A 1030 -1.55 14.85 0.50
N GLU A 1031 -1.00 13.84 1.17
CA GLU A 1031 -1.75 12.59 1.27
C GLU A 1031 -2.95 12.69 2.20
N LEU A 1032 -3.06 13.76 2.99
CA LEU A 1032 -4.18 13.92 3.90
C LEU A 1032 -5.47 14.33 3.21
N SER A 1033 -5.43 14.73 1.94
CA SER A 1033 -6.62 15.08 1.20
C SER A 1033 -7.21 13.90 0.44
N ASN A 1034 -6.64 12.72 0.58
CA ASN A 1034 -7.15 11.53 -0.10
C ASN A 1034 -8.38 11.01 0.64
N THR A 1035 -9.50 10.95 -0.07
CA THR A 1035 -10.73 10.43 0.52
C THR A 1035 -10.69 8.93 0.71
N PHE A 1036 -9.87 8.22 -0.07
CA PHE A 1036 -9.72 6.77 -0.05
C PHE A 1036 -11.02 6.04 -0.33
N GLY A 1037 -11.98 6.71 -0.99
CA GLY A 1037 -13.29 6.14 -1.25
C GLY A 1037 -14.39 6.66 -0.35
N ALA A 1038 -14.06 7.46 0.66
CA ALA A 1038 -15.07 8.01 1.55
C ALA A 1038 -15.75 9.22 0.91
N ILE A 1039 -16.84 9.67 1.55
CA ILE A 1039 -17.57 10.83 1.05
C ILE A 1039 -16.79 12.11 1.23
N SER A 1040 -15.86 12.15 2.18
CA SER A 1040 -15.03 13.32 2.40
C SER A 1040 -13.71 12.89 3.01
N SER A 1041 -12.69 13.73 2.83
CA SER A 1041 -11.38 13.50 3.41
C SER A 1041 -11.22 14.13 4.78
N SER A 1042 -12.28 14.73 5.31
CA SER A 1042 -12.26 15.34 6.63
C SER A 1042 -13.23 14.62 7.55
N ILE A 1043 -12.83 14.48 8.83
CA ILE A 1043 -13.66 13.76 9.79
C ILE A 1043 -14.92 14.54 10.14
N SER A 1044 -14.85 15.88 10.12
CA SER A 1044 -15.99 16.70 10.54
C SER A 1044 -17.18 16.54 9.60
N ASP A 1045 -16.93 16.50 8.28
CA ASP A 1045 -18.02 16.30 7.33
C ASP A 1045 -18.64 14.92 7.47
N ILE A 1046 -17.83 13.89 7.70
CA ILE A 1046 -18.37 12.55 7.91
C ILE A 1046 -19.21 12.51 9.18
N LEU A 1047 -18.73 13.17 10.23
CA LEU A 1047 -19.47 13.18 11.50
C LEU A 1047 -20.78 13.96 11.39
N LYS A 1048 -20.82 15.00 10.57
CA LYS A 1048 -22.03 15.81 10.42
C LYS A 1048 -22.91 15.37 9.26
N ARG A 1049 -22.51 14.34 8.51
CA ARG A 1049 -23.29 13.91 7.36
C ARG A 1049 -23.93 12.53 7.50
N LEU A 1050 -23.44 11.68 8.39
CA LEU A 1050 -23.88 10.29 8.44
C LEU A 1050 -24.22 9.89 9.86
N ASP A 1051 -24.78 8.69 10.01
CA ASP A 1051 -25.10 8.11 11.30
C ASP A 1051 -23.90 7.30 11.80
N ALA A 1052 -24.09 6.62 12.94
CA ALA A 1052 -22.97 6.05 13.68
C ALA A 1052 -22.24 4.97 12.90
N VAL A 1053 -22.99 4.03 12.31
CA VAL A 1053 -22.36 2.91 11.61
C VAL A 1053 -21.64 3.39 10.36
N GLU A 1054 -22.28 4.27 9.59
CA GLU A 1054 -21.65 4.81 8.40
C GLU A 1054 -20.43 5.66 8.76
N GLN A 1055 -20.52 6.42 9.86
CA GLN A 1055 -19.37 7.18 10.33
C GLN A 1055 -18.21 6.26 10.66
N GLU A 1056 -18.49 5.14 11.32
CA GLU A 1056 -17.45 4.17 11.64
C GLU A 1056 -16.81 3.62 10.38
N ALA A 1057 -17.63 3.29 9.37
CA ALA A 1057 -17.09 2.73 8.14
C ALA A 1057 -16.19 3.73 7.42
N GLN A 1058 -16.66 4.97 7.24
CA GLN A 1058 -15.86 5.97 6.53
C GLN A 1058 -14.59 6.33 7.29
N ILE A 1059 -14.68 6.46 8.62
CA ILE A 1059 -13.51 6.80 9.41
C ILE A 1059 -12.49 5.66 9.38
N ASP A 1060 -12.96 4.41 9.41
CA ASP A 1060 -12.04 3.28 9.31
C ASP A 1060 -11.36 3.24 7.94
N ARG A 1061 -12.09 3.60 6.89
CA ARG A 1061 -11.50 3.74 5.56
C ARG A 1061 -10.36 4.76 5.56
N LEU A 1062 -10.63 5.94 6.14
CA LEU A 1062 -9.60 6.98 6.22
C LEU A 1062 -8.41 6.53 7.06
N ILE A 1063 -8.69 5.82 8.16
CA ILE A 1063 -7.62 5.36 9.05
C ILE A 1063 -6.70 4.38 8.33
N ASN A 1064 -7.28 3.42 7.61
CA ASN A 1064 -6.48 2.44 6.89
C ASN A 1064 -5.65 3.10 5.79
N GLY A 1065 -6.26 4.02 5.05
CA GLY A 1065 -5.50 4.73 4.01
C GLY A 1065 -4.34 5.51 4.57
N ARG A 1066 -4.57 6.25 5.66
CA ARG A 1066 -3.51 7.06 6.23
C ARG A 1066 -2.42 6.21 6.88
N LEU A 1067 -2.77 5.08 7.48
CA LEU A 1067 -1.75 4.19 8.04
C LEU A 1067 -0.88 3.60 6.94
N THR A 1068 -1.48 3.20 5.81
CA THR A 1068 -0.68 2.68 4.70
C THR A 1068 0.24 3.75 4.14
N SER A 1069 -0.26 4.99 4.02
CA SER A 1069 0.58 6.08 3.53
C SER A 1069 1.74 6.36 4.48
N LEU A 1070 1.49 6.31 5.80
CA LEU A 1070 2.55 6.52 6.76
C LEU A 1070 3.60 5.41 6.70
N ASN A 1071 3.16 4.17 6.47
CA ASN A 1071 4.11 3.07 6.30
C ASN A 1071 5.00 3.29 5.08
N ALA A 1072 4.40 3.74 3.97
CA ALA A 1072 5.18 4.04 2.78
C ALA A 1072 6.19 5.16 3.03
N PHE A 1073 5.76 6.18 3.78
CA PHE A 1073 6.67 7.28 4.12
C PHE A 1073 7.83 6.80 4.98
N VAL A 1074 7.56 5.92 5.94
CA VAL A 1074 8.63 5.39 6.78
C VAL A 1074 9.63 4.60 5.93
N ALA A 1075 9.12 3.80 4.99
CA ALA A 1075 10.00 3.04 4.11
C ALA A 1075 10.89 3.96 3.26
N GLN A 1076 10.31 5.01 2.67
CA GLN A 1076 11.11 5.90 1.84
C GLN A 1076 12.12 6.69 2.66
N GLN A 1077 11.77 7.07 3.89
CA GLN A 1077 12.74 7.76 4.74
C GLN A 1077 13.89 6.84 5.14
N LEU A 1078 13.60 5.57 5.40
CA LEU A 1078 14.67 4.62 5.71
C LEU A 1078 15.62 4.46 4.52
N VAL A 1079 15.06 4.34 3.31
CA VAL A 1079 15.91 4.21 2.12
C VAL A 1079 16.77 5.45 1.94
N ARG A 1080 16.17 6.64 2.08
CA ARG A 1080 16.91 7.88 1.89
C ARG A 1080 17.99 8.06 2.94
N SER A 1081 17.71 7.66 4.19
CA SER A 1081 18.69 7.82 5.26
C SER A 1081 19.90 6.92 5.04
N GLU A 1082 19.67 5.65 4.66
CA GLU A 1082 20.81 4.77 4.37
C GLU A 1082 21.61 5.25 3.16
N THR A 1083 20.93 5.75 2.13
CA THR A 1083 21.64 6.31 0.98
C THR A 1083 22.49 7.51 1.39
N ALA A 1084 21.94 8.39 2.23
CA ALA A 1084 22.69 9.56 2.67
C ALA A 1084 23.89 9.17 3.54
N ALA A 1085 23.74 8.12 4.35
CA ALA A 1085 24.88 7.66 5.14
C ALA A 1085 26.00 7.13 4.25
N ARG A 1086 25.65 6.35 3.22
CA ARG A 1086 26.66 5.88 2.28
C ARG A 1086 27.34 7.03 1.57
N SER A 1087 26.57 8.03 1.15
CA SER A 1087 27.15 9.18 0.48
C SER A 1087 28.02 10.01 1.43
N SER A 1088 27.67 10.06 2.71
CA SER A 1088 28.52 10.74 3.69
C SER A 1088 29.86 10.04 3.86
N GLN A 1089 29.84 8.70 3.86
CA GLN A 1089 31.11 7.96 3.88
C GLN A 1089 31.93 8.24 2.62
N LEU A 1090 31.27 8.34 1.47
CA LEU A 1090 31.98 8.71 0.24
C LEU A 1090 32.56 10.12 0.33
N ALA A 1091 31.84 11.04 0.98
CA ALA A 1091 32.37 12.39 1.17
C ALA A 1091 33.57 12.40 2.11
N VAL A 1092 33.55 11.54 3.13
CA VAL A 1092 34.72 11.38 3.99
C VAL A 1092 35.92 10.93 3.19
N ASP A 1093 35.72 9.93 2.32
CA ASP A 1093 36.80 9.46 1.46
C ASP A 1093 37.30 10.55 0.53
N LYS A 1094 36.38 11.33 -0.05
CA LYS A 1094 36.76 12.40 -0.96
C LYS A 1094 37.56 13.49 -0.25
N VAL A 1095 37.17 13.84 0.98
CA VAL A 1095 37.94 14.82 1.75
C VAL A 1095 39.34 14.29 2.04
N ASN A 1096 39.42 13.04 2.53
CA ASN A 1096 40.72 12.47 2.89
C ASN A 1096 41.64 12.31 1.68
N GLU A 1097 41.07 12.15 0.49
CA GLU A 1097 41.90 11.98 -0.69
C GLU A 1097 42.28 13.30 -1.36
N CYS A 1098 41.31 14.20 -1.55
CA CYS A 1098 41.54 15.40 -2.34
C CYS A 1098 41.89 16.63 -1.51
N VAL A 1099 41.34 16.78 -0.32
CA VAL A 1099 41.57 18.01 0.44
C VAL A 1099 42.81 17.90 1.32
N LYS A 1100 43.05 16.73 1.91
CA LYS A 1100 44.19 16.51 2.79
C LYS A 1100 45.37 15.85 2.07
N SER A 1101 45.31 15.73 0.75
CA SER A 1101 46.38 15.15 -0.04
C SER A 1101 46.20 15.55 -1.49
N GLN A 1102 47.15 15.17 -2.33
CA GLN A 1102 47.06 15.33 -3.77
C GLN A 1102 46.93 13.95 -4.40
N SER A 1103 45.79 13.68 -5.02
CA SER A 1103 45.54 12.36 -5.58
C SER A 1103 46.40 12.16 -6.84
N LYS A 1104 47.03 10.99 -6.93
CA LYS A 1104 47.86 10.66 -8.08
C LYS A 1104 47.10 9.91 -9.16
N ARG A 1105 45.91 9.39 -8.86
CA ARG A 1105 45.09 8.71 -9.85
C ARG A 1105 44.18 9.73 -10.52
N ASN A 1106 44.34 9.90 -11.83
CA ASN A 1106 43.62 10.93 -12.55
C ASN A 1106 42.15 10.60 -12.70
N GLY A 1107 41.32 11.64 -12.70
CA GLY A 1107 39.91 11.50 -12.92
C GLY A 1107 39.07 11.31 -11.67
N PHE A 1108 39.70 11.09 -10.51
CA PHE A 1108 38.92 10.88 -9.30
C PHE A 1108 38.48 12.22 -8.70
N CYS A 1109 39.45 13.05 -8.30
CA CYS A 1109 39.13 14.35 -7.73
C CYS A 1109 38.49 15.25 -8.79
N GLY A 1110 39.24 15.58 -9.83
CA GLY A 1110 38.75 16.45 -10.88
C GLY A 1110 39.05 15.86 -12.23
N SER A 1111 39.46 16.73 -13.15
CA SER A 1111 39.83 16.34 -14.51
C SER A 1111 41.30 16.67 -14.74
N GLY A 1112 42.05 15.70 -15.26
CA GLY A 1112 43.45 15.89 -15.53
C GLY A 1112 44.32 15.69 -14.30
N ASN A 1113 45.33 16.54 -14.14
CA ASN A 1113 46.27 16.44 -13.02
C ASN A 1113 45.74 17.29 -11.87
N HIS A 1114 45.36 16.64 -10.77
CA HIS A 1114 44.86 17.33 -9.60
C HIS A 1114 45.97 18.12 -8.92
N ILE A 1115 45.67 19.34 -8.53
CA ILE A 1115 46.62 20.21 -7.83
C ILE A 1115 46.21 20.42 -6.37
N VAL A 1116 45.05 21.03 -6.15
CA VAL A 1116 44.59 21.34 -4.80
C VAL A 1116 43.07 21.42 -4.81
N SER A 1117 42.44 20.97 -3.74
CA SER A 1117 41.00 20.99 -3.62
C SER A 1117 40.57 21.74 -2.36
N PHE A 1118 39.42 22.38 -2.43
CA PHE A 1118 38.83 23.09 -1.31
C PHE A 1118 37.41 22.60 -1.11
N VAL A 1119 37.02 22.42 0.15
CA VAL A 1119 35.70 21.93 0.51
C VAL A 1119 34.98 23.02 1.29
N SER A 1120 33.74 23.29 0.90
CA SER A 1120 32.90 24.25 1.60
C SER A 1120 31.58 23.60 1.95
N ASN A 1121 30.91 24.15 2.97
CA ASN A 1121 29.65 23.60 3.42
C ASN A 1121 28.56 23.83 2.40
N ALA A 1122 27.65 22.87 2.28
CA ALA A 1122 26.51 22.91 1.40
C ALA A 1122 25.24 22.69 2.20
N PRO A 1123 24.08 23.10 1.68
CA PRO A 1123 22.83 22.95 2.46
C PRO A 1123 22.52 21.53 2.91
N ASN A 1124 22.84 20.52 2.11
CA ASN A 1124 22.57 19.13 2.50
C ASN A 1124 23.82 18.27 2.48
N GLY A 1125 25.01 18.86 2.36
CA GLY A 1125 26.22 18.07 2.30
C GLY A 1125 27.48 18.90 2.17
N LEU A 1126 28.40 18.45 1.33
CA LEU A 1126 29.68 19.10 1.15
C LEU A 1126 29.90 19.43 -0.31
N TYR A 1127 30.45 20.61 -0.58
CA TYR A 1127 30.70 21.08 -1.94
C TYR A 1127 32.20 21.22 -2.15
N PHE A 1128 32.71 20.60 -3.21
CA PHE A 1128 34.13 20.53 -3.47
C PHE A 1128 34.50 21.40 -4.66
N PHE A 1129 35.72 21.95 -4.62
CA PHE A 1129 36.28 22.75 -5.71
C PHE A 1129 37.63 22.12 -6.05
N HIS A 1130 37.64 21.23 -7.03
CA HIS A 1130 38.85 20.55 -7.46
C HIS A 1130 39.56 21.41 -8.50
N VAL A 1131 40.69 22.01 -8.12
CA VAL A 1131 41.50 22.78 -9.05
C VAL A 1131 42.50 21.84 -9.70
N GLY A 1132 42.49 21.77 -11.02
CA GLY A 1132 43.34 20.87 -11.75
C GLY A 1132 44.17 21.61 -12.79
N TYR A 1133 45.12 20.87 -13.36
CA TYR A 1133 46.00 21.38 -14.40
C TYR A 1133 45.41 21.08 -15.77
N VAL A 1134 45.04 22.12 -16.50
CA VAL A 1134 44.40 21.99 -17.80
C VAL A 1134 45.32 22.57 -18.86
N PRO A 1135 46.00 21.73 -19.63
CA PRO A 1135 46.78 22.23 -20.76
C PRO A 1135 45.89 22.76 -21.87
N THR A 1136 46.41 23.73 -22.61
CA THR A 1136 45.67 24.37 -23.69
C THR A 1136 46.34 24.24 -25.05
N ALA A 1137 47.66 24.31 -25.11
CA ALA A 1137 48.39 24.23 -26.37
C ALA A 1137 49.38 23.07 -26.31
N HIS A 1138 49.37 22.23 -27.34
CA HIS A 1138 50.25 21.07 -27.43
C HIS A 1138 51.07 21.14 -28.70
N ILE A 1139 52.35 20.80 -28.58
CA ILE A 1139 53.23 20.68 -29.74
C ILE A 1139 53.74 19.25 -29.82
N ASN A 1140 54.09 18.82 -31.03
CA ASN A 1140 54.61 17.48 -31.26
C ASN A 1140 56.12 17.49 -31.16
N ALA A 1141 56.67 16.58 -30.35
CA ALA A 1141 58.09 16.51 -30.10
C ALA A 1141 58.56 15.08 -30.34
N THR A 1142 59.73 14.94 -30.96
CA THR A 1142 60.33 13.63 -31.18
C THR A 1142 61.01 13.18 -29.89
N ALA A 1143 60.61 12.01 -29.39
CA ALA A 1143 61.09 11.52 -28.11
C ALA A 1143 61.70 10.13 -28.27
N ALA A 1144 62.56 9.78 -27.32
CA ALA A 1144 63.24 8.50 -27.30
C ALA A 1144 62.97 7.79 -25.99
N TYR A 1145 63.08 6.46 -26.01
CA TYR A 1145 62.88 5.69 -24.79
C TYR A 1145 64.09 5.80 -23.87
N GLY A 1146 65.29 5.79 -24.44
CA GLY A 1146 66.51 5.87 -23.64
C GLY A 1146 67.71 6.07 -24.52
N LEU A 1147 68.86 6.28 -23.87
CA LEU A 1147 70.11 6.59 -24.55
C LEU A 1147 71.22 5.73 -23.97
N CYS A 1148 72.07 5.19 -24.86
CA CYS A 1148 73.26 4.46 -24.45
C CYS A 1148 74.42 4.81 -25.37
N ASN A 1149 75.63 4.64 -24.85
CA ASN A 1149 76.85 4.77 -25.62
C ASN A 1149 77.29 3.41 -26.12
N THR A 1150 78.51 3.31 -26.64
CA THR A 1150 79.04 2.06 -27.18
C THR A 1150 80.14 1.46 -26.30
N GLU A 1151 80.13 1.76 -25.01
CA GLU A 1151 81.09 1.15 -24.10
C GLU A 1151 80.74 -0.33 -23.88
N LEU A 1152 81.76 -1.09 -23.48
CA LEU A 1152 81.59 -2.53 -23.34
C LEU A 1152 80.58 -2.93 -22.25
N PRO A 1153 80.57 -2.35 -21.05
CA PRO A 1153 79.41 -2.50 -20.16
C PRO A 1153 78.44 -1.36 -20.35
N PRO A 1154 77.57 -1.41 -21.38
CA PRO A 1154 76.81 -0.22 -21.78
C PRO A 1154 75.81 0.19 -20.72
N ARG A 1155 75.94 1.43 -20.25
CA ARG A 1155 75.02 1.99 -19.27
C ARG A 1155 74.00 2.86 -20.00
N CYS A 1156 72.73 2.51 -19.89
CA CYS A 1156 71.65 3.27 -20.49
C CYS A 1156 70.87 4.01 -19.42
N ILE A 1157 70.36 5.18 -19.78
CA ILE A 1157 69.60 6.04 -18.88
C ILE A 1157 68.18 6.17 -19.40
N ALA A 1158 67.25 6.35 -18.47
CA ALA A 1158 65.85 6.54 -18.79
C ALA A 1158 65.35 7.79 -18.08
N PRO A 1159 64.44 8.55 -18.69
CA PRO A 1159 63.94 9.77 -18.05
C PRO A 1159 63.09 9.45 -16.84
N ILE A 1160 63.06 10.40 -15.90
CA ILE A 1160 62.24 10.30 -14.70
C ILE A 1160 61.19 11.39 -14.78
N ASP A 1161 59.92 10.97 -14.91
CA ASP A 1161 58.77 11.88 -15.01
C ASP A 1161 58.95 12.89 -16.13
N GLY A 1162 59.46 12.42 -17.26
CA GLY A 1162 59.72 13.31 -18.37
C GLY A 1162 60.08 12.52 -19.61
N TYR A 1163 60.55 13.25 -20.62
CA TYR A 1163 60.89 12.66 -21.91
C TYR A 1163 62.26 13.13 -22.34
N PHE A 1164 62.89 12.34 -23.21
CA PHE A 1164 64.13 12.70 -23.89
C PHE A 1164 63.76 13.25 -25.26
N VAL A 1165 63.75 14.57 -25.40
CA VAL A 1165 63.30 15.21 -26.61
C VAL A 1165 64.51 15.68 -27.43
N THR A 1166 64.26 16.06 -28.68
CA THR A 1166 65.31 16.55 -29.56
C THR A 1166 64.69 17.49 -30.59
N ASN A 1167 65.55 18.11 -31.39
CA ASN A 1167 65.17 19.04 -32.46
C ASN A 1167 64.31 20.20 -31.95
N PRO A 1176 71.80 13.37 -33.29
CA PRO A 1176 71.21 14.64 -32.84
C PRO A 1176 71.52 14.92 -31.37
N GLU A 1177 71.17 16.11 -30.90
CA GLU A 1177 71.35 16.48 -29.50
C GLU A 1177 70.05 16.25 -28.75
N TRP A 1178 70.13 15.54 -27.62
CA TRP A 1178 68.97 15.16 -26.84
C TRP A 1178 68.89 16.02 -25.59
N TYR A 1179 67.69 16.50 -25.29
CA TYR A 1179 67.41 17.27 -24.09
C TYR A 1179 66.36 16.56 -23.25
N TYR A 1180 66.13 17.10 -22.06
CA TYR A 1180 65.11 16.60 -21.15
C TYR A 1180 64.01 17.65 -20.98
N THR A 1181 62.77 17.19 -20.91
CA THR A 1181 61.64 18.08 -20.66
C THR A 1181 60.69 17.40 -19.69
N GLY A 1182 59.90 18.21 -19.00
CA GLY A 1182 58.86 17.69 -18.16
C GLY A 1182 57.71 17.12 -18.97
N SER A 1183 56.93 16.26 -18.33
CA SER A 1183 55.80 15.65 -19.02
C SER A 1183 54.62 16.62 -19.16
N ALA A 1184 54.47 17.54 -18.21
CA ALA A 1184 53.34 18.45 -18.21
C ALA A 1184 53.66 19.83 -18.78
N PHE A 1185 54.89 20.06 -19.24
CA PHE A 1185 55.25 21.32 -19.85
C PHE A 1185 56.49 21.11 -20.71
N TYR A 1186 56.49 21.69 -21.90
CA TYR A 1186 57.60 21.55 -22.84
C TYR A 1186 58.67 22.59 -22.50
N ASN A 1187 59.82 22.12 -22.05
CA ASN A 1187 60.97 22.97 -21.78
C ASN A 1187 62.25 22.12 -21.87
N PRO A 1188 62.98 22.21 -22.98
CA PRO A 1188 64.23 21.44 -23.10
C PRO A 1188 65.25 21.87 -22.05
N GLU A 1189 65.91 20.87 -21.45
CA GLU A 1189 66.86 21.08 -20.38
C GLU A 1189 68.02 20.12 -20.58
N PRO A 1190 69.20 20.43 -20.04
CA PRO A 1190 70.32 19.49 -20.13
C PRO A 1190 70.03 18.19 -19.41
N ILE A 1191 70.52 17.10 -19.98
CA ILE A 1191 70.33 15.76 -19.41
C ILE A 1191 71.39 15.55 -18.34
N THR A 1192 70.96 15.39 -17.09
CA THR A 1192 71.85 15.23 -15.95
C THR A 1192 71.39 14.03 -15.12
N LEU A 1193 72.09 13.80 -14.02
CA LEU A 1193 71.73 12.72 -13.10
C LEU A 1193 70.58 13.10 -12.19
N ALA A 1194 70.06 14.31 -12.26
CA ALA A 1194 68.93 14.73 -11.46
C ALA A 1194 67.59 14.42 -12.13
N ASN A 1195 67.60 13.93 -13.38
CA ASN A 1195 66.35 13.57 -14.04
C ASN A 1195 66.46 12.24 -14.79
N THR A 1196 67.52 11.46 -14.59
CA THR A 1196 67.69 10.19 -15.26
C THR A 1196 67.95 9.09 -14.24
N ARG A 1197 67.64 7.87 -14.62
CA ARG A 1197 67.94 6.68 -13.84
C ARG A 1197 68.59 5.64 -14.73
N TYR A 1198 69.55 4.91 -14.18
CA TYR A 1198 70.26 3.91 -14.96
C TYR A 1198 69.38 2.68 -15.16
N VAL A 1199 69.33 2.19 -16.40
CA VAL A 1199 68.52 1.02 -16.76
C VAL A 1199 69.37 0.08 -17.61
N SER A 1200 68.87 -1.14 -17.75
CA SER A 1200 69.54 -2.13 -18.60
C SER A 1200 69.40 -1.76 -20.07
N LYS A 1201 70.26 -2.35 -20.89
CA LYS A 1201 70.27 -2.03 -22.31
C LYS A 1201 69.08 -2.68 -23.02
N ASP A 1202 68.42 -1.91 -23.87
CA ASP A 1202 67.33 -2.39 -24.71
C ASP A 1202 67.66 -2.12 -26.17
N THR A 1203 67.05 -2.91 -27.05
CA THR A 1203 67.28 -2.73 -28.48
C THR A 1203 66.58 -1.50 -29.03
N LYS A 1204 65.63 -0.93 -28.28
CA LYS A 1204 64.89 0.25 -28.72
C LYS A 1204 65.53 1.56 -28.28
N TYR A 1205 66.64 1.49 -27.55
CA TYR A 1205 67.30 2.70 -27.07
C TYR A 1205 68.20 3.29 -28.14
N GLN A 1206 68.28 4.62 -28.16
CA GLN A 1206 69.14 5.29 -29.13
C GLN A 1206 70.60 5.13 -28.74
N GLU A 1207 71.43 4.78 -29.72
CA GLU A 1207 72.87 4.61 -29.52
C GLU A 1207 73.55 5.91 -29.91
N LEU A 1208 74.08 6.62 -28.91
CA LEU A 1208 74.72 7.90 -29.12
C LEU A 1208 76.22 7.71 -29.26
N ASN A 1209 76.80 8.28 -30.31
CA ASN A 1209 78.23 8.17 -30.59
C ASN A 1209 78.93 9.51 -30.67
N ASN A 1210 78.31 10.50 -31.31
CA ASN A 1210 78.97 11.79 -31.49
C ASN A 1210 78.95 12.62 -30.20
N LYS A 1211 77.77 12.79 -29.61
CA LYS A 1211 77.60 13.61 -28.42
C LYS A 1211 77.06 12.75 -27.29
N LEU A 1212 77.46 13.09 -26.06
CA LEU A 1212 77.12 12.27 -24.91
C LEU A 1212 76.76 13.14 -23.71
N PRO A 1213 75.65 12.88 -23.04
CA PRO A 1213 75.33 13.60 -21.81
C PRO A 1213 76.25 13.19 -20.68
N PRO A 1214 76.39 14.03 -19.66
CA PRO A 1214 77.26 13.69 -18.51
C PRO A 1214 76.87 12.41 -17.78
N PRO A 1215 75.58 12.00 -17.75
CA PRO A 1215 75.31 10.64 -17.26
C PRO A 1215 76.00 9.53 -18.05
N LEU A 1216 76.15 9.70 -19.36
CA LEU A 1216 76.75 8.66 -20.17
C LEU A 1216 78.26 8.85 -20.38
N LEU A 1217 78.77 10.04 -20.12
CA LEU A 1217 80.20 10.29 -20.27
C LEU A 1217 80.98 9.68 -19.12
N SER A 1218 82.28 9.47 -19.36
CA SER A 1218 83.17 8.90 -18.35
C SER A 1218 84.51 9.61 -18.38
N ASP B 18 -45.25 -36.02 -16.80
CA ASP B 18 -44.57 -37.29 -16.93
C ASP B 18 -44.51 -37.74 -18.39
N VAL B 19 -43.86 -38.86 -18.63
CA VAL B 19 -43.74 -39.43 -19.97
C VAL B 19 -44.06 -40.92 -19.90
N ASP B 20 -44.54 -41.47 -21.00
CA ASP B 20 -44.91 -42.87 -21.10
C ASP B 20 -43.82 -43.63 -21.83
N LEU B 21 -43.29 -44.68 -21.20
CA LEU B 21 -42.19 -45.45 -21.77
C LEU B 21 -42.65 -46.74 -22.42
N GLY B 22 -43.95 -47.02 -22.43
CA GLY B 22 -44.46 -48.22 -23.06
C GLY B 22 -45.13 -49.16 -22.07
N PRO B 23 -45.73 -50.23 -22.59
CA PRO B 23 -46.41 -51.19 -21.72
C PRO B 23 -45.42 -52.01 -20.90
N ASP B 24 -45.92 -52.53 -19.78
CA ASP B 24 -45.13 -53.41 -18.94
C ASP B 24 -44.85 -54.72 -19.67
N SER B 25 -43.71 -55.33 -19.35
CA SER B 25 -43.35 -56.60 -19.96
C SER B 25 -44.32 -57.70 -19.52
N THR B 26 -44.73 -58.52 -20.48
CA THR B 26 -45.74 -59.54 -20.24
C THR B 26 -45.16 -60.83 -19.66
N ARG B 27 -43.84 -60.92 -19.49
CA ARG B 27 -43.25 -62.12 -18.93
C ARG B 27 -43.68 -62.30 -17.47
N ASP B 28 -43.99 -63.54 -17.12
CA ASP B 28 -44.41 -63.89 -15.77
C ASP B 28 -43.23 -64.26 -14.88
N THR B 29 -42.02 -64.26 -15.40
CA THR B 29 -40.85 -64.66 -14.63
C THR B 29 -39.63 -63.89 -15.13
N CYS B 30 -38.51 -64.08 -14.43
CA CYS B 30 -37.25 -63.47 -14.79
C CYS B 30 -36.22 -64.55 -15.12
N ASP B 31 -35.28 -64.22 -16.00
CA ASP B 31 -34.32 -65.20 -16.48
C ASP B 31 -33.37 -65.63 -15.36
N GLU B 32 -33.10 -66.93 -15.31
CA GLU B 32 -32.15 -67.45 -14.34
C GLU B 32 -30.73 -67.08 -14.75
N VAL B 33 -29.94 -66.60 -13.79
CA VAL B 33 -28.61 -66.07 -14.08
C VAL B 33 -27.59 -66.88 -13.30
N VAL B 34 -26.38 -66.94 -13.84
CA VAL B 34 -25.24 -67.60 -13.19
C VAL B 34 -24.32 -66.51 -12.66
N VAL B 35 -24.21 -66.42 -11.35
CA VAL B 35 -23.39 -65.41 -10.70
C VAL B 35 -22.06 -66.08 -10.34
N GLN B 36 -21.07 -65.91 -11.21
CA GLN B 36 -19.72 -66.40 -10.99
C GLN B 36 -18.81 -65.20 -10.85
N VAL B 37 -18.27 -64.99 -9.65
CA VAL B 37 -17.49 -63.80 -9.35
C VAL B 37 -16.02 -64.10 -9.56
N SER B 38 -15.61 -65.34 -9.28
CA SER B 38 -14.21 -65.73 -9.38
C SER B 38 -13.70 -65.67 -10.82
N ALA B 39 -14.59 -65.72 -11.81
CA ALA B 39 -14.17 -65.63 -13.20
C ALA B 39 -13.80 -64.22 -13.63
N PHE B 40 -14.23 -63.20 -12.88
CA PHE B 40 -13.97 -61.81 -13.23
C PHE B 40 -12.91 -61.16 -12.34
N GLN B 41 -11.99 -61.96 -11.80
CA GLN B 41 -10.96 -61.47 -10.89
C GLN B 41 -9.64 -61.22 -11.59
N LYS B 42 -9.59 -61.30 -12.92
CA LYS B 42 -8.37 -60.95 -13.64
C LYS B 42 -8.08 -59.46 -13.49
N ASP B 43 -6.80 -59.12 -13.57
CA ASP B 43 -6.34 -57.77 -13.23
C ASP B 43 -5.52 -57.20 -14.38
N TRP B 44 -6.08 -56.22 -15.08
CA TRP B 44 -5.32 -55.39 -16.02
C TRP B 44 -5.28 -53.98 -15.44
N PRO B 45 -4.19 -53.59 -14.79
CA PRO B 45 -4.14 -52.26 -14.16
C PRO B 45 -4.09 -51.15 -15.21
N GLN B 46 -4.99 -50.18 -15.06
CA GLN B 46 -5.03 -49.00 -15.93
C GLN B 46 -5.08 -47.77 -15.02
N PRO B 47 -3.95 -47.38 -14.44
CA PRO B 47 -3.95 -46.22 -13.56
C PRO B 47 -4.12 -44.93 -14.34
N ILE B 48 -4.56 -43.89 -13.62
CA ILE B 48 -4.74 -42.58 -14.23
C ILE B 48 -3.36 -41.94 -14.41
N ASN B 49 -2.96 -41.74 -15.65
CA ASN B 49 -1.71 -41.06 -15.95
C ASN B 49 -1.99 -39.71 -16.60
N PRO B 50 -1.71 -38.59 -15.92
CA PRO B 50 -1.96 -37.28 -16.53
C PRO B 50 -1.09 -36.95 -17.73
N LEU B 51 0.01 -37.69 -17.95
CA LEU B 51 0.87 -37.40 -19.10
C LEU B 51 0.20 -37.73 -20.43
N PHE B 52 -0.86 -38.53 -20.42
CA PHE B 52 -1.68 -38.73 -21.60
C PHE B 52 -3.03 -38.04 -21.47
N ALA B 53 -3.20 -37.19 -20.45
CA ALA B 53 -4.45 -36.50 -20.14
C ALA B 53 -5.60 -37.48 -19.96
N ASP B 54 -5.43 -38.38 -19.01
CA ASP B 54 -6.43 -39.41 -18.72
C ASP B 54 -7.54 -38.80 -17.87
N GLY B 55 -8.77 -38.92 -18.35
CA GLY B 55 -9.93 -38.45 -17.61
C GLY B 55 -10.02 -36.95 -17.41
N ILE B 56 -9.67 -36.18 -18.44
CA ILE B 56 -9.66 -34.72 -18.36
C ILE B 56 -10.97 -34.21 -18.95
N ILE B 57 -11.71 -33.43 -18.16
CA ILE B 57 -12.94 -32.81 -18.60
C ILE B 57 -12.61 -31.40 -19.10
N TYR B 58 -12.96 -31.12 -20.35
CA TYR B 58 -12.66 -29.82 -20.93
C TYR B 58 -13.57 -28.74 -20.34
N PRO B 59 -13.10 -27.50 -20.28
CA PRO B 59 -13.99 -26.38 -19.91
C PRO B 59 -15.17 -26.26 -20.87
N THR B 60 -16.32 -25.90 -20.32
CA THR B 60 -17.59 -26.09 -21.03
C THR B 60 -17.75 -25.10 -22.18
N GLY B 61 -17.48 -23.82 -21.94
CA GLY B 61 -17.82 -22.83 -22.93
C GLY B 61 -16.69 -21.97 -23.43
N ARG B 62 -15.51 -22.55 -23.58
CA ARG B 62 -14.33 -21.82 -24.04
C ARG B 62 -13.30 -22.82 -24.51
N SER B 63 -12.18 -22.31 -25.00
CA SER B 63 -11.03 -23.12 -25.33
C SER B 63 -9.78 -22.28 -25.17
N TYR B 64 -8.65 -22.95 -25.04
CA TYR B 64 -7.36 -22.29 -24.90
C TYR B 64 -6.41 -22.84 -25.95
N SER B 65 -5.47 -22.01 -26.38
CA SER B 65 -4.55 -22.38 -27.45
C SER B 65 -3.12 -22.05 -27.03
N ASN B 66 -2.28 -23.07 -26.99
CA ASN B 66 -0.82 -22.92 -26.85
C ASN B 66 -0.43 -22.20 -25.56
N ILE B 67 -1.04 -22.60 -24.45
CA ILE B 67 -0.66 -22.10 -23.13
C ILE B 67 -0.70 -23.27 -22.15
N SER B 68 -0.20 -23.01 -20.94
CA SER B 68 -0.30 -23.94 -19.83
C SER B 68 -1.04 -23.24 -18.70
N LEU B 69 -2.13 -23.83 -18.26
CA LEU B 69 -3.04 -23.18 -17.32
C LEU B 69 -3.29 -24.07 -16.12
N SER B 70 -3.42 -23.44 -14.95
CA SER B 70 -3.75 -24.14 -13.72
C SER B 70 -5.26 -24.01 -13.51
N TYR B 71 -5.95 -25.14 -13.54
CA TYR B 71 -7.40 -25.18 -13.57
C TYR B 71 -7.90 -26.01 -12.39
N GLN B 72 -8.87 -25.46 -11.66
CA GLN B 72 -9.43 -26.12 -10.49
C GLN B 72 -10.82 -26.63 -10.84
N GLY B 73 -10.99 -27.95 -10.76
CA GLY B 73 -12.25 -28.57 -11.12
C GLY B 73 -12.38 -29.96 -10.56
N LEU B 74 -12.99 -30.86 -11.33
CA LEU B 74 -13.22 -32.24 -10.93
C LEU B 74 -12.35 -33.14 -11.79
N PHE B 75 -11.31 -33.72 -11.19
CA PHE B 75 -10.34 -34.54 -11.89
C PHE B 75 -10.09 -35.82 -11.12
N PRO B 76 -9.72 -36.91 -11.81
CA PRO B 76 -9.31 -38.11 -11.10
C PRO B 76 -7.89 -38.00 -10.57
N ARG B 77 -7.65 -38.65 -9.44
CA ARG B 77 -6.33 -38.60 -8.81
C ARG B 77 -5.31 -39.38 -9.64
N GLN B 78 -4.08 -38.90 -9.63
CA GLN B 78 -3.00 -39.56 -10.35
C GLN B 78 -2.65 -40.89 -9.69
N GLY B 79 -2.49 -41.93 -10.50
CA GLY B 79 -2.16 -43.24 -10.00
C GLY B 79 -3.32 -44.03 -9.45
N ASP B 80 -4.55 -43.53 -9.56
CA ASP B 80 -5.72 -44.25 -9.07
C ASP B 80 -6.06 -45.37 -10.03
N LEU B 81 -6.16 -46.60 -9.50
CA LEU B 81 -6.48 -47.75 -10.33
C LEU B 81 -7.96 -47.79 -10.70
N GLY B 82 -8.83 -47.27 -9.86
CA GLY B 82 -10.25 -47.33 -10.12
C GLY B 82 -10.79 -48.74 -9.90
N ARG B 83 -11.91 -49.01 -10.55
CA ARG B 83 -12.57 -50.32 -10.48
C ARG B 83 -12.80 -50.83 -11.89
N GLN B 84 -12.45 -52.09 -12.13
CA GLN B 84 -12.55 -52.70 -13.45
C GLN B 84 -13.74 -53.65 -13.49
N TYR B 85 -14.54 -53.52 -14.56
CA TYR B 85 -15.74 -54.33 -14.74
C TYR B 85 -15.68 -55.02 -16.08
N ILE B 86 -16.06 -56.30 -16.10
CA ILE B 86 -15.98 -57.14 -17.29
C ILE B 86 -17.37 -57.69 -17.57
N TYR B 87 -17.84 -57.52 -18.80
CA TYR B 87 -19.11 -58.08 -19.25
C TYR B 87 -18.82 -59.33 -20.07
N SER B 88 -19.40 -60.45 -19.66
CA SER B 88 -19.12 -61.74 -20.30
C SER B 88 -20.25 -62.11 -21.25
N VAL B 89 -20.15 -63.32 -21.79
CA VAL B 89 -21.13 -63.86 -22.73
C VAL B 89 -21.79 -65.08 -22.09
N THR B 90 -23.02 -65.37 -22.52
CA THR B 90 -23.80 -66.43 -21.90
C THR B 90 -23.26 -67.81 -22.30
N HIS B 91 -23.79 -68.83 -21.65
CA HIS B 91 -23.44 -70.20 -21.99
C HIS B 91 -23.97 -70.56 -23.37
N ALA B 92 -23.15 -71.26 -24.15
CA ALA B 92 -23.55 -71.67 -25.49
C ALA B 92 -23.02 -73.07 -25.80
N ILE B 103 -28.58 -72.03 -26.40
CA ILE B 103 -28.00 -71.07 -25.47
C ILE B 103 -28.86 -70.95 -24.23
N GLY B 104 -28.24 -70.60 -23.11
CA GLY B 104 -28.97 -70.47 -21.86
C GLY B 104 -28.11 -69.80 -20.81
N LYS B 105 -28.78 -69.43 -19.71
CA LYS B 105 -28.17 -68.78 -18.55
C LYS B 105 -27.54 -67.43 -18.89
N HIS B 106 -26.96 -66.78 -17.89
CA HIS B 106 -26.25 -65.52 -18.07
C HIS B 106 -25.03 -65.55 -17.17
N PHE B 107 -23.86 -65.25 -17.73
CA PHE B 107 -22.60 -65.31 -16.98
C PHE B 107 -22.24 -63.88 -16.54
N ILE B 108 -22.58 -63.55 -15.30
CA ILE B 108 -22.38 -62.21 -14.75
C ILE B 108 -21.73 -62.32 -13.37
N SER B 109 -21.23 -61.19 -12.89
CA SER B 109 -20.68 -61.06 -11.55
C SER B 109 -21.73 -60.46 -10.63
N ASN B 110 -21.34 -60.19 -9.39
CA ASN B 110 -22.28 -59.64 -8.41
C ASN B 110 -22.26 -58.10 -8.39
N TYR B 111 -22.38 -57.51 -9.57
CA TYR B 111 -22.36 -56.06 -9.68
C TYR B 111 -23.66 -55.39 -9.22
N SER B 112 -24.74 -56.16 -9.12
CA SER B 112 -26.02 -55.57 -8.75
C SER B 112 -26.09 -55.22 -7.27
N ALA B 113 -25.42 -55.97 -6.42
CA ALA B 113 -25.46 -55.73 -4.98
C ALA B 113 -24.51 -54.61 -4.54
N GLU B 114 -23.62 -54.16 -5.42
CA GLU B 114 -22.65 -53.14 -5.08
C GLU B 114 -23.27 -51.76 -5.31
N THR B 115 -23.29 -50.94 -4.27
CA THR B 115 -23.82 -49.58 -4.32
C THR B 115 -22.71 -48.64 -3.85
N LEU B 116 -21.84 -48.24 -4.78
CA LEU B 116 -20.73 -47.37 -4.45
C LEU B 116 -21.21 -45.93 -4.27
N PRO B 117 -20.54 -45.16 -3.41
CA PRO B 117 -20.91 -43.75 -3.25
C PRO B 117 -20.65 -42.95 -4.52
N PHE B 118 -21.59 -42.05 -4.83
CA PHE B 118 -21.45 -41.22 -6.01
C PHE B 118 -20.35 -40.19 -5.85
N GLY B 119 -20.32 -39.50 -4.72
CA GLY B 119 -19.31 -38.50 -4.48
C GLY B 119 -19.49 -37.30 -5.38
N ASN B 120 -18.43 -36.93 -6.10
CA ASN B 120 -18.45 -35.83 -7.05
C ASN B 120 -18.68 -36.30 -8.48
N GLY B 121 -19.00 -37.56 -8.67
CA GLY B 121 -19.14 -38.15 -10.00
C GLY B 121 -17.94 -39.03 -10.33
N PHE B 122 -18.00 -39.60 -11.52
CA PHE B 122 -16.97 -40.54 -11.94
C PHE B 122 -16.74 -40.42 -13.44
N VAL B 123 -15.57 -40.90 -13.87
CA VAL B 123 -15.21 -40.97 -15.28
C VAL B 123 -14.97 -42.43 -15.64
N VAL B 124 -15.29 -42.79 -16.88
CA VAL B 124 -15.23 -44.17 -17.35
C VAL B 124 -14.30 -44.24 -18.55
N ARG B 125 -13.34 -45.16 -18.51
CA ARG B 125 -12.48 -45.46 -19.65
C ARG B 125 -13.03 -46.68 -20.36
N ILE B 126 -13.39 -46.52 -21.63
CA ILE B 126 -14.15 -47.52 -22.37
C ILE B 126 -13.32 -48.01 -23.54
N GLY B 127 -13.22 -49.34 -23.67
CA GLY B 127 -12.58 -49.96 -24.81
C GLY B 127 -11.09 -49.70 -24.95
N PHE B 128 -10.34 -49.85 -23.86
CA PHE B 128 -8.89 -49.70 -23.94
C PHE B 128 -8.27 -50.77 -24.82
N SER B 129 -8.63 -52.03 -24.56
CA SER B 129 -8.14 -53.16 -25.36
C SER B 129 -9.19 -53.56 -26.38
N ALA B 130 -9.46 -52.63 -27.30
CA ALA B 130 -10.53 -52.81 -28.27
C ALA B 130 -10.07 -53.46 -29.58
N ASN B 131 -8.78 -53.79 -29.70
CA ASN B 131 -8.28 -54.44 -30.90
C ASN B 131 -7.35 -55.62 -30.62
N LYS B 132 -6.95 -55.83 -29.37
CA LYS B 132 -6.05 -56.92 -29.04
C LYS B 132 -6.84 -58.22 -28.89
N THR B 133 -6.18 -59.28 -28.43
CA THR B 133 -6.79 -60.59 -28.29
C THR B 133 -6.71 -61.05 -26.84
N GLY B 134 -7.80 -61.65 -26.36
CA GLY B 134 -7.86 -62.12 -24.99
C GLY B 134 -8.82 -63.28 -24.87
N SER B 135 -8.66 -64.03 -23.78
CA SER B 135 -9.46 -65.22 -23.55
C SER B 135 -10.86 -64.87 -23.09
N LEU B 136 -11.82 -65.73 -23.43
CA LEU B 136 -13.18 -65.56 -22.96
C LEU B 136 -13.27 -65.80 -21.47
N VAL B 137 -14.14 -65.05 -20.79
CA VAL B 137 -14.38 -65.29 -19.37
C VAL B 137 -15.11 -66.62 -19.19
N ILE B 138 -16.01 -66.95 -20.12
CA ILE B 138 -16.78 -68.19 -20.03
C ILE B 138 -15.87 -69.40 -20.26
N SER B 139 -14.81 -69.25 -21.04
CA SER B 139 -13.86 -70.33 -21.34
C SER B 139 -12.45 -69.80 -21.15
N PRO B 140 -11.96 -69.75 -19.90
CA PRO B 140 -10.62 -69.22 -19.60
C PRO B 140 -9.50 -70.08 -20.17
N SER B 143 -11.15 -67.47 -27.18
CA SER B 143 -10.10 -66.47 -27.18
C SER B 143 -9.97 -65.82 -28.55
N LYS B 144 -10.70 -64.71 -28.75
CA LYS B 144 -10.68 -64.01 -30.03
C LYS B 144 -10.34 -62.54 -29.85
N VAL B 145 -10.49 -61.75 -30.92
CA VAL B 145 -10.20 -60.33 -30.87
C VAL B 145 -11.23 -59.64 -29.99
N ILE B 146 -10.75 -58.84 -29.04
CA ILE B 146 -11.62 -58.18 -28.08
C ILE B 146 -12.29 -56.98 -28.74
N LYS B 147 -13.56 -56.76 -28.41
CA LYS B 147 -14.32 -55.62 -28.88
C LYS B 147 -14.74 -54.76 -27.69
N LYS B 148 -15.23 -53.56 -27.98
CA LYS B 148 -15.57 -52.57 -26.97
C LYS B 148 -17.05 -52.65 -26.63
N ILE B 149 -17.36 -52.69 -25.34
CA ILE B 149 -18.73 -52.72 -24.84
C ILE B 149 -18.95 -51.52 -23.94
N TYR B 150 -20.13 -50.91 -24.04
CA TYR B 150 -20.49 -49.72 -23.28
C TYR B 150 -21.12 -50.11 -21.93
N PRO B 151 -20.78 -49.38 -20.88
CA PRO B 151 -21.35 -49.68 -19.56
C PRO B 151 -22.79 -49.22 -19.44
N ALA B 152 -23.49 -49.81 -18.47
CA ALA B 152 -24.84 -49.40 -18.10
C ALA B 152 -24.86 -49.15 -16.60
N PHE B 153 -25.45 -48.02 -16.19
CA PHE B 153 -25.42 -47.60 -14.80
C PHE B 153 -26.82 -47.39 -14.24
N MET B 154 -26.90 -47.46 -12.92
CA MET B 154 -28.07 -47.14 -12.13
C MET B 154 -27.65 -46.11 -11.09
N LEU B 155 -28.33 -44.97 -11.06
CA LEU B 155 -27.98 -43.89 -10.13
C LEU B 155 -29.22 -43.41 -9.39
N GLY B 156 -29.07 -43.20 -8.09
CA GLY B 156 -30.19 -42.78 -7.27
C GLY B 156 -29.69 -42.12 -6.00
N THR B 157 -30.64 -41.76 -5.13
CA THR B 157 -30.34 -41.07 -3.89
C THR B 157 -30.52 -41.93 -2.65
N ALA B 158 -31.34 -42.98 -2.71
CA ALA B 158 -31.60 -43.84 -1.56
C ALA B 158 -31.52 -45.30 -2.01
N VAL B 159 -30.94 -46.14 -1.15
CA VAL B 159 -30.83 -47.57 -1.42
C VAL B 159 -31.32 -48.35 -0.21
N THR B 160 -31.75 -49.58 -0.47
CA THR B 160 -32.19 -50.49 0.57
C THR B 160 -32.06 -51.91 0.05
N SER B 161 -32.42 -52.87 0.89
CA SER B 161 -32.43 -54.27 0.50
C SER B 161 -33.71 -54.61 -0.25
N PHE B 162 -33.70 -55.78 -0.91
CA PHE B 162 -34.88 -56.25 -1.63
C PHE B 162 -35.86 -56.89 -0.65
N ALA B 163 -36.87 -57.59 -1.18
CA ALA B 163 -37.94 -58.13 -0.34
C ALA B 163 -37.42 -59.23 0.59
N HIS B 164 -36.54 -60.09 0.10
CA HIS B 164 -36.07 -61.24 0.87
C HIS B 164 -34.64 -61.08 1.35
N GLY B 165 -34.13 -59.85 1.41
CA GLY B 165 -32.82 -59.61 1.99
C GLY B 165 -31.68 -59.62 1.01
N HIS B 166 -31.87 -59.03 -0.16
CA HIS B 166 -30.82 -58.89 -1.16
C HIS B 166 -30.55 -57.40 -1.34
N ALA B 167 -29.28 -57.02 -1.22
CA ALA B 167 -28.90 -55.62 -1.35
C ALA B 167 -28.94 -55.19 -2.81
N GLY B 168 -29.18 -53.89 -3.02
CA GLY B 168 -29.16 -53.34 -4.36
C GLY B 168 -30.50 -52.89 -4.89
N ARG B 169 -31.37 -52.39 -4.03
CA ARG B 169 -32.66 -51.86 -4.43
C ARG B 169 -32.63 -50.34 -4.35
N TYR B 170 -33.01 -49.68 -5.43
CA TYR B 170 -33.00 -48.23 -5.52
C TYR B 170 -34.42 -47.70 -5.31
N LEU B 171 -34.58 -46.81 -4.33
CA LEU B 171 -35.87 -46.23 -3.98
C LEU B 171 -36.06 -44.90 -4.67
N ASN B 172 -37.32 -44.48 -4.76
CA ASN B 172 -37.76 -43.18 -5.31
C ASN B 172 -37.33 -43.10 -6.77
N HIS B 173 -37.12 -41.89 -7.27
CA HIS B 173 -36.73 -41.72 -8.67
C HIS B 173 -35.29 -42.14 -8.87
N THR B 174 -35.05 -42.93 -9.91
CA THR B 174 -33.76 -43.53 -10.19
C THR B 174 -33.31 -43.16 -11.59
N LEU B 175 -32.08 -42.69 -11.72
CA LEU B 175 -31.50 -42.33 -13.00
C LEU B 175 -30.83 -43.55 -13.59
N VAL B 176 -31.31 -44.02 -14.74
CA VAL B 176 -30.83 -45.23 -15.38
C VAL B 176 -30.26 -44.87 -16.75
N ILE B 177 -29.04 -45.30 -17.01
CA ILE B 177 -28.35 -45.04 -18.27
C ILE B 177 -28.10 -46.38 -18.94
N LEU B 178 -28.61 -46.56 -20.16
CA LEU B 178 -28.57 -47.85 -20.83
C LEU B 178 -28.13 -47.68 -22.29
N PRO B 179 -27.13 -48.44 -22.74
CA PRO B 179 -26.85 -48.50 -24.18
C PRO B 179 -27.95 -49.26 -24.90
N GLU B 180 -28.14 -48.93 -26.17
CA GLU B 180 -29.23 -49.51 -26.93
C GLU B 180 -28.80 -49.73 -28.38
N SER B 181 -29.64 -50.49 -29.09
CA SER B 181 -29.45 -50.80 -30.51
C SER B 181 -28.10 -51.47 -30.77
N CYS B 182 -27.77 -52.46 -29.93
CA CYS B 182 -26.53 -53.22 -30.02
C CYS B 182 -25.30 -52.31 -29.90
N GLY B 183 -25.42 -51.25 -29.10
CA GLY B 183 -24.29 -50.42 -28.78
C GLY B 183 -24.10 -49.19 -29.65
N THR B 184 -25.08 -48.82 -30.46
CA THR B 184 -24.98 -47.61 -31.28
C THR B 184 -25.94 -46.51 -30.84
N SER B 185 -26.68 -46.72 -29.76
CA SER B 185 -27.56 -45.69 -29.22
C SER B 185 -27.52 -45.73 -27.71
N LEU B 186 -27.70 -44.58 -27.08
CA LEU B 186 -27.72 -44.45 -25.64
C LEU B 186 -29.04 -43.81 -25.22
N THR B 187 -29.74 -44.44 -24.28
CA THR B 187 -31.00 -43.93 -23.75
C THR B 187 -30.86 -43.70 -22.25
N VAL B 188 -31.30 -42.53 -21.81
CA VAL B 188 -31.28 -42.16 -20.40
C VAL B 188 -32.71 -41.84 -19.97
N PHE B 189 -33.16 -42.43 -18.87
CA PHE B 189 -34.50 -42.15 -18.34
C PHE B 189 -34.43 -42.04 -16.83
N TYR B 190 -35.49 -41.45 -16.26
CA TYR B 190 -35.56 -41.07 -14.85
C TYR B 190 -36.94 -41.49 -14.33
N CYS B 191 -37.02 -42.71 -13.77
CA CYS B 191 -38.28 -43.27 -13.32
C CYS B 191 -38.13 -43.82 -11.91
N ILE B 192 -39.25 -44.31 -11.37
CA ILE B 192 -39.27 -45.05 -10.11
C ILE B 192 -39.40 -46.52 -10.45
N LEU B 193 -38.45 -47.33 -9.99
CA LEU B 193 -38.44 -48.75 -10.32
C LEU B 193 -39.31 -49.53 -9.35
N GLU B 194 -40.28 -50.25 -9.89
CA GLU B 194 -41.14 -51.13 -9.11
C GLU B 194 -40.77 -52.57 -9.39
N PRO B 195 -40.16 -53.29 -8.44
CA PRO B 195 -39.76 -54.68 -8.72
C PRO B 195 -40.96 -55.59 -8.88
N ARG B 196 -40.78 -56.63 -9.68
CA ARG B 196 -41.84 -57.58 -9.99
C ARG B 196 -41.71 -58.82 -9.13
N ASN B 197 -42.85 -59.47 -8.88
CA ASN B 197 -42.92 -60.58 -7.94
C ASN B 197 -42.97 -61.96 -8.63
N GLY B 198 -42.59 -62.03 -9.90
CA GLY B 198 -42.50 -63.31 -10.57
C GLY B 198 -41.35 -64.14 -10.06
N THR B 199 -41.27 -65.38 -10.53
CA THR B 199 -40.18 -66.25 -10.11
C THR B 199 -38.85 -65.76 -10.66
N ARG B 200 -37.83 -65.78 -9.80
CA ARG B 200 -36.48 -65.28 -10.04
C ARG B 200 -36.43 -63.78 -10.29
N CYS B 201 -37.52 -63.07 -10.02
CA CYS B 201 -37.62 -61.62 -10.11
C CYS B 201 -37.33 -60.98 -8.76
N PRO B 202 -36.92 -59.69 -8.72
CA PRO B 202 -36.41 -59.08 -7.47
C PRO B 202 -37.30 -59.17 -6.23
N ASN B 203 -38.60 -59.43 -6.40
CA ASN B 203 -39.50 -59.60 -5.26
C ASN B 203 -39.84 -61.06 -5.01
N HIS B 204 -38.88 -61.96 -5.20
CA HIS B 204 -39.11 -63.40 -5.02
C HIS B 204 -37.95 -64.01 -4.26
N GLN B 205 -38.22 -65.17 -3.64
CA GLN B 205 -37.22 -65.82 -2.80
C GLN B 205 -36.11 -66.48 -3.61
N ASP B 206 -36.35 -66.77 -4.89
CA ASP B 206 -35.33 -67.36 -5.75
C ASP B 206 -34.57 -66.31 -6.56
N TYR B 207 -34.75 -65.03 -6.24
CA TYR B 207 -34.00 -63.98 -6.91
C TYR B 207 -32.55 -63.98 -6.47
N THR B 208 -31.65 -63.85 -7.44
CA THR B 208 -30.23 -63.70 -7.14
C THR B 208 -29.64 -62.40 -7.70
N SER B 209 -29.91 -62.08 -8.96
CA SER B 209 -29.38 -60.86 -9.56
C SER B 209 -30.20 -60.49 -10.79
N TYR B 210 -30.43 -59.20 -10.98
CA TYR B 210 -31.05 -58.73 -12.21
C TYR B 210 -29.98 -58.51 -13.29
N VAL B 211 -30.41 -58.51 -14.54
CA VAL B 211 -29.50 -58.38 -15.66
C VAL B 211 -30.26 -57.81 -16.85
N ILE B 212 -29.53 -57.15 -17.74
CA ILE B 212 -30.05 -56.73 -19.03
C ILE B 212 -29.26 -57.43 -20.12
N TRP B 213 -29.91 -57.68 -21.25
CA TRP B 213 -29.31 -58.48 -22.31
C TRP B 213 -29.80 -57.98 -23.66
N GLU B 214 -29.24 -58.56 -24.72
CA GLU B 214 -29.66 -58.28 -26.08
C GLU B 214 -29.40 -59.50 -26.94
N THR B 215 -30.21 -59.65 -27.98
CA THR B 215 -30.07 -60.78 -28.89
C THR B 215 -29.43 -60.29 -30.19
N PRO B 216 -28.19 -60.67 -30.50
CA PRO B 216 -27.58 -60.19 -31.74
C PRO B 216 -28.26 -60.72 -33.00
N HIS B 217 -28.93 -61.86 -32.92
CA HIS B 217 -29.63 -62.41 -34.08
C HIS B 217 -31.14 -62.33 -33.89
N SER B 223 -33.12 -55.22 -39.73
CA SER B 223 -33.81 -54.18 -38.96
C SER B 223 -33.51 -54.30 -37.48
N VAL B 224 -32.93 -53.25 -36.91
CA VAL B 224 -32.59 -53.22 -35.50
C VAL B 224 -33.86 -52.99 -34.68
N ASN B 225 -34.03 -53.78 -33.62
CA ASN B 225 -35.19 -53.61 -32.74
C ASN B 225 -35.17 -52.26 -32.03
N ARG B 226 -33.99 -51.77 -31.67
CA ARG B 226 -33.73 -50.52 -30.96
C ARG B 226 -34.42 -50.43 -29.61
N ASN B 227 -35.01 -51.54 -29.12
CA ASN B 227 -35.67 -51.57 -27.82
C ASN B 227 -35.31 -52.79 -27.00
N ALA B 228 -34.30 -53.56 -27.42
CA ALA B 228 -34.00 -54.84 -26.77
C ALA B 228 -33.52 -54.65 -25.34
N THR B 229 -32.63 -53.67 -25.11
CA THR B 229 -32.14 -53.41 -23.77
C THR B 229 -33.26 -52.93 -22.86
N LEU B 230 -34.12 -52.04 -23.36
CA LEU B 230 -35.23 -51.55 -22.57
C LEU B 230 -36.22 -52.66 -22.22
N ASN B 231 -36.47 -53.57 -23.17
CA ASN B 231 -37.36 -54.70 -22.88
C ASN B 231 -36.74 -55.64 -21.87
N SER B 232 -35.44 -55.92 -21.98
CA SER B 232 -34.78 -56.77 -21.01
C SER B 232 -34.75 -56.13 -19.62
N PHE B 233 -34.71 -54.80 -19.57
CA PHE B 233 -34.78 -54.11 -18.29
C PHE B 233 -36.19 -54.15 -17.71
N LYS B 234 -37.21 -53.93 -18.56
CA LYS B 234 -38.59 -53.96 -18.11
C LYS B 234 -39.06 -55.35 -17.74
N VAL B 235 -38.34 -56.39 -18.16
CA VAL B 235 -38.60 -57.73 -17.65
C VAL B 235 -38.44 -57.78 -16.14
N SER B 236 -37.43 -57.10 -15.61
CA SER B 236 -37.14 -57.16 -14.19
C SER B 236 -37.82 -56.07 -13.37
N PHE B 237 -38.09 -54.90 -13.97
CA PHE B 237 -38.60 -53.76 -13.22
C PHE B 237 -39.79 -53.15 -13.94
N ASN B 238 -40.56 -52.37 -13.19
CA ASN B 238 -41.66 -51.57 -13.72
C ASN B 238 -41.29 -50.10 -13.63
N LEU B 239 -41.63 -49.34 -14.66
CA LEU B 239 -41.27 -47.93 -14.76
C LEU B 239 -42.52 -47.09 -14.54
N ARG B 240 -42.54 -46.35 -13.43
CA ARG B 240 -43.69 -45.54 -13.05
C ARG B 240 -43.26 -44.10 -12.80
N GLN B 241 -44.07 -43.16 -13.30
CA GLN B 241 -43.86 -41.72 -13.12
C GLN B 241 -42.49 -41.28 -13.64
N CYS B 242 -42.27 -41.55 -14.93
CA CYS B 242 -41.02 -41.23 -15.58
C CYS B 242 -40.97 -39.73 -15.88
N LYS B 243 -39.95 -39.05 -15.35
CA LYS B 243 -39.84 -37.61 -15.55
C LYS B 243 -39.43 -37.28 -16.98
N PHE B 244 -38.43 -37.99 -17.51
CA PHE B 244 -37.95 -37.72 -18.86
C PHE B 244 -37.31 -38.98 -19.42
N MET B 245 -37.18 -38.99 -20.74
CA MET B 245 -36.40 -40.00 -21.43
C MET B 245 -35.72 -39.34 -22.62
N ARG B 246 -34.41 -39.58 -22.75
CA ARG B 246 -33.61 -38.93 -23.78
C ARG B 246 -32.77 -39.98 -24.50
N THR B 247 -32.53 -39.75 -25.78
CA THR B 247 -31.82 -40.70 -26.64
C THR B 247 -30.69 -39.98 -27.36
N TYR B 248 -29.58 -40.68 -27.54
CA TYR B 248 -28.42 -40.16 -28.26
C TYR B 248 -27.92 -41.20 -29.24
N ASN B 249 -27.39 -40.72 -30.37
CA ASN B 249 -26.87 -41.59 -31.41
C ASN B 249 -25.36 -41.72 -31.27
N ILE B 250 -24.86 -42.94 -31.34
CA ILE B 250 -23.44 -43.23 -31.20
C ILE B 250 -22.98 -43.93 -32.48
N SER B 251 -21.96 -43.37 -33.11
CA SER B 251 -21.33 -44.03 -34.25
C SER B 251 -20.45 -45.17 -33.75
N ASP B 252 -20.63 -46.35 -34.35
CA ASP B 252 -19.95 -47.55 -33.87
C ASP B 252 -18.55 -47.63 -34.47
N ASP B 253 -17.54 -47.75 -33.60
CA ASP B 253 -16.16 -47.96 -34.01
C ASP B 253 -15.45 -48.69 -32.88
N GLU B 254 -14.14 -48.86 -33.01
CA GLU B 254 -13.34 -49.52 -31.98
C GLU B 254 -12.34 -48.56 -31.33
N ASN B 255 -12.60 -47.26 -31.40
CA ASN B 255 -11.73 -46.28 -30.77
C ASN B 255 -11.93 -46.27 -29.26
N GLN B 256 -10.86 -45.93 -28.54
CA GLN B 256 -10.95 -45.77 -27.10
C GLN B 256 -11.77 -44.54 -26.77
N GLU B 257 -12.69 -44.68 -25.81
CA GLU B 257 -13.67 -43.66 -25.51
C GLU B 257 -13.67 -43.38 -24.02
N TRP B 258 -13.98 -42.13 -23.65
CA TRP B 258 -14.10 -41.70 -22.27
C TRP B 258 -15.49 -41.13 -22.03
N PHE B 259 -16.08 -41.48 -20.88
CA PHE B 259 -17.40 -41.01 -20.50
C PHE B 259 -17.37 -40.55 -19.05
N GLY B 260 -18.07 -39.45 -18.76
CA GLY B 260 -18.08 -38.90 -17.42
C GLY B 260 -19.46 -38.41 -17.04
N ILE B 261 -19.64 -38.18 -15.74
CA ILE B 261 -20.90 -37.70 -15.19
C ILE B 261 -20.65 -36.95 -13.89
N THR B 262 -21.22 -35.75 -13.77
CA THR B 262 -21.13 -34.96 -12.54
C THR B 262 -22.51 -34.40 -12.23
N GLN B 263 -22.65 -33.82 -11.04
CA GLN B 263 -23.90 -33.22 -10.61
C GLN B 263 -23.62 -31.98 -9.78
N ASN B 264 -24.36 -30.91 -10.06
CA ASN B 264 -24.34 -29.71 -9.24
C ASN B 264 -25.76 -29.15 -9.22
N ALA B 265 -25.90 -27.88 -8.81
CA ALA B 265 -27.21 -27.26 -8.67
C ALA B 265 -27.94 -27.12 -10.00
N GLN B 266 -27.23 -27.21 -11.13
CA GLN B 266 -27.84 -27.10 -12.44
C GLN B 266 -28.23 -28.44 -13.03
N GLY B 267 -28.08 -29.53 -12.29
CA GLY B 267 -28.50 -30.83 -12.76
C GLY B 267 -27.36 -31.82 -12.94
N VAL B 268 -27.60 -32.89 -13.68
CA VAL B 268 -26.62 -33.92 -13.93
C VAL B 268 -26.02 -33.66 -15.31
N HIS B 269 -24.69 -33.57 -15.36
CA HIS B 269 -23.96 -33.25 -16.58
C HIS B 269 -23.29 -34.50 -17.11
N LEU B 270 -23.43 -34.75 -18.41
CA LEU B 270 -22.88 -35.92 -19.06
C LEU B 270 -21.76 -35.50 -20.00
N TYR B 271 -20.60 -36.08 -19.83
CA TYR B 271 -19.41 -35.75 -20.61
C TYR B 271 -18.99 -36.95 -21.44
N SER B 272 -18.61 -36.70 -22.68
CA SER B 272 -18.14 -37.76 -23.57
C SER B 272 -17.01 -37.21 -24.43
N SER B 273 -16.12 -38.12 -24.84
CA SER B 273 -15.06 -37.75 -25.77
C SER B 273 -15.53 -37.73 -27.21
N ARG B 274 -16.68 -38.34 -27.49
CA ARG B 274 -17.21 -38.34 -28.86
C ARG B 274 -17.69 -36.96 -29.27
N LYS B 275 -18.06 -36.11 -28.31
CA LYS B 275 -18.51 -34.77 -28.64
C LYS B 275 -17.39 -33.94 -29.24
N GLY B 276 -16.17 -34.08 -28.73
CA GLY B 276 -15.03 -33.36 -29.25
C GLY B 276 -13.99 -34.25 -29.91
N ASP B 277 -12.92 -34.53 -29.17
CA ASP B 277 -11.80 -35.33 -29.68
C ASP B 277 -12.18 -36.80 -29.66
N LEU B 278 -12.67 -37.30 -30.80
CA LEU B 278 -12.97 -38.73 -30.91
C LEU B 278 -11.71 -39.57 -30.82
N TYR B 279 -10.62 -39.10 -31.40
CA TYR B 279 -9.35 -39.81 -31.40
C TYR B 279 -8.44 -39.40 -30.26
N GLY B 280 -8.92 -38.54 -29.36
CA GLY B 280 -8.18 -38.18 -28.17
C GLY B 280 -8.90 -38.63 -26.90
N GLY B 281 -8.64 -37.95 -25.79
CA GLY B 281 -9.23 -38.38 -24.53
C GLY B 281 -9.99 -37.29 -23.79
N ASN B 282 -10.07 -36.10 -24.38
CA ASN B 282 -10.76 -35.00 -23.72
C ASN B 282 -12.27 -35.21 -23.78
N MET B 283 -12.93 -35.04 -22.63
CA MET B 283 -14.37 -35.20 -22.55
C MET B 283 -15.07 -33.85 -22.61
N PHE B 284 -16.15 -33.79 -23.36
CA PHE B 284 -16.94 -32.59 -23.55
C PHE B 284 -18.39 -32.85 -23.16
N LEU B 285 -19.03 -31.83 -22.60
CA LEU B 285 -20.41 -31.95 -22.18
C LEU B 285 -21.34 -32.01 -23.39
N PHE B 286 -22.24 -32.98 -23.40
CA PHE B 286 -23.20 -33.10 -24.49
C PHE B 286 -24.66 -33.05 -24.06
N ASP B 287 -24.97 -33.22 -22.78
CA ASP B 287 -26.33 -33.04 -22.32
C ASP B 287 -26.35 -32.76 -20.82
N THR B 288 -27.34 -31.99 -20.39
CA THR B 288 -27.60 -31.73 -18.98
C THR B 288 -28.98 -32.25 -18.63
N LEU B 289 -29.07 -33.08 -17.59
CA LEU B 289 -30.33 -33.69 -17.19
C LEU B 289 -30.97 -32.93 -16.03
N PRO B 290 -32.30 -32.85 -15.99
CA PRO B 290 -32.98 -32.14 -14.89
C PRO B 290 -33.16 -32.99 -13.65
N VAL B 291 -32.04 -33.45 -13.08
CA VAL B 291 -32.02 -34.21 -11.85
C VAL B 291 -31.38 -33.33 -10.79
N TYR B 292 -32.17 -32.91 -9.81
CA TYR B 292 -31.71 -31.92 -8.83
C TYR B 292 -31.58 -32.47 -7.42
N GLU B 293 -32.22 -33.60 -7.11
CA GLU B 293 -31.93 -34.29 -5.86
C GLU B 293 -30.53 -34.87 -5.92
N THR B 294 -29.81 -34.76 -4.80
CA THR B 294 -28.39 -35.09 -4.78
C THR B 294 -28.20 -36.60 -4.88
N LEU B 295 -27.55 -37.04 -5.96
CA LEU B 295 -27.27 -38.46 -6.14
C LEU B 295 -26.20 -38.90 -5.15
N LYS B 296 -26.45 -40.02 -4.47
CA LYS B 296 -25.53 -40.53 -3.46
C LYS B 296 -24.95 -41.89 -3.79
N TYR B 297 -25.60 -42.69 -4.64
CA TYR B 297 -25.12 -44.02 -4.94
C TYR B 297 -25.23 -44.27 -6.44
N TYR B 298 -24.34 -45.12 -6.94
CA TYR B 298 -24.40 -45.58 -8.31
C TYR B 298 -24.05 -47.06 -8.37
N THR B 299 -24.60 -47.73 -9.38
CA THR B 299 -24.46 -49.17 -9.52
C THR B 299 -24.25 -49.52 -10.98
N VAL B 300 -23.22 -50.31 -11.27
CA VAL B 300 -22.97 -50.78 -12.63
C VAL B 300 -23.88 -51.97 -12.90
N ILE B 301 -24.72 -51.85 -13.91
CA ILE B 301 -25.67 -52.90 -14.25
C ILE B 301 -24.93 -54.03 -14.96
N PRO B 302 -25.04 -55.27 -14.49
CA PRO B 302 -24.45 -56.40 -15.24
C PRO B 302 -25.13 -56.58 -16.58
N ARG B 303 -24.33 -56.95 -17.57
CA ARG B 303 -24.81 -57.10 -18.95
C ARG B 303 -24.27 -58.40 -19.53
N SER B 304 -25.10 -59.08 -20.30
CA SER B 304 -24.69 -60.30 -20.99
C SER B 304 -25.28 -60.27 -22.39
N LEU B 305 -24.63 -60.99 -23.30
CA LEU B 305 -25.06 -61.10 -24.69
C LEU B 305 -25.37 -62.56 -25.00
N ARG B 306 -26.51 -62.79 -25.63
CA ARG B 306 -26.96 -64.16 -25.93
C ARG B 306 -26.50 -64.55 -27.34
N SER B 307 -25.19 -64.71 -27.46
CA SER B 307 -24.58 -65.10 -28.71
C SER B 307 -24.41 -66.62 -28.78
N ARG B 308 -24.57 -67.16 -29.98
CA ARG B 308 -24.43 -68.59 -30.18
C ARG B 308 -22.95 -68.99 -30.15
N LEU B 309 -22.71 -70.30 -30.10
CA LEU B 309 -21.36 -70.83 -29.87
C LEU B 309 -20.39 -70.43 -30.98
N ASN B 310 -20.88 -70.26 -32.20
CA ASN B 310 -20.05 -69.77 -33.29
C ASN B 310 -20.05 -68.26 -33.41
N GLU B 311 -20.75 -67.55 -32.53
CA GLU B 311 -20.80 -66.10 -32.54
C GLU B 311 -20.31 -65.47 -31.23
N ARG B 312 -19.86 -66.26 -30.28
CA ARG B 312 -19.36 -65.72 -29.02
C ARG B 312 -18.07 -64.95 -29.25
N GLN B 313 -17.87 -63.89 -28.46
CA GLN B 313 -16.68 -63.05 -28.61
C GLN B 313 -16.40 -62.35 -27.29
N ALA B 314 -15.18 -61.83 -27.17
CA ALA B 314 -14.73 -61.14 -25.97
C ALA B 314 -15.08 -59.66 -26.03
N TRP B 315 -15.29 -59.07 -24.87
CA TRP B 315 -15.66 -57.67 -24.75
C TRP B 315 -14.69 -56.97 -23.81
N ALA B 316 -14.31 -55.75 -24.17
CA ALA B 316 -13.29 -55.02 -23.43
C ALA B 316 -13.80 -54.59 -22.06
N ALA B 317 -12.92 -54.65 -21.07
CA ALA B 317 -13.24 -54.19 -19.73
C ALA B 317 -13.19 -52.66 -19.68
N PHE B 318 -14.12 -52.07 -18.93
CA PHE B 318 -14.11 -50.64 -18.69
C PHE B 318 -13.76 -50.37 -17.24
N TYR B 319 -13.19 -49.18 -17.00
CA TYR B 319 -12.69 -48.80 -15.70
C TYR B 319 -13.41 -47.54 -15.23
N VAL B 320 -13.76 -47.50 -13.95
CA VAL B 320 -14.49 -46.38 -13.38
C VAL B 320 -13.63 -45.74 -12.31
N TYR B 321 -13.34 -44.45 -12.46
CA TYR B 321 -12.54 -43.69 -11.52
C TYR B 321 -13.39 -42.56 -10.95
N SER B 322 -13.38 -42.42 -9.63
CA SER B 322 -14.11 -41.34 -9.00
C SER B 322 -13.41 -40.00 -9.22
N LEU B 323 -14.20 -38.93 -9.12
CA LEU B 323 -13.71 -37.57 -9.35
C LEU B 323 -13.60 -36.82 -8.04
N HIS B 324 -12.60 -35.95 -7.94
CA HIS B 324 -12.33 -35.18 -6.74
C HIS B 324 -12.05 -33.73 -7.12
N LYS B 325 -12.27 -32.83 -6.16
CA LYS B 325 -11.96 -31.42 -6.34
C LYS B 325 -10.46 -31.23 -6.25
N LEU B 326 -9.81 -31.10 -7.40
CA LEU B 326 -8.36 -30.99 -7.46
C LEU B 326 -7.97 -29.85 -8.40
N THR B 327 -6.73 -29.40 -8.25
CA THR B 327 -6.12 -28.44 -9.16
C THR B 327 -5.22 -29.19 -10.13
N TYR B 328 -5.36 -28.91 -11.42
CA TYR B 328 -4.57 -29.56 -12.44
C TYR B 328 -3.87 -28.50 -13.29
N LEU B 329 -2.71 -28.85 -13.81
CA LEU B 329 -1.98 -28.01 -14.76
C LEU B 329 -2.18 -28.62 -16.15
N LEU B 330 -3.03 -27.98 -16.95
CA LEU B 330 -3.38 -28.49 -18.27
C LEU B 330 -2.53 -27.80 -19.33
N ASP B 331 -1.96 -28.59 -20.23
CA ASP B 331 -1.17 -28.07 -21.34
C ASP B 331 -2.05 -28.10 -22.60
N PHE B 332 -2.45 -26.91 -23.05
CA PHE B 332 -3.28 -26.79 -24.24
C PHE B 332 -2.38 -26.66 -25.47
N SER B 333 -2.71 -27.42 -26.51
CA SER B 333 -1.93 -27.37 -27.74
C SER B 333 -2.42 -26.21 -28.61
N VAL B 334 -1.88 -26.11 -29.83
CA VAL B 334 -2.31 -25.04 -30.73
C VAL B 334 -3.74 -25.26 -31.19
N ASP B 335 -4.12 -26.52 -31.44
CA ASP B 335 -5.47 -26.84 -31.87
C ASP B 335 -6.47 -26.86 -30.73
N GLY B 336 -6.02 -26.72 -29.48
CA GLY B 336 -6.90 -26.58 -28.35
C GLY B 336 -7.04 -27.81 -27.48
N TYR B 337 -6.66 -28.97 -27.98
CA TYR B 337 -6.79 -30.19 -27.19
C TYR B 337 -5.71 -30.26 -26.12
N VAL B 338 -6.01 -31.00 -25.05
CA VAL B 338 -5.09 -31.21 -23.94
C VAL B 338 -4.42 -32.56 -24.13
N ARG B 339 -3.09 -32.55 -24.24
CA ARG B 339 -2.33 -33.78 -24.44
C ARG B 339 -1.62 -34.27 -23.19
N ARG B 340 -1.30 -33.38 -22.26
CA ARG B 340 -0.65 -33.79 -21.02
C ARG B 340 -1.09 -32.86 -19.89
N ALA B 341 -1.08 -33.40 -18.67
CA ALA B 341 -1.53 -32.67 -17.49
C ALA B 341 -0.62 -33.00 -16.32
N ILE B 342 -0.81 -32.27 -15.22
CA ILE B 342 -0.08 -32.50 -13.97
C ILE B 342 -1.07 -32.41 -12.82
N ASP B 343 -1.06 -33.43 -11.96
CA ASP B 343 -1.84 -33.42 -10.73
C ASP B 343 -1.02 -32.71 -9.66
N CYS B 344 -1.45 -31.52 -9.25
CA CYS B 344 -0.66 -30.72 -8.32
C CYS B 344 -0.61 -31.34 -6.92
N GLY B 345 -1.61 -32.13 -6.55
CA GLY B 345 -1.65 -32.74 -5.25
C GLY B 345 -0.93 -34.07 -5.12
N TYR B 346 -0.29 -34.55 -6.19
CA TYR B 346 0.36 -35.85 -6.14
C TYR B 346 1.60 -35.81 -5.26
N ASP B 347 2.47 -34.82 -5.46
CA ASP B 347 3.68 -34.67 -4.68
C ASP B 347 4.12 -33.22 -4.74
N ASP B 348 5.28 -32.94 -4.14
CA ASP B 348 5.73 -31.56 -3.99
C ASP B 348 6.31 -31.01 -5.29
N VAL B 349 6.97 -31.84 -6.11
CA VAL B 349 7.52 -31.36 -7.36
C VAL B 349 6.41 -30.97 -8.33
N ALA B 350 5.30 -31.72 -8.32
CA ALA B 350 4.15 -31.31 -9.13
C ALA B 350 3.51 -30.03 -8.60
N GLN B 351 3.55 -29.83 -7.28
CA GLN B 351 3.10 -28.57 -6.71
C GLN B 351 3.98 -27.41 -7.18
N LEU B 352 5.29 -27.64 -7.26
CA LEU B 352 6.19 -26.63 -7.81
C LEU B 352 5.89 -26.33 -9.27
N PHE B 353 5.65 -27.38 -10.06
CA PHE B 353 5.31 -27.19 -11.47
C PHE B 353 4.02 -26.42 -11.64
N CYS B 354 3.02 -26.69 -10.79
CA CYS B 354 1.77 -25.95 -10.84
C CYS B 354 1.94 -24.51 -10.37
N SER B 355 2.79 -24.30 -9.36
CA SER B 355 3.03 -22.96 -8.85
C SER B 355 3.69 -22.08 -9.91
N TYR B 356 4.65 -22.64 -10.66
CA TYR B 356 5.24 -21.88 -11.75
C TYR B 356 4.37 -21.86 -13.00
N GLU B 357 3.29 -22.66 -13.02
CA GLU B 357 2.35 -22.73 -14.14
C GLU B 357 3.05 -23.04 -15.46
N SER B 358 4.04 -23.93 -15.39
CA SER B 358 4.78 -24.35 -16.56
C SER B 358 5.24 -25.79 -16.34
N PHE B 359 5.41 -26.52 -17.44
CA PHE B 359 5.87 -27.89 -17.38
C PHE B 359 7.39 -27.99 -17.22
N ASP B 360 8.10 -26.88 -17.33
CA ASP B 360 9.53 -26.84 -17.09
C ASP B 360 9.84 -25.69 -16.13
N VAL B 361 10.60 -25.99 -15.08
CA VAL B 361 11.12 -24.97 -14.18
C VAL B 361 12.62 -25.12 -14.11
N ASP B 362 13.29 -24.06 -13.69
CA ASP B 362 14.74 -24.11 -13.56
C ASP B 362 15.12 -24.99 -12.37
N SER B 363 16.33 -25.53 -12.44
CA SER B 363 16.85 -26.38 -11.38
C SER B 363 17.24 -25.53 -10.17
N GLY B 364 16.78 -25.93 -9.00
CA GLY B 364 17.08 -25.18 -7.79
C GLY B 364 16.38 -25.77 -6.59
N VAL B 365 16.50 -25.09 -5.46
CA VAL B 365 15.85 -25.47 -4.23
C VAL B 365 14.71 -24.48 -3.99
N TYR B 366 13.48 -24.96 -4.05
CA TYR B 366 12.29 -24.13 -4.01
C TYR B 366 11.49 -24.40 -2.75
N SER B 367 11.01 -23.33 -2.12
CA SER B 367 10.08 -23.46 -1.01
C SER B 367 8.67 -23.65 -1.56
N VAL B 368 7.94 -24.62 -1.00
CA VAL B 368 6.58 -24.89 -1.44
C VAL B 368 5.65 -24.77 -0.24
N SER B 369 4.37 -25.07 -0.45
CA SER B 369 3.38 -24.95 0.60
C SER B 369 3.67 -25.92 1.74
N SER B 370 3.51 -25.44 2.97
CA SER B 370 3.81 -26.23 4.15
C SER B 370 2.75 -27.32 4.35
N PHE B 371 3.09 -28.30 5.17
CA PHE B 371 2.13 -29.31 5.59
C PHE B 371 1.44 -28.80 6.84
N GLU B 372 0.13 -28.61 6.75
CA GLU B 372 -0.67 -28.15 7.87
C GLU B 372 -1.49 -29.29 8.43
N ALA B 373 -1.53 -29.39 9.75
CA ALA B 373 -2.33 -30.40 10.45
C ALA B 373 -3.70 -29.81 10.72
N GLN B 374 -4.70 -30.26 9.97
CA GLN B 374 -6.06 -29.79 10.18
C GLN B 374 -6.57 -30.29 11.53
N PRO B 375 -7.39 -29.51 12.23
CA PRO B 375 -7.76 -29.86 13.61
C PRO B 375 -8.68 -31.06 13.65
N ARG B 376 -8.19 -32.16 14.23
CA ARG B 376 -8.99 -33.36 14.45
C ARG B 376 -9.11 -33.58 15.96
N GLY B 377 -10.30 -34.00 16.38
CA GLY B 377 -10.62 -34.10 17.79
C GLY B 377 -11.23 -32.81 18.33
N TYR B 378 -11.81 -32.93 19.51
CA TYR B 378 -12.52 -31.82 20.14
C TYR B 378 -12.29 -31.84 21.64
N PHE B 379 -12.05 -30.66 22.22
CA PHE B 379 -11.94 -30.50 23.67
C PHE B 379 -13.05 -29.54 24.08
N VAL B 380 -14.13 -30.08 24.64
CA VAL B 380 -15.29 -29.31 25.05
C VAL B 380 -15.37 -29.33 26.57
N GLU B 381 -15.36 -28.14 27.17
CA GLU B 381 -15.52 -28.00 28.62
C GLU B 381 -16.57 -26.93 28.89
N GLN B 382 -17.57 -27.27 29.69
CA GLN B 382 -18.66 -26.37 29.99
C GLN B 382 -19.22 -26.72 31.36
N PRO B 383 -19.80 -25.75 32.07
CA PRO B 383 -20.37 -26.06 33.38
C PRO B 383 -21.83 -26.51 33.26
N HIS B 384 -22.35 -27.03 34.37
CA HIS B 384 -23.76 -27.39 34.46
C HIS B 384 -24.57 -26.15 34.83
N SER B 385 -24.60 -25.21 33.89
CA SER B 385 -25.22 -23.91 34.12
C SER B 385 -26.74 -24.04 34.17
N SER B 386 -27.36 -23.05 34.80
CA SER B 386 -28.81 -23.04 34.97
C SER B 386 -29.48 -22.53 33.70
N GLU B 387 -30.78 -22.23 33.80
CA GLU B 387 -31.55 -21.72 32.69
C GLU B 387 -31.75 -20.22 32.83
N CYS B 388 -31.61 -19.50 31.72
CA CYS B 388 -31.83 -18.06 31.73
C CYS B 388 -33.29 -17.76 32.01
N ASP B 389 -33.55 -16.85 32.93
CA ASP B 389 -34.90 -16.56 33.41
C ASP B 389 -35.54 -15.49 32.55
N PHE B 390 -36.43 -15.90 31.65
CA PHE B 390 -37.18 -14.98 30.81
C PHE B 390 -38.59 -14.75 31.32
N SER B 391 -38.90 -15.20 32.54
CA SER B 391 -40.25 -15.13 33.07
C SER B 391 -40.74 -13.71 33.29
N ALA B 392 -39.82 -12.75 33.45
CA ALA B 392 -40.24 -11.36 33.64
C ALA B 392 -40.87 -10.79 32.38
N MET B 393 -40.44 -11.25 31.20
CA MET B 393 -41.02 -10.78 29.95
C MET B 393 -42.46 -11.22 29.81
N PHE B 394 -42.78 -12.46 30.19
CA PHE B 394 -44.11 -13.00 30.02
C PHE B 394 -45.00 -12.89 31.25
N SER B 395 -44.46 -12.40 32.37
CA SER B 395 -45.27 -12.34 33.59
C SER B 395 -46.29 -11.22 33.54
N SER B 396 -45.92 -10.05 33.04
CA SER B 396 -46.78 -8.88 33.04
C SER B 396 -46.81 -8.27 31.65
N GLN B 397 -47.62 -7.22 31.51
CA GLN B 397 -47.77 -6.55 30.22
C GLN B 397 -46.49 -5.82 29.84
N PRO B 398 -46.20 -5.72 28.54
CA PRO B 398 -44.98 -5.04 28.13
C PRO B 398 -45.07 -3.55 28.40
N PRO B 399 -43.94 -2.88 28.62
CA PRO B 399 -43.97 -1.43 28.82
C PRO B 399 -43.91 -0.68 27.50
N GLN B 400 -43.93 0.65 27.56
CA GLN B 400 -43.88 1.46 26.36
C GLN B 400 -42.43 1.67 25.93
N VAL B 401 -42.24 2.34 24.79
CA VAL B 401 -40.92 2.49 24.21
C VAL B 401 -40.06 3.41 25.07
N TYR B 402 -40.65 4.45 25.65
CA TYR B 402 -39.90 5.35 26.52
C TYR B 402 -39.58 4.72 27.87
N ASN B 403 -40.25 3.63 28.22
CA ASN B 403 -40.07 2.97 29.51
C ASN B 403 -39.62 1.52 29.27
N PHE B 404 -38.66 1.33 28.38
CA PHE B 404 -38.28 -0.01 27.98
C PHE B 404 -37.67 -0.80 29.14
N SER B 405 -37.98 -2.09 29.20
CA SER B 405 -37.42 -2.97 30.21
C SER B 405 -36.18 -3.65 29.67
N ARG B 406 -35.25 -3.95 30.58
CA ARG B 406 -33.96 -4.52 30.23
C ARG B 406 -33.74 -5.82 30.98
N LEU B 407 -33.26 -6.83 30.28
CA LEU B 407 -32.89 -8.12 30.87
C LEU B 407 -31.47 -8.44 30.46
N VAL B 408 -30.62 -8.74 31.44
CA VAL B 408 -29.22 -9.07 31.20
C VAL B 408 -28.98 -10.48 31.72
N PHE B 409 -28.35 -11.31 30.89
CA PHE B 409 -28.12 -12.72 31.20
C PHE B 409 -26.64 -13.03 31.19
N THR B 410 -26.20 -13.83 32.15
CA THR B 410 -24.80 -14.20 32.30
C THR B 410 -24.74 -15.55 33.00
N ASN B 411 -23.93 -16.45 32.46
CA ASN B 411 -23.72 -17.80 33.02
C ASN B 411 -25.05 -18.56 33.09
N CYS B 412 -25.64 -18.78 31.91
CA CYS B 412 -26.89 -19.52 31.82
C CYS B 412 -27.05 -20.04 30.39
N ASN B 413 -27.94 -21.01 30.24
CA ASN B 413 -28.30 -21.57 28.94
C ASN B 413 -29.78 -21.34 28.71
N TYR B 414 -30.14 -20.93 27.50
CA TYR B 414 -31.52 -20.62 27.17
C TYR B 414 -31.94 -21.36 25.90
N ASN B 415 -33.23 -21.68 25.83
CA ASN B 415 -33.81 -22.40 24.70
C ASN B 415 -34.28 -21.36 23.69
N LEU B 416 -33.40 -21.03 22.74
CA LEU B 416 -33.69 -19.98 21.76
C LEU B 416 -34.84 -20.37 20.84
N THR B 417 -34.94 -21.66 20.50
CA THR B 417 -35.95 -22.11 19.55
C THR B 417 -37.36 -21.88 20.11
N ARG B 418 -37.57 -22.15 21.39
CA ARG B 418 -38.89 -21.95 22.00
C ARG B 418 -39.28 -20.47 22.02
N LEU B 419 -38.34 -19.60 22.42
CA LEU B 419 -38.62 -18.17 22.44
C LEU B 419 -38.91 -17.62 21.05
N LEU B 420 -38.16 -18.08 20.04
CA LEU B 420 -38.47 -17.65 18.68
C LEU B 420 -39.79 -18.23 18.20
N SER B 421 -40.17 -19.43 18.67
CA SER B 421 -41.44 -20.01 18.27
C SER B 421 -42.63 -19.32 18.91
N LEU B 422 -42.42 -18.59 20.00
CA LEU B 422 -43.53 -17.83 20.58
C LEU B 422 -43.80 -16.51 19.87
N PHE B 423 -43.01 -16.14 18.87
CA PHE B 423 -43.18 -14.87 18.17
C PHE B 423 -43.17 -15.06 16.67
N GLN B 424 -43.93 -14.21 15.98
CA GLN B 424 -43.94 -14.16 14.52
C GLN B 424 -43.10 -12.97 14.10
N VAL B 425 -41.83 -13.22 13.77
CA VAL B 425 -40.90 -12.15 13.43
C VAL B 425 -41.26 -11.57 12.08
N SER B 426 -41.38 -10.25 12.01
CA SER B 426 -41.67 -9.56 10.76
C SER B 426 -40.48 -8.85 10.17
N GLU B 427 -39.51 -8.44 10.98
CA GLU B 427 -38.35 -7.70 10.50
C GLU B 427 -37.24 -7.80 11.52
N PHE B 428 -36.01 -8.03 11.05
CA PHE B 428 -34.84 -8.00 11.91
C PHE B 428 -33.72 -7.26 11.21
N SER B 429 -32.83 -6.67 12.00
CA SER B 429 -31.70 -5.90 11.46
C SER B 429 -30.53 -6.06 12.43
N CYS B 430 -29.57 -6.89 12.04
CA CYS B 430 -28.40 -7.15 12.87
C CYS B 430 -27.24 -6.25 12.47
N HIS B 431 -26.30 -6.09 13.39
CA HIS B 431 -25.11 -5.27 13.17
C HIS B 431 -23.91 -6.02 13.72
N GLN B 432 -22.94 -6.31 12.85
CA GLN B 432 -21.69 -7.01 13.19
C GLN B 432 -21.92 -8.39 13.78
N VAL B 433 -23.09 -8.98 13.50
CA VAL B 433 -23.44 -10.31 14.00
C VAL B 433 -24.56 -10.83 13.10
N SER B 434 -24.79 -12.13 13.14
CA SER B 434 -25.90 -12.72 12.42
C SER B 434 -26.72 -13.56 13.38
N PRO B 435 -28.03 -13.70 13.13
CA PRO B 435 -28.85 -14.56 14.00
C PRO B 435 -28.40 -16.01 14.00
N SER B 436 -27.85 -16.50 12.90
CA SER B 436 -27.30 -17.85 12.87
C SER B 436 -26.12 -17.97 13.82
N ALA B 437 -25.28 -16.93 13.89
CA ALA B 437 -24.17 -16.94 14.83
C ALA B 437 -24.66 -16.87 16.27
N LEU B 438 -25.77 -16.18 16.52
CA LEU B 438 -26.34 -16.14 17.86
C LEU B 438 -26.92 -17.49 18.25
N ALA B 439 -27.51 -18.20 17.29
CA ALA B 439 -28.10 -19.50 17.57
C ALA B 439 -27.08 -20.63 17.56
N SER B 440 -25.89 -20.40 17.03
CA SER B 440 -24.87 -21.45 16.94
C SER B 440 -23.64 -21.19 17.79
N GLY B 441 -23.50 -20.00 18.40
CA GLY B 441 -22.31 -19.67 19.14
C GLY B 441 -22.65 -19.20 20.54
N CYS B 442 -21.61 -18.98 21.33
CA CYS B 442 -21.72 -18.52 22.69
C CYS B 442 -21.13 -17.11 22.82
N TYR B 443 -21.50 -16.44 23.90
CA TYR B 443 -21.09 -15.06 24.14
C TYR B 443 -21.13 -14.77 25.62
N SER B 444 -20.38 -13.74 26.02
CA SER B 444 -20.16 -13.47 27.44
C SER B 444 -21.41 -12.91 28.11
N SER B 445 -22.10 -11.99 27.46
CA SER B 445 -23.30 -11.39 28.01
C SER B 445 -24.37 -11.25 26.93
N LEU B 446 -25.62 -11.25 27.36
CA LEU B 446 -26.75 -11.04 26.47
C LEU B 446 -27.71 -10.06 27.14
N THR B 447 -27.96 -8.94 26.48
CA THR B 447 -28.84 -7.88 26.99
C THR B 447 -30.03 -7.75 26.05
N VAL B 448 -31.24 -7.79 26.60
CA VAL B 448 -32.45 -7.72 25.81
C VAL B 448 -33.24 -6.49 26.28
N ASP B 449 -33.49 -5.56 25.37
CA ASP B 449 -34.40 -4.44 25.61
C ASP B 449 -35.68 -4.70 24.86
N TYR B 450 -36.80 -4.79 25.59
CA TYR B 450 -38.07 -5.12 24.99
C TYR B 450 -39.14 -4.12 25.43
N PHE B 451 -40.05 -3.81 24.53
CA PHE B 451 -41.16 -2.90 24.81
C PHE B 451 -42.26 -3.16 23.80
N ALA B 452 -43.46 -2.71 24.13
CA ALA B 452 -44.59 -2.81 23.22
C ALA B 452 -44.46 -1.72 22.15
N TYR B 453 -44.46 -2.13 20.89
CA TYR B 453 -44.22 -1.21 19.79
C TYR B 453 -45.11 -1.57 18.60
N PRO B 454 -45.86 -0.63 18.06
CA PRO B 454 -46.70 -0.93 16.89
C PRO B 454 -45.85 -1.14 15.65
N LEU B 455 -46.31 -2.06 14.80
CA LEU B 455 -45.59 -2.40 13.58
C LEU B 455 -45.77 -1.36 12.48
N SER B 456 -46.73 -0.45 12.63
CA SER B 456 -46.93 0.60 11.64
C SER B 456 -45.83 1.65 11.70
N MET B 457 -45.11 1.75 12.82
CA MET B 457 -44.04 2.71 13.00
C MET B 457 -42.67 2.04 12.97
N ALA B 458 -42.53 1.01 12.13
CA ALA B 458 -41.27 0.25 12.08
C ALA B 458 -40.13 1.09 11.52
N SER B 459 -40.43 2.04 10.64
CA SER B 459 -39.38 2.88 10.06
C SER B 459 -38.81 3.87 11.05
N TYR B 460 -39.52 4.14 12.15
CA TYR B 460 -39.03 5.05 13.17
C TYR B 460 -38.01 4.40 14.10
N LEU B 461 -37.90 3.07 14.08
CA LEU B 461 -36.91 2.36 14.88
C LEU B 461 -35.66 2.01 14.09
N ARG B 462 -35.60 2.36 12.81
CA ARG B 462 -34.44 2.06 12.00
C ARG B 462 -33.35 3.10 12.19
N GLN B 463 -32.11 2.69 11.96
CA GLN B 463 -30.96 3.55 12.23
C GLN B 463 -30.94 4.74 11.28
N GLY B 464 -30.59 5.91 11.83
CA GLY B 464 -30.58 7.14 11.08
C GLY B 464 -31.86 7.93 11.11
N SER B 465 -32.94 7.36 11.65
CA SER B 465 -34.24 8.01 11.64
C SER B 465 -34.25 9.27 12.51
N THR B 466 -35.09 10.23 12.14
CA THR B 466 -35.20 11.50 12.85
C THR B 466 -36.61 11.74 13.38
N GLY B 467 -37.40 10.70 13.56
CA GLY B 467 -38.75 10.85 14.07
C GLY B 467 -38.76 11.01 15.57
N PRO B 468 -39.98 11.04 16.13
CA PRO B 468 -40.10 11.18 17.60
C PRO B 468 -39.50 10.01 18.36
N ILE B 469 -39.55 8.80 17.82
CA ILE B 469 -39.07 7.62 18.54
C ILE B 469 -37.56 7.69 18.73
N ALA B 470 -36.83 8.04 17.67
CA ALA B 470 -35.37 8.11 17.76
C ALA B 470 -34.89 9.35 18.50
N GLN B 471 -35.75 10.37 18.65
CA GLN B 471 -35.35 11.62 19.28
C GLN B 471 -35.70 11.68 20.76
N PHE B 472 -36.81 11.09 21.18
CA PHE B 472 -37.26 11.24 22.56
C PHE B 472 -37.62 9.93 23.25
N ASN B 473 -37.63 8.81 22.55
CA ASN B 473 -38.09 7.55 23.13
C ASN B 473 -36.99 6.52 23.25
N TYR B 474 -36.32 6.17 22.15
CA TYR B 474 -35.31 5.13 22.17
C TYR B 474 -34.36 5.32 20.99
N LYS B 475 -33.07 5.43 21.29
CA LYS B 475 -32.02 5.43 20.29
C LYS B 475 -31.17 4.18 20.48
N GLN B 476 -31.03 3.39 19.42
CA GLN B 476 -30.32 2.12 19.54
C GLN B 476 -28.81 2.36 19.66
N ASP B 477 -28.19 1.67 20.60
CA ASP B 477 -26.76 1.78 20.83
C ASP B 477 -26.02 0.77 19.97
N PHE B 478 -25.01 1.23 19.24
CA PHE B 478 -24.28 0.41 18.27
C PHE B 478 -22.85 0.14 18.70
N THR B 479 -22.53 0.27 19.98
CA THR B 479 -21.18 0.00 20.45
C THR B 479 -20.86 -1.49 20.39
N ASN B 480 -21.81 -2.33 20.77
CA ASN B 480 -21.66 -3.77 20.78
C ASN B 480 -22.35 -4.39 19.57
N PRO B 481 -22.00 -5.62 19.20
CA PRO B 481 -22.78 -6.33 18.19
C PRO B 481 -24.24 -6.49 18.63
N THR B 482 -25.14 -5.87 17.89
CA THR B 482 -26.52 -5.74 18.29
C THR B 482 -27.46 -6.12 17.15
N CYS B 483 -28.66 -6.55 17.53
CA CYS B 483 -29.71 -6.86 16.56
C CYS B 483 -31.05 -6.37 17.09
N ARG B 484 -31.84 -5.78 16.19
CA ARG B 484 -33.17 -5.28 16.52
C ARG B 484 -34.20 -6.18 15.86
N ILE B 485 -35.15 -6.68 16.65
CA ILE B 485 -36.17 -7.61 16.17
C ILE B 485 -37.55 -7.01 16.40
N LEU B 486 -38.35 -6.95 15.36
CA LEU B 486 -39.75 -6.59 15.45
C LEU B 486 -40.60 -7.82 15.16
N ALA B 487 -41.51 -8.14 16.07
CA ALA B 487 -42.29 -9.35 15.96
C ALA B 487 -43.70 -9.10 16.46
N ALA B 488 -44.56 -10.10 16.25
CA ALA B 488 -45.92 -10.10 16.76
C ALA B 488 -46.14 -11.36 17.56
N VAL B 489 -47.01 -11.28 18.55
CA VAL B 489 -47.32 -12.40 19.44
C VAL B 489 -48.67 -12.98 19.01
N PRO B 490 -48.70 -14.15 18.36
CA PRO B 490 -49.98 -14.68 17.85
C PRO B 490 -51.02 -14.96 18.93
N SER B 491 -50.61 -15.42 20.11
CA SER B 491 -51.53 -15.83 21.15
C SER B 491 -51.54 -14.81 22.28
N ASN B 492 -52.73 -14.47 22.75
CA ASN B 492 -52.88 -13.50 23.83
C ASN B 492 -52.53 -14.07 25.20
N VAL B 493 -52.33 -15.38 25.32
CA VAL B 493 -51.99 -15.99 26.60
C VAL B 493 -50.50 -16.00 26.86
N THR B 494 -49.67 -15.63 25.88
CA THR B 494 -48.22 -15.60 26.09
C THR B 494 -47.83 -14.41 26.95
N ILE B 495 -48.13 -13.20 26.48
CA ILE B 495 -47.86 -11.96 27.21
C ILE B 495 -49.17 -11.21 27.33
N PRO B 496 -49.54 -10.71 28.51
CA PRO B 496 -50.77 -9.92 28.64
C PRO B 496 -50.68 -8.64 27.82
N LEU B 497 -51.82 -8.25 27.26
CA LEU B 497 -51.72 -7.08 26.39
C LEU B 497 -51.96 -5.80 27.17
N PRO B 498 -51.26 -4.73 26.84
CA PRO B 498 -51.53 -3.43 27.45
C PRO B 498 -52.75 -2.78 26.79
N GLN B 499 -53.13 -1.61 27.32
CA GLN B 499 -54.29 -0.92 26.79
C GLN B 499 -54.01 -0.34 25.40
N SER B 500 -52.85 0.27 25.21
CA SER B 500 -52.56 0.97 23.97
C SER B 500 -51.05 1.11 23.82
N TYR B 501 -50.63 1.49 22.61
CA TYR B 501 -49.26 1.87 22.35
C TYR B 501 -49.12 3.37 22.56
N MET B 502 -48.23 3.77 23.46
CA MET B 502 -47.97 5.19 23.72
C MET B 502 -46.50 5.49 23.51
N TRP B 503 -46.23 6.72 23.08
CA TRP B 503 -44.86 7.17 22.86
C TRP B 503 -44.81 8.68 23.03
N LEU B 504 -43.59 9.19 23.21
CA LEU B 504 -43.36 10.62 23.38
C LEU B 504 -43.16 11.28 22.02
N THR B 505 -43.82 12.42 21.82
CA THR B 505 -43.67 13.23 20.62
C THR B 505 -42.69 14.38 20.81
N GLN B 506 -42.76 15.08 21.94
CA GLN B 506 -41.87 16.19 22.24
C GLN B 506 -41.46 16.14 23.71
N CYS B 507 -40.30 16.72 24.00
CA CYS B 507 -39.81 16.81 25.37
C CYS B 507 -38.89 18.02 25.46
N TYR B 508 -39.36 19.11 26.04
CA TYR B 508 -38.61 20.35 26.12
C TYR B 508 -38.82 21.00 27.48
N THR B 509 -38.02 22.03 27.75
CA THR B 509 -38.08 22.73 29.03
C THR B 509 -39.02 23.93 28.99
N ASN B 510 -38.72 24.91 28.16
CA ASN B 510 -39.55 26.11 28.08
C ASN B 510 -40.15 26.31 26.69
N SER B 511 -39.36 26.11 25.65
CA SER B 511 -39.78 26.19 24.26
C SER B 511 -39.23 24.97 23.54
N PRO B 512 -39.82 24.60 22.40
CA PRO B 512 -39.26 23.47 21.63
C PRO B 512 -37.83 23.68 21.16
N SER B 513 -37.31 24.91 21.18
CA SER B 513 -35.90 25.14 20.88
C SER B 513 -35.00 24.45 21.90
N ASN B 514 -35.42 24.43 23.17
CA ASN B 514 -34.67 23.76 24.24
C ASN B 514 -35.18 22.34 24.46
N SER B 515 -35.21 21.53 23.41
CA SER B 515 -35.66 20.16 23.52
C SER B 515 -34.55 19.26 24.06
N HIS B 516 -34.95 18.24 24.81
CA HIS B 516 -34.02 17.27 25.38
C HIS B 516 -34.12 15.97 24.60
N TYR B 517 -33.02 15.57 23.97
CA TYR B 517 -32.98 14.36 23.17
C TYR B 517 -32.44 13.20 23.98
N VAL B 518 -32.98 12.01 23.73
CA VAL B 518 -32.53 10.81 24.42
C VAL B 518 -31.18 10.38 23.87
N GLU B 519 -30.43 9.67 24.70
CA GLU B 519 -29.12 9.13 24.31
C GLU B 519 -29.25 7.66 23.91
N ALA B 520 -28.18 7.12 23.36
CA ALA B 520 -28.18 5.75 22.89
C ALA B 520 -28.20 4.79 24.08
N GLY B 521 -29.25 3.98 24.15
CA GLY B 521 -29.40 3.02 25.24
C GLY B 521 -29.63 3.65 26.61
N SER B 522 -30.38 4.74 26.67
CA SER B 522 -30.67 5.42 27.92
C SER B 522 -32.14 5.85 27.93
N TYR B 523 -32.61 6.23 29.11
CA TYR B 523 -33.99 6.65 29.29
C TYR B 523 -34.12 8.15 29.06
N THR B 524 -35.33 8.57 28.69
CA THR B 524 -35.58 9.96 28.38
C THR B 524 -35.62 10.81 29.65
N PRO B 525 -35.24 12.09 29.55
CA PRO B 525 -35.44 13.00 30.69
C PRO B 525 -36.89 13.20 31.06
N CYS B 526 -37.82 13.02 30.11
CA CYS B 526 -39.24 13.22 30.34
C CYS B 526 -39.94 11.93 30.78
N LEU B 527 -39.22 11.01 31.42
CA LEU B 527 -39.80 9.73 31.79
C LEU B 527 -40.88 9.88 32.86
N GLY B 528 -40.63 10.73 33.87
CA GLY B 528 -41.62 10.93 34.92
C GLY B 528 -42.89 11.57 34.39
N LEU B 529 -42.77 12.50 33.45
CA LEU B 529 -43.95 13.09 32.83
C LEU B 529 -44.68 12.09 31.96
N ALA B 530 -43.94 11.27 31.20
CA ALA B 530 -44.56 10.30 30.31
C ALA B 530 -45.16 9.12 31.08
N SER B 531 -44.79 8.94 32.35
CA SER B 531 -45.41 7.89 33.15
C SER B 531 -46.89 8.13 33.40
N ARG B 532 -47.35 9.37 33.26
CA ARG B 532 -48.77 9.68 33.45
C ARG B 532 -49.63 9.16 32.30
N GLY B 533 -49.02 8.84 31.17
CA GLY B 533 -49.74 8.24 30.06
C GLY B 533 -50.34 9.26 29.11
N PHE B 534 -50.66 8.78 27.91
CA PHE B 534 -51.28 9.60 26.88
C PHE B 534 -52.52 8.87 26.36
N ASN B 535 -53.65 9.56 26.35
CA ASN B 535 -54.91 8.98 25.91
C ASN B 535 -55.65 10.04 25.10
N THR B 536 -56.94 9.79 24.85
CA THR B 536 -57.73 10.74 24.09
C THR B 536 -57.99 12.03 24.85
N PHE B 537 -57.84 12.02 26.17
CA PHE B 537 -57.98 13.22 26.99
C PHE B 537 -56.63 13.91 27.24
N ASN B 538 -55.61 13.16 27.61
CA ASN B 538 -54.30 13.70 27.95
C ASN B 538 -53.35 13.56 26.77
N SER B 539 -52.78 14.68 26.34
CA SER B 539 -51.77 14.66 25.29
C SER B 539 -50.52 15.46 25.64
N MET B 540 -50.52 16.21 26.72
CA MET B 540 -49.34 16.95 27.16
C MET B 540 -49.32 16.92 28.69
N HIS B 541 -48.12 16.83 29.25
CA HIS B 541 -47.95 16.85 30.70
C HIS B 541 -46.86 17.84 31.06
N TYR B 542 -47.14 18.66 32.06
CA TYR B 542 -46.28 19.78 32.42
C TYR B 542 -45.98 19.73 33.91
N ASP B 543 -44.72 20.00 34.26
CA ASP B 543 -44.29 20.06 35.65
C ASP B 543 -43.96 21.50 36.01
N PRO B 544 -44.65 22.10 37.00
CA PRO B 544 -44.39 23.51 37.31
C PRO B 544 -43.03 23.77 37.94
N ALA B 545 -42.39 22.76 38.54
CA ALA B 545 -41.19 22.99 39.32
C ALA B 545 -40.01 23.38 38.43
N THR B 546 -39.60 22.46 37.55
CA THR B 546 -38.50 22.76 36.62
C THR B 546 -38.99 23.29 35.28
N GLY B 547 -40.31 23.31 35.05
CA GLY B 547 -40.86 23.77 33.80
C GLY B 547 -40.98 22.70 32.73
N LEU B 548 -40.47 21.49 32.97
CA LEU B 548 -40.36 20.47 31.94
C LEU B 548 -41.73 20.10 31.36
N THR B 549 -41.77 19.91 30.04
CA THR B 549 -42.99 19.62 29.31
C THR B 549 -42.76 18.40 28.43
N ALA B 550 -43.76 17.52 28.38
CA ALA B 550 -43.70 16.32 27.54
C ALA B 550 -45.03 16.12 26.84
N THR B 551 -45.00 16.00 25.52
CA THR B 551 -46.17 15.71 24.72
C THR B 551 -46.01 14.35 24.05
N GLY B 552 -47.12 13.64 23.87
CA GLY B 552 -47.06 12.31 23.30
C GLY B 552 -48.32 11.96 22.57
N SER B 553 -48.26 10.83 21.87
CA SER B 553 -49.37 10.30 21.09
C SER B 553 -49.72 8.90 21.59
N TYR B 554 -50.71 8.28 20.96
CA TYR B 554 -51.20 6.98 21.40
C TYR B 554 -51.83 6.26 20.23
N GLN B 555 -52.01 4.95 20.40
CA GLN B 555 -52.70 4.11 19.42
C GLN B 555 -53.31 2.93 20.15
N TYR B 556 -54.62 2.78 20.06
CA TYR B 556 -55.32 1.78 20.86
C TYR B 556 -55.10 0.37 20.33
N ILE B 557 -55.16 -0.59 21.25
CA ILE B 557 -55.17 -2.01 20.92
C ILE B 557 -56.53 -2.57 21.33
N SER B 558 -57.28 -3.08 20.35
CA SER B 558 -58.63 -3.57 20.61
C SER B 558 -58.75 -5.08 20.42
N GLU B 559 -58.44 -5.59 19.23
CA GLU B 559 -58.65 -7.01 18.93
C GLU B 559 -57.47 -7.67 18.24
N GLU B 560 -56.51 -6.92 17.72
CA GLU B 560 -55.39 -7.51 16.99
C GLU B 560 -54.36 -8.08 17.95
N ALA B 561 -53.38 -8.77 17.37
CA ALA B 561 -52.29 -9.35 18.15
C ALA B 561 -51.36 -8.26 18.66
N LEU B 562 -50.63 -8.58 19.73
CA LEU B 562 -49.65 -7.67 20.28
C LEU B 562 -48.39 -7.67 19.44
N GLU B 563 -47.83 -6.47 19.23
CA GLU B 563 -46.59 -6.30 18.51
C GLU B 563 -45.56 -5.69 19.45
N MET B 564 -44.38 -6.30 19.51
CA MET B 564 -43.31 -5.86 20.38
C MET B 564 -42.05 -5.61 19.57
N ALA B 565 -41.09 -4.95 20.20
CA ALA B 565 -39.78 -4.70 19.63
C ALA B 565 -38.72 -5.21 20.60
N PHE B 566 -37.75 -5.95 20.08
CA PHE B 566 -36.66 -6.49 20.88
C PHE B 566 -35.35 -5.95 20.31
N ILE B 567 -34.58 -5.27 21.14
CA ILE B 567 -33.23 -4.82 20.79
C ILE B 567 -32.27 -5.62 21.66
N ILE B 568 -31.48 -6.47 21.04
CA ILE B 568 -30.57 -7.35 21.77
C ILE B 568 -29.14 -6.94 21.50
N SER B 569 -28.27 -7.21 22.46
CA SER B 569 -26.84 -6.95 22.34
C SER B 569 -26.08 -8.10 22.96
N VAL B 570 -24.93 -8.42 22.37
CA VAL B 570 -24.05 -9.46 22.90
C VAL B 570 -22.66 -8.89 23.06
N GLN B 571 -21.88 -9.54 23.94
CA GLN B 571 -20.50 -9.15 24.21
C GLN B 571 -19.63 -10.41 24.19
N TYR B 572 -18.38 -10.22 23.79
CA TYR B 572 -17.46 -11.34 23.62
C TYR B 572 -16.17 -11.10 24.41
N GLY B 573 -15.70 -12.15 25.08
CA GLY B 573 -14.42 -12.11 25.76
C GLY B 573 -14.37 -11.26 27.00
N THR B 574 -15.52 -11.02 27.64
CA THR B 574 -15.58 -10.17 28.83
C THR B 574 -15.98 -10.93 30.08
N ASP B 575 -15.93 -12.26 30.05
CA ASP B 575 -16.33 -13.07 31.19
C ASP B 575 -15.70 -14.45 31.07
N SER B 576 -15.50 -15.10 32.22
CA SER B 576 -15.02 -16.48 32.20
C SER B 576 -16.11 -17.43 31.77
N ASN B 577 -17.34 -17.20 32.22
CA ASN B 577 -18.49 -17.97 31.79
C ASN B 577 -19.14 -17.31 30.58
N SER B 578 -20.07 -18.02 29.95
CA SER B 578 -20.69 -17.55 28.72
C SER B 578 -22.16 -17.93 28.71
N VAL B 579 -22.92 -17.23 27.87
CA VAL B 579 -24.32 -17.53 27.62
C VAL B 579 -24.41 -18.31 26.31
N CYS B 580 -25.02 -19.48 26.36
CA CYS B 580 -25.09 -20.35 25.21
C CYS B 580 -26.54 -20.78 24.97
N PRO B 581 -27.02 -20.74 23.73
CA PRO B 581 -28.32 -21.35 23.43
C PRO B 581 -28.25 -22.85 23.58
N LEU B 582 -29.40 -23.46 23.84
CA LEU B 582 -29.45 -24.91 24.05
C LEU B 582 -29.47 -25.67 22.73
N GLN B 583 -28.64 -25.26 21.78
CA GLN B 583 -28.39 -26.04 20.58
C GLN B 583 -26.91 -26.03 20.19
N ALA B 584 -26.04 -25.45 21.00
CA ALA B 584 -24.60 -25.39 20.77
C ALA B 584 -23.85 -25.82 22.03
N VAL B 585 -24.33 -26.87 22.68
CA VAL B 585 -23.75 -27.34 23.94
C VAL B 585 -22.86 -28.56 23.72
N HIS B 586 -23.35 -29.55 22.97
CA HIS B 586 -22.64 -30.79 22.66
C HIS B 586 -22.25 -31.56 23.91
N ASN B 587 -21.26 -32.44 23.79
CA ASN B 587 -20.83 -33.32 24.86
C ASN B 587 -19.41 -32.97 25.29
N ASP B 588 -19.14 -33.13 26.58
CA ASP B 588 -17.83 -32.86 27.12
C ASP B 588 -16.86 -33.98 26.75
N THR B 589 -15.70 -33.60 26.24
CA THR B 589 -14.60 -34.53 25.99
C THR B 589 -13.43 -34.18 26.91
N LYS B 590 -12.32 -34.90 26.74
CA LYS B 590 -11.14 -34.70 27.56
C LYS B 590 -9.94 -34.44 26.67
N VAL B 591 -9.01 -33.60 27.18
CA VAL B 591 -7.85 -33.20 26.41
C VAL B 591 -6.65 -34.11 26.65
N ASP B 592 -6.77 -35.10 27.56
CA ASP B 592 -5.64 -35.95 27.90
C ASP B 592 -5.14 -36.77 26.71
N ASP B 593 -6.04 -37.12 25.79
CA ASP B 593 -5.65 -37.86 24.60
C ASP B 593 -5.14 -36.92 23.50
N LYS B 594 -5.80 -35.76 23.35
CA LYS B 594 -5.56 -34.87 22.23
C LYS B 594 -4.37 -33.92 22.43
N LEU B 595 -3.51 -34.17 23.40
CA LEU B 595 -2.36 -33.31 23.61
C LEU B 595 -1.37 -33.43 22.45
N GLY B 596 -0.66 -32.33 22.18
CA GLY B 596 0.43 -32.32 21.23
C GLY B 596 0.04 -32.13 19.78
N ARG B 597 -1.25 -32.03 19.46
CA ARG B 597 -1.68 -31.85 18.09
C ARG B 597 -2.75 -30.78 18.02
N CYS B 598 -2.98 -30.28 16.81
CA CYS B 598 -3.96 -29.23 16.58
C CYS B 598 -5.36 -29.80 16.73
N ILE B 599 -6.14 -29.24 17.66
CA ILE B 599 -7.51 -29.66 17.92
C ILE B 599 -8.39 -28.43 18.03
N GLU B 600 -9.69 -28.64 17.86
CA GLU B 600 -10.68 -27.60 18.14
C GLU B 600 -11.09 -27.68 19.59
N TYR B 601 -11.24 -26.52 20.22
CA TYR B 601 -11.66 -26.46 21.61
C TYR B 601 -12.86 -25.55 21.76
N SER B 602 -13.69 -25.86 22.74
CA SER B 602 -14.84 -25.02 23.13
C SER B 602 -14.84 -24.99 24.66
N LEU B 603 -14.12 -24.01 25.23
CA LEU B 603 -13.85 -23.97 26.66
C LEU B 603 -14.73 -22.89 27.29
N TYR B 604 -15.82 -23.33 27.93
CA TYR B 604 -16.78 -22.45 28.59
C TYR B 604 -17.32 -21.38 27.64
N GLY B 605 -17.56 -21.78 26.38
CA GLY B 605 -18.06 -20.90 25.36
C GLY B 605 -17.00 -20.26 24.49
N VAL B 606 -15.74 -20.27 24.92
CA VAL B 606 -14.66 -19.73 24.11
C VAL B 606 -14.22 -20.80 23.12
N THR B 607 -14.30 -20.49 21.83
CA THR B 607 -14.07 -21.47 20.77
C THR B 607 -12.86 -21.08 19.94
N GLY B 608 -12.19 -22.08 19.40
CA GLY B 608 -11.03 -21.86 18.57
C GLY B 608 -10.31 -23.18 18.32
N ARG B 609 -9.16 -23.06 17.67
CA ARG B 609 -8.29 -24.21 17.43
C ARG B 609 -6.91 -23.91 17.98
N GLY B 610 -6.22 -24.97 18.40
CA GLY B 610 -4.90 -24.78 18.98
C GLY B 610 -4.29 -26.11 19.37
N VAL B 611 -3.11 -26.03 19.97
CA VAL B 611 -2.35 -27.18 20.44
C VAL B 611 -2.23 -27.08 21.95
N PHE B 612 -2.60 -28.15 22.66
CA PHE B 612 -2.62 -28.17 24.10
C PHE B 612 -1.45 -28.96 24.66
N GLN B 613 -0.99 -28.56 25.84
CA GLN B 613 0.14 -29.21 26.48
C GLN B 613 0.07 -28.96 27.98
N ASN B 614 0.37 -29.99 28.76
CA ASN B 614 0.40 -29.87 30.21
C ASN B 614 1.52 -28.93 30.63
N CYS B 615 1.17 -27.90 31.40
CA CYS B 615 2.09 -26.79 31.68
C CYS B 615 2.10 -26.46 33.16
N THR B 616 3.06 -25.61 33.53
CA THR B 616 3.14 -25.08 34.89
C THR B 616 2.11 -23.98 35.07
N PRO B 617 1.35 -23.98 36.16
CA PRO B 617 0.30 -22.96 36.35
C PRO B 617 0.87 -21.55 36.43
N VAL B 618 0.32 -20.66 35.60
CA VAL B 618 0.62 -19.24 35.62
C VAL B 618 -0.69 -18.48 35.59
N GLY B 619 -0.61 -17.19 35.89
CA GLY B 619 -1.82 -16.38 35.88
C GLY B 619 -2.71 -16.69 37.07
N LEU B 620 -3.97 -16.27 36.94
CA LEU B 620 -4.96 -16.44 37.99
C LEU B 620 -5.91 -17.57 37.62
N LYS B 621 -6.13 -18.48 38.57
CA LYS B 621 -7.03 -19.60 38.32
C LYS B 621 -8.48 -19.16 38.24
N GLN B 622 -8.87 -18.15 39.02
CA GLN B 622 -10.26 -17.73 39.08
C GLN B 622 -10.74 -17.08 37.78
N GLN B 623 -9.83 -16.62 36.93
CA GLN B 623 -10.22 -16.02 35.67
C GLN B 623 -10.25 -17.00 34.51
N ARG B 624 -9.62 -18.17 34.67
CA ARG B 624 -9.73 -19.35 33.82
C ARG B 624 -9.07 -19.19 32.45
N PHE B 625 -8.65 -17.97 32.10
CA PHE B 625 -8.09 -17.73 30.78
C PHE B 625 -6.87 -16.83 30.91
N VAL B 626 -5.80 -17.21 30.23
CA VAL B 626 -4.56 -16.45 30.20
C VAL B 626 -4.35 -15.94 28.77
N TYR B 627 -4.11 -14.64 28.64
CA TYR B 627 -3.96 -14.00 27.34
C TYR B 627 -2.59 -13.35 27.24
N ASP B 628 -2.11 -13.21 26.01
CA ASP B 628 -0.89 -12.47 25.75
C ASP B 628 -1.23 -11.01 25.46
N GLY B 629 -0.26 -10.26 24.95
CA GLY B 629 -0.49 -8.87 24.63
C GLY B 629 -1.21 -8.62 23.34
N PHE B 630 -1.54 -9.66 22.58
CA PHE B 630 -2.23 -9.53 21.30
C PHE B 630 -3.64 -10.12 21.34
N ASP B 631 -4.20 -10.29 22.55
CA ASP B 631 -5.56 -10.80 22.76
C ASP B 631 -5.73 -12.19 22.15
N ASN B 632 -4.77 -13.07 22.43
CA ASN B 632 -4.83 -14.47 22.03
C ASN B 632 -4.79 -15.34 23.26
N LEU B 633 -5.53 -16.45 23.24
CA LEU B 633 -5.54 -17.38 24.35
C LEU B 633 -4.25 -18.20 24.34
N VAL B 634 -3.47 -18.10 25.42
CA VAL B 634 -2.22 -18.83 25.56
C VAL B 634 -2.24 -19.81 26.71
N GLY B 635 -3.32 -19.89 27.46
CA GLY B 635 -3.39 -20.80 28.59
C GLY B 635 -4.82 -21.02 29.01
N TYR B 636 -5.03 -22.10 29.76
CA TYR B 636 -6.36 -22.46 30.22
C TYR B 636 -6.25 -23.14 31.58
N HIS B 637 -7.01 -22.64 32.54
CA HIS B 637 -7.08 -23.24 33.88
C HIS B 637 -8.29 -24.17 33.88
N SER B 638 -8.04 -25.44 33.58
CA SER B 638 -9.11 -26.42 33.50
C SER B 638 -9.62 -26.78 34.89
N ASP B 639 -10.84 -27.28 34.95
CA ASP B 639 -11.43 -27.70 36.21
C ASP B 639 -11.12 -29.17 36.49
N ASN B 640 -9.85 -29.52 36.40
CA ASN B 640 -9.37 -30.82 36.83
C ASN B 640 -8.03 -30.71 37.57
N GLY B 641 -7.62 -29.49 37.93
CA GLY B 641 -6.36 -29.28 38.61
C GLY B 641 -5.18 -29.01 37.71
N ASN B 642 -5.36 -29.07 36.40
CA ASN B 642 -4.26 -28.96 35.45
C ASN B 642 -4.38 -27.66 34.66
N TYR B 643 -3.23 -27.04 34.38
CA TYR B 643 -3.12 -25.87 33.53
C TYR B 643 -2.54 -26.31 32.19
N TYR B 644 -3.16 -25.88 31.10
CA TYR B 644 -2.77 -26.29 29.76
C TYR B 644 -2.34 -25.07 28.95
N CYS B 645 -1.22 -25.20 28.25
CA CYS B 645 -0.77 -24.14 27.35
C CYS B 645 -1.49 -24.28 26.01
N VAL B 646 -2.20 -23.23 25.61
CA VAL B 646 -2.84 -23.20 24.30
C VAL B 646 -1.87 -22.55 23.32
N ARG B 647 -1.45 -23.31 22.32
CA ARG B 647 -0.49 -22.85 21.34
C ARG B 647 -1.09 -22.88 19.94
N PRO B 648 -0.68 -21.98 19.06
CA PRO B 648 -1.25 -21.97 17.70
C PRO B 648 -0.84 -23.21 16.92
N CYS B 649 -1.69 -23.58 15.95
CA CYS B 649 -1.41 -24.73 15.12
C CYS B 649 -0.32 -24.38 14.11
N VAL B 650 0.76 -25.16 14.13
CA VAL B 650 1.93 -24.86 13.34
C VAL B 650 1.94 -25.73 12.08
N SER B 651 2.81 -25.38 11.13
CA SER B 651 2.95 -26.12 9.89
C SER B 651 4.43 -26.41 9.64
N VAL B 652 4.70 -27.60 9.13
CA VAL B 652 6.06 -28.03 8.82
C VAL B 652 6.49 -27.43 7.48
N PRO B 653 7.56 -26.63 7.43
CA PRO B 653 8.01 -26.09 6.16
C PRO B 653 8.59 -27.17 5.26
N VAL B 654 8.27 -27.07 3.97
CA VAL B 654 8.66 -28.07 2.97
C VAL B 654 9.41 -27.37 1.86
N SER B 655 10.55 -27.93 1.46
CA SER B 655 11.32 -27.45 0.32
C SER B 655 11.56 -28.59 -0.65
N VAL B 656 11.65 -28.25 -1.94
CA VAL B 656 11.89 -29.22 -2.99
C VAL B 656 13.27 -28.94 -3.59
N ILE B 657 14.11 -29.96 -3.64
CA ILE B 657 15.41 -29.90 -4.30
C ILE B 657 15.22 -30.52 -5.68
N TYR B 658 15.03 -29.69 -6.69
CA TYR B 658 14.73 -30.15 -8.03
C TYR B 658 15.95 -30.02 -8.93
N ASP B 659 16.23 -31.07 -9.70
CA ASP B 659 17.24 -31.03 -10.75
C ASP B 659 16.54 -31.22 -12.09
N LYS B 660 16.74 -30.26 -12.99
CA LYS B 660 16.02 -30.27 -14.25
C LYS B 660 16.55 -31.33 -15.20
N ALA B 661 17.87 -31.49 -15.27
CA ALA B 661 18.48 -32.36 -16.27
C ALA B 661 18.17 -33.83 -16.00
N THR B 662 18.35 -34.28 -14.76
CA THR B 662 18.12 -35.68 -14.43
C THR B 662 16.68 -35.97 -14.02
N ASN B 663 15.84 -34.92 -13.90
CA ASN B 663 14.44 -35.05 -13.50
C ASN B 663 14.29 -35.76 -12.16
N ASN B 664 15.20 -35.46 -11.23
CA ASN B 664 15.18 -36.03 -9.90
C ASN B 664 14.86 -34.94 -8.89
N HIS B 665 14.05 -35.28 -7.89
CA HIS B 665 13.64 -34.33 -6.87
C HIS B 665 13.82 -34.93 -5.48
N ALA B 666 14.10 -34.06 -4.52
CA ALA B 666 14.24 -34.43 -3.12
C ALA B 666 13.48 -33.43 -2.26
N THR B 667 13.06 -33.88 -1.08
CA THR B 667 12.26 -33.07 -0.19
C THR B 667 13.05 -32.75 1.07
N LEU B 668 13.11 -31.47 1.41
CA LEU B 668 13.80 -31.00 2.61
C LEU B 668 12.78 -30.42 3.57
N PHE B 669 12.73 -30.95 4.79
CA PHE B 669 11.88 -30.42 5.86
C PHE B 669 12.78 -29.60 6.77
N GLY B 670 12.73 -28.28 6.61
CA GLY B 670 13.64 -27.42 7.35
C GLY B 670 13.30 -27.38 8.83
N SER B 671 14.34 -27.47 9.66
CA SER B 671 14.27 -27.38 11.12
C SER B 671 13.41 -28.48 11.75
N VAL B 672 13.26 -29.62 11.09
CA VAL B 672 12.43 -30.72 11.58
C VAL B 672 13.27 -31.99 11.61
N ALA B 673 13.29 -32.68 12.76
CA ALA B 673 13.93 -33.98 12.83
C ALA B 673 13.06 -35.03 12.15
N CYS B 674 13.71 -36.11 11.71
CA CYS B 674 13.03 -37.13 10.93
C CYS B 674 11.98 -37.91 11.72
N GLU B 675 12.05 -37.88 13.05
CA GLU B 675 11.03 -38.54 13.86
C GLU B 675 9.69 -37.83 13.74
N HIS B 676 9.70 -36.50 13.70
CA HIS B 676 8.47 -35.74 13.54
C HIS B 676 7.86 -35.90 12.16
N VAL B 677 8.67 -36.23 11.14
CA VAL B 677 8.13 -36.45 9.81
C VAL B 677 7.29 -37.72 9.79
N ASP B 678 7.71 -38.75 10.51
CA ASP B 678 6.98 -40.01 10.58
C ASP B 678 5.68 -39.85 11.35
N ALA B 700 17.11 -42.26 -1.38
CA ALA B 700 17.22 -42.86 -0.05
C ALA B 700 16.09 -42.40 0.85
N GLY B 701 16.06 -42.95 2.07
CA GLY B 701 15.02 -42.63 3.02
C GLY B 701 15.31 -41.37 3.80
N PRO B 702 14.48 -41.10 4.81
CA PRO B 702 14.71 -39.92 5.66
C PRO B 702 16.02 -40.01 6.41
N MET B 703 16.69 -38.87 6.55
CA MET B 703 17.97 -38.80 7.23
C MET B 703 18.22 -37.36 7.68
N GLN B 704 18.97 -37.23 8.76
CA GLN B 704 19.12 -35.95 9.44
C GLN B 704 20.36 -35.21 8.94
N THR B 705 20.16 -33.97 8.53
CA THR B 705 21.22 -33.05 8.16
C THR B 705 21.24 -31.89 9.14
N SER B 706 22.14 -30.93 8.90
CA SER B 706 22.21 -29.75 9.74
C SER B 706 21.12 -28.73 9.41
N VAL B 707 20.39 -28.94 8.32
CA VAL B 707 19.34 -28.02 7.87
C VAL B 707 17.97 -28.67 7.94
N GLY B 708 17.85 -29.79 8.67
CA GLY B 708 16.57 -30.47 8.79
C GLY B 708 16.63 -31.91 8.32
N CYS B 709 15.47 -32.49 8.00
CA CYS B 709 15.37 -33.86 7.55
C CYS B 709 15.17 -33.86 6.04
N VAL B 710 16.03 -34.57 5.32
CA VAL B 710 15.95 -34.66 3.86
C VAL B 710 15.44 -36.05 3.49
N VAL B 711 14.69 -36.10 2.40
CA VAL B 711 14.19 -37.34 1.83
C VAL B 711 14.59 -37.39 0.37
N GLY B 712 15.22 -38.49 -0.04
CA GLY B 712 15.64 -38.68 -1.41
C GLY B 712 17.09 -38.41 -1.70
N LEU B 713 17.89 -38.07 -0.68
CA LEU B 713 19.31 -37.84 -0.84
C LEU B 713 20.08 -39.03 -0.27
N VAL B 714 21.00 -39.57 -1.07
CA VAL B 714 21.86 -40.66 -0.62
C VAL B 714 23.15 -40.05 -0.08
N ASN B 715 23.58 -40.52 1.09
CA ASN B 715 24.77 -40.00 1.76
C ASN B 715 25.97 -40.89 1.41
N THR B 716 26.99 -40.27 0.81
CA THR B 716 28.18 -41.03 0.41
C THR B 716 29.47 -40.29 0.75
N SER B 717 29.40 -39.29 1.63
CA SER B 717 30.55 -38.47 2.04
C SER B 717 31.23 -37.82 0.83
N LEU B 718 30.42 -37.41 -0.15
CA LEU B 718 30.96 -36.78 -1.34
C LEU B 718 31.41 -35.35 -1.04
N ILE B 719 32.51 -34.95 -1.64
CA ILE B 719 33.09 -33.61 -1.47
C ILE B 719 33.13 -32.95 -2.82
N VAL B 720 32.54 -31.75 -2.92
CA VAL B 720 32.48 -31.03 -4.19
C VAL B 720 33.04 -29.63 -4.00
N ASP B 721 33.53 -29.05 -5.10
CA ASP B 721 34.06 -27.69 -5.07
C ASP B 721 32.94 -26.68 -5.26
N ASN B 722 32.19 -26.80 -6.35
CA ASN B 722 31.04 -25.95 -6.62
C ASN B 722 29.86 -26.83 -7.00
N CYS B 723 28.66 -26.42 -6.60
CA CYS B 723 27.45 -27.16 -6.93
C CYS B 723 26.28 -26.19 -7.05
N GLN B 724 25.26 -26.62 -7.78
CA GLN B 724 24.18 -25.74 -8.20
C GLN B 724 22.95 -25.79 -7.29
N LEU B 725 22.94 -26.70 -6.31
CA LEU B 725 21.78 -26.87 -5.42
C LEU B 725 22.23 -26.78 -3.97
N PRO B 726 22.54 -25.57 -3.49
CA PRO B 726 23.04 -25.44 -2.11
C PRO B 726 21.89 -25.49 -1.12
N LEU B 727 22.00 -26.40 -0.15
CA LEU B 727 20.99 -26.56 0.88
C LEU B 727 21.24 -25.70 2.11
N GLY B 728 22.38 -25.05 2.19
CA GLY B 728 22.75 -24.27 3.36
C GLY B 728 23.64 -25.05 4.31
N GLN B 729 24.36 -24.30 5.15
CA GLN B 729 25.32 -24.84 6.11
C GLN B 729 26.38 -25.70 5.42
N SER B 730 26.88 -25.20 4.29
CA SER B 730 27.93 -25.84 3.48
C SER B 730 27.51 -27.22 2.99
N LEU B 731 26.20 -27.43 2.80
CA LEU B 731 25.67 -28.68 2.27
C LEU B 731 24.99 -28.41 0.95
N CYS B 732 25.07 -29.38 0.04
CA CYS B 732 24.43 -29.23 -1.26
C CYS B 732 24.15 -30.59 -1.87
N ALA B 733 23.25 -30.61 -2.83
CA ALA B 733 22.83 -31.82 -3.51
C ALA B 733 23.44 -31.85 -4.91
N VAL B 734 24.06 -32.97 -5.27
CA VAL B 734 24.77 -33.13 -6.53
C VAL B 734 24.15 -34.32 -7.26
N PRO B 735 23.77 -34.18 -8.52
CA PRO B 735 23.31 -35.34 -9.30
C PRO B 735 24.46 -36.30 -9.55
N ALA B 736 24.12 -37.60 -9.64
CA ALA B 736 25.09 -38.65 -9.82
C ALA B 736 24.89 -39.37 -11.16
N THR B 737 24.51 -38.63 -12.19
CA THR B 737 24.24 -39.23 -13.50
C THR B 737 25.54 -39.57 -14.23
N SER B 747 19.10 -41.30 -12.42
CA SER B 747 20.07 -41.45 -11.33
C SER B 747 19.47 -41.02 -10.00
N SER B 748 20.31 -40.45 -9.14
CA SER B 748 19.86 -39.97 -7.84
C SER B 748 20.70 -38.77 -7.43
N LEU B 749 20.15 -37.99 -6.52
CA LEU B 749 20.84 -36.84 -5.95
C LEU B 749 21.55 -37.26 -4.67
N GLN B 750 22.81 -36.86 -4.53
CA GLN B 750 23.62 -37.20 -3.37
C GLN B 750 23.88 -35.97 -2.52
N LEU B 751 23.89 -36.15 -1.21
CA LEU B 751 24.25 -35.06 -0.30
C LEU B 751 25.76 -34.91 -0.30
N ALA B 752 26.24 -33.70 -0.59
CA ALA B 752 27.66 -33.40 -0.61
C ALA B 752 27.91 -32.10 0.12
N THR B 753 29.15 -31.93 0.57
CA THR B 753 29.56 -30.74 1.29
C THR B 753 30.51 -29.92 0.43
N ILE B 754 30.47 -28.60 0.62
CA ILE B 754 31.33 -27.70 -0.13
C ILE B 754 32.76 -27.81 0.39
N ASN B 755 33.72 -27.88 -0.53
CA ASN B 755 35.12 -28.07 -0.20
C ASN B 755 35.81 -26.75 0.08
N PHE B 756 36.59 -26.71 1.13
CA PHE B 756 37.47 -25.58 1.44
C PHE B 756 38.88 -25.96 1.01
N THR B 757 39.35 -25.37 -0.07
CA THR B 757 40.71 -25.60 -0.51
C THR B 757 41.70 -24.98 0.46
N GLU B 758 42.79 -25.68 0.71
CA GLU B 758 43.71 -25.13 1.70
C GLU B 758 44.79 -24.30 1.03
N PRO B 759 45.21 -23.20 1.65
CA PRO B 759 46.34 -22.43 1.13
C PRO B 759 47.63 -23.21 1.23
N HIS B 760 48.55 -22.90 0.33
CA HIS B 760 49.87 -23.54 0.32
C HIS B 760 50.67 -23.07 1.53
N MET B 761 50.98 -23.99 2.43
CA MET B 761 51.68 -23.65 3.67
C MET B 761 53.17 -23.50 3.42
N LEU B 762 53.71 -22.31 3.70
CA LEU B 762 55.14 -22.04 3.60
C LEU B 762 55.67 -21.69 4.98
N THR B 763 56.74 -22.35 5.40
CA THR B 763 57.33 -22.13 6.71
C THR B 763 58.60 -21.30 6.57
N PRO B 764 58.70 -20.15 7.23
CA PRO B 764 59.94 -19.37 7.18
C PRO B 764 61.11 -20.14 7.77
N ILE B 765 62.28 -19.94 7.17
CA ILE B 765 63.51 -20.59 7.61
C ILE B 765 64.16 -19.75 8.70
N ASN B 766 64.93 -20.40 9.56
CA ASN B 766 65.57 -19.76 10.71
C ASN B 766 66.99 -19.35 10.31
N SER B 767 67.08 -18.21 9.62
CA SER B 767 68.36 -17.65 9.19
C SER B 767 68.15 -16.18 8.86
N SER B 768 69.23 -15.53 8.43
CA SER B 768 69.15 -14.14 7.99
C SER B 768 68.61 -13.99 6.58
N ARG B 769 68.46 -15.09 5.85
CA ARG B 769 67.90 -15.10 4.51
C ARG B 769 66.51 -15.72 4.56
N PHE B 770 65.74 -15.50 3.48
CA PHE B 770 64.36 -15.95 3.44
C PHE B 770 64.08 -16.59 2.09
N ILE B 771 63.03 -17.41 2.06
CA ILE B 771 62.64 -18.16 0.87
C ILE B 771 61.46 -17.46 0.22
N VAL B 772 61.52 -17.30 -1.10
CA VAL B 772 60.48 -16.64 -1.87
C VAL B 772 60.11 -17.53 -3.05
N GLU B 773 58.81 -17.65 -3.32
CA GLU B 773 58.32 -18.43 -4.45
C GLU B 773 58.10 -17.48 -5.63
N ILE B 774 59.03 -17.52 -6.57
CA ILE B 774 59.03 -16.61 -7.73
C ILE B 774 58.51 -17.37 -8.94
N PRO B 775 57.62 -16.80 -9.73
CA PRO B 775 57.08 -17.51 -10.89
C PRO B 775 58.13 -17.81 -11.95
N THR B 776 57.95 -18.93 -12.63
CA THR B 776 58.75 -19.29 -13.80
C THR B 776 57.93 -19.45 -15.06
N ASN B 777 56.61 -19.47 -14.97
CA ASN B 777 55.74 -19.53 -16.13
C ASN B 777 54.49 -18.72 -15.82
N PHE B 778 53.80 -18.28 -16.87
CA PHE B 778 52.67 -17.39 -16.67
C PHE B 778 51.67 -17.54 -17.80
N SER B 779 50.46 -17.06 -17.54
CA SER B 779 49.42 -16.94 -18.54
C SER B 779 48.74 -15.59 -18.36
N PHE B 780 47.83 -15.26 -19.28
CA PHE B 780 47.08 -14.02 -19.22
C PHE B 780 45.62 -14.36 -18.93
N GLY B 781 45.15 -13.96 -17.75
CA GLY B 781 43.78 -14.21 -17.34
C GLY B 781 42.92 -12.98 -17.58
N VAL B 782 41.72 -13.21 -18.09
CA VAL B 782 40.77 -12.13 -18.42
C VAL B 782 39.64 -12.17 -17.41
N THR B 783 39.49 -11.08 -16.66
CA THR B 783 38.43 -10.95 -15.68
C THR B 783 37.30 -10.12 -16.28
N GLN B 784 36.12 -10.71 -16.39
CA GLN B 784 34.96 -10.05 -16.99
C GLN B 784 34.12 -9.44 -15.89
N GLU B 785 33.78 -8.16 -16.05
CA GLU B 785 33.00 -7.45 -15.06
C GLU B 785 31.96 -6.59 -15.76
N PHE B 786 30.72 -6.65 -15.29
CA PHE B 786 29.63 -5.84 -15.83
C PHE B 786 29.19 -4.84 -14.78
N ILE B 787 29.19 -3.56 -15.15
CA ILE B 787 28.70 -2.49 -14.29
C ILE B 787 27.50 -1.86 -14.99
N GLN B 788 26.37 -1.84 -14.30
CA GLN B 788 25.14 -1.28 -14.86
C GLN B 788 25.13 0.24 -14.69
N THR B 789 24.88 0.96 -15.77
CA THR B 789 24.89 2.41 -15.72
C THR B 789 23.51 3.04 -15.84
N THR B 790 22.48 2.27 -16.17
CA THR B 790 21.18 2.84 -16.42
C THR B 790 20.11 1.77 -16.21
N ILE B 791 18.86 2.24 -16.11
CA ILE B 791 17.70 1.35 -16.10
C ILE B 791 16.80 1.74 -17.26
N GLN B 792 15.71 1.00 -17.44
CA GLN B 792 14.75 1.32 -18.47
C GLN B 792 13.87 2.49 -18.03
N LYS B 793 13.68 3.46 -18.91
CA LYS B 793 12.87 4.64 -18.62
C LYS B 793 11.42 4.37 -18.96
N VAL B 794 10.55 4.40 -17.95
CA VAL B 794 9.13 4.10 -18.10
C VAL B 794 8.34 5.30 -17.61
N THR B 795 7.37 5.74 -18.41
CA THR B 795 6.40 6.73 -18.00
C THR B 795 5.01 6.11 -18.11
N VAL B 796 4.11 6.50 -17.20
CA VAL B 796 2.78 5.91 -17.10
C VAL B 796 1.75 7.00 -17.28
N ASP B 797 0.76 6.73 -18.13
CA ASP B 797 -0.42 7.57 -18.22
C ASP B 797 -1.39 7.14 -17.12
N CYS B 798 -1.49 7.96 -16.06
CA CYS B 798 -2.23 7.54 -14.87
C CYS B 798 -3.72 7.35 -15.16
N LYS B 799 -4.32 8.26 -15.93
CA LYS B 799 -5.74 8.17 -16.23
C LYS B 799 -6.06 6.92 -17.06
N GLN B 800 -5.27 6.68 -18.11
CA GLN B 800 -5.50 5.51 -18.95
C GLN B 800 -5.22 4.22 -18.20
N TYR B 801 -4.19 4.20 -17.36
CA TYR B 801 -3.89 3.01 -16.57
C TYR B 801 -5.00 2.71 -15.58
N VAL B 802 -5.51 3.73 -14.90
CA VAL B 802 -6.50 3.51 -13.84
C VAL B 802 -7.85 3.17 -14.45
N CYS B 803 -8.28 3.88 -15.49
CA CYS B 803 -9.66 3.78 -15.93
C CYS B 803 -9.86 3.11 -17.27
N ASN B 804 -8.80 2.94 -18.08
CA ASN B 804 -8.88 2.27 -19.38
C ASN B 804 -9.91 2.91 -20.29
N GLY B 805 -9.99 4.24 -20.25
CA GLY B 805 -10.85 4.98 -21.14
C GLY B 805 -12.34 4.78 -20.93
N PHE B 806 -12.78 4.82 -19.68
CA PHE B 806 -14.20 4.73 -19.34
C PHE B 806 -14.65 6.05 -18.72
N GLU B 807 -15.76 6.59 -19.23
CA GLU B 807 -16.20 7.91 -18.82
C GLU B 807 -16.64 7.94 -17.36
N LYS B 808 -17.34 6.91 -16.91
CA LYS B 808 -17.77 6.85 -15.52
C LYS B 808 -16.57 6.75 -14.57
N CYS B 809 -15.59 5.93 -14.92
CA CYS B 809 -14.37 5.84 -14.11
C CYS B 809 -13.62 7.17 -14.12
N GLU B 810 -13.61 7.87 -15.26
CA GLU B 810 -12.94 9.16 -15.31
C GLU B 810 -13.65 10.19 -14.44
N GLN B 811 -14.98 10.17 -14.43
CA GLN B 811 -15.74 11.05 -13.56
C GLN B 811 -15.44 10.76 -12.09
N LEU B 812 -15.28 9.47 -11.75
CA LEU B 812 -14.94 9.14 -10.37
C LEU B 812 -13.48 9.47 -10.04
N LEU B 813 -12.59 9.39 -11.03
CA LEU B 813 -11.17 9.66 -10.84
C LEU B 813 -10.86 11.15 -10.80
N ARG B 814 -11.79 11.98 -11.25
CA ARG B 814 -11.59 13.44 -11.18
C ARG B 814 -11.38 13.93 -9.76
N GLU B 815 -11.81 13.16 -8.75
CA GLU B 815 -11.48 13.44 -7.37
C GLU B 815 -10.04 13.09 -7.00
N TYR B 816 -9.34 12.33 -7.85
CA TYR B 816 -7.97 11.92 -7.60
C TYR B 816 -7.02 12.44 -8.68
N GLY B 817 -7.31 13.63 -9.22
CA GLY B 817 -6.46 14.16 -10.29
C GLY B 817 -5.08 14.54 -9.80
N GLN B 818 -4.99 15.07 -8.58
CA GLN B 818 -3.70 15.53 -8.07
C GLN B 818 -2.73 14.37 -7.85
N PHE B 819 -3.24 13.21 -7.45
CA PHE B 819 -2.38 12.06 -7.24
C PHE B 819 -1.82 11.54 -8.57
N CYS B 820 -2.66 11.52 -9.62
CA CYS B 820 -2.19 11.16 -10.95
C CYS B 820 -1.15 12.15 -11.45
N ALA B 821 -1.38 13.44 -11.23
CA ALA B 821 -0.41 14.45 -11.64
C ALA B 821 0.91 14.29 -10.90
N LYS B 822 0.85 13.97 -9.60
CA LYS B 822 2.07 13.75 -8.83
C LYS B 822 2.83 12.53 -9.33
N ILE B 823 2.11 11.47 -9.68
CA ILE B 823 2.75 10.26 -10.23
C ILE B 823 3.48 10.60 -11.53
N ASN B 824 2.80 11.33 -12.43
CA ASN B 824 3.41 11.70 -13.70
C ASN B 824 4.62 12.59 -13.51
N GLN B 825 4.53 13.56 -12.58
CA GLN B 825 5.65 14.47 -12.34
C GLN B 825 6.84 13.74 -11.73
N ALA B 826 6.59 12.81 -10.81
CA ALA B 826 7.69 12.04 -10.22
C ALA B 826 8.39 11.19 -11.27
N LEU B 827 7.62 10.55 -12.16
CA LEU B 827 8.23 9.74 -13.21
C LEU B 827 9.02 10.61 -14.18
N HIS B 828 8.50 11.81 -14.50
CA HIS B 828 9.22 12.72 -15.38
C HIS B 828 10.54 13.17 -14.77
N GLY B 829 10.54 13.47 -13.47
CA GLY B 829 11.78 13.84 -12.81
C GLY B 829 12.80 12.72 -12.77
N ALA B 830 12.33 11.49 -12.52
CA ALA B 830 13.24 10.35 -12.52
C ALA B 830 13.86 10.13 -13.91
N ASN B 831 13.05 10.25 -14.96
CA ASN B 831 13.57 10.08 -16.31
C ASN B 831 14.57 11.18 -16.68
N LEU B 832 14.30 12.42 -16.25
CA LEU B 832 15.25 13.50 -16.48
C LEU B 832 16.57 13.23 -15.79
N ARG B 833 16.52 12.79 -14.53
CA ARG B 833 17.76 12.49 -13.80
C ARG B 833 18.53 11.36 -14.47
N GLN B 834 17.81 10.37 -15.00
CA GLN B 834 18.47 9.29 -15.74
C GLN B 834 19.18 9.81 -16.99
N ASP B 835 18.52 10.71 -17.73
CA ASP B 835 19.13 11.26 -18.94
C ASP B 835 20.40 12.05 -18.62
N GLU B 836 20.35 12.89 -17.59
CA GLU B 836 21.55 13.61 -17.16
C GLU B 836 22.65 12.68 -16.68
N SER B 837 22.29 11.59 -16.00
CA SER B 837 23.30 10.62 -15.57
C SER B 837 23.99 9.96 -16.75
N VAL B 838 23.22 9.59 -17.78
CA VAL B 838 23.79 8.99 -18.98
C VAL B 838 24.71 9.98 -19.69
N SER B 839 24.28 11.24 -19.77
CA SER B 839 25.11 12.28 -20.40
C SER B 839 26.42 12.46 -19.64
N ASN B 840 26.36 12.46 -18.31
CA ASN B 840 27.58 12.59 -17.51
C ASN B 840 28.50 11.40 -17.71
N LEU B 841 27.94 10.19 -17.78
CA LEU B 841 28.73 8.98 -18.03
C LEU B 841 29.50 9.10 -19.33
N PHE B 842 28.79 9.41 -20.42
CA PHE B 842 29.47 9.48 -21.72
C PHE B 842 30.34 10.72 -21.87
N SER B 843 30.14 11.76 -21.05
CA SER B 843 31.04 12.90 -21.07
C SER B 843 32.34 12.59 -20.35
N ASN B 844 32.29 11.78 -19.28
CA ASN B 844 33.48 11.53 -18.47
C ASN B 844 34.45 10.57 -19.14
N ILE B 845 33.96 9.64 -19.95
CA ILE B 845 34.82 8.60 -20.52
C ILE B 845 35.33 8.99 -21.90
N LYS B 846 35.17 10.26 -22.25
CA LYS B 846 35.64 10.73 -23.55
C LYS B 846 37.16 10.78 -23.60
N THR B 847 37.71 10.58 -24.81
CA THR B 847 39.15 10.60 -25.02
C THR B 847 39.55 11.83 -25.82
N GLN B 848 40.76 12.32 -25.56
CA GLN B 848 41.30 13.47 -26.27
C GLN B 848 42.25 13.08 -27.39
N ALA B 849 42.74 11.84 -27.42
CA ALA B 849 43.65 11.39 -28.46
C ALA B 849 43.49 9.90 -28.66
N THR B 850 43.56 9.46 -29.91
CA THR B 850 43.35 8.06 -30.28
C THR B 850 44.29 7.68 -31.41
N GLN B 851 44.78 6.44 -31.38
CA GLN B 851 45.61 5.93 -32.46
C GLN B 851 44.89 4.83 -33.22
N PRO B 852 45.19 4.65 -34.50
CA PRO B 852 44.61 3.52 -35.24
C PRO B 852 45.30 2.21 -34.87
N LEU B 853 44.50 1.17 -34.68
CA LEU B 853 44.98 -0.12 -34.20
C LEU B 853 44.61 -1.25 -35.16
N ASP B 854 44.66 -0.98 -36.46
CA ASP B 854 44.36 -2.00 -37.45
C ASP B 854 45.50 -3.03 -37.52
N ALA B 855 45.22 -4.15 -38.18
CA ALA B 855 46.20 -5.23 -38.27
C ALA B 855 47.42 -4.79 -39.07
N GLY B 856 48.60 -5.15 -38.56
CA GLY B 856 49.86 -4.70 -39.11
C GLY B 856 50.49 -3.55 -38.36
N LEU B 857 49.74 -2.90 -37.47
CA LEU B 857 50.27 -1.81 -36.65
C LEU B 857 50.29 -2.15 -35.17
N THR B 858 49.53 -3.14 -34.73
CA THR B 858 49.51 -3.58 -33.35
C THR B 858 50.56 -4.65 -33.05
N GLY B 859 51.43 -4.96 -34.01
CA GLY B 859 52.45 -5.96 -33.82
C GLY B 859 51.90 -7.37 -33.91
N ASP B 860 52.38 -8.26 -33.05
CA ASP B 860 51.93 -9.64 -33.01
C ASP B 860 50.74 -9.84 -32.08
N PHE B 861 50.04 -8.76 -31.73
CA PHE B 861 48.87 -8.83 -30.87
C PHE B 861 47.62 -8.72 -31.75
N ASN B 862 46.72 -9.69 -31.62
CA ASN B 862 45.47 -9.69 -32.37
C ASN B 862 44.42 -8.96 -31.55
N LEU B 863 44.11 -7.73 -31.95
CA LEU B 863 43.12 -6.90 -31.26
C LEU B 863 41.85 -6.71 -32.05
N THR B 864 41.64 -7.49 -33.12
CA THR B 864 40.48 -7.30 -33.98
C THR B 864 39.15 -7.61 -33.29
N LEU B 865 39.19 -8.35 -32.19
CA LEU B 865 37.96 -8.63 -31.45
C LEU B 865 37.39 -7.39 -30.77
N LEU B 866 38.22 -6.40 -30.50
CA LEU B 866 37.79 -5.15 -29.86
C LEU B 866 37.47 -4.06 -30.86
N GLN B 867 37.55 -4.33 -32.16
CA GLN B 867 37.40 -3.31 -33.18
C GLN B 867 36.16 -3.55 -34.03
N VAL B 868 35.76 -2.49 -34.72
CA VAL B 868 34.64 -2.56 -35.66
C VAL B 868 35.03 -3.47 -36.83
N PRO B 869 34.21 -4.44 -37.20
CA PRO B 869 34.58 -5.33 -38.30
C PRO B 869 34.61 -4.59 -39.64
N LYS B 870 35.55 -4.99 -40.49
CA LYS B 870 35.68 -4.38 -41.81
C LYS B 870 34.47 -4.69 -42.68
N VAL B 871 33.97 -5.92 -42.62
CA VAL B 871 32.68 -6.28 -43.19
C VAL B 871 31.64 -6.23 -42.07
N VAL B 872 30.66 -5.34 -42.20
CA VAL B 872 29.72 -5.04 -41.13
C VAL B 872 28.35 -5.62 -41.51
N THR B 873 27.75 -6.33 -40.56
CA THR B 873 26.40 -6.88 -40.73
C THR B 873 25.56 -6.69 -39.47
N SER B 874 26.04 -5.91 -38.49
CA SER B 874 25.45 -5.83 -37.17
C SER B 874 24.21 -4.93 -37.09
N GLN B 875 23.91 -4.21 -38.18
CA GLN B 875 22.99 -3.09 -38.34
C GLN B 875 23.58 -1.82 -37.75
N TYR B 876 24.70 -1.91 -37.06
CA TYR B 876 25.36 -0.76 -36.44
C TYR B 876 26.77 -0.66 -37.02
N SER B 877 27.05 0.45 -37.68
CA SER B 877 28.31 0.59 -38.40
C SER B 877 29.50 0.86 -37.49
N TYR B 878 29.28 1.10 -36.19
CA TYR B 878 30.36 1.36 -35.26
C TYR B 878 30.48 0.31 -34.17
N ARG B 879 29.64 -0.71 -34.18
CA ARG B 879 29.65 -1.73 -33.13
C ARG B 879 30.76 -2.73 -33.39
N SER B 880 31.56 -3.01 -32.37
CA SER B 880 32.65 -3.96 -32.50
C SER B 880 32.13 -5.39 -32.45
N ALA B 881 33.03 -6.33 -32.73
CA ALA B 881 32.64 -7.75 -32.77
C ALA B 881 32.29 -8.26 -31.38
N ILE B 882 33.06 -7.86 -30.37
CA ILE B 882 32.78 -8.31 -29.01
C ILE B 882 31.47 -7.73 -28.49
N GLU B 883 31.12 -6.50 -28.90
CA GLU B 883 29.82 -5.96 -28.56
C GLU B 883 28.70 -6.71 -29.28
N ASP B 884 28.95 -7.16 -30.52
CA ASP B 884 27.99 -8.02 -31.20
C ASP B 884 27.76 -9.31 -30.43
N LEU B 885 28.83 -9.94 -29.96
CA LEU B 885 28.68 -11.17 -29.19
C LEU B 885 27.97 -10.92 -27.87
N LEU B 886 28.24 -9.78 -27.23
CA LEU B 886 27.54 -9.44 -25.99
C LEU B 886 26.06 -9.25 -26.22
N PHE B 887 25.69 -8.47 -27.24
CA PHE B 887 24.29 -8.12 -27.44
C PHE B 887 23.48 -9.27 -28.00
N ASN B 888 24.09 -10.13 -28.82
CA ASN B 888 23.32 -11.18 -29.49
C ASN B 888 22.95 -12.31 -28.55
N LYS B 889 23.75 -12.54 -27.50
CA LYS B 889 23.53 -13.67 -26.61
C LYS B 889 22.73 -13.29 -25.37
N VAL B 890 22.16 -12.09 -25.33
CA VAL B 890 21.28 -11.66 -24.25
C VAL B 890 19.85 -11.65 -24.78
N THR B 891 18.93 -12.24 -24.03
CA THR B 891 17.53 -12.30 -24.42
C THR B 891 16.86 -10.99 -24.04
N ILE B 892 16.72 -10.09 -25.01
CA ILE B 892 16.08 -8.79 -24.82
C ILE B 892 14.93 -8.67 -25.79
N ALA B 893 13.74 -8.40 -25.29
CA ALA B 893 12.62 -8.10 -26.15
C ALA B 893 12.80 -6.73 -26.77
N ASP B 894 12.69 -6.65 -28.09
CA ASP B 894 12.86 -5.38 -28.77
C ASP B 894 11.64 -4.49 -28.53
N PRO B 895 11.80 -3.33 -27.90
CA PRO B 895 10.64 -2.46 -27.65
C PRO B 895 10.06 -1.85 -28.93
N GLY B 896 10.93 -1.24 -29.73
CA GLY B 896 10.50 -0.64 -30.96
C GLY B 896 10.19 0.81 -30.72
N TYR B 897 11.10 1.70 -31.12
CA TYR B 897 10.90 3.12 -30.90
C TYR B 897 10.37 3.84 -32.12
N MET B 898 10.33 3.18 -33.27
CA MET B 898 9.88 3.81 -34.51
C MET B 898 8.48 3.37 -34.93
N GLN B 899 8.22 2.06 -35.00
CA GLN B 899 6.93 1.54 -35.43
C GLN B 899 6.42 0.48 -34.48
N GLY B 900 6.61 0.69 -33.17
CA GLY B 900 6.16 -0.29 -32.20
C GLY B 900 4.64 -0.44 -32.17
N TYR B 901 3.93 0.70 -32.26
CA TYR B 901 2.47 0.67 -32.33
C TYR B 901 2.00 -0.03 -33.61
N ASP B 902 2.63 0.27 -34.73
CA ASP B 902 2.24 -0.36 -36.00
C ASP B 902 2.55 -1.85 -36.01
N GLU B 903 3.72 -2.24 -35.47
CA GLU B 903 4.05 -3.66 -35.40
C GLU B 903 3.12 -4.39 -34.44
N CYS B 904 2.73 -3.73 -33.35
CA CYS B 904 1.80 -4.37 -32.41
C CYS B 904 0.42 -4.56 -33.03
N MET B 905 -0.09 -3.56 -33.75
CA MET B 905 -1.41 -3.70 -34.35
C MET B 905 -1.39 -4.55 -35.62
N LYS B 906 -0.24 -4.75 -36.24
CA LYS B 906 -0.18 -5.57 -37.45
C LYS B 906 -0.45 -7.04 -37.12
N GLN B 907 0.25 -7.57 -36.12
CA GLN B 907 0.04 -8.95 -35.66
C GLN B 907 0.22 -9.04 -34.15
N ASP B 914 3.75 -10.68 -23.55
CA ASP B 914 4.28 -9.57 -24.33
C ASP B 914 4.12 -8.25 -23.58
N LEU B 915 5.17 -7.82 -22.91
CA LEU B 915 5.15 -6.56 -22.18
C LEU B 915 5.49 -5.37 -23.06
N ILE B 916 5.82 -5.61 -24.33
CA ILE B 916 6.10 -4.52 -25.26
C ILE B 916 4.83 -4.08 -25.99
N CYS B 917 4.00 -5.04 -26.41
CA CYS B 917 2.70 -4.70 -26.97
C CYS B 917 1.70 -4.28 -25.91
N ALA B 918 2.01 -4.48 -24.63
CA ALA B 918 1.13 -4.10 -23.53
C ALA B 918 1.30 -2.64 -23.12
N GLN B 919 2.24 -1.91 -23.74
CA GLN B 919 2.37 -0.49 -23.45
C GLN B 919 1.12 0.27 -23.85
N PHE B 920 0.59 -0.03 -25.04
CA PHE B 920 -0.58 0.67 -25.57
C PHE B 920 -1.88 0.11 -25.03
N VAL B 921 -1.84 -0.98 -24.28
CA VAL B 921 -3.01 -1.53 -23.62
C VAL B 921 -3.07 -1.08 -22.16
N ALA B 922 -2.00 -1.31 -21.41
CA ALA B 922 -2.00 -0.96 -19.99
C ALA B 922 -2.02 0.54 -19.79
N GLY B 923 -1.18 1.27 -20.52
CA GLY B 923 -1.15 2.71 -20.40
C GLY B 923 0.19 3.27 -20.00
N TYR B 924 1.27 2.54 -20.28
CA TYR B 924 2.62 3.04 -20.06
C TYR B 924 3.38 3.08 -21.37
N LYS B 925 4.64 3.51 -21.30
CA LYS B 925 5.47 3.59 -22.50
C LYS B 925 6.93 3.56 -22.08
N VAL B 926 7.73 2.76 -22.77
CA VAL B 926 9.17 2.71 -22.54
C VAL B 926 9.82 3.84 -23.34
N LEU B 927 10.52 4.72 -22.64
CA LEU B 927 11.16 5.84 -23.30
C LEU B 927 12.50 5.41 -23.91
N PRO B 928 12.81 5.86 -25.12
CA PRO B 928 14.09 5.49 -25.73
C PRO B 928 15.25 6.12 -25.00
N PRO B 929 16.43 5.52 -25.05
CA PRO B 929 17.60 6.08 -24.36
C PRO B 929 18.07 7.36 -25.04
N LEU B 930 18.93 8.08 -24.32
CA LEU B 930 19.40 9.39 -24.77
C LEU B 930 20.22 9.26 -26.06
N TYR B 931 21.09 8.27 -26.14
CA TYR B 931 21.95 8.07 -27.30
C TYR B 931 21.55 6.80 -28.03
N ASP B 932 21.64 6.84 -29.36
CA ASP B 932 21.50 5.64 -30.15
C ASP B 932 22.70 4.73 -29.90
N PRO B 933 22.55 3.42 -30.14
CA PRO B 933 23.68 2.50 -29.88
C PRO B 933 24.93 2.80 -30.68
N ASN B 934 24.82 3.47 -31.83
CA ASN B 934 25.99 3.81 -32.62
C ASN B 934 26.89 4.81 -31.88
N MET B 935 26.30 5.80 -31.22
CA MET B 935 27.10 6.77 -30.47
C MET B 935 27.79 6.12 -29.27
N GLU B 936 27.10 5.22 -28.59
CA GLU B 936 27.71 4.49 -27.47
C GLU B 936 28.84 3.60 -27.96
N SER B 937 28.65 2.96 -29.12
CA SER B 937 29.72 2.18 -29.71
C SER B 937 30.91 3.05 -30.09
N MET B 938 30.64 4.26 -30.60
CA MET B 938 31.72 5.20 -30.89
C MET B 938 32.51 5.52 -29.64
N TYR B 939 31.81 5.83 -28.54
CA TYR B 939 32.47 6.19 -27.30
C TYR B 939 33.29 5.04 -26.74
N THR B 940 32.77 3.81 -26.82
CA THR B 940 33.49 2.67 -26.25
C THR B 940 34.65 2.24 -27.15
N THR B 941 34.50 2.35 -28.47
CA THR B 941 35.58 1.96 -29.37
C THR B 941 36.70 2.98 -29.40
N SER B 942 36.40 4.26 -29.11
CA SER B 942 37.48 5.24 -29.04
C SER B 942 38.37 5.05 -27.83
N LEU B 943 37.91 4.33 -26.82
CA LEU B 943 38.72 4.06 -25.63
C LEU B 943 39.75 2.97 -25.85
N THR B 944 39.58 2.12 -26.87
CA THR B 944 40.51 1.02 -27.08
C THR B 944 41.86 1.51 -27.59
N GLY B 945 41.85 2.46 -28.52
CA GLY B 945 43.08 2.98 -29.07
C GLY B 945 43.48 4.32 -28.49
N ALA B 946 43.03 4.60 -27.27
CA ALA B 946 43.29 5.88 -26.64
C ALA B 946 44.78 6.08 -26.39
N ILE B 947 45.29 7.25 -26.75
CA ILE B 947 46.68 7.60 -26.54
C ILE B 947 46.80 8.31 -25.20
N LEU B 948 47.63 7.77 -24.32
CA LEU B 948 47.83 8.28 -22.98
C LEU B 948 49.28 8.71 -22.79
N GLY B 949 49.60 9.18 -21.60
CA GLY B 949 50.97 9.49 -21.26
C GLY B 949 51.80 8.23 -21.12
N ALA B 950 53.11 8.42 -21.08
CA ALA B 950 54.03 7.30 -20.97
C ALA B 950 53.91 6.66 -19.59
N ALA B 951 54.42 5.42 -19.49
CA ALA B 951 54.32 4.68 -18.23
C ALA B 951 55.13 5.36 -17.13
N TRP B 952 56.34 5.83 -17.45
CA TRP B 952 57.15 6.50 -16.46
C TRP B 952 56.67 7.91 -16.15
N THR B 953 55.96 8.56 -17.07
CA THR B 953 55.42 9.90 -16.85
C THR B 953 54.04 9.74 -16.22
N ALA B 954 53.95 9.88 -14.91
CA ALA B 954 52.69 9.77 -14.20
C ALA B 954 51.87 11.03 -14.45
N GLY B 955 50.79 10.88 -15.21
CA GLY B 955 49.93 12.02 -15.49
C GLY B 955 49.10 11.79 -16.73
N ALA B 956 48.30 12.81 -17.04
CA ALA B 956 47.41 12.79 -18.20
C ALA B 956 47.54 14.05 -19.05
N SER B 957 48.67 14.75 -18.93
CA SER B 957 48.87 15.99 -19.68
C SER B 957 49.56 15.79 -21.01
N SER B 958 50.20 14.64 -21.23
CA SER B 958 50.94 14.38 -22.46
C SER B 958 50.30 13.22 -23.20
N PHE B 959 50.42 13.25 -24.53
CA PHE B 959 49.87 12.21 -25.40
C PHE B 959 51.04 11.57 -26.14
N ALA B 960 51.53 10.45 -25.61
CA ALA B 960 52.66 9.74 -26.21
C ALA B 960 52.14 8.70 -27.20
N ALA B 961 52.46 8.90 -28.48
CA ALA B 961 52.02 7.99 -29.54
C ALA B 961 52.96 6.78 -29.55
N ILE B 962 52.68 5.86 -28.65
CA ILE B 962 53.48 4.65 -28.46
C ILE B 962 52.65 3.46 -28.95
N PRO B 963 53.23 2.55 -29.74
CA PRO B 963 52.46 1.42 -30.25
C PRO B 963 52.00 0.49 -29.13
N PHE B 964 51.01 -0.33 -29.46
CA PHE B 964 50.38 -1.20 -28.46
C PHE B 964 51.37 -2.23 -27.92
N ALA B 965 52.27 -2.73 -28.77
CA ALA B 965 53.25 -3.71 -28.32
C ALA B 965 54.19 -3.12 -27.28
N GLN B 966 54.68 -1.90 -27.51
CA GLN B 966 55.55 -1.24 -26.53
C GLN B 966 54.80 -0.86 -25.27
N SER B 967 53.53 -0.49 -25.39
CA SER B 967 52.71 -0.20 -24.21
C SER B 967 52.54 -1.44 -23.35
N VAL B 968 52.28 -2.59 -23.98
CA VAL B 968 52.18 -3.85 -23.24
C VAL B 968 53.53 -4.22 -22.63
N PHE B 969 54.62 -3.96 -23.36
CA PHE B 969 55.96 -4.21 -22.83
C PHE B 969 56.20 -3.41 -21.54
N TYR B 970 55.86 -2.12 -21.56
CA TYR B 970 56.06 -1.30 -20.37
C TYR B 970 55.10 -1.66 -19.24
N ARG B 971 53.87 -2.05 -19.58
CA ARG B 971 52.92 -2.47 -18.56
C ARG B 971 53.38 -3.75 -17.87
N MET B 972 53.97 -4.68 -18.63
CA MET B 972 54.51 -5.89 -18.04
C MET B 972 55.80 -5.62 -17.28
N ASN B 973 56.58 -4.63 -17.71
CA ASN B 973 57.77 -4.25 -16.97
C ASN B 973 57.44 -3.60 -15.65
N GLY B 974 56.32 -2.88 -15.57
CA GLY B 974 55.97 -2.16 -14.37
C GLY B 974 55.50 -3.03 -13.22
N ILE B 975 55.23 -4.32 -13.45
CA ILE B 975 54.77 -5.21 -12.38
C ILE B 975 55.88 -6.07 -11.81
N GLY B 976 57.09 -6.02 -12.37
CA GLY B 976 58.19 -6.75 -11.78
C GLY B 976 58.83 -7.77 -12.70
N ILE B 977 58.74 -7.56 -14.01
CA ILE B 977 59.40 -8.40 -15.01
C ILE B 977 60.50 -7.57 -15.64
N THR B 978 61.71 -8.13 -15.68
CA THR B 978 62.85 -7.38 -16.19
C THR B 978 62.78 -7.25 -17.71
N GLN B 979 63.60 -6.33 -18.24
CA GLN B 979 63.60 -6.06 -19.67
C GLN B 979 64.12 -7.23 -20.47
N GLN B 980 65.09 -7.97 -19.93
CA GLN B 980 65.65 -9.11 -20.63
C GLN B 980 64.61 -10.20 -20.88
N VAL B 981 63.79 -10.49 -19.87
CA VAL B 981 62.75 -11.50 -20.01
C VAL B 981 61.73 -11.08 -21.07
N LEU B 982 61.33 -9.81 -21.05
CA LEU B 982 60.37 -9.32 -22.03
C LEU B 982 60.95 -9.30 -23.43
N SER B 983 62.26 -9.05 -23.56
CA SER B 983 62.87 -9.06 -24.88
C SER B 983 63.06 -10.47 -25.41
N GLU B 984 63.26 -11.44 -24.52
CA GLU B 984 63.44 -12.83 -24.93
C GLU B 984 62.14 -13.59 -25.10
N ASN B 985 61.01 -13.04 -24.67
CA ASN B 985 59.73 -13.76 -24.68
C ASN B 985 58.65 -12.96 -25.38
N GLN B 986 59.00 -12.28 -26.48
CA GLN B 986 58.00 -11.47 -27.17
C GLN B 986 56.94 -12.33 -27.84
N LYS B 987 57.37 -13.36 -28.57
CA LYS B 987 56.43 -14.21 -29.30
C LYS B 987 55.53 -14.98 -28.34
N GLN B 988 56.08 -15.47 -27.24
CA GLN B 988 55.28 -16.19 -26.25
C GLN B 988 54.26 -15.27 -25.59
N ILE B 989 54.66 -14.04 -25.28
CA ILE B 989 53.75 -13.08 -24.65
C ILE B 989 52.61 -12.75 -25.62
N ALA B 990 52.94 -12.51 -26.89
CA ALA B 990 51.91 -12.23 -27.88
C ALA B 990 50.96 -13.41 -28.06
N ASN B 991 51.51 -14.64 -28.08
CA ASN B 991 50.68 -15.83 -28.21
C ASN B 991 49.73 -15.98 -27.02
N LYS B 992 50.23 -15.72 -25.81
CA LYS B 992 49.39 -15.85 -24.63
C LYS B 992 48.30 -14.78 -24.59
N PHE B 993 48.63 -13.56 -25.03
CA PHE B 993 47.61 -12.51 -25.13
C PHE B 993 46.54 -12.89 -26.14
N ASN B 994 46.94 -13.41 -27.30
CA ASN B 994 45.98 -13.82 -28.31
C ASN B 994 45.13 -14.99 -27.84
N GLN B 995 45.73 -15.92 -27.09
CA GLN B 995 44.96 -17.03 -26.52
C GLN B 995 43.94 -16.54 -25.50
N ALA B 996 44.34 -15.55 -24.67
CA ALA B 996 43.40 -14.98 -23.71
C ALA B 996 42.22 -14.32 -24.40
N LEU B 997 42.49 -13.57 -25.48
CA LEU B 997 41.37 -12.95 -26.20
C LEU B 997 40.51 -13.98 -26.93
N GLY B 998 41.12 -15.02 -27.49
CA GLY B 998 40.33 -16.05 -28.15
C GLY B 998 39.43 -16.80 -27.19
N ALA B 999 39.93 -17.07 -25.98
CA ALA B 999 39.07 -17.64 -24.94
C ALA B 999 38.03 -16.64 -24.48
N MET B 1000 38.35 -15.35 -24.52
CA MET B 1000 37.38 -14.30 -24.18
C MET B 1000 36.21 -14.30 -25.17
N GLN B 1001 36.46 -14.68 -26.43
CA GLN B 1001 35.38 -14.77 -27.40
C GLN B 1001 34.28 -15.74 -26.96
N THR B 1002 34.55 -17.03 -26.91
CA THR B 1002 33.53 -18.03 -26.50
C THR B 1002 33.18 -18.15 -25.01
N GLY B 1003 33.21 -17.07 -24.27
CA GLY B 1003 32.95 -17.09 -22.83
C GLY B 1003 31.66 -16.55 -22.30
N PHE B 1004 30.74 -16.24 -23.19
CA PHE B 1004 29.47 -15.78 -22.76
C PHE B 1004 28.53 -16.96 -22.69
N THR B 1005 28.76 -17.87 -21.73
CA THR B 1005 27.84 -18.96 -21.55
C THR B 1005 27.23 -18.97 -20.16
N THR B 1006 26.44 -19.98 -19.84
CA THR B 1006 25.72 -20.06 -18.57
C THR B 1006 26.64 -20.02 -17.35
N THR B 1007 27.85 -20.59 -17.48
CA THR B 1007 28.79 -20.60 -16.36
C THR B 1007 29.25 -19.18 -16.01
N ASN B 1008 29.48 -18.35 -17.02
CA ASN B 1008 29.96 -16.99 -16.82
C ASN B 1008 28.99 -16.19 -15.93
N LEU B 1009 29.56 -15.47 -14.95
CA LEU B 1009 28.76 -14.80 -13.94
C LEU B 1009 28.44 -13.35 -14.27
N ALA B 1010 29.37 -12.63 -14.92
CA ALA B 1010 29.06 -11.27 -15.34
C ALA B 1010 27.99 -11.24 -16.43
N PHE B 1011 27.99 -12.25 -17.30
CA PHE B 1011 26.90 -12.37 -18.26
C PHE B 1011 25.57 -12.63 -17.54
N ALA B 1012 25.62 -13.39 -16.45
CA ALA B 1012 24.44 -13.56 -15.62
C ALA B 1012 24.00 -12.24 -14.99
N LYS B 1013 24.94 -11.37 -14.65
CA LYS B 1013 24.58 -10.04 -14.16
C LYS B 1013 23.89 -9.21 -15.24
N VAL B 1014 24.37 -9.31 -16.49
CA VAL B 1014 23.72 -8.60 -17.60
C VAL B 1014 22.29 -9.09 -17.76
N GLN B 1015 22.11 -10.41 -17.78
CA GLN B 1015 20.77 -10.98 -17.90
C GLN B 1015 19.91 -10.63 -16.69
N GLU B 1016 20.52 -10.48 -15.52
CA GLU B 1016 19.75 -10.11 -14.32
C GLU B 1016 19.24 -8.68 -14.41
N ALA B 1017 20.06 -7.78 -14.96
CA ALA B 1017 19.58 -6.40 -15.17
C ALA B 1017 18.44 -6.37 -16.18
N VAL B 1018 18.57 -7.12 -17.27
CA VAL B 1018 17.49 -7.20 -18.26
C VAL B 1018 16.23 -7.78 -17.62
N ASN B 1019 16.39 -8.81 -16.80
CA ASN B 1019 15.26 -9.44 -16.12
C ASN B 1019 14.62 -8.50 -15.11
N ALA B 1020 15.42 -7.64 -14.46
CA ALA B 1020 14.85 -6.68 -13.52
C ALA B 1020 13.98 -5.66 -14.25
N ASN B 1021 14.44 -5.18 -15.41
CA ASN B 1021 13.62 -4.29 -16.22
C ASN B 1021 12.32 -4.96 -16.64
N ALA B 1022 12.43 -6.21 -17.12
CA ALA B 1022 11.24 -6.94 -17.55
C ALA B 1022 10.32 -7.24 -16.39
N GLN B 1023 10.85 -7.45 -15.18
CA GLN B 1023 10.01 -7.72 -14.02
C GLN B 1023 9.26 -6.48 -13.58
N ALA B 1024 9.90 -5.31 -13.67
CA ALA B 1024 9.19 -4.07 -13.37
C ALA B 1024 8.03 -3.87 -14.35
N LEU B 1025 8.29 -4.09 -15.65
CA LEU B 1025 7.22 -3.96 -16.64
C LEU B 1025 6.13 -4.99 -16.41
N SER B 1026 6.50 -6.21 -16.03
CA SER B 1026 5.53 -7.28 -15.80
C SER B 1026 4.65 -6.99 -14.60
N LYS B 1027 5.24 -6.46 -13.52
CA LYS B 1027 4.44 -6.07 -12.37
C LYS B 1027 3.46 -4.97 -12.73
N LEU B 1028 3.93 -3.96 -13.47
CA LEU B 1028 3.06 -2.87 -13.88
C LEU B 1028 1.91 -3.36 -14.76
N ALA B 1029 2.19 -4.29 -15.67
CA ALA B 1029 1.15 -4.78 -16.56
C ALA B 1029 0.19 -5.73 -15.86
N SER B 1030 0.68 -6.58 -14.96
CA SER B 1030 -0.13 -7.61 -14.34
C SER B 1030 -0.85 -7.16 -13.09
N GLU B 1031 -0.55 -5.96 -12.57
CA GLU B 1031 -1.36 -5.46 -11.46
C GLU B 1031 -2.74 -5.03 -11.91
N LEU B 1032 -2.99 -4.90 -13.22
CA LEU B 1032 -4.30 -4.48 -13.71
C LEU B 1032 -5.35 -5.58 -13.63
N SER B 1033 -4.96 -6.82 -13.38
CA SER B 1033 -5.90 -7.92 -13.25
C SER B 1033 -6.35 -8.12 -11.81
N ASN B 1034 -5.91 -7.29 -10.88
CA ASN B 1034 -6.30 -7.40 -9.48
C ASN B 1034 -7.70 -6.84 -9.29
N THR B 1035 -8.62 -7.66 -8.76
CA THR B 1035 -9.98 -7.22 -8.54
C THR B 1035 -10.09 -6.29 -7.33
N PHE B 1036 -9.18 -6.41 -6.37
CA PHE B 1036 -9.18 -5.64 -5.12
C PHE B 1036 -10.48 -5.82 -4.35
N GLY B 1037 -11.08 -7.01 -4.45
CA GLY B 1037 -12.34 -7.30 -3.80
C GLY B 1037 -13.58 -7.02 -4.62
N ALA B 1038 -13.44 -6.43 -5.80
CA ALA B 1038 -14.59 -6.18 -6.66
C ALA B 1038 -15.03 -7.45 -7.36
N ILE B 1039 -16.23 -7.40 -7.96
CA ILE B 1039 -16.75 -8.56 -8.67
C ILE B 1039 -15.96 -8.83 -9.95
N SER B 1040 -15.28 -7.83 -10.50
CA SER B 1040 -14.46 -8.03 -11.68
C SER B 1040 -13.33 -7.00 -11.67
N SER B 1041 -12.26 -7.34 -12.38
CA SER B 1041 -11.13 -6.44 -12.56
C SER B 1041 -11.27 -5.55 -13.78
N SER B 1042 -12.39 -5.64 -14.49
CA SER B 1042 -12.65 -4.83 -15.67
C SER B 1042 -13.85 -3.93 -15.42
N ILE B 1043 -13.79 -2.71 -15.94
CA ILE B 1043 -14.86 -1.74 -15.73
C ILE B 1043 -16.13 -2.14 -16.47
N SER B 1044 -15.99 -2.79 -17.63
CA SER B 1044 -17.15 -3.09 -18.47
C SER B 1044 -18.10 -4.08 -17.79
N ASP B 1045 -17.56 -5.12 -17.15
CA ASP B 1045 -18.40 -6.07 -16.44
C ASP B 1045 -19.13 -5.43 -15.26
N ILE B 1046 -18.44 -4.56 -14.52
CA ILE B 1046 -19.06 -3.84 -13.42
C ILE B 1046 -20.18 -2.95 -13.94
N LEU B 1047 -19.93 -2.27 -15.06
CA LEU B 1047 -20.94 -1.39 -15.65
C LEU B 1047 -22.16 -2.18 -16.13
N LYS B 1048 -21.94 -3.37 -16.67
CA LYS B 1048 -23.03 -4.15 -17.25
C LYS B 1048 -23.66 -5.14 -16.28
N ARG B 1049 -23.18 -5.23 -15.05
CA ARG B 1049 -23.72 -6.19 -14.10
C ARG B 1049 -24.28 -5.58 -12.83
N LEU B 1050 -24.17 -4.27 -12.62
CA LEU B 1050 -24.59 -3.66 -11.37
C LEU B 1050 -25.34 -2.36 -11.65
N ASP B 1051 -26.01 -1.86 -10.62
CA ASP B 1051 -26.69 -0.57 -10.69
C ASP B 1051 -25.72 0.53 -10.27
N ALA B 1052 -26.23 1.77 -10.20
CA ALA B 1052 -25.35 2.95 -10.17
C ALA B 1052 -24.48 2.99 -8.92
N VAL B 1053 -25.07 2.77 -7.74
CA VAL B 1053 -24.32 2.89 -6.49
C VAL B 1053 -23.28 1.77 -6.38
N GLU B 1054 -23.65 0.55 -6.75
CA GLU B 1054 -22.70 -0.56 -6.70
C GLU B 1054 -21.58 -0.36 -7.70
N GLN B 1055 -21.89 0.19 -8.88
CA GLN B 1055 -20.85 0.56 -9.84
C GLN B 1055 -19.88 1.57 -9.24
N GLU B 1056 -20.41 2.59 -8.57
CA GLU B 1056 -19.54 3.58 -7.94
C GLU B 1056 -18.62 2.94 -6.91
N ALA B 1057 -19.16 2.03 -6.10
CA ALA B 1057 -18.34 1.43 -5.06
C ALA B 1057 -17.26 0.50 -5.62
N GLN B 1058 -17.62 -0.36 -6.58
CA GLN B 1058 -16.63 -1.26 -7.15
C GLN B 1058 -15.55 -0.51 -7.94
N ILE B 1059 -15.96 0.49 -8.70
CA ILE B 1059 -14.99 1.28 -9.46
C ILE B 1059 -14.08 2.06 -8.51
N ASP B 1060 -14.62 2.53 -7.38
CA ASP B 1060 -13.78 3.21 -6.40
C ASP B 1060 -12.76 2.26 -5.79
N ARG B 1061 -13.14 1.01 -5.54
CA ARG B 1061 -12.17 0.02 -5.06
C ARG B 1061 -11.06 -0.20 -6.07
N LEU B 1062 -11.44 -0.31 -7.36
CA LEU B 1062 -10.43 -0.50 -8.40
C LEU B 1062 -9.51 0.72 -8.50
N ILE B 1063 -10.07 1.91 -8.38
CA ILE B 1063 -9.30 3.15 -8.48
C ILE B 1063 -8.28 3.24 -7.36
N ASN B 1064 -8.73 2.94 -6.12
CA ASN B 1064 -7.82 3.01 -4.98
C ASN B 1064 -6.71 1.98 -5.09
N GLY B 1065 -7.05 0.75 -5.50
CA GLY B 1065 -6.01 -0.26 -5.65
C GLY B 1065 -4.99 0.10 -6.71
N ARG B 1066 -5.46 0.60 -7.86
CA ARG B 1066 -4.53 0.95 -8.93
C ARG B 1066 -3.68 2.16 -8.58
N LEU B 1067 -4.23 3.13 -7.84
CA LEU B 1067 -3.44 4.27 -7.41
C LEU B 1067 -2.35 3.86 -6.42
N THR B 1068 -2.68 2.97 -5.49
CA THR B 1068 -1.67 2.47 -4.56
C THR B 1068 -0.58 1.68 -5.30
N SER B 1069 -0.98 0.89 -6.29
CA SER B 1069 0.00 0.15 -7.10
C SER B 1069 0.91 1.09 -7.86
N LEU B 1070 0.36 2.16 -8.43
CA LEU B 1070 1.17 3.13 -9.16
C LEU B 1070 2.14 3.86 -8.23
N ASN B 1071 1.70 4.18 -7.01
CA ASN B 1071 2.60 4.79 -6.04
C ASN B 1071 3.76 3.87 -5.69
N ALA B 1072 3.48 2.58 -5.48
CA ALA B 1072 4.54 1.62 -5.21
C ALA B 1072 5.51 1.50 -6.39
N PHE B 1073 4.97 1.49 -7.61
CA PHE B 1073 5.82 1.43 -8.80
C PHE B 1073 6.73 2.66 -8.90
N VAL B 1074 6.19 3.84 -8.60
CA VAL B 1074 6.98 5.07 -8.66
C VAL B 1074 8.10 5.03 -7.63
N ALA B 1075 7.81 4.55 -6.42
CA ALA B 1075 8.85 4.44 -5.40
C ALA B 1075 9.94 3.47 -5.82
N GLN B 1076 9.55 2.32 -6.38
CA GLN B 1076 10.54 1.35 -6.85
C GLN B 1076 11.40 1.92 -7.98
N GLN B 1077 10.79 2.65 -8.90
CA GLN B 1077 11.54 3.26 -10.00
C GLN B 1077 12.52 4.31 -9.49
N LEU B 1078 12.12 5.11 -8.50
CA LEU B 1078 13.02 6.09 -7.92
C LEU B 1078 14.23 5.41 -7.28
N VAL B 1079 13.99 4.34 -6.51
CA VAL B 1079 15.08 3.63 -5.86
C VAL B 1079 16.04 3.05 -6.89
N ARG B 1080 15.50 2.43 -7.94
CA ARG B 1080 16.34 1.86 -8.98
C ARG B 1080 17.12 2.93 -9.73
N SER B 1081 16.53 4.12 -9.89
CA SER B 1081 17.22 5.21 -10.57
C SER B 1081 18.43 5.68 -9.78
N GLU B 1082 18.27 5.89 -8.46
CA GLU B 1082 19.43 6.30 -7.66
C GLU B 1082 20.50 5.21 -7.64
N THR B 1083 20.08 3.94 -7.54
CA THR B 1083 21.05 2.85 -7.57
C THR B 1083 21.83 2.83 -8.88
N ALA B 1084 21.15 3.01 -10.00
CA ALA B 1084 21.81 3.02 -11.30
C ALA B 1084 22.74 4.21 -11.44
N ALA B 1085 22.36 5.37 -10.90
CA ALA B 1085 23.24 6.54 -10.96
C ALA B 1085 24.53 6.31 -10.17
N ARG B 1086 24.42 5.74 -8.97
CA ARG B 1086 25.61 5.43 -8.19
C ARG B 1086 26.50 4.42 -8.90
N SER B 1087 25.88 3.39 -9.48
CA SER B 1087 26.66 2.38 -10.21
C SER B 1087 27.30 2.96 -11.46
N SER B 1088 26.67 3.95 -12.10
CA SER B 1088 27.29 4.61 -13.25
C SER B 1088 28.49 5.44 -12.83
N GLN B 1089 28.42 6.08 -11.66
CA GLN B 1089 29.60 6.77 -11.13
C GLN B 1089 30.73 5.79 -10.83
N LEU B 1090 30.38 4.61 -10.31
CA LEU B 1090 31.39 3.57 -10.10
C LEU B 1090 31.98 3.10 -11.43
N ALA B 1091 31.16 3.04 -12.48
CA ALA B 1091 31.68 2.71 -13.81
C ALA B 1091 32.63 3.78 -14.34
N VAL B 1092 32.33 5.05 -14.06
CA VAL B 1092 33.23 6.14 -14.42
C VAL B 1092 34.59 5.95 -13.74
N ASP B 1093 34.55 5.63 -12.44
CA ASP B 1093 35.79 5.40 -11.70
C ASP B 1093 36.55 4.20 -12.25
N LYS B 1094 35.84 3.12 -12.59
CA LYS B 1094 36.48 1.93 -13.12
C LYS B 1094 37.14 2.20 -14.46
N VAL B 1095 36.47 2.98 -15.33
CA VAL B 1095 37.07 3.33 -16.61
C VAL B 1095 38.33 4.16 -16.40
N ASN B 1096 38.23 5.19 -15.54
CA ASN B 1096 39.37 6.08 -15.32
C ASN B 1096 40.54 5.36 -14.67
N GLU B 1097 40.28 4.31 -13.91
CA GLU B 1097 41.39 3.61 -13.26
C GLU B 1097 41.97 2.48 -14.12
N CYS B 1098 41.13 1.66 -14.73
CA CYS B 1098 41.60 0.47 -15.42
C CYS B 1098 41.84 0.68 -16.91
N VAL B 1099 40.99 1.45 -17.58
CA VAL B 1099 41.09 1.57 -19.03
C VAL B 1099 42.11 2.63 -19.44
N LYS B 1100 42.12 3.77 -18.75
CA LYS B 1100 42.99 4.87 -19.11
C LYS B 1100 44.32 4.86 -18.36
N SER B 1101 44.57 3.83 -17.54
CA SER B 1101 45.83 3.73 -16.81
C SER B 1101 45.98 2.29 -16.34
N GLN B 1102 47.17 1.99 -15.82
CA GLN B 1102 47.45 0.70 -15.20
C GLN B 1102 47.30 0.83 -13.69
N SER B 1103 46.55 -0.08 -13.08
CA SER B 1103 46.24 0.00 -11.67
C SER B 1103 47.32 -0.68 -10.84
N LYS B 1104 47.81 0.02 -9.82
CA LYS B 1104 48.74 -0.55 -8.86
C LYS B 1104 48.03 -1.15 -7.66
N ARG B 1105 46.71 -0.98 -7.55
CA ARG B 1105 45.92 -1.57 -6.48
C ARG B 1105 45.54 -2.99 -6.89
N ASN B 1106 46.12 -3.98 -6.22
CA ASN B 1106 45.84 -5.36 -6.57
C ASN B 1106 44.42 -5.74 -6.16
N GLY B 1107 43.72 -6.43 -7.06
CA GLY B 1107 42.39 -6.91 -6.80
C GLY B 1107 41.27 -5.97 -7.18
N PHE B 1108 41.58 -4.73 -7.55
CA PHE B 1108 40.53 -3.79 -7.91
C PHE B 1108 40.03 -4.05 -9.33
N CYS B 1109 40.91 -3.90 -10.32
CA CYS B 1109 40.52 -4.18 -11.70
C CYS B 1109 40.31 -5.66 -11.91
N GLY B 1110 41.38 -6.45 -11.77
CA GLY B 1110 41.30 -7.89 -11.93
C GLY B 1110 42.18 -8.61 -10.93
N SER B 1111 42.11 -9.93 -10.98
CA SER B 1111 42.92 -10.76 -10.09
C SER B 1111 44.39 -10.67 -10.46
N GLY B 1112 45.24 -10.55 -9.44
CA GLY B 1112 46.67 -10.48 -9.65
C GLY B 1112 47.16 -9.12 -10.10
N ASN B 1113 48.16 -9.11 -10.98
CA ASN B 1113 48.76 -7.88 -11.47
C ASN B 1113 48.04 -7.43 -12.73
N HIS B 1114 47.42 -6.26 -12.68
CA HIS B 1114 46.68 -5.73 -13.81
C HIS B 1114 47.64 -5.27 -14.90
N ILE B 1115 47.35 -5.67 -16.14
CA ILE B 1115 48.15 -5.28 -17.30
C ILE B 1115 47.42 -4.25 -18.15
N VAL B 1116 46.27 -4.63 -18.71
CA VAL B 1116 45.50 -3.74 -19.58
C VAL B 1116 44.04 -4.17 -19.50
N SER B 1117 43.14 -3.20 -19.65
CA SER B 1117 41.71 -3.45 -19.61
C SER B 1117 41.04 -2.86 -20.84
N PHE B 1118 39.96 -3.51 -21.27
CA PHE B 1118 39.16 -3.06 -22.38
C PHE B 1118 37.70 -2.99 -21.95
N VAL B 1119 37.02 -1.92 -22.36
CA VAL B 1119 35.62 -1.70 -22.02
C VAL B 1119 34.82 -1.71 -23.31
N SER B 1120 33.68 -2.39 -23.28
CA SER B 1120 32.78 -2.46 -24.42
C SER B 1120 31.36 -2.20 -23.94
N ASN B 1121 30.54 -1.72 -24.86
CA ASN B 1121 29.15 -1.42 -24.53
C ASN B 1121 28.38 -2.70 -24.23
N ALA B 1122 27.47 -2.61 -23.28
CA ALA B 1122 26.64 -3.73 -22.86
C ALA B 1122 25.22 -3.22 -22.69
N PRO B 1123 24.22 -4.11 -22.73
CA PRO B 1123 22.86 -3.68 -22.39
C PRO B 1123 22.79 -3.17 -20.96
N ASN B 1124 22.27 -1.94 -20.82
CA ASN B 1124 22.05 -1.25 -19.54
C ASN B 1124 23.35 -0.99 -18.78
N GLY B 1125 24.50 -0.92 -19.45
CA GLY B 1125 25.73 -0.64 -18.73
C GLY B 1125 26.95 -0.88 -19.58
N LEU B 1126 28.07 -1.16 -18.90
CA LEU B 1126 29.36 -1.35 -19.53
C LEU B 1126 29.95 -2.69 -19.11
N TYR B 1127 30.65 -3.32 -20.04
CA TYR B 1127 31.28 -4.61 -19.81
C TYR B 1127 32.79 -4.46 -19.90
N PHE B 1128 33.50 -4.94 -18.87
CA PHE B 1128 34.94 -4.77 -18.78
C PHE B 1128 35.66 -6.10 -18.97
N PHE B 1129 36.82 -6.04 -19.60
CA PHE B 1129 37.71 -7.18 -19.78
C PHE B 1129 39.05 -6.82 -19.17
N HIS B 1130 39.28 -7.25 -17.93
CA HIS B 1130 40.52 -6.97 -17.23
C HIS B 1130 41.51 -8.09 -17.51
N VAL B 1131 42.53 -7.80 -18.31
CA VAL B 1131 43.59 -8.75 -18.59
C VAL B 1131 44.66 -8.61 -17.52
N GLY B 1132 44.93 -9.70 -16.81
CA GLY B 1132 45.88 -9.70 -15.71
C GLY B 1132 47.00 -10.70 -15.93
N TYR B 1133 48.01 -10.60 -15.06
CA TYR B 1133 49.17 -11.48 -15.10
C TYR B 1133 48.92 -12.62 -14.12
N VAL B 1134 48.74 -13.83 -14.64
CA VAL B 1134 48.45 -15.01 -13.83
C VAL B 1134 49.68 -15.92 -13.87
N PRO B 1135 50.44 -16.04 -12.78
CA PRO B 1135 51.54 -16.99 -12.74
C PRO B 1135 51.03 -18.43 -12.76
N THR B 1136 51.86 -19.32 -13.30
CA THR B 1136 51.52 -20.73 -13.43
C THR B 1136 52.38 -21.63 -12.56
N ALA B 1137 53.70 -21.55 -12.68
CA ALA B 1137 54.62 -22.40 -11.95
C ALA B 1137 55.54 -21.55 -11.09
N HIS B 1138 55.70 -21.95 -9.83
CA HIS B 1138 56.53 -21.24 -8.87
C HIS B 1138 57.66 -22.15 -8.39
N ILE B 1139 58.86 -21.58 -8.30
CA ILE B 1139 59.99 -22.25 -7.67
C ILE B 1139 60.42 -21.42 -6.47
N ASN B 1140 61.05 -22.09 -5.51
CA ASN B 1140 61.47 -21.46 -4.26
C ASN B 1140 62.97 -21.20 -4.31
N ALA B 1141 63.36 -19.96 -4.03
CA ALA B 1141 64.76 -19.56 -4.01
C ALA B 1141 65.05 -18.82 -2.72
N THR B 1142 66.26 -19.01 -2.20
CA THR B 1142 66.67 -18.31 -0.99
C THR B 1142 67.07 -16.89 -1.35
N ALA B 1143 66.40 -15.92 -0.71
CA ALA B 1143 66.61 -14.51 -1.01
C ALA B 1143 67.17 -13.80 0.21
N ALA B 1144 67.90 -12.72 -0.03
CA ALA B 1144 68.47 -11.89 1.01
C ALA B 1144 67.78 -10.55 1.06
N TYR B 1145 67.80 -9.93 2.24
CA TYR B 1145 67.26 -8.58 2.38
C TYR B 1145 68.19 -7.55 1.75
N GLY B 1146 69.49 -7.72 1.93
CA GLY B 1146 70.47 -6.80 1.38
C GLY B 1146 71.86 -7.36 1.57
N LEU B 1147 72.82 -6.77 0.84
CA LEU B 1147 74.20 -7.23 0.84
C LEU B 1147 75.14 -6.05 1.02
N CYS B 1148 76.13 -6.22 1.89
CA CYS B 1148 77.24 -5.28 1.99
C CYS B 1148 78.43 -5.91 2.69
N ASN B 1149 79.58 -5.27 2.52
CA ASN B 1149 80.88 -5.80 2.85
C ASN B 1149 81.39 -5.22 4.18
N THR B 1150 82.63 -5.53 4.52
CA THR B 1150 83.27 -5.05 5.75
C THR B 1150 84.21 -3.92 5.40
N GLU B 1151 83.67 -2.69 5.39
CA GLU B 1151 84.47 -1.48 5.20
C GLU B 1151 83.96 -0.43 6.17
N LEU B 1152 84.78 0.61 6.36
CA LEU B 1152 84.48 1.60 7.39
C LEU B 1152 83.18 2.36 7.16
N PRO B 1153 82.89 2.95 5.99
CA PRO B 1153 81.52 3.43 5.75
C PRO B 1153 80.65 2.33 5.18
N PRO B 1154 79.67 1.85 5.95
CA PRO B 1154 78.88 0.68 5.50
C PRO B 1154 77.83 1.01 4.44
N ARG B 1155 78.27 1.01 3.18
CA ARG B 1155 77.37 1.19 2.05
C ARG B 1155 76.72 -0.15 1.73
N CYS B 1156 75.41 -0.25 1.94
CA CYS B 1156 74.67 -1.48 1.66
C CYS B 1156 73.62 -1.22 0.60
N ILE B 1157 73.33 -2.26 -0.17
CA ILE B 1157 72.43 -2.16 -1.32
C ILE B 1157 71.17 -2.99 -1.05
N ALA B 1158 70.08 -2.56 -1.64
CA ALA B 1158 68.79 -3.23 -1.56
C ALA B 1158 68.21 -3.37 -2.97
N PRO B 1159 67.47 -4.44 -3.23
CA PRO B 1159 66.88 -4.62 -4.56
C PRO B 1159 65.75 -3.63 -4.81
N ILE B 1160 65.52 -3.34 -6.09
CA ILE B 1160 64.43 -2.47 -6.52
C ILE B 1160 63.48 -3.32 -7.35
N ASP B 1161 62.26 -3.52 -6.82
CA ASP B 1161 61.22 -4.32 -7.47
C ASP B 1161 61.71 -5.72 -7.82
N GLY B 1162 62.47 -6.32 -6.91
CA GLY B 1162 63.04 -7.62 -7.16
C GLY B 1162 63.64 -8.20 -5.90
N TYR B 1163 64.37 -9.29 -6.08
CA TYR B 1163 64.98 -10.02 -4.98
C TYR B 1163 66.45 -10.27 -5.27
N PHE B 1164 67.21 -10.48 -4.20
CA PHE B 1164 68.61 -10.90 -4.27
C PHE B 1164 68.64 -12.41 -4.05
N VAL B 1165 68.68 -13.16 -5.13
CA VAL B 1165 68.59 -14.61 -5.07
C VAL B 1165 69.98 -15.23 -5.23
N THR B 1166 70.08 -16.52 -4.93
CA THR B 1166 71.32 -17.27 -5.09
C THR B 1166 70.98 -18.74 -5.28
N ASN B 1167 72.02 -19.55 -5.44
CA ASN B 1167 71.93 -21.01 -5.61
C ASN B 1167 71.06 -21.33 -6.82
N PRO B 1176 78.82 -17.79 -1.25
CA PRO B 1176 77.68 -17.80 -2.17
C PRO B 1176 77.69 -16.59 -3.11
N GLU B 1177 77.27 -16.81 -4.35
CA GLU B 1177 77.20 -15.74 -5.34
C GLU B 1177 75.75 -15.31 -5.50
N TRP B 1178 75.50 -14.00 -5.38
CA TRP B 1178 74.15 -13.47 -5.39
C TRP B 1178 73.81 -12.87 -6.75
N TYR B 1179 72.57 -13.06 -7.17
CA TYR B 1179 72.06 -12.50 -8.42
C TYR B 1179 70.79 -11.72 -8.13
N TYR B 1180 70.31 -11.02 -9.14
CA TYR B 1180 69.07 -10.25 -9.07
C TYR B 1180 68.04 -10.87 -10.01
N THR B 1181 66.79 -10.89 -9.57
CA THR B 1181 65.70 -11.38 -10.39
C THR B 1181 64.50 -10.47 -10.21
N GLY B 1182 63.62 -10.48 -11.21
CA GLY B 1182 62.38 -9.75 -11.10
C GLY B 1182 61.43 -10.42 -10.11
N SER B 1183 60.49 -9.62 -9.59
CA SER B 1183 59.55 -10.13 -8.62
C SER B 1183 58.45 -10.98 -9.25
N ALA B 1184 58.20 -10.82 -10.55
CA ALA B 1184 57.12 -11.53 -11.23
C ALA B 1184 57.61 -12.61 -12.18
N PHE B 1185 58.92 -12.80 -12.30
CA PHE B 1185 59.47 -13.86 -13.14
C PHE B 1185 60.88 -14.19 -12.67
N TYR B 1186 61.18 -15.48 -12.56
CA TYR B 1186 62.48 -15.91 -12.08
C TYR B 1186 63.47 -15.90 -13.24
N ASN B 1187 64.46 -15.01 -13.15
CA ASN B 1187 65.56 -14.94 -14.11
C ASN B 1187 66.76 -14.28 -13.43
N PRO B 1188 67.74 -15.06 -12.99
CA PRO B 1188 68.92 -14.46 -12.33
C PRO B 1188 69.70 -13.56 -13.28
N GLU B 1189 70.14 -12.43 -12.76
CA GLU B 1189 70.85 -11.42 -13.52
C GLU B 1189 71.97 -10.84 -12.66
N PRO B 1190 73.01 -10.30 -13.27
CA PRO B 1190 74.07 -9.65 -12.49
C PRO B 1190 73.55 -8.46 -11.71
N ILE B 1191 74.10 -8.27 -10.51
CA ILE B 1191 73.69 -7.18 -9.62
C ILE B 1191 74.45 -5.92 -10.06
N THR B 1192 73.73 -4.96 -10.63
CA THR B 1192 74.30 -3.70 -11.10
C THR B 1192 73.60 -2.55 -10.39
N LEU B 1193 74.02 -1.33 -10.73
CA LEU B 1193 73.38 -0.13 -10.21
C LEU B 1193 72.03 0.16 -10.85
N ALA B 1194 71.69 -0.54 -11.93
CA ALA B 1194 70.41 -0.34 -12.59
C ALA B 1194 69.25 -1.00 -11.85
N ASN B 1195 69.53 -1.88 -10.89
CA ASN B 1195 68.48 -2.54 -10.13
C ASN B 1195 68.70 -2.51 -8.63
N THR B 1196 69.60 -1.66 -8.13
CA THR B 1196 69.88 -1.56 -6.72
C THR B 1196 69.81 -0.11 -6.25
N ARG B 1197 69.41 0.07 -5.00
CA ARG B 1197 69.45 1.36 -4.34
C ARG B 1197 70.34 1.24 -3.10
N TYR B 1198 70.99 2.34 -2.76
CA TYR B 1198 71.89 2.35 -1.60
C TYR B 1198 71.06 2.55 -0.34
N VAL B 1199 71.31 1.71 0.67
CA VAL B 1199 70.56 1.76 1.91
C VAL B 1199 71.53 1.68 3.08
N SER B 1200 71.03 2.05 4.26
CA SER B 1200 71.82 2.01 5.48
C SER B 1200 72.06 0.58 5.94
N LYS B 1201 73.03 0.43 6.85
CA LYS B 1201 73.39 -0.87 7.39
C LYS B 1201 72.24 -1.46 8.19
N ASP B 1202 72.09 -2.79 8.10
CA ASP B 1202 71.15 -3.53 8.91
C ASP B 1202 71.82 -4.79 9.42
N THR B 1203 71.34 -5.28 10.57
CA THR B 1203 71.93 -6.47 11.16
C THR B 1203 71.55 -7.74 10.41
N LYS B 1204 70.44 -7.73 9.66
CA LYS B 1204 69.99 -8.90 8.92
C LYS B 1204 70.51 -8.93 7.48
N TYR B 1205 71.34 -7.97 7.09
CA TYR B 1205 71.91 -7.97 5.77
C TYR B 1205 73.08 -8.96 5.69
N GLN B 1206 73.28 -9.52 4.50
CA GLN B 1206 74.33 -10.50 4.31
C GLN B 1206 75.69 -9.82 4.25
N GLU B 1207 76.66 -10.38 4.98
CA GLU B 1207 78.03 -9.88 4.97
C GLU B 1207 78.81 -10.60 3.88
N LEU B 1208 79.42 -9.83 2.98
CA LEU B 1208 80.13 -10.37 1.83
C LEU B 1208 81.61 -10.08 1.96
N ASN B 1209 82.44 -11.10 1.82
CA ASN B 1209 83.88 -10.95 1.97
C ASN B 1209 84.64 -11.49 0.76
N ASN B 1210 84.09 -12.52 0.11
CA ASN B 1210 84.79 -13.17 -0.99
C ASN B 1210 84.48 -12.51 -2.33
N LYS B 1211 83.21 -12.45 -2.71
CA LYS B 1211 82.77 -11.85 -3.95
C LYS B 1211 81.92 -10.61 -3.66
N LEU B 1212 81.98 -9.64 -4.57
CA LEU B 1212 81.29 -8.37 -4.35
C LEU B 1212 80.69 -7.86 -5.67
N PRO B 1213 79.43 -7.47 -5.67
CA PRO B 1213 78.84 -6.84 -6.86
C PRO B 1213 79.45 -5.48 -7.11
N PRO B 1214 79.42 -5.00 -8.35
CA PRO B 1214 79.99 -3.68 -8.68
C PRO B 1214 79.36 -2.53 -7.90
N PRO B 1215 78.08 -2.59 -7.50
CA PRO B 1215 77.62 -1.58 -6.53
C PRO B 1215 78.40 -1.57 -5.22
N LEU B 1216 78.83 -2.74 -4.75
CA LEU B 1216 79.58 -2.81 -3.49
C LEU B 1216 81.09 -2.70 -3.70
N LEU B 1217 81.58 -3.16 -4.85
CA LEU B 1217 83.01 -3.09 -5.12
C LEU B 1217 83.47 -1.65 -5.32
N SER B 1218 82.67 -0.85 -6.01
CA SER B 1218 83.03 0.54 -6.27
C SER B 1218 82.67 1.44 -5.10
N ASP C 18 -41.84 -7.53 42.95
CA ASP C 18 -41.23 -6.83 44.08
C ASP C 18 -40.86 -7.81 45.19
N VAL C 19 -40.10 -7.34 46.17
CA VAL C 19 -39.66 -8.16 47.29
C VAL C 19 -40.04 -7.47 48.60
N ASP C 20 -40.45 -8.27 49.57
CA ASP C 20 -40.85 -7.75 50.88
C ASP C 20 -39.64 -7.61 51.78
N LEU C 21 -39.48 -6.43 52.39
CA LEU C 21 -38.32 -6.14 53.22
C LEU C 21 -38.65 -6.11 54.71
N GLY C 22 -39.84 -6.56 55.10
CA GLY C 22 -40.20 -6.60 56.50
C GLY C 22 -41.11 -5.45 56.90
N PRO C 23 -41.64 -5.52 58.11
CA PRO C 23 -42.57 -4.47 58.57
C PRO C 23 -41.86 -3.15 58.82
N ASP C 24 -42.63 -2.07 58.71
CA ASP C 24 -42.11 -0.74 58.99
C ASP C 24 -41.77 -0.62 60.47
N SER C 25 -40.75 0.20 60.75
CA SER C 25 -40.28 0.35 62.12
C SER C 25 -41.32 1.08 62.97
N THR C 26 -41.65 0.50 64.13
CA THR C 26 -42.60 1.10 65.06
C THR C 26 -41.79 1.79 66.16
N ARG C 27 -41.36 3.02 65.86
CA ARG C 27 -40.58 3.81 66.80
C ARG C 27 -41.06 5.24 66.96
N ASP C 28 -41.84 5.77 66.01
CA ASP C 28 -42.51 7.09 66.06
C ASP C 28 -41.58 8.25 66.42
N THR C 29 -40.26 8.06 66.26
CA THR C 29 -39.29 9.12 66.54
C THR C 29 -37.98 8.76 65.86
N CYS C 30 -37.08 9.74 65.81
CA CYS C 30 -35.74 9.56 65.25
C CYS C 30 -34.71 10.03 66.28
N ASP C 31 -33.54 9.39 66.25
CA ASP C 31 -32.51 9.65 67.25
C ASP C 31 -31.94 11.06 67.09
N GLU C 32 -31.66 11.69 68.23
CA GLU C 32 -31.00 12.99 68.24
C GLU C 32 -29.51 12.79 67.99
N VAL C 33 -28.95 13.58 67.06
CA VAL C 33 -27.54 13.47 66.70
C VAL C 33 -26.89 14.84 66.85
N VAL C 34 -25.56 14.82 66.97
CA VAL C 34 -24.76 16.03 67.04
C VAL C 34 -23.96 16.13 65.76
N VAL C 35 -24.16 17.19 65.01
CA VAL C 35 -23.48 17.42 63.74
C VAL C 35 -22.40 18.46 64.00
N GLN C 36 -21.16 17.99 64.12
CA GLN C 36 -19.99 18.85 64.29
C GLN C 36 -18.98 18.46 63.21
N VAL C 37 -19.04 19.15 62.07
CA VAL C 37 -18.11 18.85 60.98
C VAL C 37 -16.69 19.28 61.33
N SER C 38 -16.54 20.33 62.14
CA SER C 38 -15.22 20.85 62.48
C SER C 38 -14.39 19.86 63.29
N ALA C 39 -15.01 18.86 63.92
CA ALA C 39 -14.25 17.82 64.59
C ALA C 39 -13.65 16.81 63.61
N PHE C 40 -14.19 16.73 62.40
CA PHE C 40 -13.76 15.74 61.40
C PHE C 40 -12.87 16.34 60.32
N GLN C 41 -12.38 17.57 60.51
CA GLN C 41 -11.55 18.23 59.50
C GLN C 41 -10.09 17.82 59.55
N LYS C 42 -9.75 16.78 60.31
CA LYS C 42 -8.38 16.29 60.38
C LYS C 42 -7.93 15.79 59.02
N ASP C 43 -6.72 16.18 58.62
CA ASP C 43 -6.20 15.90 57.29
C ASP C 43 -5.26 14.69 57.35
N TRP C 44 -5.41 13.79 56.39
CA TRP C 44 -4.55 12.62 56.29
C TRP C 44 -4.44 12.24 54.82
N PRO C 45 -3.43 12.76 54.13
CA PRO C 45 -3.36 12.55 52.67
C PRO C 45 -3.00 11.11 52.32
N GLN C 46 -3.82 10.50 51.47
CA GLN C 46 -3.54 9.19 50.90
C GLN C 46 -3.76 9.29 49.39
N PRO C 47 -2.82 9.88 48.66
CA PRO C 47 -3.01 10.05 47.23
C PRO C 47 -2.88 8.73 46.49
N ILE C 48 -3.42 8.72 45.26
CA ILE C 48 -3.35 7.54 44.42
C ILE C 48 -1.94 7.45 43.83
N ASN C 49 -1.21 6.41 44.20
CA ASN C 49 0.09 6.15 43.61
C ASN C 49 0.02 4.88 42.78
N PRO C 50 0.19 4.96 41.45
CA PRO C 50 0.16 3.74 40.64
C PRO C 50 1.30 2.77 40.92
N LEU C 51 2.36 3.19 41.62
CA LEU C 51 3.49 2.31 41.87
C LEU C 51 3.11 1.12 42.74
N PHE C 52 2.18 1.32 43.67
CA PHE C 52 1.61 0.21 44.43
C PHE C 52 0.30 -0.30 43.84
N ALA C 53 -0.09 0.23 42.67
CA ALA C 53 -1.31 -0.15 41.97
C ALA C 53 -2.54 0.09 42.84
N ASP C 54 -2.76 1.36 43.18
CA ASP C 54 -3.88 1.76 44.01
C ASP C 54 -5.14 1.93 43.15
N GLY C 55 -6.21 1.26 43.55
CA GLY C 55 -7.48 1.38 42.85
C GLY C 55 -7.49 0.83 41.44
N ILE C 56 -6.80 -0.27 41.20
CA ILE C 56 -6.74 -0.88 39.87
C ILE C 56 -7.81 -1.96 39.79
N ILE C 57 -8.73 -1.81 38.83
CA ILE C 57 -9.76 -2.81 38.59
C ILE C 57 -9.21 -3.82 37.59
N TYR C 58 -9.15 -5.08 38.01
CA TYR C 58 -8.61 -6.12 37.15
C TYR C 58 -9.54 -6.40 35.98
N PRO C 59 -9.01 -6.69 34.79
CA PRO C 59 -9.88 -7.09 33.68
C PRO C 59 -10.64 -8.36 34.00
N THR C 60 -11.91 -8.39 33.58
CA THR C 60 -12.80 -9.47 33.94
C THR C 60 -12.76 -10.59 32.89
N GLY C 61 -12.82 -11.83 33.36
CA GLY C 61 -12.87 -12.97 32.48
C GLY C 61 -11.55 -13.42 31.90
N ARG C 62 -10.44 -12.80 32.29
CA ARG C 62 -9.13 -13.17 31.77
C ARG C 62 -8.07 -12.71 32.73
N SER C 63 -6.85 -13.21 32.52
CA SER C 63 -5.69 -12.76 33.27
C SER C 63 -4.49 -12.71 32.32
N TYR C 64 -3.47 -11.98 32.75
CA TYR C 64 -2.24 -11.86 31.99
C TYR C 64 -1.08 -12.24 32.91
N SER C 65 -0.02 -12.78 32.32
CA SER C 65 1.12 -13.28 33.09
C SER C 65 2.40 -12.75 32.50
N ASN C 66 3.17 -12.02 33.33
CA ASN C 66 4.55 -11.63 33.03
C ASN C 66 4.67 -10.78 31.76
N ILE C 67 3.75 -9.83 31.60
CA ILE C 67 3.81 -8.87 30.49
C ILE C 67 3.46 -7.48 31.03
N SER C 68 3.64 -6.49 30.16
CA SER C 68 3.23 -5.11 30.43
C SER C 68 2.26 -4.69 29.34
N LEU C 69 1.06 -4.28 29.73
CA LEU C 69 -0.03 -4.04 28.79
C LEU C 69 -0.62 -2.66 29.00
N SER C 70 -0.92 -1.99 27.90
CA SER C 70 -1.63 -0.71 27.94
C SER C 70 -3.12 -1.00 27.90
N TYR C 71 -3.82 -0.68 29.00
CA TYR C 71 -5.23 -0.97 29.16
C TYR C 71 -6.00 0.34 29.29
N GLN C 72 -7.03 0.50 28.47
CA GLN C 72 -7.92 1.65 28.56
C GLN C 72 -9.17 1.25 29.31
N GLY C 73 -9.45 1.96 30.41
CA GLY C 73 -10.59 1.63 31.23
C GLY C 73 -10.95 2.73 32.20
N LEU C 74 -11.45 2.36 33.37
CA LEU C 74 -11.83 3.30 34.42
C LEU C 74 -10.82 3.20 35.55
N PHE C 75 -10.00 4.23 35.69
CA PHE C 75 -8.92 4.28 36.68
C PHE C 75 -8.95 5.60 37.40
N PRO C 76 -8.48 5.64 38.65
CA PRO C 76 -8.31 6.93 39.33
C PRO C 76 -7.08 7.66 38.83
N ARG C 77 -7.16 8.99 38.86
CA ARG C 77 -6.05 9.81 38.41
C ARG C 77 -4.89 9.73 39.40
N GLN C 78 -3.68 9.81 38.86
CA GLN C 78 -2.48 9.76 39.69
C GLN C 78 -2.37 11.03 40.53
N GLY C 79 -2.09 10.87 41.81
CA GLY C 79 -1.95 11.99 42.71
C GLY C 79 -3.26 12.58 43.21
N ASP C 80 -4.39 11.96 42.89
CA ASP C 80 -5.67 12.45 43.39
C ASP C 80 -5.82 12.10 44.86
N LEU C 81 -6.17 13.10 45.67
CA LEU C 81 -6.28 12.89 47.10
C LEU C 81 -7.64 12.30 47.49
N GLY C 82 -8.67 12.51 46.67
CA GLY C 82 -9.98 11.99 46.99
C GLY C 82 -10.63 12.74 48.13
N ARG C 83 -11.57 12.06 48.79
CA ARG C 83 -12.28 12.60 49.93
C ARG C 83 -12.14 11.65 51.10
N GLN C 84 -11.83 12.20 52.28
CA GLN C 84 -11.61 11.40 53.48
C GLN C 84 -12.83 11.49 54.39
N TYR C 85 -13.29 10.35 54.88
CA TYR C 85 -14.44 10.28 55.76
C TYR C 85 -14.08 9.54 57.03
N ILE C 86 -14.54 10.08 58.17
CA ILE C 86 -14.26 9.54 59.49
C ILE C 86 -15.58 9.17 60.15
N TYR C 87 -15.69 7.94 60.62
CA TYR C 87 -16.82 7.53 61.45
C TYR C 87 -16.40 7.55 62.92
N SER C 88 -17.15 8.26 63.74
CA SER C 88 -16.85 8.43 65.15
C SER C 88 -17.78 7.58 66.01
N VAL C 89 -17.49 7.56 67.30
CA VAL C 89 -18.29 6.82 68.27
C VAL C 89 -19.17 7.81 69.02
N THR C 90 -20.24 7.30 69.61
CA THR C 90 -21.19 8.15 70.33
C THR C 90 -20.63 8.55 71.69
N HIS C 91 -21.33 9.47 72.33
CA HIS C 91 -20.98 9.88 73.69
C HIS C 91 -21.25 8.74 74.67
N ALA C 92 -20.34 8.55 75.62
CA ALA C 92 -20.50 7.51 76.62
C ALA C 92 -19.99 7.99 77.97
N ILE C 103 -25.50 5.57 76.94
CA ILE C 103 -25.08 5.96 75.60
C ILE C 103 -25.65 7.34 75.26
N GLY C 104 -24.79 8.22 74.76
CA GLY C 104 -25.17 9.58 74.46
C GLY C 104 -25.65 9.75 73.02
N LYS C 105 -25.73 11.00 72.61
CA LYS C 105 -26.20 11.33 71.27
C LYS C 105 -25.12 11.00 70.23
N HIS C 106 -25.58 10.78 69.00
CA HIS C 106 -24.67 10.43 67.91
C HIS C 106 -23.79 11.62 67.53
N PHE C 107 -22.52 11.33 67.27
CA PHE C 107 -21.54 12.35 66.88
C PHE C 107 -21.11 12.05 65.45
N ILE C 108 -21.67 12.81 64.49
CA ILE C 108 -21.43 12.61 63.08
C ILE C 108 -21.12 13.95 62.42
N SER C 109 -20.62 13.88 61.19
CA SER C 109 -20.37 15.08 60.39
C SER C 109 -21.59 15.34 59.49
N ASN C 110 -21.47 16.33 58.61
CA ASN C 110 -22.58 16.67 57.72
C ASN C 110 -22.50 15.92 56.38
N TYR C 111 -22.36 14.59 56.47
CA TYR C 111 -22.21 13.77 55.28
C TYR C 111 -23.53 13.52 54.56
N SER C 112 -24.67 13.78 55.21
CA SER C 112 -25.95 13.46 54.62
C SER C 112 -26.37 14.45 53.55
N ALA C 113 -25.92 15.70 53.63
CA ALA C 113 -26.36 16.75 52.73
C ALA C 113 -25.46 16.91 51.51
N GLU C 114 -24.34 16.18 51.44
CA GLU C 114 -23.40 16.33 50.34
C GLU C 114 -23.70 15.29 49.27
N THR C 115 -24.28 15.73 48.16
CA THR C 115 -24.66 14.86 47.05
C THR C 115 -23.62 15.01 45.95
N LEU C 116 -22.55 14.23 46.04
CA LEU C 116 -21.48 14.31 45.05
C LEU C 116 -21.91 13.63 43.75
N PRO C 117 -21.43 14.12 42.61
CA PRO C 117 -21.77 13.49 41.33
C PRO C 117 -21.17 12.10 41.21
N PHE C 118 -21.96 11.17 40.68
CA PHE C 118 -21.49 9.79 40.50
C PHE C 118 -20.43 9.71 39.41
N GLY C 119 -20.68 10.34 38.27
CA GLY C 119 -19.71 10.32 37.18
C GLY C 119 -19.58 8.91 36.60
N ASN C 120 -18.35 8.43 36.53
CA ASN C 120 -18.05 7.10 36.02
C ASN C 120 -17.95 6.05 37.12
N GLY C 121 -18.24 6.41 38.36
CA GLY C 121 -18.07 5.53 39.50
C GLY C 121 -16.91 5.97 40.36
N PHE C 122 -16.70 5.23 41.44
CA PHE C 122 -15.66 5.58 42.38
C PHE C 122 -15.06 4.33 43.00
N VAL C 123 -13.87 4.49 43.56
CA VAL C 123 -13.17 3.42 44.27
C VAL C 123 -12.94 3.89 45.70
N VAL C 124 -12.98 2.95 46.64
CA VAL C 124 -12.86 3.26 48.06
C VAL C 124 -11.66 2.50 48.63
N ARG C 125 -10.78 3.22 49.31
CA ARG C 125 -9.67 2.62 50.04
C ARG C 125 -10.10 2.44 51.50
N ILE C 126 -10.16 1.20 51.95
CA ILE C 126 -10.78 0.85 53.23
C ILE C 126 -9.71 0.31 54.17
N GLY C 127 -9.66 0.85 55.39
CA GLY C 127 -8.82 0.33 56.44
C GLY C 127 -7.33 0.42 56.19
N PHE C 128 -6.85 1.61 55.82
CA PHE C 128 -5.42 1.80 55.62
C PHE C 128 -4.66 1.63 56.94
N SER C 129 -4.96 2.48 57.92
CA SER C 129 -4.32 2.39 59.24
C SER C 129 -5.18 1.51 60.16
N ALA C 130 -5.22 0.23 59.80
CA ALA C 130 -6.05 -0.74 60.51
C ALA C 130 -5.34 -1.40 61.69
N ASN C 131 -4.08 -1.04 61.96
CA ASN C 131 -3.36 -1.59 63.08
C ASN C 131 -2.60 -0.55 63.91
N LYS C 132 -2.53 0.70 63.45
CA LYS C 132 -1.78 1.72 64.16
C LYS C 132 -2.65 2.33 65.26
N THR C 133 -2.16 3.38 65.89
CA THR C 133 -2.84 4.02 67.01
C THR C 133 -3.16 5.47 66.66
N GLY C 134 -4.32 5.94 67.09
CA GLY C 134 -4.75 7.29 66.80
C GLY C 134 -5.76 7.77 67.80
N SER C 135 -5.97 9.08 67.82
CA SER C 135 -6.87 9.70 68.78
C SER C 135 -8.32 9.54 68.34
N LEU C 136 -9.22 9.66 69.31
CA LEU C 136 -10.65 9.62 69.04
C LEU C 136 -11.15 11.01 68.67
N VAL C 137 -12.12 11.04 67.75
CA VAL C 137 -12.75 12.30 67.39
C VAL C 137 -13.58 12.84 68.55
N ILE C 138 -14.24 11.94 69.28
CA ILE C 138 -15.07 12.33 70.42
C ILE C 138 -14.21 12.83 71.58
N SER C 139 -12.94 12.45 71.63
CA SER C 139 -12.03 12.87 72.69
C SER C 139 -10.60 12.88 72.17
N PRO C 140 -10.19 13.97 71.51
CA PRO C 140 -8.83 14.06 70.95
C PRO C 140 -7.75 14.24 72.01
N SER C 143 -7.20 8.00 72.97
CA SER C 143 -6.43 7.50 71.84
C SER C 143 -6.22 5.98 71.97
N LYS C 144 -6.58 5.25 70.92
CA LYS C 144 -6.57 3.79 70.98
C LYS C 144 -6.11 3.23 69.63
N VAL C 145 -5.91 1.92 69.59
CA VAL C 145 -5.58 1.24 68.34
C VAL C 145 -6.75 1.36 67.37
N ILE C 146 -6.43 1.65 66.11
CA ILE C 146 -7.43 1.95 65.08
C ILE C 146 -7.88 0.66 64.39
N LYS C 147 -9.18 0.50 64.25
CA LYS C 147 -9.76 -0.64 63.55
C LYS C 147 -10.37 -0.17 62.23
N LYS C 148 -10.74 -1.14 61.40
CA LYS C 148 -11.26 -0.89 60.06
C LYS C 148 -12.78 -0.91 60.06
N ILE C 149 -13.39 0.13 59.48
CA ILE C 149 -14.84 0.24 59.37
C ILE C 149 -15.20 0.35 57.90
N TYR C 150 -16.30 -0.31 57.51
CA TYR C 150 -16.76 -0.33 56.13
C TYR C 150 -17.71 0.83 55.88
N PRO C 151 -17.62 1.47 54.71
CA PRO C 151 -18.53 2.57 54.39
C PRO C 151 -19.93 2.09 54.06
N ALA C 152 -20.86 3.03 54.12
CA ALA C 152 -22.24 2.82 53.71
C ALA C 152 -22.64 3.92 52.75
N PHE C 153 -23.17 3.55 51.59
CA PHE C 153 -23.43 4.50 50.52
C PHE C 153 -24.92 4.58 50.21
N MET C 154 -25.26 5.54 49.35
CA MET C 154 -26.66 5.84 49.04
C MET C 154 -26.65 6.50 47.65
N LEU C 155 -27.02 5.72 46.63
CA LEU C 155 -26.88 6.13 45.24
C LEU C 155 -28.24 6.23 44.58
N GLY C 156 -28.44 7.28 43.80
CA GLY C 156 -29.70 7.48 43.10
C GLY C 156 -29.54 8.30 41.83
N THR C 157 -30.68 8.64 41.20
CA THR C 157 -30.66 9.42 39.96
C THR C 157 -31.18 10.84 40.13
N ALA C 158 -31.99 11.11 41.14
CA ALA C 158 -32.55 12.44 41.35
C ALA C 158 -32.43 12.80 42.83
N VAL C 159 -32.12 14.07 43.10
CA VAL C 159 -32.01 14.57 44.46
C VAL C 159 -32.84 15.83 44.60
N THR C 160 -33.25 16.10 45.83
CA THR C 160 -33.99 17.31 46.16
C THR C 160 -33.84 17.57 47.65
N SER C 161 -34.48 18.63 48.12
CA SER C 161 -34.50 18.91 49.55
C SER C 161 -35.63 18.13 50.22
N PHE C 162 -35.60 18.13 51.55
CA PHE C 162 -36.66 17.50 52.33
C PHE C 162 -37.85 18.44 52.44
N ALA C 163 -38.79 18.13 53.35
CA ALA C 163 -39.95 19.00 53.56
C ALA C 163 -39.56 20.38 54.05
N HIS C 164 -38.34 20.54 54.58
CA HIS C 164 -37.77 21.82 54.96
C HIS C 164 -36.52 22.06 54.13
N GLY C 165 -35.77 23.09 54.50
CA GLY C 165 -34.61 23.51 53.72
C GLY C 165 -33.44 22.55 53.72
N HIS C 166 -33.50 21.48 54.52
CA HIS C 166 -32.42 20.51 54.54
C HIS C 166 -32.36 19.74 53.23
N ALA C 167 -31.14 19.54 52.73
CA ALA C 167 -30.91 18.85 51.47
C ALA C 167 -30.40 17.43 51.72
N GLY C 168 -30.52 16.60 50.69
CA GLY C 168 -30.07 15.22 50.78
C GLY C 168 -31.19 14.21 50.73
N ARG C 169 -32.25 14.53 49.98
CA ARG C 169 -33.36 13.61 49.78
C ARG C 169 -33.24 12.94 48.42
N TYR C 170 -33.33 11.62 48.41
CA TYR C 170 -33.21 10.83 47.18
C TYR C 170 -34.60 10.41 46.73
N LEU C 171 -34.98 10.87 45.54
CA LEU C 171 -36.25 10.50 44.94
C LEU C 171 -36.11 9.19 44.16
N ASN C 172 -37.25 8.64 43.77
CA ASN C 172 -37.35 7.42 42.96
C ASN C 172 -36.69 6.24 43.65
N HIS C 173 -36.29 5.24 42.87
CA HIS C 173 -35.58 4.10 43.42
C HIS C 173 -34.14 4.50 43.75
N THR C 174 -33.70 4.13 44.95
CA THR C 174 -32.40 4.50 45.47
C THR C 174 -31.61 3.24 45.75
N LEU C 175 -30.38 3.18 45.24
CA LEU C 175 -29.48 2.07 45.52
C LEU C 175 -28.80 2.33 46.86
N VAL C 176 -29.03 1.45 47.84
CA VAL C 176 -28.49 1.61 49.18
C VAL C 176 -27.58 0.43 49.47
N ILE C 177 -26.35 0.72 49.90
CA ILE C 177 -25.35 -0.30 50.24
C ILE C 177 -25.03 -0.15 51.72
N LEU C 178 -25.26 -1.21 52.49
CA LEU C 178 -25.13 -1.15 53.94
C LEU C 178 -24.33 -2.35 54.46
N PRO C 179 -23.29 -2.13 55.24
CA PRO C 179 -22.67 -3.24 55.97
C PRO C 179 -23.59 -3.76 57.07
N GLU C 180 -23.44 -5.03 57.40
CA GLU C 180 -24.34 -5.70 58.32
C GLU C 180 -23.56 -6.60 59.26
N SER C 181 -24.24 -7.02 60.33
CA SER C 181 -23.74 -7.99 61.31
C SER C 181 -22.42 -7.52 61.93
N CYS C 182 -22.35 -6.22 62.26
CA CYS C 182 -21.16 -5.59 62.83
C CYS C 182 -19.94 -5.73 61.91
N GLY C 183 -20.17 -5.75 60.60
CA GLY C 183 -19.10 -5.67 59.64
C GLY C 183 -18.67 -6.95 58.96
N THR C 184 -19.36 -8.07 59.19
CA THR C 184 -19.02 -9.32 58.50
C THR C 184 -20.05 -9.69 57.45
N SER C 185 -20.93 -8.77 57.06
CA SER C 185 -21.89 -9.05 56.00
C SER C 185 -22.28 -7.74 55.34
N LEU C 186 -22.61 -7.83 54.05
CA LEU C 186 -23.00 -6.67 53.26
C LEU C 186 -24.33 -6.96 52.58
N THR C 187 -25.28 -6.03 52.71
CA THR C 187 -26.58 -6.15 52.08
C THR C 187 -26.83 -4.95 51.17
N VAL C 188 -27.31 -5.22 49.96
CA VAL C 188 -27.62 -4.20 48.97
C VAL C 188 -29.07 -4.34 48.58
N PHE C 189 -29.82 -3.24 48.62
CA PHE C 189 -31.21 -3.25 48.20
C PHE C 189 -31.50 -2.01 47.36
N TYR C 190 -32.63 -2.05 46.65
CA TYR C 190 -32.99 -1.05 45.64
C TYR C 190 -34.48 -0.72 45.84
N CYS C 191 -34.75 0.34 46.60
CA CYS C 191 -36.11 0.69 46.98
C CYS C 191 -36.34 2.18 46.79
N ILE C 192 -37.60 2.58 46.95
CA ILE C 192 -37.99 3.99 47.03
C ILE C 192 -38.12 4.36 48.50
N LEU C 193 -37.42 5.42 48.90
CA LEU C 193 -37.35 5.80 50.31
C LEU C 193 -38.42 6.83 50.64
N GLU C 194 -39.21 6.53 51.67
CA GLU C 194 -40.26 7.43 52.13
C GLU C 194 -39.90 7.95 53.52
N PRO C 195 -39.64 9.24 53.68
CA PRO C 195 -39.34 9.78 55.01
C PRO C 195 -40.57 9.76 55.92
N ARG C 196 -40.32 9.69 57.22
CA ARG C 196 -41.37 9.52 58.21
C ARG C 196 -41.60 10.81 58.99
N ASN C 197 -42.77 10.87 59.64
CA ASN C 197 -43.24 12.07 60.31
C ASN C 197 -42.81 12.18 61.77
N GLY C 198 -42.03 11.22 62.28
CA GLY C 198 -41.67 11.22 63.68
C GLY C 198 -40.79 12.38 64.08
N THR C 199 -40.56 12.50 65.38
CA THR C 199 -39.73 13.59 65.89
C THR C 199 -38.28 13.39 65.46
N ARG C 200 -37.67 14.46 64.96
CA ARG C 200 -36.32 14.53 64.40
C ARG C 200 -36.16 13.68 63.15
N CYS C 201 -37.24 13.15 62.60
CA CYS C 201 -37.22 12.40 61.35
C CYS C 201 -37.25 13.35 60.16
N PRO C 202 -36.82 12.90 58.98
CA PRO C 202 -36.62 13.83 57.85
C PRO C 202 -37.84 14.65 57.42
N ASN C 203 -39.06 14.29 57.85
CA ASN C 203 -40.24 15.09 57.56
C ASN C 203 -40.70 15.90 58.78
N HIS C 204 -39.78 16.30 59.64
CA HIS C 204 -40.10 17.05 60.84
C HIS C 204 -39.11 18.20 60.99
N GLN C 205 -39.56 19.24 61.70
CA GLN C 205 -38.73 20.45 61.86
C GLN C 205 -37.47 20.15 62.68
N ASP C 206 -37.54 19.20 63.61
CA ASP C 206 -36.38 18.86 64.43
C ASP C 206 -35.36 17.98 63.71
N TYR C 207 -35.49 17.76 62.41
CA TYR C 207 -34.54 16.95 61.66
C TYR C 207 -33.25 17.72 61.43
N THR C 208 -32.12 17.07 61.69
CA THR C 208 -30.82 17.59 61.31
C THR C 208 -30.03 16.66 60.42
N SER C 209 -30.02 15.35 60.71
CA SER C 209 -29.32 14.37 59.89
C SER C 209 -29.87 12.98 60.22
N TYR C 210 -29.69 12.05 59.29
CA TYR C 210 -29.97 10.64 59.55
C TYR C 210 -28.66 9.89 59.73
N VAL C 211 -28.73 8.80 60.50
CA VAL C 211 -27.53 8.09 60.91
C VAL C 211 -27.83 6.59 60.93
N ILE C 212 -26.80 5.80 60.60
CA ILE C 212 -26.85 4.34 60.71
C ILE C 212 -26.07 3.95 61.96
N TRP C 213 -26.68 3.16 62.82
CA TRP C 213 -26.05 2.75 64.06
C TRP C 213 -26.25 1.26 64.29
N GLU C 214 -25.34 0.68 65.08
CA GLU C 214 -25.45 -0.69 65.53
C GLU C 214 -25.04 -0.75 66.99
N THR C 215 -25.59 -1.74 67.70
CA THR C 215 -25.26 -1.93 69.11
C THR C 215 -24.36 -3.13 69.28
N PRO C 216 -23.16 -2.95 69.86
CA PRO C 216 -22.22 -4.08 70.02
C PRO C 216 -22.42 -4.88 71.30
N HIS C 217 -23.42 -4.58 72.11
CA HIS C 217 -23.64 -5.29 73.36
C HIS C 217 -24.13 -6.71 73.11
N SER C 223 -24.58 -14.59 69.17
CA SER C 223 -25.69 -14.58 68.24
C SER C 223 -25.98 -13.17 67.74
N VAL C 224 -25.45 -12.85 66.56
CA VAL C 224 -25.68 -11.54 65.97
C VAL C 224 -27.10 -11.44 65.43
N ASN C 225 -27.71 -10.27 65.61
CA ASN C 225 -29.05 -10.04 65.05
C ASN C 225 -29.03 -10.10 63.54
N ARG C 226 -27.93 -9.64 62.92
CA ARG C 226 -27.65 -9.58 61.49
C ARG C 226 -28.55 -8.58 60.75
N ASN C 227 -29.43 -7.87 61.45
CA ASN C 227 -30.35 -6.90 60.83
C ASN C 227 -30.33 -5.57 61.57
N ALA C 228 -29.26 -5.28 62.32
CA ALA C 228 -29.25 -4.10 63.17
C ALA C 228 -29.18 -2.81 62.35
N THR C 229 -28.27 -2.75 61.37
CA THR C 229 -28.16 -1.55 60.56
C THR C 229 -29.38 -1.36 59.67
N LEU C 230 -29.98 -2.44 59.18
CA LEU C 230 -31.22 -2.32 58.42
C LEU C 230 -32.35 -1.78 59.28
N ASN C 231 -32.43 -2.22 60.53
CA ASN C 231 -33.45 -1.68 61.44
C ASN C 231 -33.20 -0.20 61.73
N SER C 232 -31.93 0.18 61.92
CA SER C 232 -31.62 1.59 62.13
C SER C 232 -31.94 2.43 60.90
N PHE C 233 -31.79 1.85 59.71
CA PHE C 233 -32.19 2.55 58.49
C PHE C 233 -33.71 2.69 58.40
N LYS C 234 -34.44 1.62 58.72
CA LYS C 234 -35.90 1.66 58.70
C LYS C 234 -36.48 2.57 59.76
N VAL C 235 -35.70 2.89 60.79
CA VAL C 235 -36.11 3.91 61.75
C VAL C 235 -36.30 5.25 61.06
N SER C 236 -35.44 5.58 60.10
CA SER C 236 -35.48 6.89 59.46
C SER C 236 -36.27 6.92 58.17
N PHE C 237 -36.34 5.80 57.44
CA PHE C 237 -36.99 5.77 56.13
C PHE C 237 -37.94 4.58 56.04
N ASN C 238 -38.87 4.69 55.10
CA ASN C 238 -39.77 3.60 54.73
C ASN C 238 -39.35 3.06 53.37
N LEU C 239 -39.34 1.74 53.25
CA LEU C 239 -38.86 1.06 52.05
C LEU C 239 -40.07 0.46 51.32
N ARG C 240 -40.37 1.01 50.13
CA ARG C 240 -41.54 0.59 49.36
C ARG C 240 -41.12 0.24 47.94
N GLN C 241 -41.78 -0.78 47.39
CA GLN C 241 -41.57 -1.24 46.01
C GLN C 241 -40.11 -1.62 45.77
N CYS C 242 -39.55 -2.40 46.69
CA CYS C 242 -38.18 -2.87 46.56
C CYS C 242 -38.06 -3.88 45.43
N LYS C 243 -36.94 -3.84 44.72
CA LYS C 243 -36.71 -4.71 43.58
C LYS C 243 -35.92 -5.96 43.95
N PHE C 244 -34.84 -5.81 44.72
CA PHE C 244 -34.03 -6.96 45.08
C PHE C 244 -33.30 -6.70 46.39
N MET C 245 -32.92 -7.80 47.04
CA MET C 245 -31.90 -7.83 48.08
C MET C 245 -30.77 -8.74 47.66
N ARG C 246 -29.54 -8.30 47.85
CA ARG C 246 -28.36 -9.13 47.69
C ARG C 246 -27.58 -9.13 48.99
N THR C 247 -27.15 -10.30 49.42
CA THR C 247 -26.38 -10.45 50.65
C THR C 247 -25.04 -11.10 50.34
N TYR C 248 -23.99 -10.58 50.94
CA TYR C 248 -22.64 -11.12 50.77
C TYR C 248 -21.99 -11.30 52.13
N ASN C 249 -21.15 -12.32 52.23
CA ASN C 249 -20.46 -12.64 53.47
C ASN C 249 -19.03 -12.10 53.42
N ILE C 250 -18.62 -11.43 54.49
CA ILE C 250 -17.29 -10.86 54.60
C ILE C 250 -16.59 -11.51 55.80
N SER C 251 -15.39 -12.03 55.56
CA SER C 251 -14.60 -12.58 56.66
C SER C 251 -14.01 -11.45 57.49
N ASP C 252 -13.92 -11.68 58.81
CA ASP C 252 -13.43 -10.66 59.73
C ASP C 252 -11.91 -10.62 59.70
N ASP C 253 -11.37 -9.55 59.13
CA ASP C 253 -9.93 -9.37 59.03
C ASP C 253 -9.60 -7.92 59.40
N GLU C 254 -8.31 -7.57 59.28
CA GLU C 254 -7.87 -6.20 59.49
C GLU C 254 -6.92 -5.76 58.37
N ASN C 255 -7.06 -6.35 57.19
CA ASN C 255 -6.23 -6.00 56.06
C ASN C 255 -6.80 -4.79 55.32
N GLN C 256 -5.95 -4.15 54.53
CA GLN C 256 -6.37 -3.02 53.71
C GLN C 256 -7.14 -3.53 52.49
N GLU C 257 -8.36 -3.05 52.32
CA GLU C 257 -9.25 -3.51 51.27
C GLU C 257 -9.55 -2.39 50.29
N TRP C 258 -10.10 -2.76 49.14
CA TRP C 258 -10.54 -1.80 48.14
C TRP C 258 -11.92 -2.21 47.64
N PHE C 259 -12.83 -1.25 47.57
CA PHE C 259 -14.18 -1.47 47.06
C PHE C 259 -14.50 -0.41 46.02
N GLY C 260 -15.13 -0.85 44.93
CA GLY C 260 -15.42 0.05 43.83
C GLY C 260 -16.77 -0.26 43.22
N ILE C 261 -17.28 0.70 42.46
CA ILE C 261 -18.58 0.57 41.81
C ILE C 261 -18.56 1.33 40.50
N THR C 262 -19.10 0.72 39.46
CA THR C 262 -19.27 1.34 38.15
C THR C 262 -20.64 1.00 37.62
N GLN C 263 -21.13 1.82 36.69
CA GLN C 263 -22.40 1.59 36.03
C GLN C 263 -22.21 1.55 34.53
N ASN C 264 -22.90 0.61 33.88
CA ASN C 264 -22.78 0.38 32.45
C ASN C 264 -24.19 0.18 31.89
N ALA C 265 -24.25 -0.23 30.62
CA ALA C 265 -25.53 -0.62 30.04
C ALA C 265 -26.01 -1.96 30.60
N GLN C 266 -25.12 -2.76 31.16
CA GLN C 266 -25.44 -4.05 31.73
C GLN C 266 -25.74 -3.98 33.22
N GLY C 267 -25.77 -2.79 33.80
CA GLY C 267 -26.13 -2.63 35.19
C GLY C 267 -25.04 -2.00 36.04
N VAL C 268 -25.13 -2.21 37.35
CA VAL C 268 -24.18 -1.67 38.30
C VAL C 268 -23.22 -2.79 38.70
N HIS C 269 -21.93 -2.56 38.53
CA HIS C 269 -20.90 -3.56 38.80
C HIS C 269 -20.18 -3.22 40.09
N LEU C 270 -20.04 -4.21 40.96
CA LEU C 270 -19.40 -4.04 42.26
C LEU C 270 -18.07 -4.78 42.26
N TYR C 271 -16.99 -4.07 42.55
CA TYR C 271 -15.65 -4.62 42.56
C TYR C 271 -15.10 -4.61 43.97
N SER C 272 -14.48 -5.72 44.37
CA SER C 272 -13.88 -5.82 45.70
C SER C 272 -12.53 -6.49 45.58
N SER C 273 -11.60 -6.08 46.46
CA SER C 273 -10.31 -6.75 46.52
C SER C 273 -10.43 -8.12 47.18
N ARG C 274 -11.41 -8.30 48.06
CA ARG C 274 -11.60 -9.57 48.76
C ARG C 274 -11.95 -10.70 47.81
N LYS C 275 -12.47 -10.38 46.61
CA LYS C 275 -12.88 -11.43 45.68
C LYS C 275 -11.70 -12.22 45.16
N GLY C 276 -10.60 -11.55 44.80
CA GLY C 276 -9.47 -12.26 44.23
C GLY C 276 -8.11 -12.00 44.85
N ASP C 277 -7.94 -10.87 45.54
CA ASP C 277 -6.63 -10.49 46.08
C ASP C 277 -6.81 -9.96 47.49
N LEU C 278 -6.76 -10.86 48.47
CA LEU C 278 -6.99 -10.46 49.86
C LEU C 278 -5.82 -9.64 50.40
N TYR C 279 -4.59 -10.03 50.07
CA TYR C 279 -3.40 -9.36 50.55
C TYR C 279 -2.79 -8.41 49.51
N GLY C 280 -3.52 -8.12 48.44
CA GLY C 280 -3.10 -7.14 47.47
C GLY C 280 -4.15 -6.07 47.26
N GLY C 281 -4.07 -5.33 46.17
CA GLY C 281 -4.99 -4.22 45.97
C GLY C 281 -5.84 -4.34 44.72
N ASN C 282 -5.62 -5.40 43.94
CA ASN C 282 -6.37 -5.58 42.71
C ASN C 282 -7.83 -5.87 43.00
N MET C 283 -8.70 -5.34 42.13
CA MET C 283 -10.12 -5.25 42.38
C MET C 283 -10.85 -6.17 41.40
N PHE C 284 -11.73 -7.04 41.92
CA PHE C 284 -12.39 -8.04 41.10
C PHE C 284 -13.90 -7.94 41.23
N LEU C 285 -14.59 -8.11 40.10
CA LEU C 285 -16.04 -8.05 40.08
C LEU C 285 -16.64 -9.25 40.80
N PHE C 286 -17.58 -8.99 41.72
CA PHE C 286 -18.23 -10.06 42.45
C PHE C 286 -19.75 -10.07 42.34
N ASP C 287 -20.37 -9.00 41.86
CA ASP C 287 -21.80 -9.02 41.58
C ASP C 287 -22.16 -7.91 40.62
N THR C 288 -23.18 -8.17 39.79
CA THR C 288 -23.75 -7.19 38.90
C THR C 288 -25.20 -6.95 39.29
N LEU C 289 -25.57 -5.68 39.47
CA LEU C 289 -26.91 -5.35 39.93
C LEU C 289 -27.78 -4.92 38.76
N PRO C 290 -29.08 -5.25 38.78
CA PRO C 290 -29.99 -4.87 37.68
C PRO C 290 -30.52 -3.44 37.83
N VAL C 291 -29.59 -2.49 37.92
CA VAL C 291 -29.93 -1.07 37.98
C VAL C 291 -29.51 -0.46 36.66
N TYR C 292 -30.48 0.02 35.88
CA TYR C 292 -30.22 0.49 34.53
C TYR C 292 -30.49 1.98 34.34
N GLU C 293 -31.20 2.62 35.27
CA GLU C 293 -31.25 4.07 35.27
C GLU C 293 -29.89 4.64 35.64
N THR C 294 -29.49 5.70 34.94
CA THR C 294 -28.14 6.25 35.09
C THR C 294 -28.01 6.93 36.45
N LEU C 295 -27.16 6.37 37.31
CA LEU C 295 -26.91 6.98 38.61
C LEU C 295 -26.12 8.27 38.44
N LYS C 296 -26.58 9.33 39.11
CA LYS C 296 -25.93 10.63 39.01
C LYS C 296 -25.40 11.16 40.34
N TYR C 297 -25.87 10.64 41.47
CA TYR C 297 -25.48 11.16 42.77
C TYR C 297 -25.20 10.01 43.72
N TYR C 298 -24.32 10.26 44.68
CA TYR C 298 -24.05 9.31 45.74
C TYR C 298 -23.69 10.08 47.01
N THR C 299 -24.13 9.57 48.15
CA THR C 299 -23.81 10.14 49.45
C THR C 299 -23.26 9.06 50.36
N VAL C 300 -22.32 9.44 51.21
CA VAL C 300 -21.78 8.56 52.23
C VAL C 300 -22.67 8.70 53.47
N ILE C 301 -23.35 7.61 53.83
CA ILE C 301 -24.29 7.66 54.96
C ILE C 301 -23.49 7.74 56.26
N PRO C 302 -23.77 8.68 57.15
CA PRO C 302 -23.08 8.74 58.44
C PRO C 302 -23.33 7.49 59.26
N ARG C 303 -22.29 7.06 60.00
CA ARG C 303 -22.37 5.87 60.82
C ARG C 303 -21.81 6.17 62.20
N SER C 304 -22.40 5.52 63.20
CA SER C 304 -21.95 5.63 64.58
C SER C 304 -22.17 4.30 65.28
N LEU C 305 -21.49 4.11 66.39
CA LEU C 305 -21.56 2.87 67.16
C LEU C 305 -21.89 3.20 68.60
N ARG C 306 -22.75 2.37 69.21
CA ARG C 306 -23.18 2.58 70.60
C ARG C 306 -22.27 1.84 71.56
N SER C 307 -21.00 2.24 71.56
CA SER C 307 -20.00 1.65 72.42
C SER C 307 -19.89 2.45 73.72
N ARG C 308 -19.78 1.73 74.83
CA ARG C 308 -19.65 2.35 76.14
C ARG C 308 -18.25 2.92 76.33
N LEU C 309 -18.04 3.62 77.46
CA LEU C 309 -16.78 4.31 77.70
C LEU C 309 -15.61 3.33 77.80
N ASN C 310 -15.84 2.18 78.44
CA ASN C 310 -14.81 1.15 78.53
C ASN C 310 -14.72 0.30 77.27
N GLU C 311 -15.61 0.48 76.30
CA GLU C 311 -15.64 -0.33 75.09
C GLU C 311 -15.49 0.52 73.82
N ARG C 312 -14.98 1.74 73.94
CA ARG C 312 -14.79 2.59 72.77
C ARG C 312 -13.66 2.04 71.90
N GLN C 313 -13.72 2.37 70.61
CA GLN C 313 -12.69 1.96 69.65
C GLN C 313 -12.46 3.08 68.65
N ALA C 314 -11.31 3.00 67.97
CA ALA C 314 -10.95 3.94 66.92
C ALA C 314 -11.15 3.28 65.57
N TRP C 315 -11.79 3.99 64.65
CA TRP C 315 -12.16 3.45 63.35
C TRP C 315 -11.41 4.16 62.23
N ALA C 316 -10.91 3.38 61.27
CA ALA C 316 -10.06 3.92 60.22
C ALA C 316 -10.86 4.75 59.22
N ALA C 317 -10.21 5.77 58.70
CA ALA C 317 -10.79 6.56 57.62
C ALA C 317 -10.77 5.78 56.32
N PHE C 318 -11.80 5.99 55.51
CA PHE C 318 -11.83 5.49 54.15
C PHE C 318 -11.85 6.65 53.17
N TYR C 319 -11.22 6.43 52.02
CA TYR C 319 -11.01 7.48 51.03
C TYR C 319 -11.75 7.09 49.75
N VAL C 320 -12.49 8.04 49.19
CA VAL C 320 -13.27 7.82 47.98
C VAL C 320 -12.64 8.61 46.86
N TYR C 321 -12.24 7.91 45.80
CA TYR C 321 -11.64 8.53 44.62
C TYR C 321 -12.54 8.28 43.42
N SER C 322 -12.81 9.33 42.65
CA SER C 322 -13.62 9.18 41.46
C SER C 322 -12.86 8.44 40.36
N LEU C 323 -13.61 7.80 39.48
CA LEU C 323 -13.05 7.03 38.38
C LEU C 323 -13.17 7.81 37.07
N HIS C 324 -12.14 7.73 36.24
CA HIS C 324 -12.09 8.46 34.98
C HIS C 324 -11.66 7.51 33.87
N LYS C 325 -12.06 7.85 32.64
CA LYS C 325 -11.69 7.07 31.46
C LYS C 325 -10.26 7.45 31.07
N LEU C 326 -9.30 6.65 31.53
CA LEU C 326 -7.89 6.90 31.26
C LEU C 326 -7.25 5.64 30.69
N THR C 327 -6.06 5.82 30.14
CA THR C 327 -5.23 4.71 29.70
C THR C 327 -4.15 4.47 30.76
N TYR C 328 -3.95 3.21 31.12
CA TYR C 328 -2.96 2.84 32.12
C TYR C 328 -2.03 1.78 31.55
N LEU C 329 -0.81 1.76 32.05
CA LEU C 329 0.17 0.73 31.72
C LEU C 329 0.30 -0.18 32.93
N LEU C 330 -0.26 -1.38 32.83
CA LEU C 330 -0.29 -2.33 33.94
C LEU C 330 0.82 -3.35 33.79
N ASP C 331 1.56 -3.59 34.88
CA ASP C 331 2.62 -4.59 34.91
C ASP C 331 2.08 -5.84 35.58
N PHE C 332 1.80 -6.86 34.77
CA PHE C 332 1.30 -8.13 35.27
C PHE C 332 2.46 -9.01 35.70
N SER C 333 2.37 -9.56 36.90
CA SER C 333 3.42 -10.43 37.40
C SER C 333 3.27 -11.83 36.82
N VAL C 334 4.12 -12.75 37.28
CA VAL C 334 4.04 -14.14 36.82
C VAL C 334 2.76 -14.79 37.33
N ASP C 335 2.39 -14.53 38.57
CA ASP C 335 1.19 -15.12 39.16
C ASP C 335 -0.08 -14.39 38.74
N GLY C 336 0.02 -13.30 37.98
CA GLY C 336 -1.12 -12.65 37.37
C GLY C 336 -1.56 -11.36 38.03
N TYR C 337 -1.09 -11.08 39.24
CA TYR C 337 -1.50 -9.86 39.93
C TYR C 337 -0.76 -8.65 39.39
N VAL C 338 -1.41 -7.49 39.48
CA VAL C 338 -0.83 -6.22 39.07
C VAL C 338 -0.22 -5.57 40.30
N ARG C 339 1.08 -5.29 40.24
CA ARG C 339 1.78 -4.67 41.37
C ARG C 339 2.44 -3.36 41.00
N ARG C 340 2.31 -2.89 39.77
CA ARG C 340 2.92 -1.64 39.35
C ARG C 340 2.14 -1.10 38.15
N ALA C 341 1.85 0.19 38.17
CA ALA C 341 1.06 0.81 37.11
C ALA C 341 1.67 2.16 36.75
N ILE C 342 1.25 2.68 35.59
CA ILE C 342 1.65 4.01 35.13
C ILE C 342 0.42 4.71 34.56
N ASP C 343 0.16 5.93 35.02
CA ASP C 343 -0.89 6.77 34.47
C ASP C 343 -0.32 7.54 33.29
N CYS C 344 -0.81 7.23 32.08
CA CYS C 344 -0.23 7.82 30.88
C CYS C 344 -0.54 9.31 30.75
N GLY C 345 -1.66 9.76 31.32
CA GLY C 345 -2.03 11.16 31.22
C GLY C 345 -1.42 12.07 32.24
N TYR C 346 -0.71 11.53 33.23
CA TYR C 346 -0.13 12.36 34.28
C TYR C 346 1.03 13.20 33.76
N ASP C 347 1.96 12.57 33.05
CA ASP C 347 3.18 13.23 32.60
C ASP C 347 3.46 12.83 31.17
N ASP C 348 4.35 13.59 30.52
CA ASP C 348 4.76 13.25 29.17
C ASP C 348 5.74 12.08 29.16
N VAL C 349 6.55 11.95 30.21
CA VAL C 349 7.45 10.80 30.31
C VAL C 349 6.65 9.52 30.57
N ALA C 350 5.58 9.62 31.36
CA ALA C 350 4.70 8.48 31.58
C ALA C 350 3.98 8.10 30.28
N GLN C 351 3.60 9.08 29.48
CA GLN C 351 3.03 8.79 28.18
C GLN C 351 4.05 8.16 27.25
N LEU C 352 5.32 8.53 27.38
CA LEU C 352 6.38 7.85 26.62
C LEU C 352 6.51 6.39 27.04
N PHE C 353 6.46 6.12 28.35
CA PHE C 353 6.50 4.75 28.84
C PHE C 353 5.30 3.95 28.32
N CYS C 354 4.13 4.57 28.30
CA CYS C 354 2.94 3.90 27.79
C CYS C 354 3.04 3.64 26.29
N SER C 355 3.60 4.59 25.54
CA SER C 355 3.77 4.41 24.10
C SER C 355 4.73 3.28 23.79
N TYR C 356 5.81 3.17 24.56
CA TYR C 356 6.71 2.04 24.39
C TYR C 356 6.20 0.77 25.04
N GLU C 357 5.14 0.86 25.85
CA GLU C 357 4.55 -0.29 26.55
C GLU C 357 5.59 -1.04 27.38
N SER C 358 6.49 -0.28 28.00
CA SER C 358 7.52 -0.85 28.86
C SER C 358 7.76 0.12 30.01
N PHE C 359 8.16 -0.43 31.15
CA PHE C 359 8.49 0.38 32.30
C PHE C 359 9.89 0.96 32.24
N ASP C 360 10.70 0.51 31.27
CA ASP C 360 12.01 1.08 31.02
C ASP C 360 12.16 1.37 29.53
N VAL C 361 12.67 2.56 29.23
CA VAL C 361 13.02 2.94 27.86
C VAL C 361 14.43 3.48 27.89
N ASP C 362 15.06 3.48 26.73
CA ASP C 362 16.43 3.98 26.62
C ASP C 362 16.44 5.49 26.76
N SER C 363 17.62 6.02 27.07
CA SER C 363 17.78 7.47 27.14
C SER C 363 17.77 8.07 25.74
N GLY C 364 17.14 9.22 25.61
CA GLY C 364 17.08 9.88 24.32
C GLY C 364 16.08 11.01 24.36
N VAL C 365 15.92 11.65 23.20
CA VAL C 365 14.95 12.72 23.00
C VAL C 365 13.83 12.16 22.14
N TYR C 366 12.68 11.90 22.76
CA TYR C 366 11.56 11.24 22.10
C TYR C 366 10.47 12.24 21.79
N SER C 367 9.88 12.11 20.61
CA SER C 367 8.70 12.87 20.26
C SER C 367 7.47 12.18 20.84
N VAL C 368 6.59 12.96 21.47
CA VAL C 368 5.39 12.44 22.07
C VAL C 368 4.18 13.13 21.46
N SER C 369 2.99 12.82 21.96
CA SER C 369 1.76 13.41 21.42
C SER C 369 1.75 14.91 21.63
N SER C 370 1.35 15.63 20.59
CA SER C 370 1.30 17.08 20.64
C SER C 370 0.16 17.55 21.54
N PHE C 371 0.29 18.78 22.03
CA PHE C 371 -0.78 19.40 22.79
C PHE C 371 -1.81 19.94 21.82
N GLU C 372 -3.03 19.41 21.89
CA GLU C 372 -4.10 19.78 20.99
C GLU C 372 -5.00 20.81 21.67
N ALA C 373 -5.29 21.90 20.96
CA ALA C 373 -6.18 22.94 21.45
C ALA C 373 -7.60 22.56 21.08
N GLN C 374 -8.37 22.12 22.05
CA GLN C 374 -9.76 21.77 21.80
C GLN C 374 -10.57 23.02 21.46
N PRO C 375 -11.55 22.92 20.56
CA PRO C 375 -12.29 24.12 20.16
C PRO C 375 -13.29 24.57 21.21
N ARG C 376 -13.03 25.71 21.84
CA ARG C 376 -13.93 26.29 22.83
C ARG C 376 -14.51 27.59 22.28
N GLY C 377 -15.79 27.82 22.58
CA GLY C 377 -16.50 28.96 22.02
C GLY C 377 -17.13 28.62 20.68
N TYR C 378 -18.01 29.52 20.23
CA TYR C 378 -18.74 29.33 18.99
C TYR C 378 -18.86 30.65 18.25
N PHE C 379 -18.73 30.60 16.93
CA PHE C 379 -18.94 31.76 16.06
C PHE C 379 -20.08 31.42 15.12
N VAL C 380 -21.28 31.93 15.42
CA VAL C 380 -22.47 31.65 14.63
C VAL C 380 -22.90 32.94 13.93
N GLU C 381 -22.95 32.88 12.61
CA GLU C 381 -23.43 34.00 11.79
C GLU C 381 -24.45 33.47 10.80
N GLN C 382 -25.69 33.92 10.92
CA GLN C 382 -26.77 33.48 10.06
C GLN C 382 -27.64 34.67 9.69
N PRO C 383 -28.31 34.62 8.54
CA PRO C 383 -29.21 35.72 8.16
C PRO C 383 -30.60 35.52 8.73
N HIS C 384 -31.39 36.60 8.67
CA HIS C 384 -32.80 36.54 9.04
C HIS C 384 -33.57 35.95 7.87
N SER C 385 -33.46 34.63 7.74
CA SER C 385 -34.02 33.93 6.60
C SER C 385 -35.54 33.88 6.68
N SER C 386 -36.16 33.72 5.51
CA SER C 386 -37.60 33.57 5.41
C SER C 386 -37.99 32.11 5.65
N GLU C 387 -39.23 31.76 5.34
CA GLU C 387 -39.72 30.40 5.46
C GLU C 387 -39.83 29.77 4.08
N CYS C 388 -39.37 28.53 3.95
CA CYS C 388 -39.52 27.79 2.71
C CYS C 388 -41.00 27.54 2.44
N ASP C 389 -41.43 27.79 1.20
CA ASP C 389 -42.84 27.74 0.85
C ASP C 389 -43.20 26.33 0.40
N PHE C 390 -43.84 25.57 1.29
CA PHE C 390 -44.32 24.23 0.99
C PHE C 390 -45.80 24.21 0.64
N SER C 391 -46.43 25.37 0.49
CA SER C 391 -47.87 25.44 0.29
C SER C 391 -48.32 24.85 -1.04
N ALA C 392 -47.41 24.73 -2.01
CA ALA C 392 -47.78 24.09 -3.27
C ALA C 392 -48.02 22.59 -3.09
N MET C 393 -47.39 21.98 -2.09
CA MET C 393 -47.60 20.56 -1.84
C MET C 393 -48.96 20.28 -1.24
N PHE C 394 -49.55 21.25 -0.54
CA PHE C 394 -50.82 21.06 0.15
C PHE C 394 -51.98 21.80 -0.49
N SER C 395 -51.73 22.69 -1.44
CA SER C 395 -52.82 23.48 -2.01
C SER C 395 -53.71 22.64 -2.91
N SER C 396 -53.11 21.79 -3.75
CA SER C 396 -53.85 21.03 -4.74
C SER C 396 -53.53 19.55 -4.60
N GLN C 397 -54.22 18.74 -5.40
CA GLN C 397 -54.04 17.29 -5.36
C GLN C 397 -52.67 16.91 -5.91
N PRO C 398 -52.08 15.82 -5.40
CA PRO C 398 -50.76 15.43 -5.87
C PRO C 398 -50.81 14.89 -7.29
N PRO C 399 -49.71 14.98 -8.03
CA PRO C 399 -49.70 14.41 -9.38
C PRO C 399 -49.31 12.95 -9.40
N GLN C 400 -49.23 12.36 -10.58
CA GLN C 400 -48.85 10.96 -10.72
C GLN C 400 -47.33 10.84 -10.83
N VAL C 401 -46.85 9.60 -10.87
CA VAL C 401 -45.41 9.35 -10.84
C VAL C 401 -44.74 9.81 -12.14
N TYR C 402 -45.42 9.63 -13.28
CA TYR C 402 -44.87 10.10 -14.54
C TYR C 402 -44.90 11.62 -14.69
N ASN C 403 -45.63 12.32 -13.83
CA ASN C 403 -45.80 13.76 -13.88
C ASN C 403 -45.43 14.36 -12.53
N PHE C 404 -44.28 13.95 -11.99
CA PHE C 404 -43.88 14.36 -10.66
C PHE C 404 -43.62 15.85 -10.59
N SER C 405 -43.99 16.45 -9.47
CA SER C 405 -43.76 17.87 -9.24
C SER C 405 -42.46 18.06 -8.46
N ARG C 406 -41.79 19.17 -8.74
CA ARG C 406 -40.48 19.47 -8.17
C ARG C 406 -40.52 20.78 -7.42
N LEU C 407 -39.93 20.79 -6.23
CA LEU C 407 -39.78 22.00 -5.42
C LEU C 407 -38.32 22.15 -5.05
N VAL C 408 -37.76 23.33 -5.30
CA VAL C 408 -36.37 23.63 -4.99
C VAL C 408 -36.35 24.80 -4.01
N PHE C 409 -35.62 24.64 -2.90
CA PHE C 409 -35.59 25.62 -1.84
C PHE C 409 -34.16 26.11 -1.64
N THR C 410 -34.01 27.43 -1.54
CA THR C 410 -32.71 28.06 -1.34
C THR C 410 -32.90 29.31 -0.50
N ASN C 411 -32.01 29.50 0.48
CA ASN C 411 -31.98 30.67 1.34
C ASN C 411 -33.29 30.83 2.13
N CYS C 412 -33.62 29.77 2.86
CA CYS C 412 -34.82 29.76 3.69
C CYS C 412 -34.67 28.76 4.81
N ASN C 413 -35.51 28.90 5.82
CA ASN C 413 -35.58 27.97 6.94
C ASN C 413 -36.96 27.32 6.96
N TYR C 414 -37.00 26.00 7.11
CA TYR C 414 -38.25 25.26 7.08
C TYR C 414 -38.42 24.45 8.36
N ASN C 415 -39.65 24.38 8.84
CA ASN C 415 -39.98 23.64 10.05
C ASN C 415 -40.10 22.17 9.70
N LEU C 416 -39.03 21.42 9.91
CA LEU C 416 -38.99 20.02 9.50
C LEU C 416 -39.89 19.14 10.37
N THR C 417 -39.99 19.46 11.66
CA THR C 417 -40.83 18.66 12.54
C THR C 417 -42.30 18.78 12.17
N ARG C 418 -42.74 19.99 11.80
CA ARG C 418 -44.12 20.17 11.35
C ARG C 418 -44.39 19.44 10.04
N LEU C 419 -43.40 19.42 9.14
CA LEU C 419 -43.56 18.69 7.88
C LEU C 419 -43.65 17.19 8.12
N LEU C 420 -42.80 16.65 8.99
CA LEU C 420 -42.80 15.22 9.25
C LEU C 420 -43.96 14.76 10.11
N SER C 421 -44.55 15.66 10.90
CA SER C 421 -45.67 15.26 11.75
C SER C 421 -46.96 15.07 10.96
N LEU C 422 -47.00 15.53 9.72
CA LEU C 422 -48.19 15.39 8.88
C LEU C 422 -48.20 14.09 8.08
N PHE C 423 -47.14 13.30 8.13
CA PHE C 423 -47.02 12.09 7.34
C PHE C 423 -46.64 10.93 8.24
N GLN C 424 -47.23 9.77 7.98
CA GLN C 424 -46.85 8.53 8.64
C GLN C 424 -45.87 7.82 7.73
N VAL C 425 -44.58 7.94 8.04
CA VAL C 425 -43.54 7.38 7.18
C VAL C 425 -43.51 5.86 7.36
N SER C 426 -43.54 5.15 6.24
CA SER C 426 -43.50 3.69 6.27
C SER C 426 -42.17 3.11 5.82
N GLU C 427 -41.41 3.84 5.00
CA GLU C 427 -40.15 3.32 4.47
C GLU C 427 -39.31 4.50 3.99
N PHE C 428 -38.03 4.50 4.33
CA PHE C 428 -37.09 5.47 3.81
C PHE C 428 -35.79 4.79 3.44
N SER C 429 -35.06 5.40 2.52
CA SER C 429 -33.77 4.86 2.06
C SER C 429 -32.92 6.02 1.57
N CYS C 430 -31.92 6.40 2.37
CA CYS C 430 -31.06 7.51 2.03
C CYS C 430 -29.75 7.01 1.42
N HIS C 431 -29.06 7.93 0.75
CA HIS C 431 -27.79 7.62 0.08
C HIS C 431 -26.81 8.75 0.37
N GLN C 432 -25.67 8.42 0.98
CA GLN C 432 -24.60 9.34 1.33
C GLN C 432 -25.05 10.43 2.29
N VAL C 433 -26.16 10.19 3.01
CA VAL C 433 -26.69 11.14 3.98
C VAL C 433 -27.58 10.34 4.93
N SER C 434 -27.88 10.93 6.08
CA SER C 434 -28.82 10.33 7.01
C SER C 434 -29.89 11.36 7.36
N PRO C 435 -31.11 10.89 7.69
CA PRO C 435 -32.17 11.84 8.08
C PRO C 435 -31.82 12.68 9.29
N SER C 436 -31.08 12.12 10.25
CA SER C 436 -30.66 12.89 11.41
C SER C 436 -29.70 14.01 11.00
N ALA C 437 -28.83 13.74 10.01
CA ALA C 437 -27.96 14.79 9.50
C ALA C 437 -28.76 15.84 8.72
N LEU C 438 -29.83 15.45 8.06
CA LEU C 438 -30.69 16.42 7.39
C LEU C 438 -31.40 17.31 8.40
N ALA C 439 -31.80 16.74 9.54
CA ALA C 439 -32.44 17.51 10.59
C ALA C 439 -31.45 18.27 11.47
N SER C 440 -30.15 17.95 11.38
CA SER C 440 -29.16 18.57 12.26
C SER C 440 -28.27 19.60 11.57
N GLY C 441 -28.19 19.58 10.24
CA GLY C 441 -27.29 20.46 9.54
C GLY C 441 -28.00 21.22 8.43
N CYS C 442 -27.26 22.15 7.82
CA CYS C 442 -27.75 22.97 6.73
C CYS C 442 -27.09 22.57 5.43
N TYR C 443 -27.74 22.94 4.32
CA TYR C 443 -27.29 22.55 3.00
C TYR C 443 -27.50 23.73 2.05
N SER C 444 -26.85 23.65 0.89
CA SER C 444 -26.92 24.74 -0.08
C SER C 444 -28.21 24.74 -0.87
N SER C 445 -28.80 23.57 -1.10
CA SER C 445 -30.07 23.50 -1.80
C SER C 445 -30.82 22.27 -1.33
N LEU C 446 -32.15 22.32 -1.48
CA LEU C 446 -33.02 21.21 -1.12
C LEU C 446 -34.04 21.01 -2.23
N THR C 447 -33.98 19.86 -2.89
CA THR C 447 -34.88 19.53 -4.00
C THR C 447 -35.82 18.41 -3.58
N VAL C 448 -37.12 18.62 -3.75
CA VAL C 448 -38.13 17.66 -3.35
C VAL C 448 -38.94 17.28 -4.59
N ASP C 449 -38.96 15.99 -4.90
CA ASP C 449 -39.82 15.43 -5.93
C ASP C 449 -40.91 14.61 -5.26
N TYR C 450 -42.16 15.01 -5.45
CA TYR C 450 -43.29 14.36 -4.78
C TYR C 450 -44.35 13.99 -5.81
N PHE C 451 -45.01 12.87 -5.56
CA PHE C 451 -46.09 12.39 -6.41
C PHE C 451 -46.92 11.40 -5.61
N ALA C 452 -48.15 11.18 -6.07
CA ALA C 452 -49.02 10.18 -5.46
C ALA C 452 -48.57 8.79 -5.92
N TYR C 453 -48.30 7.91 -4.95
CA TYR C 453 -47.75 6.61 -5.25
C TYR C 453 -48.32 5.57 -4.28
N PRO C 454 -48.77 4.42 -4.78
CA PRO C 454 -49.30 3.40 -3.88
C PRO C 454 -48.19 2.71 -3.10
N LEU C 455 -48.49 2.37 -1.84
CA LEU C 455 -47.52 1.68 -1.01
C LEU C 455 -47.37 0.20 -1.38
N SER C 456 -48.31 -0.35 -2.15
CA SER C 456 -48.19 -1.72 -2.60
C SER C 456 -47.12 -1.90 -3.66
N MET C 457 -46.74 -0.82 -4.35
CA MET C 457 -45.72 -0.85 -5.39
C MET C 457 -44.40 -0.26 -4.90
N ALA C 458 -44.09 -0.42 -3.61
CA ALA C 458 -42.91 0.21 -3.04
C ALA C 458 -41.62 -0.41 -3.55
N SER C 459 -41.65 -1.68 -3.94
CA SER C 459 -40.44 -2.33 -4.44
C SER C 459 -40.06 -1.84 -5.84
N TYR C 460 -40.99 -1.21 -6.56
CA TYR C 460 -40.70 -0.68 -7.88
C TYR C 460 -39.97 0.65 -7.84
N LEU C 461 -39.86 1.27 -6.68
CA LEU C 461 -39.12 2.51 -6.51
C LEU C 461 -37.75 2.29 -5.88
N ARG C 462 -37.36 1.04 -5.63
CA ARG C 462 -36.09 0.74 -5.00
C ARG C 462 -34.98 0.67 -6.05
N GLN C 463 -33.74 0.65 -5.56
CA GLN C 463 -32.57 0.69 -6.43
C GLN C 463 -32.45 -0.59 -7.26
N GLY C 464 -32.10 -0.44 -8.53
CA GLY C 464 -31.89 -1.56 -9.40
C GLY C 464 -33.14 -2.20 -9.96
N SER C 465 -34.33 -1.66 -9.64
CA SER C 465 -35.57 -2.25 -10.08
C SER C 465 -35.72 -2.15 -11.60
N THR C 466 -36.38 -3.15 -12.19
CA THR C 466 -36.59 -3.20 -13.63
C THR C 466 -38.06 -3.19 -14.00
N GLY C 467 -38.94 -2.75 -13.10
CA GLY C 467 -40.35 -2.70 -13.39
C GLY C 467 -40.70 -1.52 -14.27
N PRO C 468 -42.00 -1.37 -14.54
CA PRO C 468 -42.46 -0.24 -15.35
C PRO C 468 -42.20 1.12 -14.72
N ILE C 469 -42.19 1.20 -13.38
CA ILE C 469 -41.99 2.48 -12.72
C ILE C 469 -40.57 2.99 -12.95
N ALA C 470 -39.58 2.12 -12.81
CA ALA C 470 -38.19 2.50 -13.02
C ALA C 470 -37.82 2.62 -14.49
N GLN C 471 -38.65 2.12 -15.40
CA GLN C 471 -38.34 2.14 -16.82
C GLN C 471 -39.03 3.26 -17.58
N PHE C 472 -40.25 3.64 -17.20
CA PHE C 472 -41.01 4.62 -17.95
C PHE C 472 -41.60 5.74 -17.11
N ASN C 473 -41.51 5.69 -15.78
CA ASN C 473 -42.16 6.66 -14.93
C ASN C 473 -41.17 7.54 -14.16
N TYR C 474 -40.27 6.93 -13.39
CA TYR C 474 -39.34 7.69 -12.56
C TYR C 474 -38.15 6.82 -12.22
N LYS C 475 -36.95 7.34 -12.48
CA LYS C 475 -35.70 6.71 -12.06
C LYS C 475 -34.95 7.71 -11.19
N GLN C 476 -34.62 7.29 -9.98
CA GLN C 476 -34.00 8.20 -9.02
C GLN C 476 -32.56 8.49 -9.40
N ASP C 477 -32.18 9.78 -9.32
CA ASP C 477 -30.84 10.21 -9.63
C ASP C 477 -29.97 10.17 -8.38
N PHE C 478 -28.74 9.67 -8.53
CA PHE C 478 -27.85 9.45 -7.40
C PHE C 478 -26.57 10.26 -7.51
N THR C 479 -26.61 11.38 -8.25
CA THR C 479 -25.43 12.23 -8.37
C THR C 479 -25.19 13.01 -7.08
N ASN C 480 -26.24 13.37 -6.36
CA ASN C 480 -26.16 14.09 -5.10
C ASN C 480 -26.58 13.19 -3.95
N PRO C 481 -26.19 13.53 -2.71
CA PRO C 481 -26.76 12.83 -1.55
C PRO C 481 -28.28 12.95 -1.51
N THR C 482 -28.96 11.82 -1.64
CA THR C 482 -30.40 11.80 -1.85
C THR C 482 -31.05 10.78 -0.93
N CYS C 483 -32.34 11.01 -0.65
CA CYS C 483 -33.12 10.08 0.16
C CYS C 483 -34.52 9.95 -0.41
N ARG C 484 -35.01 8.71 -0.45
CA ARG C 484 -36.35 8.40 -0.92
C ARG C 484 -37.23 8.13 0.28
N ILE C 485 -38.37 8.82 0.35
CA ILE C 485 -39.29 8.70 1.47
C ILE C 485 -40.66 8.29 0.93
N LEU C 486 -41.21 7.21 1.47
CA LEU C 486 -42.56 6.77 1.17
C LEU C 486 -43.39 6.84 2.44
N ALA C 487 -44.51 7.56 2.38
CA ALA C 487 -45.31 7.82 3.57
C ALA C 487 -46.78 7.82 3.21
N ALA C 488 -47.60 7.85 4.25
CA ALA C 488 -49.05 7.96 4.12
C ALA C 488 -49.52 9.21 4.85
N VAL C 489 -50.57 9.83 4.31
CA VAL C 489 -51.14 11.05 4.88
C VAL C 489 -52.36 10.64 5.70
N PRO C 490 -52.30 10.70 7.03
CA PRO C 490 -53.45 10.24 7.84
C PRO C 490 -54.72 11.06 7.66
N SER C 491 -54.59 12.37 7.48
CA SER C 491 -55.75 13.26 7.44
C SER C 491 -56.02 13.69 6.00
N ASN C 492 -57.29 13.59 5.59
CA ASN C 492 -57.66 13.94 4.23
C ASN C 492 -57.74 15.45 4.00
N VAL C 493 -57.66 16.25 5.06
CA VAL C 493 -57.67 17.70 4.90
C VAL C 493 -56.27 18.28 4.70
N THR C 494 -55.23 17.49 4.94
CA THR C 494 -53.86 17.98 4.72
C THR C 494 -53.58 18.15 3.23
N ILE C 495 -53.87 17.12 2.44
CA ILE C 495 -53.66 17.14 1.00
C ILE C 495 -54.92 16.64 0.32
N PRO C 496 -55.44 17.33 -0.69
CA PRO C 496 -56.63 16.85 -1.41
C PRO C 496 -56.37 15.50 -2.07
N LEU C 497 -57.37 14.64 -2.02
CA LEU C 497 -57.22 13.28 -2.51
C LEU C 497 -57.42 13.23 -4.02
N PRO C 498 -56.49 12.66 -4.78
CA PRO C 498 -56.72 12.44 -6.21
C PRO C 498 -57.69 11.30 -6.43
N GLN C 499 -58.09 11.15 -7.70
CA GLN C 499 -59.08 10.13 -8.04
C GLN C 499 -58.50 8.73 -7.92
N SER C 500 -57.31 8.51 -8.47
CA SER C 500 -56.72 7.18 -8.50
C SER C 500 -55.21 7.30 -8.69
N TYR C 501 -54.52 6.20 -8.45
CA TYR C 501 -53.09 6.09 -8.76
C TYR C 501 -52.93 5.57 -10.18
N MET C 502 -52.27 6.35 -11.03
CA MET C 502 -52.02 5.94 -12.40
C MET C 502 -50.52 5.97 -12.67
N TRP C 503 -50.08 5.08 -13.57
CA TRP C 503 -48.68 5.01 -13.95
C TRP C 503 -48.57 4.45 -15.36
N LEU C 504 -47.39 4.62 -15.94
CA LEU C 504 -47.12 4.12 -17.29
C LEU C 504 -46.54 2.72 -17.23
N THR C 505 -47.05 1.85 -18.10
CA THR C 505 -46.53 0.49 -18.22
C THR C 505 -45.62 0.31 -19.44
N GLN C 506 -45.93 0.98 -20.54
CA GLN C 506 -45.13 0.92 -21.76
C GLN C 506 -45.06 2.30 -22.39
N CYS C 507 -43.98 2.53 -23.15
CA CYS C 507 -43.83 3.76 -23.92
C CYS C 507 -42.88 3.46 -25.07
N TYR C 508 -43.41 3.39 -26.28
CA TYR C 508 -42.61 2.98 -27.43
C TYR C 508 -43.14 3.67 -28.69
N THR C 509 -42.32 3.63 -29.73
CA THR C 509 -42.68 4.13 -31.06
C THR C 509 -42.84 2.95 -31.99
N ASN C 510 -44.01 2.86 -32.63
CA ASN C 510 -44.37 1.82 -33.60
C ASN C 510 -44.38 0.44 -32.98
N SER C 511 -43.20 -0.08 -32.65
CA SER C 511 -43.05 -1.41 -32.10
C SER C 511 -42.55 -1.33 -30.66
N PRO C 512 -42.92 -2.28 -29.80
CA PRO C 512 -42.40 -2.29 -28.42
C PRO C 512 -40.89 -2.46 -28.33
N SER C 513 -40.23 -2.96 -29.38
CA SER C 513 -38.78 -3.06 -29.38
C SER C 513 -38.12 -1.68 -29.37
N ASN C 514 -38.82 -0.65 -29.88
CA ASN C 514 -38.31 0.72 -29.86
C ASN C 514 -38.89 1.48 -28.66
N SER C 515 -38.63 0.93 -27.48
CA SER C 515 -39.11 1.55 -26.25
C SER C 515 -38.25 2.76 -25.88
N HIS C 516 -38.89 3.76 -25.28
CA HIS C 516 -38.20 4.95 -24.79
C HIS C 516 -38.16 4.89 -23.27
N TYR C 517 -36.96 4.86 -22.70
CA TYR C 517 -36.77 4.74 -21.27
C TYR C 517 -36.52 6.11 -20.66
N VAL C 518 -37.11 6.34 -19.48
CA VAL C 518 -36.92 7.59 -18.78
C VAL C 518 -35.49 7.66 -18.23
N GLU C 519 -34.96 8.88 -18.13
CA GLU C 519 -33.63 9.08 -17.58
C GLU C 519 -33.73 9.38 -16.09
N ALA C 520 -32.57 9.51 -15.44
CA ALA C 520 -32.54 9.75 -14.00
C ALA C 520 -32.93 11.19 -13.71
N GLY C 521 -34.02 11.37 -12.95
CA GLY C 521 -34.51 12.68 -12.60
C GLY C 521 -35.05 13.49 -13.77
N SER C 522 -35.68 12.84 -14.73
CA SER C 522 -36.26 13.51 -15.88
C SER C 522 -37.66 12.96 -16.14
N TYR C 523 -38.35 13.59 -17.09
CA TYR C 523 -39.72 13.22 -17.44
C TYR C 523 -39.71 12.28 -18.64
N THR C 524 -40.76 11.45 -18.71
CA THR C 524 -40.87 10.46 -19.77
C THR C 524 -41.17 11.13 -21.11
N PRO C 525 -40.71 10.53 -22.22
CA PRO C 525 -41.13 11.02 -23.54
C PRO C 525 -42.62 10.89 -23.80
N CYS C 526 -43.30 9.96 -23.13
CA CYS C 526 -44.73 9.74 -23.31
C CYS C 526 -45.58 10.55 -22.32
N LEU C 527 -45.08 11.69 -21.86
CA LEU C 527 -45.81 12.48 -20.86
C LEU C 527 -47.10 13.06 -21.43
N GLY C 528 -47.06 13.56 -22.66
CA GLY C 528 -48.26 14.11 -23.27
C GLY C 528 -49.33 13.07 -23.49
N LEU C 529 -48.93 11.84 -23.86
CA LEU C 529 -49.89 10.76 -24.00
C LEU C 529 -50.43 10.31 -22.65
N ALA C 530 -49.57 10.25 -21.63
CA ALA C 530 -50.00 9.83 -20.30
C ALA C 530 -50.84 10.88 -19.60
N SER C 531 -50.80 12.13 -20.06
CA SER C 531 -51.63 13.17 -19.48
C SER C 531 -53.12 12.93 -19.72
N ARG C 532 -53.47 12.12 -20.71
CA ARG C 532 -54.87 11.80 -20.96
C ARG C 532 -55.45 10.87 -19.90
N GLY C 533 -54.61 10.25 -19.09
CA GLY C 533 -55.07 9.43 -17.99
C GLY C 533 -55.30 7.98 -18.38
N PHE C 534 -55.33 7.12 -17.36
CA PHE C 534 -55.59 5.69 -17.54
C PHE C 534 -56.69 5.27 -16.59
N ASN C 535 -57.77 4.73 -17.15
CA ASN C 535 -58.93 4.32 -16.39
C ASN C 535 -59.43 3.00 -16.95
N THR C 536 -60.53 2.51 -16.38
CA THR C 536 -61.22 1.31 -16.84
C THR C 536 -61.38 1.26 -18.36
N PHE C 537 -61.83 2.36 -18.97
CA PHE C 537 -62.05 2.39 -20.41
C PHE C 537 -60.74 2.58 -21.17
N ASN C 538 -59.90 3.50 -20.72
CA ASN C 538 -58.69 3.87 -21.44
C ASN C 538 -57.47 3.21 -20.81
N SER C 539 -56.79 2.35 -21.59
CA SER C 539 -55.57 1.70 -21.15
C SER C 539 -54.41 1.90 -22.09
N MET C 540 -54.63 2.45 -23.28
CA MET C 540 -53.57 2.76 -24.22
C MET C 540 -53.91 4.06 -24.92
N HIS C 541 -52.90 4.87 -25.20
CA HIS C 541 -53.07 6.12 -25.94
C HIS C 541 -52.04 6.16 -27.05
N TYR C 542 -52.51 6.44 -28.26
CA TYR C 542 -51.67 6.45 -29.45
C TYR C 542 -51.75 7.81 -30.13
N ASP C 543 -50.61 8.28 -30.63
CA ASP C 543 -50.54 9.55 -31.33
C ASP C 543 -50.14 9.31 -32.78
N PRO C 544 -50.97 9.66 -33.75
CA PRO C 544 -50.58 9.51 -35.16
C PRO C 544 -49.52 10.53 -35.55
N ALA C 545 -48.90 10.28 -36.71
CA ALA C 545 -47.86 11.08 -37.34
C ALA C 545 -46.56 11.12 -36.54
N THR C 546 -46.47 10.41 -35.42
CA THR C 546 -45.23 10.28 -34.68
C THR C 546 -44.97 8.80 -34.39
N GLY C 547 -46.04 8.03 -34.25
CA GLY C 547 -45.94 6.63 -33.90
C GLY C 547 -45.79 6.34 -32.43
N LEU C 548 -45.83 7.35 -31.58
CA LEU C 548 -45.66 7.15 -30.15
C LEU C 548 -46.88 6.45 -29.55
N THR C 549 -46.64 5.46 -28.71
CA THR C 549 -47.68 4.69 -28.05
C THR C 549 -47.36 4.59 -26.57
N ALA C 550 -48.35 4.85 -25.72
CA ALA C 550 -48.19 4.77 -24.27
C ALA C 550 -49.33 3.95 -23.68
N THR C 551 -48.97 2.90 -22.93
CA THR C 551 -49.93 2.09 -22.20
C THR C 551 -49.66 2.21 -20.72
N GLY C 552 -50.73 2.11 -19.91
CA GLY C 552 -50.59 2.27 -18.48
C GLY C 552 -51.67 1.56 -17.72
N SER C 553 -51.50 1.53 -16.41
CA SER C 553 -52.43 0.89 -15.48
C SER C 553 -52.95 1.92 -14.48
N TYR C 554 -53.79 1.46 -13.57
CA TYR C 554 -54.42 2.35 -12.61
C TYR C 554 -54.80 1.56 -11.36
N GLN C 555 -55.06 2.30 -10.28
CA GLN C 555 -55.52 1.72 -9.03
C GLN C 555 -56.35 2.77 -8.31
N TYR C 556 -57.59 2.43 -7.97
CA TYR C 556 -58.54 3.40 -7.44
C TYR C 556 -58.25 3.70 -5.97
N ILE C 557 -58.56 4.95 -5.58
CA ILE C 557 -58.52 5.36 -4.17
C ILE C 557 -59.95 5.52 -3.69
N SER C 558 -60.49 4.47 -3.08
CA SER C 558 -61.91 4.50 -2.69
C SER C 558 -62.11 5.23 -1.36
N GLU C 559 -61.55 4.68 -0.27
CA GLU C 559 -61.82 5.21 1.06
C GLU C 559 -60.57 5.32 1.94
N GLU C 560 -59.45 4.72 1.56
CA GLU C 560 -58.28 4.69 2.42
C GLU C 560 -57.52 6.01 2.34
N ALA C 561 -56.46 6.11 3.14
CA ALA C 561 -55.66 7.32 3.19
C ALA C 561 -54.76 7.45 1.96
N LEU C 562 -54.35 8.67 1.69
CA LEU C 562 -53.46 8.93 0.57
C LEU C 562 -52.05 8.45 0.90
N GLU C 563 -51.37 7.89 -0.11
CA GLU C 563 -49.99 7.46 0.01
C GLU C 563 -49.15 8.22 -1.00
N MET C 564 -48.03 8.78 -0.51
CA MET C 564 -47.17 9.63 -1.32
C MET C 564 -45.75 9.08 -1.32
N ALA C 565 -44.97 9.52 -2.30
CA ALA C 565 -43.54 9.23 -2.36
C ALA C 565 -42.79 10.54 -2.52
N PHE C 566 -41.75 10.72 -1.73
CA PHE C 566 -40.93 11.92 -1.75
C PHE C 566 -39.48 11.53 -2.06
N ILE C 567 -38.90 12.16 -3.06
CA ILE C 567 -37.48 12.02 -3.37
C ILE C 567 -36.81 13.34 -2.99
N ILE C 568 -35.87 13.27 -2.06
CA ILE C 568 -35.22 14.45 -1.49
C ILE C 568 -33.77 14.46 -1.96
N SER C 569 -33.31 15.62 -2.43
CA SER C 569 -31.92 15.81 -2.82
C SER C 569 -31.37 17.05 -2.13
N VAL C 570 -30.13 16.96 -1.65
CA VAL C 570 -29.45 18.09 -1.03
C VAL C 570 -28.10 18.28 -1.69
N GLN C 571 -27.58 19.50 -1.57
CA GLN C 571 -26.29 19.86 -2.13
C GLN C 571 -25.51 20.66 -1.09
N TYR C 572 -24.18 20.56 -1.17
CA TYR C 572 -23.30 21.17 -0.18
C TYR C 572 -22.25 22.03 -0.87
N GLY C 573 -22.01 23.21 -0.31
CA GLY C 573 -20.92 24.06 -0.77
C GLY C 573 -21.12 24.73 -2.10
N THR C 574 -22.37 24.87 -2.56
CA THR C 574 -22.65 25.45 -3.86
C THR C 574 -23.38 26.78 -3.78
N ASP C 575 -23.41 27.40 -2.60
CA ASP C 575 -24.12 28.67 -2.43
C ASP C 575 -23.58 29.37 -1.19
N SER C 576 -23.74 30.69 -1.16
CA SER C 576 -23.37 31.45 0.03
C SER C 576 -24.39 31.27 1.14
N ASN C 577 -25.68 31.30 0.80
CA ASN C 577 -26.74 31.07 1.77
C ASN C 577 -27.02 29.57 1.88
N SER C 578 -27.77 29.21 2.92
CA SER C 578 -28.04 27.81 3.20
C SER C 578 -29.51 27.61 3.57
N VAL C 579 -29.95 26.38 3.43
CA VAL C 579 -31.29 25.95 3.85
C VAL C 579 -31.13 25.20 5.16
N CYS C 580 -31.86 25.64 6.20
CA CYS C 580 -31.68 25.05 7.51
C CYS C 580 -33.02 24.54 8.05
N PRO C 581 -33.01 23.43 8.80
CA PRO C 581 -34.27 22.82 9.23
C PRO C 581 -34.90 23.44 10.47
N LEU C 582 -34.49 24.67 10.81
CA LEU C 582 -35.12 25.51 11.83
C LEU C 582 -34.89 24.98 13.25
N GLN C 583 -34.28 23.81 13.38
CA GLN C 583 -33.79 23.32 14.66
C GLN C 583 -32.27 23.26 14.70
N ALA C 584 -31.61 23.51 13.58
CA ALA C 584 -30.17 23.71 13.51
C ALA C 584 -29.80 25.19 13.58
N VAL C 585 -30.77 26.07 13.82
CA VAL C 585 -30.53 27.51 13.86
C VAL C 585 -30.31 27.92 15.32
N HIS C 586 -29.11 28.38 15.63
CA HIS C 586 -28.73 28.74 16.99
C HIS C 586 -28.63 30.26 17.12
N ASN C 587 -28.29 30.70 18.34
CA ASN C 587 -28.13 32.13 18.60
C ASN C 587 -26.85 32.64 17.97
N ASP C 588 -26.89 33.88 17.49
CA ASP C 588 -25.71 34.52 16.91
C ASP C 588 -24.71 34.86 18.00
N THR C 589 -23.45 34.52 17.78
CA THR C 589 -22.35 34.90 18.65
C THR C 589 -21.30 35.62 17.83
N LYS C 590 -20.47 36.41 18.50
CA LYS C 590 -19.46 37.22 17.84
C LYS C 590 -18.08 36.55 17.90
N VAL C 591 -17.19 37.02 17.03
CA VAL C 591 -15.84 36.50 16.94
C VAL C 591 -14.80 37.48 17.46
N ASP C 592 -15.19 38.71 17.81
CA ASP C 592 -14.25 39.72 18.29
C ASP C 592 -13.63 39.40 19.64
N ASP C 593 -14.08 38.33 20.30
CA ASP C 593 -13.47 37.84 21.53
C ASP C 593 -12.66 36.58 21.27
N LYS C 594 -13.15 35.68 20.44
CA LYS C 594 -12.56 34.36 20.24
C LYS C 594 -11.53 34.35 19.12
N LEU C 595 -10.89 35.49 18.83
CA LEU C 595 -9.85 35.52 17.82
C LEU C 595 -8.59 34.83 18.30
N GLY C 596 -7.86 34.22 17.37
CA GLY C 596 -6.55 33.67 17.66
C GLY C 596 -6.53 32.30 18.29
N ARG C 597 -7.69 31.69 18.53
CA ARG C 597 -7.74 30.35 19.12
C ARG C 597 -8.72 29.49 18.35
N CYS C 598 -8.56 28.18 18.51
CA CYS C 598 -9.40 27.21 17.81
C CYS C 598 -10.83 27.29 18.33
N ILE C 599 -11.77 27.64 17.44
CA ILE C 599 -13.18 27.75 17.78
C ILE C 599 -13.99 27.04 16.71
N GLU C 600 -15.22 26.66 17.07
CA GLU C 600 -16.17 26.11 16.11
C GLU C 600 -16.99 27.25 15.53
N TYR C 601 -17.24 27.18 14.22
CA TYR C 601 -17.98 28.22 13.54
C TYR C 601 -19.14 27.62 12.75
N SER C 602 -20.21 28.41 12.60
CA SER C 602 -21.35 28.06 11.76
C SER C 602 -21.71 29.32 10.99
N LEU C 603 -21.11 29.50 9.82
CA LEU C 603 -21.20 30.75 9.07
C LEU C 603 -22.13 30.55 7.88
N TYR C 604 -23.37 31.03 8.03
CA TYR C 604 -24.42 30.92 7.01
C TYR C 604 -24.61 29.47 6.57
N GLY C 605 -24.61 28.57 7.55
CA GLY C 605 -24.80 27.16 7.31
C GLY C 605 -23.52 26.37 7.11
N VAL C 606 -22.41 27.04 6.82
CA VAL C 606 -21.13 26.36 6.66
C VAL C 606 -20.53 26.15 8.05
N THR C 607 -20.27 24.89 8.40
CA THR C 607 -19.84 24.53 9.73
C THR C 607 -18.43 23.95 9.71
N GLY C 608 -17.73 24.12 10.82
CA GLY C 608 -16.38 23.61 10.94
C GLY C 608 -15.70 24.21 12.16
N ARG C 609 -14.41 23.92 12.26
CA ARG C 609 -13.58 24.49 13.32
C ARG C 609 -12.33 25.12 12.72
N GLY C 610 -11.81 26.13 13.39
CA GLY C 610 -10.64 26.81 12.87
C GLY C 610 -10.24 27.95 13.78
N VAL C 611 -9.23 28.69 13.33
CA VAL C 611 -8.69 29.84 14.05
C VAL C 611 -8.95 31.09 13.23
N PHE C 612 -9.54 32.10 13.86
CA PHE C 612 -9.96 33.32 13.18
C PHE C 612 -9.01 34.46 13.52
N GLN C 613 -8.73 35.29 12.52
CA GLN C 613 -7.84 36.44 12.69
C GLN C 613 -8.26 37.54 11.72
N ASN C 614 -8.26 38.77 12.20
CA ASN C 614 -8.62 39.91 11.37
C ASN C 614 -7.54 40.13 10.31
N CYS C 615 -7.97 40.23 9.04
CA CYS C 615 -7.04 40.30 7.92
C CYS C 615 -7.50 41.37 6.94
N THR C 616 -6.63 41.68 5.99
CA THR C 616 -7.00 42.56 4.89
C THR C 616 -7.91 41.81 3.91
N PRO C 617 -8.91 42.48 3.36
CA PRO C 617 -9.89 41.78 2.51
C PRO C 617 -9.28 41.33 1.19
N VAL C 618 -9.54 40.06 0.84
CA VAL C 618 -9.17 39.48 -0.44
C VAL C 618 -10.36 38.71 -0.98
N GLY C 619 -10.31 38.39 -2.26
CA GLY C 619 -11.42 37.69 -2.87
C GLY C 619 -12.61 38.62 -3.11
N LEU C 620 -13.77 38.00 -3.28
CA LEU C 620 -14.99 38.73 -3.59
C LEU C 620 -15.87 38.81 -2.35
N LYS C 621 -16.35 40.02 -2.06
CA LYS C 621 -17.21 40.22 -0.89
C LYS C 621 -18.55 39.52 -1.06
N GLN C 622 -19.11 39.53 -2.27
CA GLN C 622 -20.46 39.03 -2.48
C GLN C 622 -20.56 37.52 -2.34
N GLN C 623 -19.46 36.79 -2.58
CA GLN C 623 -19.51 35.34 -2.47
C GLN C 623 -19.28 34.84 -1.05
N ARG C 624 -18.80 35.71 -0.15
CA ARG C 624 -18.77 35.50 1.30
C ARG C 624 -17.77 34.45 1.76
N PHE C 625 -17.20 33.69 0.84
CA PHE C 625 -16.31 32.60 1.21
C PHE C 625 -15.11 32.57 0.28
N VAL C 626 -13.93 32.45 0.86
CA VAL C 626 -12.68 32.34 0.10
C VAL C 626 -12.12 30.95 0.35
N TYR C 627 -11.81 30.24 -0.73
CA TYR C 627 -11.30 28.88 -0.65
C TYR C 627 -9.93 28.80 -1.30
N ASP C 628 -9.20 27.74 -0.96
CA ASP C 628 -7.91 27.46 -1.57
C ASP C 628 -8.09 26.37 -2.63
N GLY C 629 -6.98 25.87 -3.16
CA GLY C 629 -7.04 24.85 -4.18
C GLY C 629 -7.40 23.47 -3.69
N PHE C 630 -7.47 23.27 -2.39
CA PHE C 630 -7.82 21.99 -1.80
C PHE C 630 -9.23 21.98 -1.19
N ASP C 631 -10.05 22.95 -1.57
CA ASP C 631 -11.45 23.07 -1.12
C ASP C 631 -11.54 23.18 0.41
N ASN C 632 -10.79 24.12 0.97
CA ASN C 632 -10.85 24.43 2.39
C ASN C 632 -11.16 25.91 2.56
N LEU C 633 -11.92 26.24 3.60
CA LEU C 633 -12.24 27.63 3.88
C LEU C 633 -11.03 28.33 4.49
N VAL C 634 -10.53 29.35 3.81
CA VAL C 634 -9.39 30.13 4.28
C VAL C 634 -9.75 31.57 4.56
N GLY C 635 -11.00 31.96 4.36
CA GLY C 635 -11.39 33.35 4.57
C GLY C 635 -12.90 33.46 4.66
N TYR C 636 -13.34 34.58 5.22
CA TYR C 636 -14.76 34.82 5.42
C TYR C 636 -15.03 36.32 5.43
N HIS C 637 -15.96 36.76 4.60
CA HIS C 637 -16.40 38.15 4.58
C HIS C 637 -17.60 38.27 5.49
N SER C 638 -17.39 38.81 6.68
CA SER C 638 -18.42 38.85 7.70
C SER C 638 -19.39 40.00 7.45
N ASP C 639 -20.50 39.97 8.19
CA ASP C 639 -21.52 41.00 8.09
C ASP C 639 -21.16 42.27 8.84
N ASN C 640 -20.15 42.22 9.69
CA ASN C 640 -19.70 43.41 10.42
C ASN C 640 -18.78 44.29 9.60
N GLY C 641 -18.42 43.88 8.38
CA GLY C 641 -17.56 44.65 7.52
C GLY C 641 -16.12 44.20 7.48
N ASN C 642 -15.72 43.28 8.35
CA ASN C 642 -14.35 42.82 8.42
C ASN C 642 -14.18 41.49 7.67
N TYR C 643 -12.93 41.22 7.30
CA TYR C 643 -12.54 39.96 6.67
C TYR C 643 -11.68 39.19 7.65
N TYR C 644 -11.99 37.90 7.82
CA TYR C 644 -11.31 37.06 8.80
C TYR C 644 -10.61 35.90 8.10
N CYS C 645 -9.37 35.64 8.49
CA CYS C 645 -8.65 34.47 7.99
C CYS C 645 -9.04 33.26 8.82
N VAL C 646 -9.49 32.20 8.15
CA VAL C 646 -9.87 30.96 8.82
C VAL C 646 -8.70 30.00 8.66
N ARG C 647 -7.90 29.88 9.70
CA ARG C 647 -6.78 28.96 9.68
C ARG C 647 -7.13 27.69 10.46
N PRO C 648 -6.59 26.53 10.05
CA PRO C 648 -6.90 25.29 10.76
C PRO C 648 -6.31 25.29 12.16
N CYS C 649 -6.94 24.52 13.03
CA CYS C 649 -6.46 24.38 14.41
C CYS C 649 -5.16 23.61 14.43
N VAL C 650 -4.19 24.12 15.18
CA VAL C 650 -2.83 23.59 15.19
C VAL C 650 -2.53 22.99 16.56
N SER C 651 -1.40 22.29 16.64
CA SER C 651 -0.96 21.63 17.86
C SER C 651 0.50 21.95 18.11
N VAL C 652 0.84 22.15 19.38
CA VAL C 652 2.21 22.48 19.77
C VAL C 652 3.04 21.20 19.78
N PRO C 653 4.16 21.15 19.06
CA PRO C 653 5.04 19.97 19.14
C PRO C 653 5.66 19.84 20.53
N VAL C 654 5.68 18.60 21.03
CA VAL C 654 6.19 18.30 22.35
C VAL C 654 7.19 17.17 22.25
N SER C 655 8.35 17.33 22.87
CA SER C 655 9.36 16.29 22.93
C SER C 655 9.80 16.11 24.38
N VAL C 656 10.23 14.89 24.70
CA VAL C 656 10.66 14.54 26.05
C VAL C 656 12.15 14.18 25.99
N ILE C 657 12.94 14.86 26.82
CA ILE C 657 14.35 14.55 26.99
C ILE C 657 14.45 13.66 28.22
N TYR C 658 14.68 12.37 28.02
CA TYR C 658 14.67 11.39 29.10
C TYR C 658 16.08 10.83 29.31
N ASP C 659 16.49 10.76 30.57
CA ASP C 659 17.72 10.09 30.96
C ASP C 659 17.35 8.89 31.83
N LYS C 660 17.82 7.71 31.44
CA LYS C 660 17.42 6.49 32.12
C LYS C 660 18.08 6.37 33.50
N ALA C 661 19.38 6.65 33.58
CA ALA C 661 20.12 6.42 34.82
C ALA C 661 19.68 7.38 35.92
N THR C 662 19.61 8.67 35.60
CA THR C 662 19.19 9.66 36.58
C THR C 662 17.68 9.62 36.82
N ASN C 663 16.92 9.01 35.91
CA ASN C 663 15.45 9.00 35.94
C ASN C 663 14.90 10.43 36.00
N ASN C 664 15.49 11.32 35.21
CA ASN C 664 15.09 12.71 35.14
C ASN C 664 14.64 13.02 33.73
N HIS C 665 13.61 13.86 33.59
CA HIS C 665 13.06 14.18 32.29
C HIS C 665 12.87 15.68 32.15
N ALA C 666 12.95 16.14 30.90
CA ALA C 666 12.71 17.53 30.54
C ALA C 666 11.83 17.58 29.31
N THR C 667 11.10 18.68 29.15
CA THR C 667 10.15 18.84 28.06
C THR C 667 10.64 19.93 27.10
N LEU C 668 10.70 19.59 25.82
CA LEU C 668 11.08 20.52 24.77
C LEU C 668 9.89 20.79 23.88
N PHE C 669 9.53 22.06 23.72
CA PHE C 669 8.46 22.48 22.83
C PHE C 669 9.12 23.06 21.58
N GLY C 670 9.18 22.26 20.52
CA GLY C 670 9.85 22.66 19.30
C GLY C 670 9.22 23.87 18.62
N SER C 671 10.06 24.85 18.29
CA SER C 671 9.68 26.05 17.54
C SER C 671 8.61 26.88 18.25
N VAL C 672 8.57 26.83 19.59
CA VAL C 672 7.57 27.56 20.37
C VAL C 672 8.29 28.39 21.42
N ALA C 673 8.00 29.68 21.45
CA ALA C 673 8.45 30.52 22.54
C ALA C 673 7.60 30.28 23.79
N CYS C 674 8.22 30.40 24.96
CA CYS C 674 7.53 30.06 26.20
C CYS C 674 6.39 31.01 26.54
N GLU C 675 6.31 32.18 25.89
CA GLU C 675 5.13 33.01 26.05
C GLU C 675 3.89 32.34 25.48
N HIS C 676 4.04 31.60 24.38
CA HIS C 676 2.93 30.82 23.84
C HIS C 676 2.60 29.61 24.70
N VAL C 677 3.56 29.12 25.47
CA VAL C 677 3.30 27.98 26.35
C VAL C 677 2.40 28.41 27.50
N ASP C 678 2.69 29.55 28.10
CA ASP C 678 1.91 30.05 29.23
C ASP C 678 0.80 30.98 28.75
N ALA C 700 14.47 23.52 36.51
CA ALA C 700 14.31 24.87 36.02
C ALA C 700 13.08 25.09 35.18
N GLY C 701 12.66 26.32 35.09
CA GLY C 701 11.45 26.66 34.37
C GLY C 701 11.64 26.97 32.95
N PRO C 702 10.60 27.47 32.30
CA PRO C 702 10.73 27.66 30.88
C PRO C 702 11.90 28.51 30.45
N MET C 703 12.67 28.10 29.45
CA MET C 703 13.76 28.93 28.94
C MET C 703 13.81 28.88 27.45
N GLN C 704 14.25 29.96 26.82
CA GLN C 704 14.24 29.97 25.36
C GLN C 704 15.59 29.48 24.84
N THR C 705 15.57 28.42 24.04
CA THR C 705 16.74 27.95 23.32
C THR C 705 16.55 28.23 21.83
N SER C 706 17.49 27.78 21.02
CA SER C 706 17.41 27.95 19.58
C SER C 706 16.58 26.87 18.91
N VAL C 707 16.10 25.88 19.65
CA VAL C 707 15.36 24.76 19.09
C VAL C 707 13.95 24.72 19.65
N GLY C 708 13.42 25.89 20.02
CA GLY C 708 12.15 25.99 20.72
C GLY C 708 12.35 26.62 22.08
N CYS C 709 11.65 26.06 23.08
CA CYS C 709 11.94 26.47 24.44
C CYS C 709 11.66 25.31 25.39
N VAL C 710 12.59 25.08 26.31
CA VAL C 710 12.64 23.87 27.10
C VAL C 710 12.13 24.16 28.51
N VAL C 711 11.68 23.10 29.18
CA VAL C 711 11.28 23.16 30.58
C VAL C 711 11.98 22.03 31.33
N GLY C 712 12.65 22.36 32.43
CA GLY C 712 13.32 21.37 33.24
C GLY C 712 14.82 21.28 33.06
N LEU C 713 15.41 22.16 32.25
CA LEU C 713 16.85 22.21 32.06
C LEU C 713 17.41 23.43 32.78
N VAL C 714 18.52 23.23 33.49
CA VAL C 714 19.21 24.32 34.15
C VAL C 714 20.35 24.81 33.24
N ASN C 715 20.43 26.12 33.05
CA ASN C 715 21.43 26.73 32.19
C ASN C 715 22.62 27.16 33.03
N THR C 716 23.80 26.64 32.71
CA THR C 716 25.00 26.97 33.47
C THR C 716 26.20 27.23 32.57
N SER C 717 25.98 27.46 31.27
CA SER C 717 27.03 27.72 30.28
C SER C 717 28.05 26.57 30.24
N LEU C 718 27.57 25.34 30.41
CA LEU C 718 28.43 24.17 30.38
C LEU C 718 28.77 23.81 28.94
N ILE C 719 30.02 23.39 28.72
CA ILE C 719 30.49 22.96 27.41
C ILE C 719 30.96 21.53 27.53
N VAL C 720 30.48 20.66 26.63
CA VAL C 720 30.81 19.24 26.66
C VAL C 720 31.40 18.85 25.31
N ASP C 721 32.28 17.84 25.34
CA ASP C 721 32.86 17.34 24.10
C ASP C 721 31.86 16.49 23.32
N ASN C 722 31.11 15.64 24.03
CA ASN C 722 30.09 14.81 23.40
C ASN C 722 28.92 14.66 24.36
N CYS C 723 27.74 14.45 23.82
CA CYS C 723 26.52 14.32 24.62
C CYS C 723 25.69 13.16 24.10
N GLN C 724 24.97 12.52 25.02
CA GLN C 724 24.08 11.43 24.67
C GLN C 724 22.65 11.89 24.39
N LEU C 725 22.35 13.16 24.66
CA LEU C 725 21.01 13.72 24.46
C LEU C 725 21.12 15.00 23.66
N PRO C 726 21.34 14.90 22.34
CA PRO C 726 21.47 16.10 21.53
C PRO C 726 20.11 16.69 21.19
N LEU C 727 19.93 17.97 21.47
CA LEU C 727 18.69 18.68 21.20
C LEU C 727 18.68 19.37 19.84
N GLY C 728 19.77 19.33 19.11
CA GLY C 728 19.88 20.04 17.85
C GLY C 728 20.48 21.43 18.03
N GLN C 729 21.00 21.96 16.91
CA GLN C 729 21.69 23.25 16.86
C GLN C 729 22.83 23.30 17.87
N SER C 730 23.60 22.21 17.95
CA SER C 730 24.76 22.07 18.84
C SER C 730 24.39 22.24 20.30
N LEU C 731 23.20 21.83 20.70
CA LEU C 731 22.75 21.90 22.08
C LEU C 731 22.56 20.50 22.63
N CYS C 732 22.89 20.32 23.91
CA CYS C 732 22.82 19.02 24.55
C CYS C 732 22.20 19.15 25.92
N ALA C 733 21.68 18.03 26.41
CA ALA C 733 21.20 17.91 27.78
C ALA C 733 22.12 16.92 28.50
N VAL C 734 22.76 17.39 29.57
CA VAL C 734 23.75 16.61 30.31
C VAL C 734 23.26 16.48 31.74
N PRO C 735 23.20 15.27 32.30
CA PRO C 735 22.88 15.14 33.72
C PRO C 735 23.99 15.70 34.59
N ALA C 736 23.59 16.31 35.71
CA ALA C 736 24.57 16.87 36.64
C ALA C 736 25.41 15.78 37.28
N THR C 737 24.80 14.65 37.62
CA THR C 737 25.52 13.53 38.21
C THR C 737 25.47 12.32 37.30
N SER C 747 19.64 14.29 40.55
CA SER C 747 20.23 15.57 40.14
C SER C 747 19.29 16.33 39.22
N SER C 748 19.86 17.00 38.22
CA SER C 748 19.07 17.76 37.25
C SER C 748 19.82 17.82 35.94
N LEU C 749 19.09 17.63 34.84
CA LEU C 749 19.69 17.76 33.52
C LEU C 749 20.04 19.22 33.24
N GLN C 750 21.21 19.43 32.65
CA GLN C 750 21.72 20.76 32.37
C GLN C 750 21.83 20.98 30.86
N LEU C 751 21.48 22.19 30.43
CA LEU C 751 21.63 22.58 29.03
C LEU C 751 23.10 22.89 28.76
N ALA C 752 23.69 22.18 27.80
CA ALA C 752 25.10 22.31 27.48
C ALA C 752 25.26 22.53 25.98
N THR C 753 26.51 22.70 25.55
CA THR C 753 26.85 22.99 24.17
C THR C 753 27.96 22.05 23.72
N ILE C 754 27.94 21.71 22.43
CA ILE C 754 28.98 20.85 21.88
C ILE C 754 30.26 21.64 21.70
N ASN C 755 31.36 21.12 22.25
CA ASN C 755 32.65 21.79 22.14
C ASN C 755 33.28 21.52 20.79
N PHE C 756 33.86 22.57 20.20
CA PHE C 756 34.67 22.46 19.00
C PHE C 756 36.12 22.65 19.41
N THR C 757 36.91 21.58 19.33
CA THR C 757 38.32 21.67 19.65
C THR C 757 39.05 22.48 18.59
N GLU C 758 39.90 23.38 19.03
CA GLU C 758 40.66 24.23 18.13
C GLU C 758 41.95 23.53 17.71
N PRO C 759 42.22 23.42 16.41
CA PRO C 759 43.48 22.81 15.98
C PRO C 759 44.67 23.69 16.34
N HIS C 760 45.83 23.03 16.43
CA HIS C 760 47.08 23.69 16.79
C HIS C 760 47.48 24.67 15.69
N MET C 761 47.47 25.96 16.00
CA MET C 761 47.83 26.98 15.02
C MET C 761 49.34 27.10 14.91
N LEU C 762 49.87 26.97 13.70
CA LEU C 762 51.30 27.07 13.45
C LEU C 762 51.54 28.11 12.36
N THR C 763 52.42 29.07 12.64
CA THR C 763 52.73 30.13 11.70
C THR C 763 54.05 29.87 11.01
N PRO C 764 54.09 29.85 9.68
CA PRO C 764 55.37 29.68 8.98
C PRO C 764 56.31 30.83 9.26
N ILE C 765 57.60 30.52 9.33
CA ILE C 765 58.61 31.53 9.59
C ILE C 765 59.00 32.21 8.29
N ASN C 766 59.49 33.45 8.40
CA ASN C 766 59.85 34.25 7.22
C ASN C 766 61.33 34.06 6.94
N SER C 767 61.65 32.96 6.27
CA SER C 767 63.00 32.64 5.87
C SER C 767 62.93 31.60 4.75
N SER C 768 64.09 31.07 4.36
CA SER C 768 64.15 29.96 3.43
C SER C 768 63.98 28.61 4.11
N ARG C 769 63.86 28.59 5.42
CA ARG C 769 63.64 27.38 6.20
C ARG C 769 62.20 27.35 6.70
N PHE C 770 61.82 26.20 7.27
CA PHE C 770 60.46 26.00 7.71
C PHE C 770 60.45 25.05 8.90
N ILE C 771 59.37 25.12 9.67
CA ILE C 771 59.25 24.41 10.94
C ILE C 771 58.36 23.20 10.74
N VAL C 772 58.82 22.03 11.17
CA VAL C 772 58.06 20.79 11.06
C VAL C 772 57.93 20.18 12.45
N GLU C 773 56.72 19.75 12.78
CA GLU C 773 56.47 19.03 14.04
C GLU C 773 56.65 17.55 13.78
N ILE C 774 57.85 17.05 14.09
CA ILE C 774 58.20 15.65 13.87
C ILE C 774 57.93 14.87 15.16
N PRO C 775 57.30 13.71 15.08
CA PRO C 775 57.02 12.93 16.30
C PRO C 775 58.29 12.47 16.99
N THR C 776 58.24 12.45 18.33
CA THR C 776 59.28 11.85 19.15
C THR C 776 58.80 10.66 19.96
N ASN C 777 57.48 10.48 20.09
CA ASN C 777 56.91 9.32 20.75
C ASN C 777 55.68 8.90 19.96
N PHE C 778 55.29 7.64 20.10
CA PHE C 778 54.20 7.11 19.30
C PHE C 778 53.49 6.00 20.05
N SER C 779 52.33 5.61 19.50
CA SER C 779 51.58 4.47 19.98
C SER C 779 50.93 3.80 18.78
N PHE C 780 50.27 2.68 19.03
CA PHE C 780 49.55 1.94 18.00
C PHE C 780 48.06 2.01 18.30
N GLY C 781 47.31 2.60 17.37
CA GLY C 781 45.86 2.74 17.51
C GLY C 781 45.15 1.73 16.63
N VAL C 782 44.11 1.11 17.18
CA VAL C 782 43.35 0.09 16.47
C VAL C 782 41.99 0.68 16.11
N THR C 783 41.72 0.76 14.81
CA THR C 783 40.46 1.27 14.29
C THR C 783 39.57 0.10 13.93
N GLN C 784 38.42 -0.01 14.59
CA GLN C 784 37.50 -1.11 14.36
C GLN C 784 36.42 -0.67 13.39
N GLU C 785 36.19 -1.48 12.35
CA GLU C 785 35.20 -1.17 11.34
C GLU C 785 34.42 -2.43 11.00
N PHE C 786 33.10 -2.30 10.95
CA PHE C 786 32.22 -3.41 10.57
C PHE C 786 31.60 -3.10 9.20
N ILE C 787 31.69 -4.08 8.29
CA ILE C 787 31.05 -4.00 7.00
C ILE C 787 30.09 -5.17 6.88
N GLN C 788 28.82 -4.86 6.68
CA GLN C 788 27.80 -5.89 6.51
C GLN C 788 27.91 -6.49 5.11
N THR C 789 27.92 -7.81 5.02
CA THR C 789 28.03 -8.48 3.72
C THR C 789 26.76 -9.20 3.31
N THR C 790 25.79 -9.37 4.20
CA THR C 790 24.60 -10.16 3.89
C THR C 790 23.47 -9.75 4.81
N ILE C 791 22.27 -10.15 4.44
CA ILE C 791 21.08 -10.00 5.28
C ILE C 791 20.51 -11.38 5.53
N GLN C 792 19.50 -11.44 6.40
CA GLN C 792 18.80 -12.69 6.67
C GLN C 792 17.92 -13.06 5.49
N LYS C 793 17.96 -14.33 5.09
CA LYS C 793 17.18 -14.83 3.97
C LYS C 793 15.85 -15.37 4.47
N VAL C 794 14.75 -14.80 3.96
CA VAL C 794 13.41 -15.13 4.39
C VAL C 794 12.58 -15.56 3.20
N THR C 795 11.90 -16.69 3.32
CA THR C 795 10.87 -17.10 2.37
C THR C 795 9.53 -17.08 3.09
N VAL C 796 8.49 -16.67 2.37
CA VAL C 796 7.14 -16.56 2.91
C VAL C 796 6.23 -17.51 2.14
N ASP C 797 5.48 -18.34 2.87
CA ASP C 797 4.41 -19.13 2.28
C ASP C 797 3.19 -18.22 2.19
N CYS C 798 2.89 -17.76 0.97
CA CYS C 798 1.87 -16.73 0.78
C CYS C 798 0.49 -17.22 1.18
N LYS C 799 0.14 -18.44 0.79
CA LYS C 799 -1.18 -18.99 1.14
C LYS C 799 -1.33 -19.18 2.63
N GLN C 800 -0.31 -19.74 3.29
CA GLN C 800 -0.38 -19.95 4.73
C GLN C 800 -0.38 -18.62 5.49
N TYR C 801 0.41 -17.65 5.03
CA TYR C 801 0.44 -16.35 5.67
C TYR C 801 -0.90 -15.63 5.54
N VAL C 802 -1.51 -15.67 4.36
CA VAL C 802 -2.74 -14.93 4.13
C VAL C 802 -3.93 -15.61 4.82
N CYS C 803 -4.04 -16.93 4.70
CA CYS C 803 -5.26 -17.61 5.09
C CYS C 803 -5.16 -18.46 6.34
N ASN C 804 -3.95 -18.79 6.79
CA ASN C 804 -3.73 -19.57 8.02
C ASN C 804 -4.47 -20.90 7.98
N GLY C 805 -4.49 -21.55 6.82
CA GLY C 805 -5.10 -22.85 6.69
C GLY C 805 -6.61 -22.91 6.86
N PHE C 806 -7.33 -21.97 6.25
CA PHE C 806 -8.79 -21.97 6.26
C PHE C 806 -9.30 -22.18 4.85
N GLU C 807 -10.26 -23.10 4.71
CA GLU C 807 -10.70 -23.52 3.38
C GLU C 807 -11.47 -22.41 2.67
N LYS C 808 -12.29 -21.65 3.41
CA LYS C 808 -13.05 -20.56 2.80
C LYS C 808 -12.12 -19.45 2.33
N CYS C 809 -11.12 -19.10 3.14
CA CYS C 809 -10.14 -18.11 2.72
C CYS C 809 -9.35 -18.59 1.52
N GLU C 810 -9.02 -19.88 1.48
CA GLU C 810 -8.29 -20.42 0.32
C GLU C 810 -9.14 -20.36 -0.94
N GLN C 811 -10.44 -20.65 -0.81
CA GLN C 811 -11.35 -20.54 -1.95
C GLN C 811 -11.43 -19.09 -2.44
N LEU C 812 -11.44 -18.13 -1.51
CA LEU C 812 -11.44 -16.74 -1.93
C LEU C 812 -10.09 -16.30 -2.47
N LEU C 813 -9.00 -16.95 -2.05
CA LEU C 813 -7.65 -16.63 -2.50
C LEU C 813 -7.31 -17.27 -3.83
N ARG C 814 -8.12 -18.22 -4.30
CA ARG C 814 -7.91 -18.78 -5.64
C ARG C 814 -7.92 -17.71 -6.72
N GLU C 815 -8.61 -16.59 -6.48
CA GLU C 815 -8.58 -15.45 -7.39
C GLU C 815 -7.31 -14.63 -7.27
N TYR C 816 -6.47 -14.88 -6.25
CA TYR C 816 -5.23 -14.15 -6.05
C TYR C 816 -4.02 -15.08 -6.06
N GLY C 817 -4.11 -16.20 -6.80
CA GLY C 817 -3.01 -17.14 -6.84
C GLY C 817 -1.77 -16.58 -7.53
N GLN C 818 -1.98 -15.78 -8.58
CA GLN C 818 -0.86 -15.25 -9.34
C GLN C 818 -0.03 -14.28 -8.50
N PHE C 819 -0.66 -13.49 -7.64
CA PHE C 819 0.09 -12.55 -6.81
C PHE C 819 0.92 -13.27 -5.76
N CYS C 820 0.37 -14.35 -5.18
CA CYS C 820 1.15 -15.18 -4.27
C CYS C 820 2.33 -15.82 -4.99
N ALA C 821 2.11 -16.29 -6.22
CA ALA C 821 3.20 -16.88 -7.00
C ALA C 821 4.29 -15.85 -7.29
N LYS C 822 3.90 -14.63 -7.62
CA LYS C 822 4.88 -13.58 -7.89
C LYS C 822 5.66 -13.22 -6.63
N ILE C 823 5.00 -13.19 -5.46
CA ILE C 823 5.69 -12.92 -4.22
C ILE C 823 6.72 -13.99 -3.92
N ASN C 824 6.33 -15.27 -4.07
CA ASN C 824 7.25 -16.37 -3.83
C ASN C 824 8.43 -16.35 -4.80
N GLN C 825 8.16 -16.07 -6.08
CA GLN C 825 9.23 -16.06 -7.07
C GLN C 825 10.19 -14.89 -6.83
N ALA C 826 9.68 -13.72 -6.44
CA ALA C 826 10.55 -12.60 -6.13
C ALA C 826 11.44 -12.90 -4.94
N LEU C 827 10.88 -13.51 -3.89
CA LEU C 827 11.70 -13.85 -2.72
C LEU C 827 12.74 -14.92 -3.08
N HIS C 828 12.37 -15.88 -3.92
CA HIS C 828 13.31 -16.91 -4.36
C HIS C 828 14.47 -16.29 -5.14
N GLY C 829 14.17 -15.35 -6.03
CA GLY C 829 15.22 -14.67 -6.77
C GLY C 829 16.14 -13.85 -5.88
N ALA C 830 15.56 -13.15 -4.90
CA ALA C 830 16.37 -12.37 -3.97
C ALA C 830 17.31 -13.28 -3.16
N ASN C 831 16.80 -14.42 -2.68
CA ASN C 831 17.64 -15.33 -1.92
C ASN C 831 18.72 -15.96 -2.79
N LEU C 832 18.41 -16.26 -4.06
CA LEU C 832 19.43 -16.76 -4.97
C LEU C 832 20.53 -15.73 -5.18
N ARG C 833 20.15 -14.47 -5.40
CA ARG C 833 21.15 -13.43 -5.59
C ARG C 833 22.01 -13.26 -4.34
N GLN C 834 21.40 -13.40 -3.17
CA GLN C 834 22.16 -13.35 -1.92
C GLN C 834 23.18 -14.48 -1.84
N ASP C 835 22.77 -15.70 -2.23
CA ASP C 835 23.68 -16.85 -2.15
C ASP C 835 24.87 -16.68 -3.09
N GLU C 836 24.61 -16.26 -4.34
CA GLU C 836 25.72 -15.98 -5.25
C GLU C 836 26.59 -14.82 -4.78
N SER C 837 26.00 -13.80 -4.14
CA SER C 837 26.83 -12.71 -3.63
C SER C 837 27.75 -13.19 -2.50
N VAL C 838 27.23 -14.05 -1.61
CA VAL C 838 28.06 -14.60 -0.54
C VAL C 838 29.18 -15.47 -1.11
N SER C 839 28.86 -16.29 -2.11
CA SER C 839 29.88 -17.12 -2.73
C SER C 839 30.96 -16.28 -3.41
N ASN C 840 30.56 -15.20 -4.09
CA ASN C 840 31.53 -14.32 -4.71
C ASN C 840 32.37 -13.58 -3.68
N LEU C 841 31.78 -13.23 -2.54
CA LEU C 841 32.54 -12.58 -1.47
C LEU C 841 33.62 -13.51 -0.93
N PHE C 842 33.25 -14.76 -0.62
CA PHE C 842 34.24 -15.67 -0.04
C PHE C 842 35.20 -16.24 -1.08
N SER C 843 34.88 -16.12 -2.37
CA SER C 843 35.82 -16.54 -3.40
C SER C 843 36.94 -15.54 -3.62
N ASN C 844 36.71 -14.26 -3.30
CA ASN C 844 37.66 -13.21 -3.60
C ASN C 844 38.59 -12.87 -2.44
N ILE C 845 38.47 -13.54 -1.30
CA ILE C 845 39.32 -13.26 -0.15
C ILE C 845 40.17 -14.48 0.23
N LYS C 846 40.14 -15.53 -0.57
CA LYS C 846 40.97 -16.69 -0.29
C LYS C 846 42.44 -16.37 -0.57
N THR C 847 43.33 -17.05 0.16
CA THR C 847 44.76 -16.83 0.04
C THR C 847 45.41 -17.97 -0.73
N GLN C 848 46.33 -17.62 -1.64
CA GLN C 848 47.06 -18.63 -2.38
C GLN C 848 48.11 -19.30 -1.49
N ALA C 849 48.69 -18.57 -0.55
CA ALA C 849 49.69 -19.13 0.37
C ALA C 849 49.48 -18.53 1.75
N THR C 850 49.85 -19.30 2.77
CA THR C 850 49.66 -18.90 4.16
C THR C 850 50.90 -19.27 4.97
N GLN C 851 50.90 -18.85 6.23
CA GLN C 851 52.03 -18.99 7.12
C GLN C 851 51.56 -19.43 8.51
N PRO C 852 52.28 -20.34 9.15
CA PRO C 852 51.95 -20.68 10.55
C PRO C 852 52.46 -19.61 11.50
N LEU C 853 51.57 -19.12 12.36
CA LEU C 853 51.86 -17.98 13.23
C LEU C 853 51.65 -18.34 14.70
N ASP C 854 52.11 -19.51 15.12
CA ASP C 854 51.99 -19.91 16.51
C ASP C 854 52.99 -19.15 17.38
N ALA C 855 52.81 -19.26 18.69
CA ALA C 855 53.68 -18.57 19.63
C ALA C 855 55.10 -19.11 19.54
N GLY C 856 56.07 -18.19 19.55
CA GLY C 856 57.45 -18.52 19.32
C GLY C 856 57.91 -18.35 17.88
N LEU C 857 56.98 -18.27 16.94
CA LEU C 857 57.30 -18.02 15.54
C LEU C 857 57.00 -16.60 15.10
N THR C 858 56.19 -15.87 15.86
CA THR C 858 55.85 -14.48 15.56
C THR C 858 56.77 -13.48 16.24
N GLY C 859 57.81 -13.94 16.92
CA GLY C 859 58.71 -13.04 17.62
C GLY C 859 58.15 -12.60 18.95
N ASP C 860 58.31 -11.31 19.26
CA ASP C 860 57.78 -10.75 20.50
C ASP C 860 56.38 -10.18 20.34
N PHE C 861 55.75 -10.36 19.19
CA PHE C 861 54.39 -9.91 18.98
C PHE C 861 53.42 -11.01 19.39
N ASN C 862 52.49 -10.67 20.29
CA ASN C 862 51.49 -11.62 20.75
C ASN C 862 50.30 -11.56 19.80
N LEU C 863 50.13 -12.60 18.99
CA LEU C 863 49.09 -12.64 17.98
C LEU C 863 48.04 -13.71 18.24
N THR C 864 48.04 -14.33 19.42
CA THR C 864 47.12 -15.42 19.72
C THR C 864 45.67 -14.99 19.80
N LEU C 865 45.40 -13.68 19.88
CA LEU C 865 44.03 -13.19 19.89
C LEU C 865 43.32 -13.46 18.57
N LEU C 866 44.06 -13.50 17.47
CA LEU C 866 43.49 -13.70 16.15
C LEU C 866 43.63 -15.13 15.65
N GLN C 867 44.03 -16.06 16.50
CA GLN C 867 44.25 -17.44 16.11
C GLN C 867 43.27 -18.36 16.80
N VAL C 868 43.17 -19.57 16.27
CA VAL C 868 42.34 -20.62 16.87
C VAL C 868 42.96 -21.01 18.21
N PRO C 869 42.19 -21.04 19.30
CA PRO C 869 42.75 -21.43 20.59
C PRO C 869 43.15 -22.90 20.61
N LYS C 870 44.21 -23.18 21.39
CA LYS C 870 44.71 -24.55 21.50
C LYS C 870 43.69 -25.45 22.19
N VAL C 871 43.01 -24.95 23.21
CA VAL C 871 41.90 -25.64 23.84
C VAL C 871 40.61 -25.12 23.21
N VAL C 872 39.81 -26.03 22.65
CA VAL C 872 38.59 -25.64 21.97
C VAL C 872 37.53 -25.30 23.01
N THR C 873 37.19 -24.02 23.11
CA THR C 873 36.20 -23.52 24.06
C THR C 873 34.90 -23.10 23.40
N SER C 874 34.69 -23.47 22.14
CA SER C 874 33.53 -23.05 21.38
C SER C 874 32.95 -24.22 20.63
N GLN C 875 31.70 -24.07 20.20
CA GLN C 875 31.07 -25.07 19.34
C GLN C 875 31.80 -25.18 18.00
N TYR C 876 32.35 -24.08 17.51
CA TYR C 876 33.07 -24.04 16.25
C TYR C 876 34.56 -24.11 16.53
N SER C 877 35.21 -25.14 16.02
CA SER C 877 36.62 -25.36 16.32
C SER C 877 37.53 -24.38 15.60
N TYR C 878 37.14 -23.94 14.41
CA TYR C 878 37.96 -23.02 13.62
C TYR C 878 37.77 -21.56 14.02
N ARG C 879 36.85 -21.27 14.92
CA ARG C 879 36.61 -19.90 15.35
C ARG C 879 37.72 -19.42 16.26
N SER C 880 38.27 -18.24 15.97
CA SER C 880 39.35 -17.69 16.77
C SER C 880 38.80 -17.06 18.05
N ALA C 881 39.70 -16.55 18.90
CA ALA C 881 39.28 -15.98 20.17
C ALA C 881 38.55 -14.65 19.96
N ILE C 882 39.06 -13.80 19.08
CA ILE C 882 38.43 -12.50 18.84
C ILE C 882 37.08 -12.67 18.16
N GLU C 883 36.92 -13.69 17.30
CA GLU C 883 35.62 -13.98 16.73
C GLU C 883 34.65 -14.48 17.79
N ASP C 884 35.16 -15.26 18.75
CA ASP C 884 34.32 -15.71 19.87
C ASP C 884 33.84 -14.52 20.69
N LEU C 885 34.74 -13.59 21.00
CA LEU C 885 34.33 -12.40 21.76
C LEU C 885 33.37 -11.53 20.96
N LEU C 886 33.55 -11.45 19.65
CA LEU C 886 32.63 -10.70 18.80
C LEU C 886 31.24 -11.31 18.81
N PHE C 887 31.15 -12.64 18.64
CA PHE C 887 29.86 -13.30 18.52
C PHE C 887 29.14 -13.42 19.85
N ASN C 888 29.88 -13.58 20.95
CA ASN C 888 29.23 -13.81 22.24
C ASN C 888 28.63 -12.54 22.83
N LYS C 889 29.12 -11.37 22.45
CA LYS C 889 28.65 -10.11 23.02
C LYS C 889 27.57 -9.44 22.18
N VAL C 890 27.06 -10.13 21.16
CA VAL C 890 25.90 -9.67 20.40
C VAL C 890 24.71 -10.51 20.80
N THR C 891 23.54 -9.88 20.88
CA THR C 891 22.31 -10.58 21.21
C THR C 891 21.58 -10.93 19.92
N ILE C 892 21.51 -12.23 19.62
CA ILE C 892 20.92 -12.75 18.39
C ILE C 892 20.03 -13.94 18.77
N ALA C 893 18.77 -13.90 18.36
CA ALA C 893 17.92 -15.07 18.51
C ALA C 893 18.43 -16.20 17.63
N ASP C 894 18.65 -17.35 18.23
CA ASP C 894 19.11 -18.51 17.47
C ASP C 894 17.96 -19.05 16.63
N PRO C 895 18.08 -19.10 15.31
CA PRO C 895 16.97 -19.57 14.48
C PRO C 895 16.70 -21.05 14.65
N GLY C 896 17.75 -21.85 14.54
CA GLY C 896 17.60 -23.29 14.68
C GLY C 896 17.36 -23.91 13.33
N TYR C 897 18.39 -24.50 12.75
CA TYR C 897 18.26 -25.10 11.44
C TYR C 897 18.10 -26.61 11.47
N MET C 898 18.51 -27.26 12.57
CA MET C 898 18.39 -28.70 12.67
C MET C 898 17.00 -29.10 13.18
N GLN C 899 16.63 -28.63 14.37
CA GLN C 899 15.39 -29.03 15.01
C GLN C 899 14.71 -27.83 15.66
N GLY C 900 14.64 -26.71 14.92
CA GLY C 900 13.99 -25.53 15.45
C GLY C 900 12.49 -25.72 15.66
N TYR C 901 11.84 -26.44 14.74
CA TYR C 901 10.42 -26.75 14.90
C TYR C 901 10.17 -27.60 16.14
N ASP C 902 11.00 -28.62 16.34
CA ASP C 902 10.87 -29.47 17.53
C ASP C 902 11.16 -28.69 18.81
N GLU C 903 12.18 -27.83 18.78
CA GLU C 903 12.49 -27.02 19.96
C GLU C 903 11.35 -26.06 20.28
N CYS C 904 10.72 -25.50 19.26
CA CYS C 904 9.56 -24.64 19.49
C CYS C 904 8.38 -25.42 20.03
N MET C 905 8.18 -26.66 19.56
CA MET C 905 7.04 -27.44 20.02
C MET C 905 7.25 -28.00 21.42
N LYS C 906 8.50 -28.22 21.83
CA LYS C 906 8.75 -28.75 23.17
C LYS C 906 8.39 -27.74 24.25
N GLN C 907 8.80 -26.48 24.06
CA GLN C 907 8.56 -25.44 25.04
C GLN C 907 8.22 -24.10 24.36
N ASP C 914 9.46 -16.32 20.40
CA ASP C 914 9.52 -15.04 19.69
C ASP C 914 9.25 -15.23 18.20
N LEU C 915 9.99 -14.49 17.37
CA LEU C 915 9.80 -14.59 15.92
C LEU C 915 10.31 -15.92 15.39
N ILE C 916 11.30 -16.52 16.05
CA ILE C 916 11.80 -17.83 15.64
C ILE C 916 10.71 -18.88 15.77
N CYS C 917 9.98 -18.87 16.89
CA CYS C 917 8.82 -19.73 17.03
C CYS C 917 7.65 -19.25 16.18
N ALA C 918 7.62 -17.98 15.81
CA ALA C 918 6.56 -17.44 14.97
C ALA C 918 6.77 -17.73 13.50
N GLN C 919 7.92 -18.30 13.12
CA GLN C 919 8.10 -18.77 11.74
C GLN C 919 7.01 -19.76 11.35
N PHE C 920 6.80 -20.77 12.18
CA PHE C 920 5.86 -21.84 11.87
C PHE C 920 4.42 -21.47 12.13
N VAL C 921 4.17 -20.32 12.74
CA VAL C 921 2.81 -19.83 12.95
C VAL C 921 2.40 -18.85 11.87
N ALA C 922 3.22 -17.82 11.63
CA ALA C 922 2.88 -16.80 10.65
C ALA C 922 2.90 -17.37 9.23
N GLY C 923 3.92 -18.16 8.89
CA GLY C 923 4.00 -18.73 7.58
C GLY C 923 5.24 -18.32 6.81
N TYR C 924 6.31 -17.98 7.52
CA TYR C 924 7.59 -17.67 6.91
C TYR C 924 8.67 -18.58 7.47
N LYS C 925 9.86 -18.50 6.89
CA LYS C 925 10.97 -19.30 7.35
C LYS C 925 12.28 -18.57 7.06
N VAL C 926 13.23 -18.73 7.98
CA VAL C 926 14.56 -18.16 7.81
C VAL C 926 15.46 -19.21 7.18
N LEU C 927 16.00 -18.91 6.01
CA LEU C 927 16.86 -19.85 5.32
C LEU C 927 18.26 -19.82 5.92
N PRO C 928 18.93 -20.98 6.02
CA PRO C 928 20.28 -21.00 6.56
C PRO C 928 21.25 -20.35 5.58
N PRO C 929 22.35 -19.80 6.07
CA PRO C 929 23.35 -19.21 5.18
C PRO C 929 24.05 -20.26 4.34
N LEU C 930 24.72 -19.79 3.29
CA LEU C 930 25.36 -20.68 2.33
C LEU C 930 26.46 -21.51 2.98
N TYR C 931 27.28 -20.90 3.81
CA TYR C 931 28.38 -21.56 4.49
C TYR C 931 28.10 -21.64 5.98
N ASP C 932 28.39 -22.80 6.56
CA ASP C 932 28.35 -22.92 8.01
C ASP C 932 29.48 -22.08 8.61
N PRO C 933 29.32 -21.62 9.86
CA PRO C 933 30.30 -20.67 10.43
C PRO C 933 31.73 -21.18 10.50
N ASN C 934 31.93 -22.50 10.53
CA ASN C 934 33.29 -23.04 10.54
C ASN C 934 34.03 -22.72 9.24
N MET C 935 33.32 -22.73 8.11
CA MET C 935 33.95 -22.41 6.83
C MET C 935 34.35 -20.93 6.76
N GLU C 936 33.47 -20.04 7.23
CA GLU C 936 33.80 -18.62 7.26
C GLU C 936 34.95 -18.35 8.21
N SER C 937 34.99 -19.06 9.35
CA SER C 937 36.13 -18.95 10.26
C SER C 937 37.40 -19.45 9.61
N MET C 938 37.30 -20.52 8.80
CA MET C 938 38.46 -21.01 8.06
C MET C 938 39.00 -19.93 7.14
N TYR C 939 38.11 -19.29 6.38
CA TYR C 939 38.54 -18.25 5.44
C TYR C 939 39.17 -17.08 6.17
N THR C 940 38.55 -16.60 7.25
CA THR C 940 39.05 -15.42 7.94
C THR C 940 40.34 -15.71 8.71
N THR C 941 40.51 -16.92 9.22
CA THR C 941 41.76 -17.26 9.89
C THR C 941 42.89 -17.50 8.90
N SER C 942 42.58 -18.06 7.73
CA SER C 942 43.61 -18.21 6.70
C SER C 942 43.99 -16.88 6.10
N LEU C 943 43.09 -15.89 6.15
CA LEU C 943 43.44 -14.56 5.67
C LEU C 943 44.52 -13.92 6.53
N THR C 944 44.46 -14.08 7.84
CA THR C 944 45.52 -13.60 8.71
C THR C 944 46.75 -14.49 8.55
N GLY C 945 47.93 -13.88 8.63
CA GLY C 945 49.15 -14.62 8.38
C GLY C 945 49.31 -15.07 6.94
N ALA C 946 48.85 -14.27 5.99
CA ALA C 946 49.09 -14.55 4.59
C ALA C 946 50.52 -14.17 4.21
N ILE C 947 51.07 -14.90 3.24
CA ILE C 947 52.48 -14.73 2.90
C ILE C 947 52.69 -13.47 2.07
N LEU C 948 51.96 -13.34 0.95
CA LEU C 948 52.01 -12.19 0.05
C LEU C 948 53.40 -11.93 -0.51
N GLY C 949 53.57 -10.81 -1.20
CA GLY C 949 54.86 -10.42 -1.72
C GLY C 949 55.63 -9.55 -0.74
N ALA C 950 56.87 -9.23 -1.11
CA ALA C 950 57.71 -8.40 -0.28
C ALA C 950 57.22 -6.94 -0.32
N ALA C 951 57.68 -6.16 0.67
CA ALA C 951 57.25 -4.78 0.77
C ALA C 951 57.81 -3.94 -0.37
N TRP C 952 59.05 -4.19 -0.78
CA TRP C 952 59.69 -3.41 -1.82
C TRP C 952 59.29 -3.83 -3.22
N THR C 953 58.63 -4.99 -3.37
CA THR C 953 58.20 -5.45 -4.68
C THR C 953 56.79 -4.95 -4.97
N ALA C 954 56.61 -4.36 -6.14
CA ALA C 954 55.33 -3.78 -6.53
C ALA C 954 54.42 -4.87 -7.07
N GLY C 955 53.40 -5.24 -6.29
CA GLY C 955 52.41 -6.21 -6.71
C GLY C 955 52.44 -7.45 -5.85
N ALA C 956 51.56 -8.39 -6.22
CA ALA C 956 51.41 -9.66 -5.52
C ALA C 956 51.47 -10.78 -6.56
N SER C 957 52.69 -11.19 -6.90
CA SER C 957 52.92 -12.35 -7.76
C SER C 957 53.91 -13.34 -7.19
N SER C 958 54.69 -12.96 -6.18
CA SER C 958 55.63 -13.84 -5.51
C SER C 958 55.19 -14.03 -4.06
N PHE C 959 55.62 -15.13 -3.47
CA PHE C 959 55.26 -15.49 -2.11
C PHE C 959 56.54 -15.49 -1.26
N ALA C 960 56.82 -14.35 -0.63
CA ALA C 960 58.02 -14.20 0.18
C ALA C 960 57.71 -14.62 1.62
N ALA C 961 58.28 -15.75 2.04
CA ALA C 961 58.07 -16.28 3.38
C ALA C 961 58.90 -15.45 4.35
N ILE C 962 58.32 -14.37 4.82
CA ILE C 962 58.99 -13.41 5.70
C ILE C 962 58.25 -13.42 7.04
N PRO C 963 58.96 -13.51 8.16
CA PRO C 963 58.28 -13.57 9.46
C PRO C 963 57.52 -12.28 9.77
N PHE C 964 56.60 -12.40 10.73
CA PHE C 964 55.73 -11.27 11.07
C PHE C 964 56.51 -10.09 11.63
N ALA C 965 57.59 -10.37 12.38
CA ALA C 965 58.39 -9.29 12.94
C ALA C 965 59.05 -8.47 11.84
N GLN C 966 59.64 -9.14 10.84
CA GLN C 966 60.25 -8.43 9.72
C GLN C 966 59.21 -7.73 8.86
N SER C 967 58.03 -8.34 8.72
CA SER C 967 56.96 -7.70 7.97
C SER C 967 56.52 -6.40 8.63
N VAL C 968 56.36 -6.42 9.95
CA VAL C 968 56.01 -5.20 10.68
C VAL C 968 57.14 -4.18 10.59
N PHE C 969 58.39 -4.65 10.67
CA PHE C 969 59.55 -3.79 10.50
C PHE C 969 59.49 -3.03 9.18
N TYR C 970 59.19 -3.73 8.10
CA TYR C 970 59.09 -3.07 6.80
C TYR C 970 57.84 -2.20 6.70
N ARG C 971 56.74 -2.58 7.37
CA ARG C 971 55.53 -1.76 7.35
C ARG C 971 55.78 -0.40 7.98
N MET C 972 56.47 -0.36 9.12
CA MET C 972 56.79 0.93 9.71
C MET C 972 58.01 1.59 9.07
N ASN C 973 58.81 0.84 8.32
CA ASN C 973 59.85 1.48 7.52
C ASN C 973 59.26 2.25 6.35
N GLY C 974 58.16 1.74 5.78
CA GLY C 974 57.56 2.37 4.62
C GLY C 974 56.78 3.64 4.88
N ILE C 975 56.55 3.99 6.15
CA ILE C 975 55.78 5.19 6.48
C ILE C 975 56.67 6.37 6.85
N GLY C 976 57.97 6.18 7.02
CA GLY C 976 58.86 7.29 7.29
C GLY C 976 59.65 7.18 8.58
N ILE C 977 59.84 5.95 9.06
CA ILE C 977 60.70 5.67 10.21
C ILE C 977 61.97 5.03 9.69
N THR C 978 63.12 5.60 10.04
CA THR C 978 64.39 5.04 9.60
C THR C 978 64.66 3.72 10.31
N GLN C 979 65.55 2.93 9.70
CA GLN C 979 65.83 1.60 10.24
C GLN C 979 66.59 1.65 11.55
N GLN C 980 67.30 2.74 11.83
CA GLN C 980 68.01 2.87 13.10
C GLN C 980 67.03 2.93 14.28
N VAL C 981 65.95 3.69 14.11
CA VAL C 981 64.92 3.76 15.14
C VAL C 981 64.26 2.40 15.34
N LEU C 982 63.97 1.72 14.23
CA LEU C 982 63.32 0.41 14.31
C LEU C 982 64.22 -0.62 14.98
N SER C 983 65.53 -0.59 14.68
CA SER C 983 66.46 -1.51 15.30
C SER C 983 66.68 -1.19 16.77
N GLU C 984 66.65 0.10 17.14
CA GLU C 984 66.88 0.48 18.52
C GLU C 984 65.64 0.38 19.40
N ASN C 985 64.46 0.12 18.84
CA ASN C 985 63.22 0.09 19.59
C ASN C 985 62.39 -1.14 19.25
N GLN C 986 63.02 -2.29 19.10
CA GLN C 986 62.29 -3.51 18.74
C GLN C 986 61.36 -3.94 19.87
N LYS C 987 61.90 -4.05 21.09
CA LYS C 987 61.13 -4.51 22.24
C LYS C 987 60.01 -3.54 22.60
N GLN C 988 60.23 -2.24 22.42
CA GLN C 988 59.20 -1.25 22.74
C GLN C 988 58.09 -1.26 21.70
N ILE C 989 58.45 -1.39 20.42
CA ILE C 989 57.46 -1.53 19.35
C ILE C 989 56.61 -2.77 19.60
N ALA C 990 57.23 -3.89 19.96
CA ALA C 990 56.48 -5.10 20.24
C ALA C 990 55.57 -4.93 21.45
N ASN C 991 56.04 -4.24 22.49
CA ASN C 991 55.22 -3.98 23.66
C ASN C 991 54.01 -3.13 23.31
N LYS C 992 54.20 -2.09 22.49
CA LYS C 992 53.10 -1.21 22.12
C LYS C 992 52.09 -1.93 21.23
N PHE C 993 52.57 -2.79 20.33
CA PHE C 993 51.67 -3.61 19.52
C PHE C 993 50.84 -4.55 20.40
N ASN C 994 51.49 -5.19 21.37
CA ASN C 994 50.78 -6.09 22.28
C ASN C 994 49.76 -5.32 23.12
N GLN C 995 50.11 -4.11 23.57
CA GLN C 995 49.18 -3.30 24.33
C GLN C 995 47.97 -2.89 23.48
N ALA C 996 48.21 -2.53 22.22
CA ALA C 996 47.10 -2.20 21.32
C ALA C 996 46.17 -3.38 21.13
N LEU C 997 46.73 -4.57 20.91
CA LEU C 997 45.89 -5.76 20.74
C LEU C 997 45.13 -6.10 22.02
N GLY C 998 45.79 -5.97 23.18
CA GLY C 998 45.11 -6.24 24.44
C GLY C 998 43.99 -5.27 24.73
N ALA C 999 44.18 -3.99 24.42
CA ALA C 999 43.10 -3.02 24.55
C ALA C 999 41.98 -3.31 23.54
N MET C 1000 42.32 -3.83 22.36
CA MET C 1000 41.31 -4.25 21.41
C MET C 1000 40.50 -5.41 21.95
N GLN C 1001 41.12 -6.30 22.74
CA GLN C 1001 40.39 -7.40 23.36
C GLN C 1001 39.32 -6.91 24.32
N THR C 1002 39.64 -5.91 25.13
CA THR C 1002 38.73 -5.42 26.17
C THR C 1002 37.70 -4.43 25.65
N GLY C 1003 37.54 -4.31 24.33
CA GLY C 1003 36.54 -3.43 23.76
C GLY C 1003 35.17 -4.07 23.72
N PHE C 1004 34.44 -3.82 22.63
CA PHE C 1004 33.08 -4.34 22.42
C PHE C 1004 32.14 -3.93 23.55
N THR C 1005 32.28 -2.69 24.01
CA THR C 1005 31.41 -2.12 25.02
C THR C 1005 30.30 -1.31 24.34
N THR C 1006 29.52 -0.59 25.16
CA THR C 1006 28.43 0.21 24.61
C THR C 1006 28.94 1.42 23.86
N THR C 1007 30.06 2.00 24.29
CA THR C 1007 30.61 3.18 23.64
C THR C 1007 31.24 2.87 22.29
N ASN C 1008 31.51 1.60 22.00
CA ASN C 1008 32.05 1.22 20.70
C ASN C 1008 31.01 1.43 19.61
N LEU C 1009 31.44 2.01 18.49
CA LEU C 1009 30.52 2.39 17.43
C LEU C 1009 30.36 1.31 16.36
N ALA C 1010 31.45 0.62 16.00
CA ALA C 1010 31.33 -0.47 15.05
C ALA C 1010 30.55 -1.64 15.63
N PHE C 1011 30.70 -1.90 16.94
CA PHE C 1011 29.86 -2.88 17.59
C PHE C 1011 28.39 -2.46 17.57
N ALA C 1012 28.14 -1.16 17.68
CA ALA C 1012 26.78 -0.65 17.51
C ALA C 1012 26.27 -0.88 16.10
N LYS C 1013 27.15 -0.80 15.10
CA LYS C 1013 26.76 -1.13 13.73
C LYS C 1013 26.38 -2.61 13.60
N VAL C 1014 27.15 -3.48 14.24
CA VAL C 1014 26.83 -4.92 14.23
C VAL C 1014 25.46 -5.17 14.84
N GLN C 1015 25.21 -4.57 16.01
CA GLN C 1015 23.92 -4.72 16.66
C GLN C 1015 22.81 -4.07 15.84
N GLU C 1016 23.12 -3.02 15.10
CA GLU C 1016 22.12 -2.39 14.24
C GLU C 1016 21.72 -3.28 13.08
N ALA C 1017 22.68 -4.00 12.50
CA ALA C 1017 22.34 -4.96 11.45
C ALA C 1017 21.47 -6.10 11.99
N VAL C 1018 21.83 -6.62 13.18
CA VAL C 1018 21.02 -7.65 13.81
C VAL C 1018 19.61 -7.13 14.11
N ASN C 1019 19.52 -5.90 14.59
CA ASN C 1019 18.23 -5.29 14.89
C ASN C 1019 17.41 -5.05 13.64
N ALA C 1020 18.07 -4.73 12.52
CA ALA C 1020 17.34 -4.55 11.26
C ALA C 1020 16.72 -5.85 10.79
N ASN C 1021 17.47 -6.96 10.88
CA ASN C 1021 16.91 -8.26 10.55
C ASN C 1021 15.73 -8.60 11.46
N ALA C 1022 15.90 -8.36 12.76
CA ALA C 1022 14.84 -8.66 13.72
C ALA C 1022 13.61 -7.78 13.48
N GLN C 1023 13.83 -6.53 13.06
CA GLN C 1023 12.71 -5.63 12.81
C GLN C 1023 11.95 -6.05 11.56
N ALA C 1024 12.65 -6.53 10.54
CA ALA C 1024 11.96 -7.06 9.36
C ALA C 1024 11.09 -8.26 9.74
N LEU C 1025 11.64 -9.18 10.53
CA LEU C 1025 10.85 -10.33 10.96
C LEU C 1025 9.67 -9.91 11.84
N SER C 1026 9.90 -8.94 12.73
CA SER C 1026 8.83 -8.46 13.62
C SER C 1026 7.72 -7.79 12.84
N LYS C 1027 8.06 -6.99 11.83
CA LYS C 1027 7.04 -6.37 11.00
C LYS C 1027 6.23 -7.42 10.24
N LEU C 1028 6.91 -8.43 9.70
CA LEU C 1028 6.21 -9.50 9.00
C LEU C 1028 5.28 -10.26 9.93
N ALA C 1029 5.71 -10.50 11.16
CA ALA C 1029 4.86 -11.25 12.11
C ALA C 1029 3.70 -10.41 12.62
N SER C 1030 3.94 -9.12 12.86
CA SER C 1030 2.94 -8.26 13.48
C SER C 1030 1.96 -7.66 12.48
N GLU C 1031 2.22 -7.76 11.18
CA GLU C 1031 1.21 -7.33 10.23
C GLU C 1031 0.00 -8.26 10.18
N LEU C 1032 0.06 -9.42 10.82
CA LEU C 1032 -1.05 -10.37 10.83
C LEU C 1032 -2.13 -10.00 11.84
N SER C 1033 -1.87 -9.10 12.77
CA SER C 1033 -2.87 -8.67 13.74
C SER C 1033 -3.68 -7.47 13.26
N ASN C 1034 -3.43 -7.00 12.05
CA ASN C 1034 -4.16 -5.86 11.49
C ASN C 1034 -5.54 -6.32 11.03
N THR C 1035 -6.58 -5.70 11.58
CA THR C 1035 -7.95 -6.04 11.18
C THR C 1035 -8.29 -5.49 9.80
N PHE C 1036 -7.63 -4.41 9.38
CA PHE C 1036 -7.85 -3.72 8.10
C PHE C 1036 -9.27 -3.20 7.97
N GLY C 1037 -9.98 -3.02 9.08
CA GLY C 1037 -11.37 -2.61 9.07
C GLY C 1037 -12.37 -3.72 9.31
N ALA C 1038 -11.92 -4.97 9.45
CA ALA C 1038 -12.82 -6.08 9.73
C ALA C 1038 -13.15 -6.14 11.21
N ILE C 1039 -14.12 -7.01 11.55
CA ILE C 1039 -14.51 -7.15 12.95
C ILE C 1039 -13.45 -7.89 13.76
N SER C 1040 -12.60 -8.68 13.10
CA SER C 1040 -11.53 -9.39 13.78
C SER C 1040 -10.39 -9.61 12.80
N SER C 1041 -9.18 -9.75 13.35
CA SER C 1041 -7.99 -10.07 12.57
C SER C 1041 -7.80 -11.56 12.36
N SER C 1042 -8.71 -12.39 12.89
CA SER C 1042 -8.64 -13.82 12.73
C SER C 1042 -9.83 -14.31 11.92
N ILE C 1043 -9.58 -15.31 11.07
CA ILE C 1043 -10.62 -15.82 10.18
C ILE C 1043 -11.69 -16.58 10.96
N SER C 1044 -11.29 -17.26 12.04
CA SER C 1044 -12.24 -18.11 12.77
C SER C 1044 -13.37 -17.30 13.41
N ASP C 1045 -13.04 -16.14 13.98
CA ASP C 1045 -14.08 -15.29 14.56
C ASP C 1045 -15.04 -14.76 13.49
N ILE C 1046 -14.51 -14.37 12.32
CA ILE C 1046 -15.37 -13.94 11.23
C ILE C 1046 -16.29 -15.08 10.79
N LEU C 1047 -15.74 -16.30 10.72
CA LEU C 1047 -16.53 -17.45 10.32
C LEU C 1047 -17.63 -17.76 11.33
N LYS C 1048 -17.34 -17.62 12.61
CA LYS C 1048 -18.31 -17.94 13.64
C LYS C 1048 -19.18 -16.76 14.07
N ARG C 1049 -19.00 -15.59 13.47
CA ARG C 1049 -19.77 -14.42 13.85
C ARG C 1049 -20.71 -13.88 12.79
N LEU C 1050 -20.51 -14.22 11.52
CA LEU C 1050 -21.25 -13.59 10.43
C LEU C 1050 -21.84 -14.65 9.51
N ASP C 1051 -22.72 -14.20 8.62
CA ASP C 1051 -23.31 -15.05 7.60
C ASP C 1051 -22.36 -15.12 6.39
N ALA C 1052 -22.81 -15.75 5.31
CA ALA C 1052 -21.91 -16.11 4.21
C ALA C 1052 -21.36 -14.88 3.49
N VAL C 1053 -22.24 -13.97 3.09
CA VAL C 1053 -21.81 -12.83 2.27
C VAL C 1053 -20.91 -11.89 3.06
N GLU C 1054 -21.27 -11.62 4.32
CA GLU C 1054 -20.42 -10.80 5.16
C GLU C 1054 -19.08 -11.48 5.43
N GLN C 1055 -19.07 -12.81 5.57
CA GLN C 1055 -17.81 -13.53 5.69
C GLN C 1055 -16.95 -13.32 4.47
N GLU C 1056 -17.54 -13.41 3.27
CA GLU C 1056 -16.78 -13.16 2.05
C GLU C 1056 -16.19 -11.76 2.04
N ALA C 1057 -16.99 -10.76 2.43
CA ALA C 1057 -16.52 -9.38 2.42
C ALA C 1057 -15.35 -9.17 3.38
N GLN C 1058 -15.50 -9.63 4.63
CA GLN C 1058 -14.45 -9.41 5.62
C GLN C 1058 -13.18 -10.19 5.31
N ILE C 1059 -13.34 -11.43 4.83
CA ILE C 1059 -12.16 -12.23 4.49
C ILE C 1059 -11.44 -11.64 3.29
N ASP C 1060 -12.19 -11.11 2.31
CA ASP C 1060 -11.56 -10.45 1.17
C ASP C 1060 -10.81 -9.19 1.61
N ARG C 1061 -11.37 -8.47 2.59
CA ARG C 1061 -10.68 -7.32 3.15
C ARG C 1061 -9.35 -7.72 3.78
N LEU C 1062 -9.37 -8.79 4.57
CA LEU C 1062 -8.13 -9.29 5.19
C LEU C 1062 -7.14 -9.76 4.13
N ILE C 1063 -7.64 -10.41 3.07
CA ILE C 1063 -6.78 -10.92 2.01
C ILE C 1063 -6.07 -9.77 1.30
N ASN C 1064 -6.82 -8.71 0.98
CA ASN C 1064 -6.22 -7.57 0.30
C ASN C 1064 -5.18 -6.87 1.18
N GLY C 1065 -5.50 -6.70 2.47
CA GLY C 1065 -4.54 -6.09 3.37
C GLY C 1065 -3.26 -6.88 3.50
N ARG C 1066 -3.37 -8.20 3.64
CA ARG C 1066 -2.19 -9.03 3.80
C ARG C 1066 -1.38 -9.13 2.53
N LEU C 1067 -2.04 -9.13 1.36
CA LEU C 1067 -1.31 -9.14 0.10
C LEU C 1067 -0.52 -7.84 -0.09
N THR C 1068 -1.12 -6.70 0.25
CA THR C 1068 -0.39 -5.44 0.16
C THR C 1068 0.80 -5.42 1.13
N SER C 1069 0.60 -5.95 2.34
CA SER C 1069 1.69 -6.04 3.31
C SER C 1069 2.83 -6.91 2.79
N LEU C 1070 2.49 -8.05 2.16
CA LEU C 1070 3.51 -8.93 1.62
C LEU C 1070 4.26 -8.27 0.46
N ASN C 1071 3.56 -7.51 -0.37
CA ASN C 1071 4.23 -6.79 -1.45
C ASN C 1071 5.22 -5.77 -0.91
N ALA C 1072 4.81 -5.03 0.13
CA ALA C 1072 5.73 -4.08 0.76
C ALA C 1072 6.94 -4.77 1.36
N PHE C 1073 6.73 -5.92 1.99
CA PHE C 1073 7.84 -6.69 2.56
C PHE C 1073 8.81 -7.15 1.47
N VAL C 1074 8.27 -7.60 0.33
CA VAL C 1074 9.13 -8.06 -0.76
C VAL C 1074 9.97 -6.91 -1.31
N ALA C 1075 9.36 -5.73 -1.47
CA ALA C 1075 10.11 -4.57 -1.94
C ALA C 1075 11.23 -4.19 -0.96
N GLN C 1076 10.92 -4.21 0.34
CA GLN C 1076 11.94 -3.90 1.35
C GLN C 1076 13.08 -4.91 1.32
N GLN C 1077 12.75 -6.20 1.15
CA GLN C 1077 13.79 -7.23 1.10
C GLN C 1077 14.68 -7.05 -0.13
N LEU C 1078 14.09 -6.69 -1.28
CA LEU C 1078 14.88 -6.45 -2.46
C LEU C 1078 15.85 -5.29 -2.26
N VAL C 1079 15.37 -4.19 -1.66
CA VAL C 1079 16.24 -3.05 -1.39
C VAL C 1079 17.39 -3.45 -0.48
N ARG C 1080 17.08 -4.18 0.60
CA ARG C 1080 18.10 -4.58 1.56
C ARG C 1080 19.12 -5.52 0.92
N SER C 1081 18.66 -6.43 0.05
CA SER C 1081 19.57 -7.38 -0.59
C SER C 1081 20.55 -6.68 -1.53
N GLU C 1082 20.05 -5.74 -2.35
CA GLU C 1082 20.96 -4.99 -3.21
C GLU C 1082 21.95 -4.14 -2.41
N THR C 1083 21.48 -3.52 -1.31
CA THR C 1083 22.39 -2.77 -0.46
C THR C 1083 23.47 -3.66 0.14
N ALA C 1084 23.09 -4.86 0.60
CA ALA C 1084 24.06 -5.78 1.18
C ALA C 1084 25.04 -6.29 0.14
N ALA C 1085 24.60 -6.47 -1.11
CA ALA C 1085 25.53 -6.88 -2.17
C ALA C 1085 26.56 -5.79 -2.45
N ARG C 1086 26.12 -4.53 -2.52
CA ARG C 1086 27.07 -3.43 -2.72
C ARG C 1086 28.05 -3.34 -1.56
N SER C 1087 27.56 -3.49 -0.34
CA SER C 1087 28.46 -3.48 0.82
C SER C 1087 29.40 -4.69 0.82
N SER C 1088 28.95 -5.82 0.26
CA SER C 1088 29.82 -6.98 0.11
C SER C 1088 30.99 -6.67 -0.82
N GLN C 1089 30.71 -5.98 -1.92
CA GLN C 1089 31.79 -5.60 -2.83
C GLN C 1089 32.73 -4.59 -2.17
N LEU C 1090 32.19 -3.68 -1.36
CA LEU C 1090 33.05 -2.76 -0.61
C LEU C 1090 33.92 -3.49 0.39
N ALA C 1091 33.39 -4.54 1.03
CA ALA C 1091 34.18 -5.34 1.95
C ALA C 1091 35.30 -6.08 1.22
N VAL C 1092 35.01 -6.57 0.01
CA VAL C 1092 36.04 -7.21 -0.80
C VAL C 1092 37.16 -6.23 -1.11
N ASP C 1093 36.80 -5.01 -1.52
CA ASP C 1093 37.79 -4.00 -1.82
C ASP C 1093 38.63 -3.65 -0.59
N LYS C 1094 37.98 -3.53 0.57
CA LYS C 1094 38.70 -3.18 1.78
C LYS C 1094 39.65 -4.31 2.21
N VAL C 1095 39.24 -5.56 2.04
CA VAL C 1095 40.14 -6.67 2.33
C VAL C 1095 41.36 -6.62 1.41
N ASN C 1096 41.12 -6.45 0.10
CA ASN C 1096 42.21 -6.44 -0.86
C ASN C 1096 43.16 -5.26 -0.64
N GLU C 1097 42.66 -4.16 -0.09
CA GLU C 1097 43.50 -2.99 0.11
C GLU C 1097 44.23 -3.00 1.46
N CYS C 1098 43.54 -3.36 2.54
CA CYS C 1098 44.11 -3.23 3.88
C CYS C 1098 44.66 -4.52 4.45
N VAL C 1099 44.05 -5.67 4.17
CA VAL C 1099 44.49 -6.91 4.80
C VAL C 1099 45.63 -7.55 4.02
N LYS C 1100 45.54 -7.59 2.70
CA LYS C 1100 46.54 -8.23 1.86
C LYS C 1100 47.60 -7.26 1.36
N SER C 1101 47.57 -6.00 1.80
CA SER C 1101 48.58 -5.02 1.42
C SER C 1101 48.56 -3.90 2.45
N GLN C 1102 49.47 -2.94 2.28
CA GLN C 1102 49.52 -1.74 3.12
C GLN C 1102 49.09 -0.55 2.27
N SER C 1103 48.01 0.11 2.68
CA SER C 1103 47.48 1.24 1.93
C SER C 1103 48.35 2.48 2.16
N LYS C 1104 48.70 3.16 1.07
CA LYS C 1104 49.50 4.36 1.14
C LYS C 1104 48.66 5.63 1.17
N ARG C 1105 47.35 5.51 1.03
CA ARG C 1105 46.45 6.66 1.10
C ARG C 1105 45.87 6.73 2.51
N ASN C 1106 46.14 7.82 3.20
CA ASN C 1106 45.73 7.95 4.60
C ASN C 1106 44.24 8.17 4.70
N GLY C 1107 43.66 7.63 5.78
CA GLY C 1107 42.26 7.80 6.08
C GLY C 1107 41.34 6.74 5.52
N PHE C 1108 41.84 5.86 4.65
CA PHE C 1108 40.98 4.83 4.08
C PHE C 1108 40.82 3.66 5.04
N CYS C 1109 41.92 2.98 5.37
CA CYS C 1109 41.84 1.86 6.28
C CYS C 1109 41.55 2.32 7.70
N GLY C 1110 42.48 3.07 8.30
CA GLY C 1110 42.31 3.57 9.65
C GLY C 1110 42.55 5.06 9.70
N SER C 1111 43.20 5.48 10.78
CA SER C 1111 43.56 6.88 11.00
C SER C 1111 45.08 7.01 11.02
N GLY C 1112 45.60 7.96 10.26
CA GLY C 1112 47.04 8.16 10.19
C GLY C 1112 47.73 7.21 9.24
N ASN C 1113 48.89 6.71 9.65
CA ASN C 1113 49.69 5.83 8.80
C ASN C 1113 49.29 4.38 9.08
N HIS C 1114 48.72 3.72 8.07
CA HIS C 1114 48.29 2.33 8.21
C HIS C 1114 49.50 1.41 8.26
N ILE C 1115 49.50 0.48 9.21
CA ILE C 1115 50.58 -0.48 9.37
C ILE C 1115 50.15 -1.88 8.96
N VAL C 1116 49.14 -2.44 9.63
CA VAL C 1116 48.66 -3.79 9.34
C VAL C 1116 47.20 -3.87 9.79
N SER C 1117 46.43 -4.69 9.10
CA SER C 1117 45.01 -4.86 9.39
C SER C 1117 44.69 -6.34 9.52
N PHE C 1118 43.72 -6.64 10.38
CA PHE C 1118 43.22 -7.99 10.58
C PHE C 1118 41.71 -7.99 10.45
N VAL C 1119 41.17 -9.02 9.79
CA VAL C 1119 39.74 -9.13 9.53
C VAL C 1119 39.24 -10.40 10.22
N SER C 1120 38.15 -10.27 10.96
CA SER C 1120 37.52 -11.38 11.63
C SER C 1120 36.06 -11.47 11.22
N ASN C 1121 35.50 -12.67 11.35
CA ASN C 1121 34.12 -12.89 10.98
C ASN C 1121 33.18 -12.16 11.94
N ALA C 1122 32.08 -11.67 11.38
CA ALA C 1122 31.04 -10.95 12.11
C ALA C 1122 29.71 -11.61 11.82
N PRO C 1123 28.71 -11.40 12.69
CA PRO C 1123 27.41 -12.08 12.49
C PRO C 1123 26.75 -11.80 11.14
N ASN C 1124 26.87 -10.59 10.59
CA ASN C 1124 26.26 -10.27 9.31
C ASN C 1124 27.28 -9.75 8.31
N GLY C 1125 28.57 -9.93 8.57
CA GLY C 1125 29.58 -9.44 7.66
C GLY C 1125 31.00 -9.65 8.15
N LEU C 1126 31.85 -8.65 7.96
CA LEU C 1126 33.26 -8.73 8.31
C LEU C 1126 33.62 -7.59 9.24
N TYR C 1127 34.47 -7.89 10.22
CA TYR C 1127 34.92 -6.92 11.20
C TYR C 1127 36.41 -6.73 11.05
N PHE C 1128 36.83 -5.47 10.91
CA PHE C 1128 38.22 -5.13 10.61
C PHE C 1128 38.87 -4.49 11.83
N PHE C 1129 40.17 -4.75 11.97
CA PHE C 1129 41.00 -4.14 13.02
C PHE C 1129 42.16 -3.46 12.32
N HIS C 1130 42.03 -2.15 12.10
CA HIS C 1130 43.06 -1.38 11.41
C HIS C 1130 44.04 -0.85 12.44
N VAL C 1131 45.23 -1.45 12.50
CA VAL C 1131 46.29 -0.97 13.38
C VAL C 1131 47.07 0.11 12.66
N GLY C 1132 47.11 1.31 13.23
CA GLY C 1132 47.78 2.44 12.63
C GLY C 1132 48.87 2.99 13.53
N TYR C 1133 49.60 3.95 12.98
CA TYR C 1133 50.69 4.63 13.68
C TYR C 1133 50.15 5.95 14.22
N VAL C 1134 50.09 6.06 15.55
CA VAL C 1134 49.54 7.23 16.22
C VAL C 1134 50.66 7.91 16.99
N PRO C 1135 51.18 9.03 16.48
CA PRO C 1135 52.15 9.81 17.26
C PRO C 1135 51.49 10.47 18.45
N THR C 1136 52.29 10.66 19.50
CA THR C 1136 51.79 11.27 20.74
C THR C 1136 52.49 12.56 21.11
N ALA C 1137 53.80 12.66 20.88
CA ALA C 1137 54.57 13.85 21.23
C ALA C 1137 55.29 14.37 20.01
N HIS C 1138 55.17 15.68 19.77
CA HIS C 1138 55.80 16.35 18.63
C HIS C 1138 56.72 17.45 19.13
N ILE C 1139 57.86 17.60 18.48
CA ILE C 1139 58.76 18.72 18.73
C ILE C 1139 58.91 19.51 17.44
N ASN C 1140 59.24 20.79 17.59
CA ASN C 1140 59.39 21.68 16.43
C ASN C 1140 60.86 21.71 16.03
N ALA C 1141 61.13 21.42 14.77
CA ALA C 1141 62.50 21.38 14.26
C ALA C 1141 62.60 22.28 13.03
N THR C 1142 63.74 22.95 12.89
CA THR C 1142 64.00 23.79 11.74
C THR C 1142 64.45 22.92 10.57
N ALA C 1143 63.73 23.00 9.47
CA ALA C 1143 63.98 22.15 8.31
C ALA C 1143 64.23 23.00 7.07
N ALA C 1144 64.96 22.41 6.12
CA ALA C 1144 65.29 23.07 4.86
C ALA C 1144 64.74 22.26 3.70
N TYR C 1145 64.50 22.94 2.59
CA TYR C 1145 64.02 22.26 1.39
C TYR C 1145 65.14 21.45 0.74
N GLY C 1146 66.36 21.96 0.76
CA GLY C 1146 67.48 21.26 0.15
C GLY C 1146 68.77 22.01 0.42
N LEU C 1147 69.87 21.36 0.04
CA LEU C 1147 71.21 21.88 0.27
C LEU C 1147 72.01 21.85 -1.01
N CYS C 1148 72.80 22.89 -1.25
CA CYS C 1148 73.64 22.99 -2.44
C CYS C 1148 75.05 23.40 -2.04
N ASN C 1149 76.01 23.08 -2.89
CA ASN C 1149 77.42 23.37 -2.66
C ASN C 1149 77.87 24.58 -3.46
N THR C 1150 79.08 25.06 -3.14
CA THR C 1150 79.65 26.24 -3.79
C THR C 1150 80.64 25.79 -4.87
N GLU C 1151 80.06 25.31 -5.96
CA GLU C 1151 80.82 24.84 -7.11
C GLU C 1151 80.15 25.41 -8.36
N LEU C 1152 80.90 25.53 -9.46
CA LEU C 1152 80.38 26.17 -10.69
C LEU C 1152 79.20 25.41 -11.29
N PRO C 1153 79.25 24.09 -11.26
CA PRO C 1153 78.03 23.41 -11.69
C PRO C 1153 77.34 22.86 -10.43
N PRO C 1154 76.74 23.72 -9.59
CA PRO C 1154 76.18 23.30 -8.29
C PRO C 1154 75.52 21.93 -8.28
N ARG C 1155 75.68 21.20 -7.17
CA ARG C 1155 74.98 19.94 -6.94
C ARG C 1155 74.06 20.13 -5.74
N CYS C 1156 72.78 19.82 -5.92
CA CYS C 1156 71.78 20.02 -4.88
C CYS C 1156 71.11 18.69 -4.56
N ILE C 1157 70.87 18.46 -3.27
CA ILE C 1157 70.30 17.22 -2.78
C ILE C 1157 68.97 17.51 -2.10
N ALA C 1158 68.07 16.55 -2.16
CA ALA C 1158 66.78 16.63 -1.50
C ALA C 1158 66.54 15.37 -0.69
N PRO C 1159 65.86 15.47 0.45
CA PRO C 1159 65.62 14.28 1.28
C PRO C 1159 64.61 13.35 0.64
N ILE C 1160 64.71 12.07 1.00
CA ILE C 1160 63.78 11.04 0.56
C ILE C 1160 63.03 10.56 1.79
N ASP C 1161 61.71 10.80 1.82
CA ASP C 1161 60.83 10.40 2.92
C ASP C 1161 61.33 10.93 4.26
N GLY C 1162 61.80 12.16 4.27
CA GLY C 1162 62.34 12.74 5.48
C GLY C 1162 62.61 14.21 5.30
N TYR C 1163 63.29 14.78 6.30
CA TYR C 1163 63.60 16.20 6.31
C TYR C 1163 65.07 16.42 6.60
N PHE C 1164 65.56 17.58 6.18
CA PHE C 1164 66.91 18.04 6.50
C PHE C 1164 66.78 18.98 7.70
N VAL C 1165 67.09 18.46 8.89
CA VAL C 1165 66.90 19.21 10.12
C VAL C 1165 68.25 19.75 10.61
N THR C 1166 68.20 20.63 11.60
CA THR C 1166 69.39 21.22 12.17
C THR C 1166 69.10 21.63 13.61
N ASN C 1167 70.16 22.06 14.30
CA ASN C 1167 70.10 22.55 15.68
C ASN C 1167 69.49 21.52 16.64
N PRO C 1176 75.83 26.25 10.26
CA PRO C 1176 74.94 25.23 10.84
C PRO C 1176 75.17 23.85 10.25
N GLU C 1177 75.10 22.82 11.10
CA GLU C 1177 75.26 21.44 10.67
C GLU C 1177 73.88 20.84 10.42
N TRP C 1178 73.71 20.21 9.25
CA TRP C 1178 72.43 19.67 8.83
C TRP C 1178 72.43 18.16 8.98
N TYR C 1179 71.33 17.62 9.49
CA TYR C 1179 71.14 16.19 9.66
C TYR C 1179 69.85 15.76 8.97
N TYR C 1180 69.74 14.45 8.74
CA TYR C 1180 68.56 13.85 8.15
C TYR C 1180 67.76 13.14 9.23
N THR C 1181 66.43 13.24 9.15
CA THR C 1181 65.55 12.54 10.07
C THR C 1181 64.39 11.95 9.28
N GLY C 1182 63.78 10.92 9.85
CA GLY C 1182 62.58 10.37 9.26
C GLY C 1182 61.38 11.28 9.45
N SER C 1183 60.39 11.11 8.58
CA SER C 1183 59.20 11.95 8.67
C SER C 1183 58.25 11.52 9.78
N ALA C 1184 58.36 10.28 10.27
CA ALA C 1184 57.46 9.77 11.30
C ALA C 1184 58.13 9.61 12.65
N PHE C 1185 59.41 9.92 12.78
CA PHE C 1185 60.10 9.86 14.05
C PHE C 1185 61.32 10.78 13.98
N TYR C 1186 61.57 11.51 15.06
CA TYR C 1186 62.68 12.45 15.12
C TYR C 1186 63.93 11.71 15.55
N ASN C 1187 64.90 11.63 14.65
CA ASN C 1187 66.22 11.06 14.93
C ASN C 1187 67.23 11.64 13.96
N PRO C 1188 68.03 12.63 14.41
CA PRO C 1188 69.03 13.22 13.52
C PRO C 1188 70.11 12.21 13.14
N GLU C 1189 70.34 12.07 11.84
CA GLU C 1189 71.27 11.12 11.27
C GLU C 1189 72.17 11.81 10.27
N PRO C 1190 73.37 11.27 10.03
CA PRO C 1190 74.26 11.87 9.01
C PRO C 1190 73.63 11.81 7.63
N ILE C 1191 73.88 12.85 6.84
CA ILE C 1191 73.34 12.97 5.49
C ILE C 1191 74.24 12.18 4.55
N THR C 1192 73.74 11.06 4.05
CA THR C 1192 74.47 10.19 3.15
C THR C 1192 73.76 10.12 1.80
N LEU C 1193 74.29 9.29 0.91
CA LEU C 1193 73.66 9.06 -0.38
C LEU C 1193 72.48 8.09 -0.30
N ALA C 1194 72.30 7.43 0.83
CA ALA C 1194 71.18 6.50 1.01
C ALA C 1194 69.87 7.21 1.32
N ASN C 1195 69.91 8.49 1.70
CA ASN C 1195 68.69 9.23 2.02
C ASN C 1195 68.60 10.55 1.27
N THR C 1196 69.33 10.69 0.16
CA THR C 1196 69.31 11.92 -0.62
C THR C 1196 69.02 11.62 -2.08
N ARG C 1197 68.41 12.59 -2.75
CA ARG C 1197 68.14 12.52 -4.18
C ARG C 1197 68.69 13.79 -4.82
N TYR C 1198 69.47 13.61 -5.89
CA TYR C 1198 70.04 14.77 -6.58
C TYR C 1198 68.94 15.52 -7.33
N VAL C 1199 68.90 16.83 -7.14
CA VAL C 1199 67.90 17.69 -7.77
C VAL C 1199 68.60 18.90 -8.37
N SER C 1200 67.82 19.69 -9.11
CA SER C 1200 68.32 20.91 -9.74
C SER C 1200 68.46 22.02 -8.70
N LYS C 1201 69.13 23.09 -9.11
CA LYS C 1201 69.35 24.23 -8.23
C LYS C 1201 68.08 25.04 -8.06
N ASP C 1202 67.85 25.53 -6.84
CA ASP C 1202 66.71 26.36 -6.55
C ASP C 1202 67.15 27.52 -5.67
N THR C 1203 66.38 28.62 -5.73
CA THR C 1203 66.68 29.79 -4.92
C THR C 1203 66.29 29.62 -3.46
N LYS C 1204 65.47 28.63 -3.15
CA LYS C 1204 65.01 28.38 -1.78
C LYS C 1204 65.89 27.38 -1.04
N TYR C 1205 66.94 26.88 -1.68
CA TYR C 1205 67.82 25.89 -1.05
C TYR C 1205 68.91 26.60 -0.26
N GLN C 1206 69.36 25.94 0.81
CA GLN C 1206 70.40 26.50 1.65
C GLN C 1206 71.76 26.40 0.96
N GLU C 1207 72.55 27.46 1.09
CA GLU C 1207 73.90 27.51 0.54
C GLU C 1207 74.89 27.25 1.67
N LEU C 1208 75.72 26.22 1.51
CA LEU C 1208 76.69 25.84 2.53
C LEU C 1208 78.09 26.00 1.98
N ASN C 1209 78.94 26.73 2.71
CA ASN C 1209 80.33 26.93 2.34
C ASN C 1209 81.28 26.08 3.17
N ASN C 1210 80.77 25.35 4.17
CA ASN C 1210 81.60 24.50 5.02
C ASN C 1210 80.78 23.31 5.48
N LYS C 1211 81.48 22.32 6.01
CA LYS C 1211 80.95 21.01 6.48
C LYS C 1211 79.85 20.48 5.57
N LEU C 1212 80.16 20.40 4.29
CA LEU C 1212 79.22 19.89 3.31
C LEU C 1212 79.02 18.39 3.50
N PRO C 1213 77.80 17.89 3.39
CA PRO C 1213 77.56 16.44 3.45
C PRO C 1213 78.29 15.72 2.33
N PRO C 1214 78.63 14.45 2.55
CA PRO C 1214 79.38 13.67 1.53
C PRO C 1214 78.67 13.60 0.18
N PRO C 1215 77.33 13.64 0.10
CA PRO C 1215 76.72 13.86 -1.23
C PRO C 1215 77.17 15.15 -1.90
N LEU C 1216 77.38 16.22 -1.15
CA LEU C 1216 77.81 17.49 -1.70
C LEU C 1216 79.32 17.66 -1.71
N LEU C 1217 80.06 16.70 -1.17
CA LEU C 1217 81.51 16.81 -1.13
C LEU C 1217 82.12 16.50 -2.49
N SER C 1218 83.31 17.04 -2.72
CA SER C 1218 84.03 16.82 -3.96
C SER C 1218 85.35 16.09 -3.70
C1 NAG D . 0.28 35.93 -5.10
C2 NAG D . 1.00 36.73 -4.00
C3 NAG D . 2.45 36.97 -4.39
C4 NAG D . 3.14 35.65 -4.73
C5 NAG D . 2.35 34.90 -5.79
C6 NAG D . 2.90 33.53 -6.08
C7 NAG D . -0.34 38.28 -2.64
C8 NAG D . -0.98 39.63 -2.57
N2 NAG D . 0.31 37.99 -3.77
O3 NAG D . 3.13 37.61 -3.31
O4 NAG D . 4.46 35.90 -5.20
O5 NAG D . 0.99 34.71 -5.33
O6 NAG D . 2.83 32.69 -4.94
O7 NAG D . -0.42 37.48 -1.72
C1 NAG D . 5.42 35.41 -4.25
C2 NAG D . 6.67 34.95 -5.00
C3 NAG D . 7.73 34.47 -4.02
C4 NAG D . 8.02 35.53 -2.97
C5 NAG D . 6.72 35.97 -2.30
C6 NAG D . 6.91 37.12 -1.33
C7 NAG D . 6.32 34.11 -7.28
C8 NAG D . 5.96 32.92 -8.13
N2 NAG D . 6.34 33.91 -5.96
O3 NAG D . 8.92 34.14 -4.73
O4 NAG D . 8.91 35.03 -1.98
O5 NAG D . 5.79 36.43 -3.28
O6 NAG D . 6.48 36.77 -0.03
O7 NAG D . 6.58 35.20 -7.77
C1 NAG E . -18.06 53.25 -23.98
C2 NAG E . -17.40 52.13 -23.19
C3 NAG E . -17.81 52.20 -21.71
C4 NAG E . -17.58 53.60 -21.15
C5 NAG E . -18.26 54.64 -22.05
C6 NAG E . -17.98 56.06 -21.61
C7 NAG E . -16.84 50.08 -24.44
C8 NAG E . -15.46 50.66 -24.60
N2 NAG E . -17.71 50.84 -23.75
O3 NAG E . -17.07 51.26 -20.97
O4 NAG E . -18.12 53.67 -19.83
O5 NAG E . -17.78 54.51 -23.39
O6 NAG E . -18.76 56.43 -20.48
O7 NAG E . -17.15 48.99 -24.90
C1 NAG E . -17.07 53.88 -18.87
C2 NAG E . -17.71 54.11 -17.50
C3 NAG E . -16.64 54.30 -16.44
C4 NAG E . -15.65 53.13 -16.46
C5 NAG E . -15.10 52.93 -17.87
C6 NAG E . -14.22 51.70 -17.99
C7 NAG E . -19.93 55.13 -17.67
C8 NAG E . -20.72 56.41 -17.68
N2 NAG E . -18.62 55.25 -17.53
O3 NAG E . -17.26 54.40 -15.16
O4 NAG E . -14.57 53.41 -15.59
O5 NAG E . -16.18 52.76 -18.81
O6 NAG E . -14.48 51.01 -19.20
O7 NAG E . -20.49 54.04 -17.80
C1 BMA E . -14.65 52.64 -14.38
C2 BMA E . -13.24 52.08 -14.09
C3 BMA E . -13.15 51.51 -12.66
C4 BMA E . -13.74 52.48 -11.63
C5 BMA E . -15.18 52.82 -12.03
C6 BMA E . -15.86 53.76 -11.05
O2 BMA E . -12.27 53.12 -14.17
O3 BMA E . -11.81 51.19 -12.31
O4 BMA E . -13.72 51.89 -10.35
O5 BMA E . -15.14 53.44 -13.32
O6 BMA E . -17.20 53.94 -11.48
C1 NAG F . -48.15 19.91 -25.79
C2 NAG F . -48.87 18.93 -24.86
C3 NAG F . -49.59 17.86 -25.68
C4 NAG F . -50.49 18.49 -26.73
C5 NAG F . -49.69 19.49 -27.58
C6 NAG F . -50.52 20.26 -28.58
C7 NAG F . -48.16 18.19 -22.62
C8 NAG F . -47.08 17.54 -21.83
N2 NAG F . -47.93 18.32 -23.93
O3 NAG F . -50.37 17.05 -24.80
O4 NAG F . -51.02 17.48 -27.58
O5 NAG F . -49.08 20.46 -26.72
O6 NAG F . -49.82 20.46 -29.79
O7 NAG F . -49.21 18.58 -22.12
C1 NAG F . -52.47 17.47 -27.52
C2 NAG F . -53.00 16.60 -28.66
C3 NAG F . -54.51 16.53 -28.62
C4 NAG F . -54.99 16.08 -27.24
C5 NAG F . -54.38 16.96 -26.15
C6 NAG F . -54.70 16.49 -24.76
C7 NAG F . -51.42 16.68 -30.54
C8 NAG F . -51.11 17.31 -31.87
N2 NAG F . -52.54 17.10 -29.95
O3 NAG F . -54.97 15.62 -29.61
O4 NAG F . -56.41 16.17 -27.17
O5 NAG F . -52.95 16.95 -26.27
O6 NAG F . -54.20 15.17 -24.52
O7 NAG F . -50.69 15.83 -30.04
C1 BMA F . -56.99 14.85 -27.14
C2 BMA F . -58.26 14.93 -26.26
C3 BMA F . -59.01 13.61 -26.31
C4 BMA F . -59.25 13.15 -27.75
C5 BMA F . -57.90 13.08 -28.50
C6 BMA F . -58.06 12.67 -29.95
O2 BMA F . -59.15 15.92 -26.76
O3 BMA F . -60.26 13.69 -25.62
O4 BMA F . -59.86 11.87 -27.77
O5 BMA F . -57.30 14.39 -28.45
O6 BMA F . -56.78 12.34 -30.46
C1 NAG G . -47.59 45.42 -17.71
C2 NAG G . -48.19 46.03 -16.45
C3 NAG G . -48.31 44.97 -15.37
C4 NAG G . -49.07 43.76 -15.88
C5 NAG G . -48.46 43.26 -17.19
C6 NAG G . -49.26 42.15 -17.83
C7 NAG G . -47.92 48.28 -15.52
C8 NAG G . -46.94 49.34 -15.07
N2 NAG G . -47.38 47.16 -15.99
O3 NAG G . -48.98 45.53 -14.23
O4 NAG G . -49.02 42.72 -14.91
O5 NAG G . -48.40 44.32 -18.14
O6 NAG G . -48.78 41.85 -19.12
O7 NAG G . -49.13 48.45 -15.43
C1 NAG G . -50.33 42.36 -14.42
C2 NAG G . -50.19 41.84 -13.00
C3 NAG G . -51.55 41.47 -12.42
C4 NAG G . -52.53 42.62 -12.57
C5 NAG G . -52.58 43.12 -14.01
C6 NAG G . -53.43 44.36 -14.17
C7 NAG G . -48.04 40.75 -12.47
C8 NAG G . -47.58 42.09 -11.96
N2 NAG G . -49.29 40.69 -12.95
O3 NAG G . -51.41 41.11 -11.05
O4 NAG G . -53.84 42.20 -12.18
O5 NAG G . -51.25 43.46 -14.45
O6 NAG G . -53.15 45.32 -13.16
O7 NAG G . -47.31 39.76 -12.46
C1 NAG H . -43.13 -31.95 -4.85
C2 NAG H . -43.67 -33.32 -4.47
C3 NAG H . -44.09 -34.10 -5.71
C4 NAG H . -45.03 -33.27 -6.59
C5 NAG H . -44.43 -31.89 -6.86
C6 NAG H . -45.37 -30.97 -7.60
C7 NAG H . -42.80 -34.34 -2.40
C8 NAG H . -41.68 -35.14 -1.81
N2 NAG H . -42.69 -34.07 -3.71
O3 NAG H . -44.73 -35.31 -5.32
O4 NAG H . -45.22 -33.92 -7.83
O5 NAG H . -44.11 -31.25 -5.62
O6 NAG H . -44.75 -29.73 -7.89
O7 NAG H . -43.76 -33.96 -1.75
C1 NAG H . -46.54 -34.50 -7.91
C2 NAG H . -46.91 -34.65 -9.39
C3 NAG H . -48.26 -35.34 -9.53
C4 NAG H . -48.26 -36.66 -8.77
C5 NAG H . -47.86 -36.43 -7.32
C6 NAG H . -47.72 -37.71 -6.52
C7 NAG H . -45.84 -32.82 -10.63
C8 NAG H . -46.03 -31.48 -11.27
N2 NAG H . -46.92 -33.35 -10.05
O3 NAG H . -48.53 -35.58 -10.90
O4 NAG H . -49.57 -37.24 -8.80
O5 NAG H . -46.57 -35.78 -7.27
O6 NAG H . -46.40 -37.87 -6.02
O7 NAG H . -44.75 -33.39 -10.62
C1 NAG I . -43.60 -9.83 -24.41
C2 NAG I . -43.89 -9.68 -25.91
C3 NAG I . -44.74 -8.43 -26.17
C4 NAG I . -45.99 -8.43 -25.29
C5 NAG I . -45.58 -8.58 -23.83
C6 NAG I . -46.75 -8.67 -22.88
C7 NAG I . -42.30 -10.52 -27.58
C8 NAG I . -40.99 -10.29 -28.28
N2 NAG I . -42.65 -9.61 -26.67
O3 NAG I . -45.11 -8.40 -27.54
O4 NAG I . -46.69 -7.21 -25.47
O5 NAG I . -44.83 -9.79 -23.68
O6 NAG I . -46.39 -8.25 -21.57
O7 NAG I . -43.01 -11.49 -27.85
C1 NAG I . -48.00 -7.50 -26.03
C2 NAG I . -48.84 -6.22 -25.96
C3 NAG I . -50.22 -6.44 -26.57
C4 NAG I . -50.10 -7.02 -27.97
C5 NAG I . -49.21 -8.26 -27.96
C6 NAG I . -48.95 -8.82 -29.34
C7 NAG I . -49.49 -6.34 -23.55
C8 NAG I . -49.46 -5.59 -22.25
N2 NAG I . -48.94 -5.70 -24.60
O3 NAG I . -50.94 -5.22 -26.60
O4 NAG I . -51.38 -7.37 -28.48
O5 NAG I . -47.93 -7.95 -27.40
O6 NAG I . -47.89 -8.13 -29.98
O7 NAG I . -49.98 -7.47 -23.64
C1 NAG J . 3.38 -21.66 -28.97
C2 NAG J . 3.81 -21.05 -30.30
C3 NAG J . 5.32 -21.18 -30.47
C4 NAG J . 6.05 -20.58 -29.26
C5 NAG J . 5.51 -21.21 -27.97
C6 NAG J . 6.09 -20.56 -26.73
C7 NAG J . 2.26 -21.02 -32.20
C8 NAG J . 1.63 -21.83 -33.30
N2 NAG J . 3.12 -21.69 -31.41
O3 NAG J . 5.72 -20.51 -31.65
O4 NAG J . 7.45 -20.85 -29.37
O5 NAG J . 4.09 -21.04 -27.89
O6 NAG J . 5.93 -19.15 -26.76
O7 NAG J . 2.00 -19.84 -32.03
C1 NAG J . 8.15 -19.62 -29.64
C2 NAG J . 9.54 -19.71 -29.01
C3 NAG J . 10.34 -18.46 -29.32
C4 NAG J . 10.38 -18.21 -30.83
C5 NAG J . 8.97 -18.18 -31.39
C6 NAG J . 8.93 -18.06 -32.90
C7 NAG J . 9.73 -21.08 -26.99
C8 NAG J . 9.59 -21.13 -25.50
N2 NAG J . 9.45 -19.92 -27.58
O3 NAG J . 11.67 -18.60 -28.82
O4 NAG J . 11.02 -16.97 -31.10
O5 NAG J . 8.27 -19.39 -31.05
O6 NAG J . 7.99 -17.08 -33.33
O7 NAG J . 10.11 -22.07 -27.63
C1 NAG K . -8.80 -50.31 -33.47
C2 NAG K . -8.44 -48.92 -32.97
C3 NAG K . -9.20 -47.86 -33.76
C4 NAG K . -9.01 -48.05 -35.26
C5 NAG K . -9.36 -49.48 -35.66
C6 NAG K . -9.07 -49.79 -37.11
C7 NAG K . -7.78 -49.00 -30.61
C8 NAG K . -8.22 -48.82 -29.19
N2 NAG K . -8.71 -48.79 -31.55
O3 NAG K . -8.74 -46.57 -33.37
O4 NAG K . -9.85 -47.14 -35.97
O5 NAG K . -8.57 -50.40 -34.88
O6 NAG K . -10.27 -49.87 -37.86
O7 NAG K . -6.62 -49.31 -30.90
C1 NAG K . -9.05 -46.18 -36.68
C2 NAG K . -9.99 -45.19 -37.37
C3 NAG K . -9.18 -44.12 -38.11
C4 NAG K . -8.19 -43.45 -37.16
C5 NAG K . -7.33 -44.51 -36.46
C6 NAG K . -6.41 -43.93 -35.41
C7 NAG K . -12.12 -46.25 -37.96
C8 NAG K . -12.91 -46.94 -39.03
N2 NAG K . -10.88 -45.88 -38.29
O3 NAG K . -10.07 -43.15 -38.65
O4 NAG K . -7.33 -42.59 -37.88
O5 NAG K . -8.17 -45.47 -35.79
O6 NAG K . -7.14 -43.20 -34.43
O7 NAG K . -12.59 -46.05 -36.84
C1 BMA K . -7.68 -41.20 -37.67
C2 BMA K . -6.39 -40.45 -37.25
C3 BMA K . -6.52 -38.93 -37.45
C4 BMA K . -7.20 -38.57 -38.78
C5 BMA K . -8.54 -39.28 -38.84
C6 BMA K . -9.35 -38.95 -40.08
O2 BMA K . -5.28 -40.88 -38.04
O3 BMA K . -5.25 -38.29 -37.37
O4 BMA K . -7.39 -37.17 -38.87
O5 BMA K . -8.28 -40.69 -38.85
O6 BMA K . -8.76 -39.59 -41.19
C1 NAG L . -39.32 -42.81 -1.37
C2 NAG L . -40.27 -41.72 -0.90
C3 NAG L . -40.83 -42.04 0.48
C4 NAG L . -41.44 -43.44 0.50
C5 NAG L . -40.42 -44.46 -0.01
C6 NAG L . -40.97 -45.86 -0.13
C7 NAG L . -40.12 -39.32 -1.41
C8 NAG L . -39.28 -38.08 -1.30
N2 NAG L . -39.60 -40.43 -0.89
O3 NAG L . -41.82 -41.08 0.82
O4 NAG L . -41.82 -43.78 1.83
O5 NAG L . -39.98 -44.07 -1.32
O6 NAG L . -39.93 -46.83 -0.10
O7 NAG L . -41.23 -39.30 -1.93
C1 NAG L . -43.24 -44.02 1.90
C2 NAG L . -43.53 -44.77 3.20
C3 NAG L . -45.04 -45.03 3.35
C4 NAG L . -45.82 -43.73 3.21
C5 NAG L . -45.43 -43.02 1.91
C6 NAG L . -46.08 -41.65 1.77
C7 NAG L . -41.59 -46.13 3.82
C8 NAG L . -40.97 -47.50 3.79
N2 NAG L . -42.79 -46.02 3.26
O3 NAG L . -45.28 -45.62 4.61
O4 NAG L . -47.21 -44.00 3.20
O5 NAG L . -44.01 -42.81 1.87
O6 NAG L . -45.49 -40.71 2.66
O7 NAG L . -41.02 -45.18 4.33
C1 BMA L . -47.82 -43.54 4.42
C2 BMA L . -49.28 -43.18 4.10
C3 BMA L . -50.02 -42.84 5.39
C4 BMA L . -49.84 -43.93 6.45
C5 BMA L . -48.34 -44.16 6.69
C6 BMA L . -48.07 -45.24 7.71
O2 BMA L . -49.96 -44.28 3.53
O3 BMA L . -51.42 -42.63 5.15
O4 BMA L . -50.46 -43.55 7.66
O5 BMA L . -47.73 -44.54 5.44
O6 BMA L . -46.71 -45.14 8.13
C1 NAG M . -39.25 -48.36 -27.84
C2 NAG M . -40.64 -48.51 -28.45
C3 NAG M . -41.24 -47.14 -28.75
C4 NAG M . -41.21 -46.26 -27.50
C5 NAG M . -39.80 -46.21 -26.92
C6 NAG M . -39.73 -45.47 -25.61
C7 NAG M . -41.11 -50.56 -29.71
C8 NAG M . -40.99 -51.26 -31.02
N2 NAG M . -40.60 -49.33 -29.65
O3 NAG M . -42.56 -47.30 -29.22
O4 NAG M . -41.66 -44.95 -27.80
O5 NAG M . -39.31 -47.54 -26.67
O6 NAG M . -40.87 -45.72 -24.80
O7 NAG M . -41.65 -51.08 -28.73
C1 NAG M . -42.96 -44.77 -27.22
C2 NAG M . -43.18 -43.28 -26.94
C3 NAG M . -44.59 -43.04 -26.38
C4 NAG M . -45.65 -43.67 -27.28
C5 NAG M . -45.32 -45.14 -27.56
C6 NAG M . -46.25 -45.78 -28.56
C7 NAG M . -41.23 -41.90 -26.38
C8 NAG M . -41.24 -41.44 -27.81
N2 NAG M . -42.18 -42.77 -26.03
O3 NAG M . -44.82 -41.64 -26.28
O4 NAG M . -46.92 -43.59 -26.65
O5 NAG M . -43.99 -45.25 -28.10
O6 NAG M . -45.77 -45.62 -29.88
O7 NAG M . -40.39 -41.49 -25.58
C1 NAG N . -42.29 1.08 33.41
C2 NAG N . -42.96 1.95 34.46
C3 NAG N . -43.10 1.18 35.78
C4 NAG N . -43.76 -0.18 35.56
C5 NAG N . -43.04 -0.94 34.45
C6 NAG N . -43.72 -2.24 34.08
C7 NAG N . -42.67 4.38 34.27
C8 NAG N . -41.77 5.54 34.57
N2 NAG N . -42.22 3.18 34.68
O3 NAG N . -43.87 1.95 36.69
O4 NAG N . -43.67 -0.95 36.76
O5 NAG N . -43.00 -0.14 33.26
O6 NAG N . -43.20 -2.77 32.87
O7 NAG N . -43.74 4.51 33.70
C1 NAG N . -44.96 -1.04 37.39
C2 NAG N . -44.96 -2.28 38.27
C3 NAG N . -46.28 -2.39 39.05
C4 NAG N . -46.54 -1.10 39.81
C5 NAG N . -46.48 0.10 38.88
C6 NAG N . -46.61 1.41 39.59
C7 NAG N . -43.53 -3.99 37.22
C8 NAG N . -43.50 -5.23 36.38
N2 NAG N . -44.75 -3.49 37.48
O3 NAG N . -46.23 -3.49 39.93
O4 NAG N . -47.82 -1.15 40.43
O5 NAG N . -45.21 0.12 38.20
O6 NAG N . -45.50 2.26 39.32
O7 NAG N . -42.51 -3.45 37.64
C1 NAG O . -36.73 -26.29 23.71
C2 NAG O . -36.43 -27.66 24.30
C3 NAG O . -37.13 -28.76 23.50
C4 NAG O . -38.62 -28.47 23.36
C5 NAG O . -38.81 -27.09 22.75
C6 NAG O . -40.26 -26.67 22.68
C7 NAG O . -34.34 -28.17 25.49
C8 NAG O . -32.87 -28.39 25.35
N2 NAG O . -35.00 -27.90 24.35
O3 NAG O . -36.92 -30.01 24.13
O4 NAG O . -39.23 -29.46 22.55
O5 NAG O . -38.15 -26.11 23.58
O6 NAG O . -40.88 -26.70 23.96
O7 NAG O . -34.92 -28.22 26.57
C1 NAG O . -40.17 -30.20 23.36
C2 NAG O . -41.25 -30.79 22.46
C3 NAG O . -42.24 -31.61 23.28
C4 NAG O . -41.50 -32.67 24.11
C5 NAG O . -40.39 -32.01 24.93
C6 NAG O . -39.54 -33.01 25.67
C7 NAG O . -41.60 -29.30 20.53
C8 NAG O . -42.44 -28.21 19.95
N2 NAG O . -41.96 -29.72 21.75
O3 NAG O . -43.16 -32.26 22.41
O4 NAG O . -42.42 -33.32 24.99
O5 NAG O . -39.51 -31.27 24.07
O6 NAG O . -38.21 -33.03 25.18
O7 NAG O . -40.66 -29.80 19.93
C1 NAG P . -3.05 -5.81 60.67
C2 NAG P . -2.68 -5.98 59.19
C3 NAG P . -3.17 -7.32 58.67
C4 NAG P . -2.68 -8.46 59.56
C5 NAG P . -3.09 -8.19 61.01
C6 NAG P . -2.56 -9.22 61.98
C7 NAG P . -2.53 -3.78 58.12
C8 NAG P . -3.25 -2.76 57.29
N2 NAG P . -3.22 -4.89 58.39
O3 NAG P . -2.68 -7.51 57.34
O4 NAG P . -3.26 -9.69 59.13
O5 NAG P . -2.55 -6.92 61.42
O6 NAG P . -1.22 -9.59 61.67
O7 NAG P . -1.38 -3.61 58.51
C1 NAG P . -2.25 -10.57 58.60
C2 NAG P . -2.91 -11.88 58.20
C3 NAG P . -1.88 -12.82 57.58
C4 NAG P . -1.15 -12.13 56.43
C5 NAG P . -0.56 -10.81 56.90
C6 NAG P . 0.07 -10.01 55.79
C7 NAG P . -4.86 -12.37 59.60
C8 NAG P . -5.36 -13.09 60.82
N2 NAG P . -3.56 -12.51 59.34
O3 NAG P . -2.53 -14.00 57.13
O4 NAG P . -0.09 -12.97 55.97
O5 NAG P . -1.59 -9.98 57.46
O6 NAG P . -0.82 -9.84 54.70
O7 NAG P . -5.60 -11.69 58.89
C1 BMA P . -0.42 -13.58 54.71
C2 BMA P . 0.80 -13.41 53.77
C3 BMA P . 0.70 -14.33 52.54
C4 BMA P . 0.29 -15.75 52.94
C5 BMA P . -1.01 -15.70 53.72
C6 BMA P . -1.53 -17.06 54.12
O2 BMA P . 2.00 -13.75 54.45
O3 BMA P . 1.91 -14.35 51.81
O4 BMA P . 0.14 -16.56 51.79
O5 BMA P . -0.78 -14.94 54.91
O6 BMA P . -2.78 -16.89 54.77
C1 NAG Q . -40.18 10.75 41.02
C2 NAG Q . -41.15 10.16 40.01
C3 NAG Q . -42.18 11.19 39.60
C4 NAG Q . -42.86 11.80 40.82
C5 NAG Q . -41.81 12.30 41.81
C6 NAG Q . -42.39 12.77 43.12
C7 NAG Q . -40.84 8.59 38.13
C8 NAG Q . -39.98 8.21 36.97
N2 NAG Q . -40.44 9.65 38.84
O3 NAG Q . -43.16 10.58 38.76
O4 NAG Q . -43.68 12.89 40.41
O5 NAG Q . -40.89 11.24 42.13
O6 NAG Q . -41.63 12.31 44.22
O7 NAG Q . -41.86 7.98 38.42
C1 NAG Q . -45.07 12.62 40.70
C2 NAG Q . -45.80 13.96 40.80
C3 NAG Q . -47.28 13.74 41.05
C4 NAG Q . -47.88 12.79 40.02
C5 NAG Q . -47.06 11.50 39.95
C6 NAG Q . -47.50 10.56 38.87
C7 NAG Q . -44.18 15.59 41.67
C8 NAG Q . -43.72 16.37 42.88
N2 NAG Q . -45.23 14.79 41.86
O3 NAG Q . -47.96 15.00 41.01
O4 NAG Q . -49.21 12.48 40.36
O5 NAG Q . -45.67 11.81 39.69
O6 NAG Q . -48.73 9.94 39.20
O7 NAG Q . -43.60 15.68 40.59
C1 BMA Q . -50.12 13.05 39.40
C2 BMA Q . -51.37 12.13 39.33
C3 BMA Q . -52.44 12.76 38.41
C4 BMA Q . -52.69 14.23 38.78
C5 BMA Q . -51.37 15.01 38.80
C6 BMA Q . -51.56 16.46 39.20
O2 BMA Q . -51.97 12.00 40.60
O3 BMA Q . -53.65 12.02 38.45
O4 BMA Q . -53.57 14.81 37.82
O5 BMA Q . -50.49 14.39 39.74
O6 BMA Q . -50.33 17.15 38.99
C1 NAG R . -49.01 17.39 -13.88
C2 NAG R . -49.90 17.74 -15.09
C3 NAG R . -50.37 19.19 -15.00
C4 NAG R . -51.01 19.47 -13.65
C5 NAG R . -50.08 19.05 -12.52
C6 NAG R . -50.70 19.17 -11.15
C7 NAG R . -49.44 16.49 -17.15
C8 NAG R . -48.60 16.42 -18.39
N2 NAG R . -49.18 17.51 -16.33
O3 NAG R . -51.31 19.42 -16.05
O4 NAG R . -51.26 20.86 -13.52
O5 NAG R . -49.73 17.67 -12.68
O6 NAG R . -51.27 17.95 -10.71
O7 NAG R . -50.31 15.66 -16.91
C1 NAG R . -52.66 21.17 -13.65
C2 NAG R . -52.92 22.52 -13.00
C3 NAG R . -54.38 22.92 -13.20
C4 NAG R . -54.76 22.89 -14.67
C5 NAG R . -54.42 21.51 -15.26
C6 NAG R . -54.66 21.43 -16.74
C7 NAG R . -51.36 22.77 -11.13
C8 NAG R . -51.18 22.69 -9.64
N2 NAG R . -52.59 22.49 -11.59
O3 NAG R . -54.58 24.23 -12.67
O4 NAG R . -56.15 23.15 -14.83
O5 NAG R . -53.05 21.21 -15.04
O6 NAG R . -53.50 20.99 -17.43
O7 NAG R . -50.44 23.08 -11.87
C1 NAG S . -42.85 23.96 14.09
C2 NAG S . -42.98 25.20 14.97
C3 NAG S . -43.39 24.81 16.40
C4 NAG S . -44.64 23.94 16.38
C5 NAG S . -44.44 22.75 15.44
C6 NAG S . -45.69 21.92 15.27
C7 NAG S . -40.55 25.60 15.43
C8 NAG S . -39.46 26.62 15.33
N2 NAG S . -41.76 26.00 14.99
O3 NAG S . -43.61 25.99 17.16
O4 NAG S . -44.94 23.45 17.68
O5 NAG S . -44.07 23.21 14.13
O6 NAG S . -45.38 20.61 14.81
O7 NAG S . -40.36 24.48 15.88
C1 NAG S . -46.03 24.19 18.25
C2 NAG S . -46.91 23.25 19.07
C3 NAG S . -48.03 24.04 19.74
C4 NAG S . -47.48 25.20 20.55
C5 NAG S . -46.57 26.06 19.68
C6 NAG S . -45.87 27.15 20.46
C7 NAG S . -47.18 20.90 18.46
C8 NAG S . -47.83 19.92 17.51
N2 NAG S . -47.45 22.19 18.24
O3 NAG S . -48.79 23.17 20.58
O4 NAG S . -48.54 25.99 21.05
O5 NAG S . -45.54 25.25 19.09
O6 NAG S . -44.50 26.84 20.68
O7 NAG S . -46.45 20.52 19.37
C1 NAG T . -33.59 -9.42 58.16
C2 NAG T . -34.19 -10.76 58.59
C3 NAG T . -34.47 -11.64 57.37
C4 NAG T . -35.34 -10.89 56.37
C5 NAG T . -34.70 -9.54 56.02
C6 NAG T . -35.55 -8.69 55.12
C7 NAG T . -33.74 -12.21 60.52
C8 NAG T . -32.69 -12.84 61.37
N2 NAG T . -33.30 -11.45 59.52
O3 NAG T . -35.12 -12.83 57.80
O4 NAG T . -35.51 -11.66 55.19
O5 NAG T . -34.48 -8.78 57.22
O6 NAG T . -36.84 -8.44 55.69
O7 NAG T . -34.94 -12.38 60.72
C1 NAG T . -36.89 -12.07 55.13
C2 NAG T . -37.25 -12.37 53.67
C3 NAG T . -38.70 -12.82 53.58
C4 NAG T . -38.94 -14.01 54.50
C5 NAG T . -38.49 -13.68 55.93
C6 NAG T . -38.57 -14.87 56.86
C7 NAG T . -35.88 -10.99 52.17
C8 NAG T . -35.81 -9.74 51.36
N2 NAG T . -37.02 -11.20 52.84
O3 NAG T . -39.00 -13.18 52.24
O4 NAG T . -40.33 -14.35 54.52
O5 NAG T . -37.12 -13.25 55.92
O6 NAG T . -37.35 -15.60 56.86
O7 NAG T . -34.95 -11.78 52.23
C1 NAG U . -32.35 31.82 -42.92
C2 NAG U . -32.66 30.39 -43.34
C3 NAG U . -31.37 29.63 -43.60
C4 NAG U . -30.50 30.37 -44.60
C5 NAG U . -30.28 31.82 -44.15
C6 NAG U . -29.55 32.65 -45.18
C7 NAG U . -34.57 29.02 -42.64
C8 NAG U . -35.28 28.38 -41.48
N2 NAG U . -33.47 29.71 -42.34
O3 NAG U . -31.68 28.33 -44.09
O4 NAG U . -29.23 29.73 -44.73
O5 NAG U . -31.55 32.46 -43.93
O6 NAG U . -29.73 32.13 -46.48
O7 NAG U . -34.98 28.92 -43.79
C1 NAG V . -36.09 49.02 -10.22
C2 NAG V . -37.12 49.58 -11.22
C3 NAG V . -38.32 50.18 -10.47
C4 NAG V . -38.87 49.18 -9.46
C5 NAG V . -37.77 48.64 -8.56
C6 NAG V . -38.23 47.55 -7.62
C7 NAG V . -35.97 51.71 -11.79
C8 NAG V . -35.43 52.53 -12.93
N2 NAG V . -36.54 50.55 -12.14
O3 NAG V . -39.33 50.54 -11.40
O4 NAG V . -39.85 49.81 -8.65
O5 NAG V . -36.72 48.07 -9.36
O6 NAG V . -37.14 46.99 -6.90
O7 NAG V . -35.88 52.09 -10.63
C1 NAG W . 16.36 15.55 -43.01
C2 NAG W . 16.01 14.07 -43.10
C3 NAG W . 17.22 13.29 -43.61
C4 NAG W . 17.72 13.88 -44.92
C5 NAG W . 17.97 15.38 -44.77
C6 NAG W . 18.34 16.04 -46.08
C7 NAG W . 14.30 13.30 -41.52
C8 NAG W . 14.02 12.77 -40.15
N2 NAG W . 15.57 13.55 -41.82
O3 NAG W . 16.85 11.92 -43.80
O4 NAG W . 18.92 13.24 -45.31
O5 NAG W . 16.79 16.03 -44.28
O6 NAG W . 17.29 15.94 -47.02
O7 NAG W . 13.40 13.49 -42.34
C1 NAG X . 30.65 18.45 -34.40
C2 NAG X . 31.00 19.92 -34.55
C3 NAG X . 32.07 20.10 -35.63
C4 NAG X . 33.27 19.22 -35.33
C5 NAG X . 32.83 17.77 -35.15
C6 NAG X . 33.96 16.85 -34.73
C7 NAG X . 29.35 21.65 -34.03
C8 NAG X . 28.12 22.37 -34.50
N2 NAG X . 29.83 20.72 -34.85
O3 NAG X . 32.46 21.47 -35.68
O4 NAG X . 34.21 19.29 -36.41
O5 NAG X . 31.84 17.69 -34.12
O6 NAG X . 33.54 15.50 -34.68
O7 NAG X . 29.88 21.91 -32.95
C1 NAG Y . 48.61 31.11 -22.94
C2 NAG Y . 49.57 32.18 -23.45
C3 NAG Y . 49.19 33.54 -22.86
C4 NAG Y . 47.72 33.85 -23.14
C5 NAG Y . 46.84 32.71 -22.65
C6 NAG Y . 45.39 32.90 -23.01
C7 NAG Y . 51.78 31.23 -23.98
C8 NAG Y . 53.16 30.97 -23.48
N2 NAG Y . 50.95 31.84 -23.13
O3 NAG Y . 50.02 34.55 -23.44
O4 NAG Y . 47.35 35.06 -22.47
O5 NAG Y . 47.26 31.48 -23.25
O6 NAG Y . 45.18 32.75 -24.41
O7 NAG Y . 51.42 30.91 -25.11
C1 NAG Z . -59.47 32.92 -34.36
C2 NAG Z . -60.67 32.02 -34.65
C3 NAG Z . -61.73 32.18 -33.56
C4 NAG Z . -61.12 31.96 -32.18
C5 NAG Z . -59.90 32.85 -31.99
C6 NAG Z . -59.17 32.59 -30.71
C7 NAG Z . -61.11 31.50 -37.01
C8 NAG Z . -61.74 31.96 -38.29
N2 NAG Z . -61.23 32.31 -35.96
O3 NAG Z . -62.77 31.23 -33.79
O4 NAG Z . -62.08 32.27 -31.18
O5 NAG Z . -58.96 32.62 -33.06
O6 NAG Z . -57.83 32.17 -30.95
O7 NAG Z . -60.49 30.44 -36.94
C1 NAG AA . -10.26 -14.25 -43.89
C2 NAG AA . -10.76 -13.93 -45.30
C3 NAG AA . -11.18 -15.22 -46.00
C4 NAG AA . -10.05 -16.24 -45.98
C5 NAG AA . -9.57 -16.46 -44.54
C6 NAG AA . -8.37 -17.37 -44.46
C7 NAG AA . -11.69 -11.67 -45.35
C8 NAG AA . -12.93 -10.83 -45.29
N2 NAG AA . -11.86 -12.99 -45.26
O3 NAG AA . -11.52 -14.92 -47.36
O4 NAG AA . -10.50 -17.48 -46.51
O5 NAG AA . -9.19 -15.20 -43.96
O6 NAG AA . -7.75 -17.28 -43.18
O7 NAG AA . -10.58 -11.16 -45.48
C1 NAG BA . 40.92 39.16 -4.04
C2 NAG BA . 41.38 40.61 -4.19
C3 NAG BA . 40.35 41.55 -3.57
C4 NAG BA . 38.97 41.29 -4.16
C5 NAG BA . 38.61 39.82 -4.00
C6 NAG BA . 37.30 39.47 -4.66
C7 NAG BA . 43.80 40.98 -4.32
C8 NAG BA . 45.07 41.18 -3.55
N2 NAG BA . 42.70 40.81 -3.60
O3 NAG BA . 40.75 42.90 -3.81
O4 NAG BA . 38.00 42.10 -3.48
O5 NAG BA . 39.61 39.00 -4.62
O6 NAG BA . 36.26 40.37 -4.30
O7 NAG BA . 43.79 40.97 -5.55
C1 NAG CA . -61.05 -16.93 -9.69
C2 NAG CA . -61.80 -18.23 -10.02
C3 NAG CA . -63.19 -17.90 -10.59
C4 NAG CA . -63.95 -16.97 -9.65
C5 NAG CA . -63.10 -15.74 -9.33
C6 NAG CA . -63.75 -14.83 -8.31
C7 NAG CA . -60.50 -20.22 -10.62
C8 NAG CA . -59.75 -20.92 -11.71
N2 NAG CA . -61.04 -19.04 -10.95
O3 NAG CA . -63.91 -19.11 -10.76
O4 NAG CA . -65.16 -16.57 -10.25
O5 NAG CA . -61.83 -16.14 -8.79
O6 NAG CA . -65.17 -14.83 -8.44
O7 NAG CA . -60.62 -20.70 -9.49
C1 NAG DA . -33.79 -4.27 -37.02
C2 NAG DA . -34.19 -2.85 -36.60
C3 NAG DA . -35.69 -2.64 -36.82
C4 NAG DA . -36.07 -2.98 -38.25
C5 NAG DA . -35.59 -4.38 -38.62
C6 NAG DA . -35.82 -4.72 -40.07
C7 NAG DA . -32.79 -1.85 -34.86
C8 NAG DA . -32.56 -1.69 -33.38
N2 NAG DA . -33.84 -2.59 -35.22
O3 NAG DA . -36.03 -1.29 -36.52
O4 NAG DA . -37.49 -2.90 -38.41
O5 NAG DA . -34.18 -4.49 -38.38
O6 NAG DA . -35.14 -5.92 -40.44
O7 NAG DA . -32.05 -1.33 -35.69
C1 EIC EA . -35.18 -14.47 12.47
C2 EIC EA . -35.05 -13.08 13.11
C3 EIC EA . -33.82 -12.80 13.95
C4 EIC EA . -33.99 -13.25 15.39
C5 EIC EA . -32.71 -13.21 16.19
C6 EIC EA . -32.43 -14.54 16.91
C7 EIC EA . -31.39 -14.43 18.01
C8 EIC EA . -31.92 -13.72 19.26
C9 EIC EA . -31.23 -14.20 20.50
C10 EIC EA . -31.48 -13.84 21.76
C11 EIC EA . -32.52 -12.87 22.24
C12 EIC EA . -33.61 -13.61 22.96
C13 EIC EA . -34.86 -13.21 23.18
C14 EIC EA . -35.48 -11.92 22.76
C15 EIC EA . -36.16 -12.04 21.40
C16 EIC EA . -37.45 -12.85 21.44
C17 EIC EA . -37.86 -13.37 20.08
C18 EIC EA . -38.16 -12.27 19.07
O1 EIC EA . -36.10 -14.68 11.66
O2 EIC EA . -34.32 -15.31 12.83
C1 NAG FA . -30.50 -40.98 -34.69
C2 NAG FA . -31.39 -39.75 -34.51
C3 NAG FA . -32.79 -40.04 -35.02
C4 NAG FA . -32.74 -40.54 -36.46
C5 NAG FA . -31.81 -41.74 -36.56
C6 NAG FA . -31.62 -42.23 -37.98
C7 NAG FA . -30.97 -38.17 -32.67
C8 NAG FA . -31.10 -37.92 -31.21
N2 NAG FA . -31.43 -39.35 -33.11
O3 NAG FA . -33.57 -38.85 -34.96
O4 NAG FA . -34.04 -40.93 -36.88
O5 NAG FA . -30.50 -41.38 -36.07
O6 NAG FA . -31.14 -43.55 -38.02
O7 NAG FA . -30.48 -37.34 -33.44
C1 NAG GA . 27.23 -40.16 5.93
C2 NAG GA . 26.89 -39.56 7.29
C3 NAG GA . 28.16 -39.37 8.11
C4 NAG GA . 28.95 -40.66 8.20
C5 NAG GA . 29.20 -41.24 6.81
C6 NAG GA . 29.84 -42.60 6.83
C7 NAG GA . 24.84 -38.20 7.26
C8 NAG GA . 24.27 -36.83 7.09
N2 NAG GA . 26.17 -38.30 7.15
O3 NAG GA . 27.81 -38.91 9.41
O4 NAG GA . 30.19 -40.43 8.84
O5 NAG GA . 27.95 -41.38 6.10
O6 NAG GA . 29.00 -43.56 7.44
O7 NAG GA . 24.13 -39.18 7.51
C1 NAG HA . 39.19 -30.51 -1.54
C2 NAG HA . 39.74 -31.22 -2.78
C3 NAG HA . 41.07 -31.90 -2.45
C4 NAG HA . 42.04 -30.91 -1.84
C5 NAG HA . 41.40 -30.23 -0.63
C6 NAG HA . 42.27 -29.14 -0.04
C7 NAG HA . 38.08 -31.96 -4.43
C8 NAG HA . 37.13 -33.05 -4.82
N2 NAG HA . 38.79 -32.17 -3.31
O3 NAG HA . 41.62 -32.46 -3.63
O4 NAG HA . 43.22 -31.58 -1.41
O5 NAG HA . 40.17 -29.59 -1.03
O6 NAG HA . 42.83 -28.31 -1.04
O7 NAG HA . 38.20 -30.93 -5.09
C1 NAG IA . 54.39 -22.63 -19.74
C2 NAG IA . 55.49 -23.43 -20.43
C3 NAG IA . 55.08 -23.71 -21.88
C4 NAG IA . 53.71 -24.36 -21.94
C5 NAG IA . 52.70 -23.52 -21.18
C6 NAG IA . 51.34 -24.17 -21.08
C7 NAG IA . 57.70 -23.02 -19.47
C8 NAG IA . 58.97 -22.20 -19.57
N2 NAG IA . 56.76 -22.74 -20.38
O3 NAG IA . 56.05 -24.56 -22.48
O4 NAG IA . 53.29 -24.49 -23.29
O5 NAG IA . 53.15 -23.32 -19.83
O6 NAG IA . 51.32 -25.19 -20.09
O7 NAG IA . 57.56 -23.88 -18.62
C1 NAG JA . -47.54 -58.88 -7.67
C2 NAG JA . -48.21 -57.84 -6.76
C3 NAG JA . -49.58 -57.45 -7.34
C4 NAG JA . -49.43 -57.01 -8.79
C5 NAG JA . -48.70 -58.07 -9.61
C6 NAG JA . -48.42 -57.65 -11.03
C7 NAG JA . -48.20 -57.59 -4.33
C8 NAG JA . -48.39 -58.27 -3.00
N2 NAG JA . -48.36 -58.35 -5.40
O3 NAG JA . -50.14 -56.41 -6.55
O4 NAG JA . -50.71 -56.78 -9.35
O5 NAG JA . -47.44 -58.36 -9.00
O6 NAG JA . -48.68 -58.71 -11.94
O7 NAG JA . -47.91 -56.40 -4.41
C1 NAG KA . -0.11 -32.69 34.25
C2 NAG KA . -0.39 -34.16 34.55
C3 NAG KA . -0.75 -34.34 36.02
C4 NAG KA . 0.33 -33.73 36.91
C5 NAG KA . 0.57 -32.28 36.52
C6 NAG KA . 1.71 -31.65 37.28
C7 NAG KA . -1.20 -35.27 32.52
C8 NAG KA . -2.42 -35.75 31.77
N2 NAG KA . -1.44 -34.68 33.69
O3 NAG KA . -0.89 -35.73 36.31
O4 NAG KA . -0.08 -33.80 38.27
O5 NAG KA . 0.91 -32.20 35.13
O6 NAG KA . 2.79 -31.30 36.42
O7 NAG KA . -0.08 -35.42 32.07
C1 NAG LA . 42.83 -12.58 -35.36
C2 NAG LA . 43.41 -13.34 -36.55
C3 NAG LA . 42.34 -13.52 -37.63
C4 NAG LA . 41.10 -14.18 -37.03
C5 NAG LA . 40.60 -13.38 -35.83
C6 NAG LA . 39.44 -14.03 -35.13
C7 NAG LA . 45.81 -13.11 -36.94
C8 NAG LA . 46.90 -12.28 -37.57
N2 NAG LA . 44.57 -12.66 -37.10
O3 NAG LA . 42.86 -14.34 -38.68
O4 NAG LA . 40.07 -14.24 -38.01
O5 NAG LA . 41.67 -13.26 -34.87
O6 NAG LA . 39.13 -13.35 -33.92
O7 NAG LA . 46.06 -14.13 -36.31
C1 NAG MA . -19.37 -59.17 -4.51
C2 NAG MA . -19.64 -58.85 -3.04
C3 NAG MA . -18.35 -58.36 -2.37
C4 NAG MA . -17.23 -59.37 -2.58
C5 NAG MA . -17.07 -59.69 -4.06
C6 NAG MA . -16.06 -60.79 -4.32
C7 NAG MA . -21.78 -58.03 -2.12
C8 NAG MA . -21.85 -59.32 -1.36
N2 NAG MA . -20.69 -57.86 -2.90
O3 NAG MA . -18.59 -58.18 -0.98
O4 NAG MA . -16.01 -58.84 -2.07
O5 NAG MA . -18.32 -60.15 -4.61
O6 NAG MA . -16.68 -62.07 -4.31
O7 NAG MA . -22.64 -57.17 -2.03
C1 NAG NA . -57.65 -14.66 24.27
C2 NAG NA . -58.22 -14.74 25.68
C3 NAG NA . -59.27 -15.84 25.78
C4 NAG NA . -60.35 -15.62 24.72
C5 NAG NA . -59.71 -15.50 23.34
C6 NAG NA . -60.71 -15.15 22.26
C7 NAG NA . -56.66 -13.98 27.43
C8 NAG NA . -55.58 -14.39 28.38
N2 NAG NA . -57.16 -14.96 26.66
O3 NAG NA . -59.85 -15.84 27.08
O4 NAG NA . -61.25 -16.73 24.72
O5 NAG NA . -58.72 -14.45 23.34
O6 NAG NA . -60.50 -15.93 21.09
O7 NAG NA . -57.07 -12.83 27.36
C1 NAG OA . -23.72 -37.20 23.80
C2 NAG OA . -23.75 -38.27 22.71
C3 NAG OA . -25.11 -38.98 22.69
C4 NAG OA . -25.45 -39.50 24.08
C5 NAG OA . -25.35 -38.39 25.11
C6 NAG OA . -25.55 -38.88 26.53
C7 NAG OA . -24.11 -36.80 20.73
C8 NAG OA . -23.55 -36.40 19.39
N2 NAG OA . -23.41 -37.73 21.39
O3 NAG OA . -25.06 -40.06 21.76
O4 NAG OA . -26.78 -40.02 24.08
O5 NAG OA . -24.05 -37.79 25.06
O6 NAG OA . -24.60 -39.87 26.87
O7 NAG OA . -25.12 -36.27 21.19
C1 EIC PA . -38.22 9.17 9.50
C2 EIC PA . -36.97 9.27 8.61
C3 EIC PA . -37.22 9.48 7.12
C4 EIC PA . -37.52 10.94 6.76
C5 EIC PA . -36.30 11.72 6.31
C6 EIC PA . -36.46 13.22 6.53
C7 EIC PA . -35.92 14.06 5.38
C8 EIC PA . -36.22 15.54 5.55
C9 EIC PA . -35.94 16.36 4.33
C10 EIC PA . -36.79 17.08 3.61
C11 EIC PA . -38.26 17.27 3.85
C12 EIC PA . -38.99 17.09 2.54
C13 EIC PA . -40.30 17.03 2.32
C14 EIC PA . -41.43 17.14 3.30
C15 EIC PA . -41.68 15.84 4.05
C16 EIC PA . -41.70 14.62 3.15
C17 EIC PA . -41.45 13.32 3.89
C18 EIC PA . -42.49 13.02 4.97
O1 EIC PA . -38.48 8.07 10.02
O2 EIC PA . -38.86 10.23 9.67
C1 EIC QA . -39.22 -5.23 -9.44
C2 EIC QA . -38.27 -6.32 -8.90
C3 EIC QA . -37.60 -7.19 -9.94
C4 EIC QA . -36.96 -8.43 -9.34
C5 EIC QA . -36.05 -9.17 -10.32
C6 EIC QA . -36.63 -9.28 -11.72
C7 EIC QA . -35.71 -9.98 -12.72
C8 EIC QA . -35.72 -11.50 -12.56
C9 EIC QA . -35.25 -12.18 -13.80
C10 EIC QA . -35.44 -13.45 -14.17
C11 EIC QA . -36.19 -14.52 -13.42
C12 EIC QA . -37.30 -15.05 -14.29
C13 EIC QA . -38.44 -15.60 -13.90
C14 EIC QA . -38.91 -15.86 -12.51
C15 EIC QA . -40.27 -15.21 -12.23
C16 EIC QA . -40.15 -13.82 -11.62
C17 EIC QA . -41.36 -13.46 -10.76
C18 EIC QA . -41.38 -12.01 -10.32
O1 EIC QA . -39.60 -4.35 -8.64
O2 EIC QA . -39.54 -5.33 -10.63
C1 NAG RA . 9.21 -13.05 32.62
C2 NAG RA . 9.98 -14.37 32.65
C3 NAG RA . 11.49 -14.11 32.69
C4 NAG RA . 11.90 -13.21 31.53
C5 NAG RA . 11.06 -11.93 31.54
C6 NAG RA . 11.34 -11.04 30.35
C7 NAG RA . 8.98 -16.36 33.67
C8 NAG RA . 8.63 -17.06 34.95
N2 NAG RA . 9.58 -15.18 33.79
O3 NAG RA . 12.19 -15.35 32.60
O4 NAG RA . 13.28 -12.88 31.63
O5 NAG RA . 9.67 -12.26 31.51
O6 NAG RA . 11.34 -11.78 29.15
O7 NAG RA . 8.73 -16.86 32.58
C1 NAG SA . -20.53 20.48 55.35
C2 NAG SA . -21.10 21.50 54.36
C3 NAG SA . -19.99 22.09 53.51
C4 NAG SA . -18.89 22.67 54.40
C5 NAG SA . -18.41 21.63 55.41
C6 NAG SA . -17.43 22.19 56.42
C7 NAG SA . -23.26 21.53 53.20
C8 NAG SA . -24.21 20.77 52.32
N2 NAG SA . -22.12 20.90 53.52
O3 NAG SA . -20.51 23.10 52.67
O4 NAG SA . -17.79 23.08 53.61
O5 NAG SA . -19.52 21.12 56.16
O6 NAG SA . -17.75 23.53 56.77
O7 NAG SA . -23.50 22.67 53.59
C1 NAG TA . -23.14 -16.56 54.80
C2 NAG TA . -23.92 -17.21 53.65
C3 NAG TA . -25.20 -17.84 54.19
C4 NAG TA . -24.89 -18.80 55.34
C5 NAG TA . -24.06 -18.08 56.42
C6 NAG TA . -23.62 -19.01 57.53
C7 NAG TA . -23.99 -16.44 51.33
C8 NAG TA . -24.37 -15.33 50.39
N2 NAG TA . -24.23 -16.24 52.62
O3 NAG TA . -25.86 -18.54 53.14
O4 NAG TA . -26.09 -19.28 55.92
O5 NAG TA . -22.88 -17.53 55.82
O6 NAG TA . -24.31 -20.25 57.49
O7 NAG TA . -23.49 -17.49 50.92
C1 NAG UA . 22.63 30.80 29.77
C2 NAG UA . 21.93 31.52 28.64
C3 NAG UA . 22.92 32.41 27.88
C4 NAG UA . 23.64 33.35 28.84
C5 NAG UA . 24.27 32.55 29.98
C6 NAG UA . 24.89 33.43 31.03
C7 NAG UA . 19.96 30.37 27.72
C8 NAG UA . 19.47 29.36 26.72
N2 NAG UA . 21.29 30.59 27.73
O3 NAG UA . 22.23 33.15 26.89
O4 NAG UA . 24.66 34.06 28.15
O5 NAG UA . 23.27 31.76 30.63
O6 NAG UA . 23.96 34.37 31.54
O7 NAG UA . 19.20 30.97 28.46
C1 NAG VA . 36.74 22.74 24.71
C2 NAG VA . 37.51 22.20 25.91
C3 NAG VA . 38.70 23.11 26.23
C4 NAG VA . 39.56 23.32 24.98
C5 NAG VA . 38.70 23.82 23.82
C6 NAG VA . 39.46 23.95 22.52
C7 NAG VA . 36.14 20.90 27.47
C8 NAG VA . 35.27 20.95 28.69
N2 NAG VA . 36.65 22.07 27.07
O3 NAG VA . 39.48 22.53 27.27
O4 NAG VA . 40.59 24.27 25.25
O5 NAG VA . 37.62 22.90 23.59
O6 NAG VA . 40.80 23.50 22.65
O7 NAG VA . 36.37 19.85 26.88
C1 NAG WA . 56.23 7.44 25.26
C2 NAG WA . 57.44 7.41 26.20
C3 NAG WA . 57.35 6.22 27.14
C4 NAG WA . 56.00 6.20 27.86
C5 NAG WA . 54.87 6.28 26.86
C6 NAG WA . 53.51 6.41 27.51
C7 NAG WA . 59.40 8.49 25.18
C8 NAG WA . 60.66 8.27 24.40
N2 NAG WA . 58.69 7.39 25.46
O3 NAG WA . 58.42 6.27 28.09
O4 NAG WA . 55.88 5.01 28.62
O5 NAG WA . 55.02 7.44 26.02
O6 NAG WA . 53.32 7.71 28.06
O7 NAG WA . 59.04 9.60 25.56
C1 NAG XA . -47.23 11.49 57.46
C2 NAG XA . -48.46 10.59 57.63
C3 NAG XA . -49.18 10.44 56.30
C4 NAG XA . -49.51 11.82 55.72
C5 NAG XA . -48.25 12.67 55.64
C6 NAG XA . -48.53 14.09 55.20
C7 NAG XA . -48.32 8.88 59.40
C8 NAG XA . -49.04 9.86 60.28
N2 NAG XA . -48.08 9.28 58.15
O3 NAG XA . -50.38 9.70 56.50
O4 NAG XA . -50.07 11.67 54.42
O5 NAG XA . -47.63 12.75 56.92
O6 NAG XA . -48.86 14.92 56.31
O7 NAG XA . -47.99 7.77 59.81
C1 NAG YA . -9.96 44.65 11.49
C2 NAG YA . -10.34 45.72 12.51
C3 NAG YA . -10.91 46.95 11.79
C4 NAG YA . -9.93 47.44 10.72
C5 NAG YA . -9.56 46.29 9.78
C6 NAG YA . -8.51 46.68 8.78
C7 NAG YA . -10.94 44.68 14.64
C8 NAG YA . -12.06 44.21 15.52
N2 NAG YA . -11.30 45.22 13.48
O3 NAG YA . -11.13 47.99 12.74
O4 NAG YA . -10.53 48.48 9.97
O5 NAG YA . -9.05 45.18 10.53
O6 NAG YA . -7.20 46.51 9.31
O7 NAG YA . -9.76 44.58 14.98
C1 NAG ZA . 49.26 -13.28 24.83
C2 NAG ZA . 50.09 -13.84 25.99
C3 NAG ZA . 49.31 -14.91 26.73
C4 NAG ZA . 47.95 -14.36 27.17
C5 NAG ZA . 47.20 -13.79 25.97
C6 NAG ZA . 45.90 -13.13 26.33
C7 NAG ZA . 52.54 -13.79 25.74
C8 NAG ZA . 53.74 -14.49 25.18
N2 NAG ZA . 51.36 -14.38 25.50
O3 NAG ZA . 50.04 -15.34 27.87
O4 NAG ZA . 47.18 -15.40 27.77
O5 NAG ZA . 48.01 -12.79 25.34
O6 NAG ZA . 45.31 -12.48 25.21
O7 NAG ZA . 52.62 -12.74 26.37
C1 NAG AB . -62.41 13.35 5.47
C2 NAG AB . -63.46 14.25 4.82
C3 NAG AB . -64.62 14.48 5.78
C4 NAG AB . -65.19 13.16 6.26
C5 NAG AB . -64.07 12.28 6.85
C6 NAG AB . -64.54 10.90 7.22
C7 NAG AB . -62.67 15.85 3.13
C8 NAG AB . -62.05 17.19 2.89
N2 NAG AB . -62.87 15.51 4.40
O3 NAG AB . -65.64 15.23 5.12
O4 NAG AB . -66.17 13.38 7.27
O5 NAG AB . -63.03 12.11 5.88
O6 NAG AB . -65.95 10.88 7.44
O7 NAG AB . -62.98 15.10 2.20
C1 NAG BB . -30.78 32.35 22.75
C2 NAG BB . -30.59 31.99 24.24
C3 NAG BB . -31.92 32.03 24.98
C4 NAG BB . -32.62 33.37 24.76
C5 NAG BB . -32.73 33.66 23.25
C6 NAG BB . -33.29 35.04 22.97
C7 NAG BB . -30.39 29.52 24.02
C8 NAG BB . -29.51 28.35 24.33
N2 NAG BB . -29.92 30.71 24.42
O3 NAG BB . -31.70 31.84 26.37
O4 NAG BB . -33.92 33.34 25.32
O5 NAG BB . -31.44 33.61 22.64
O6 NAG BB . -32.46 36.05 23.50
O7 NAG BB . -31.46 29.39 23.44
#